data_7Y71
#
_entry.id   7Y71
#
loop_
_entity.id
_entity.type
_entity.pdbx_description
1 polymer 'Fab E7 light chain'
2 polymer 'Fab E7 heavy chain'
3 polymer 'Spike glycoprotein'
4 branched 2-acetamido-2-deoxy-beta-D-glucopyranose-(1-4)-2-acetamido-2-deoxy-beta-D-glucopyranose
5 non-polymer 2-acetamido-2-deoxy-beta-D-glucopyranose
#
loop_
_entity_poly.entity_id
_entity_poly.type
_entity_poly.pdbx_seq_one_letter_code
_entity_poly.pdbx_strand_id
1 'polypeptide(L)'
;DIVMTQSPLSLPVTPGEPASISCRSSQSLLQNNGYNYLAWYLQKPGQSPQLLIYLSSTRASGVPDRFSGSGSGTDFTLKI
SRVEAEDVGVYYCMQSLQIPGTFGQGTRLEIKRTVAAPSVFIFPPSDEQLKSGTASVVCLLNNFYPREAKVQWKVDNALQ
SGNSQESVTEQDSKDSTYSLSSTLTLSKADYEKHKVYACEVTHQGLSSPVTKSFNRGEC
;
P
2 'polypeptide(L)'
;QVQLQESGPGLVKPSETLSLTCTVSGGFIGPHYWSWVRQPPGKGLEWIGYIYISGSTNYNPSLKSRLTISVDMSKSQFSL
TLSSATAADTAVYYCARGGGYLETGPFEYWGQGTLVTVSSASTKGPSVFPLAPSSKSTSGGTAALGCLVKDYFPEPVTVS
WNSGALTSGVHTFPAVLQSSGLYSLSSVVTVPSSSLGTQTYICNVNHKPSNTKVDKRVEPK
;
O
3 'polypeptide(L)'
;VNLTTRTQLPPAYTNSFTRGVYYPDKVFRSSVLHSTQDLFLPFFSNVTWFHAIHVSGTNGTKRFDNPVLPFNDGVYFAST
EKSNIIRGWIFGTTLDSKTQSLLIVNNATNVVIKVCEFQFCNDPFLGVYYHKNNKSWMESEFRVYSSANNCTFEYVSQPF
LMDLEGKQGNFKNLREFVFKNIDGYFKIYSKHTPINLVRDLPQGFSALEPLVDLPIGINITRFQTLLALHRSYLTPGDSS
SGWTAGAAAYYVGYLQPRTFLLKYNENGTITDAVDCALDPLSETKCTLKSFTVEKGIYQTSNFRVQPTESIVRFPNITNL
CPFGEVFNATRFASVYAWNRKRISNCVADYSVLYNSASFSTFKCYGVSPTKLNDLCFTNVYADSFVIRGDEVRQIAPGQT
GKIADYNYKLPDDFTGCVIAWNSNNLDSKVGGNYNYLYRLFRKSNLKPFERDISTEIYQAGSTPCNGVEGFNCYFPLQSY
GFQPTNGVGYQPYRVVVLSFELLHAPATVCGPKKSTNLVKNKCVNFNFNGLTGTGVLTESNKKFLPFQQFGRDIADTTDA
VRDPQTLEILDITPCSFGGVSVITPGTNTSNQVAVLYQDVNCTEVPVAIHADQLTPTWRVYSTGSNVFQTRAGCLIGAEH
VNNSYECDIPIGAGICASYQTQTNSPRAAASVASQSIIAYTMSLGAENSVAYSNNSIAIPTNFTISVTTEILPVSMTKTS
VDCTMYICGDSTECSNLLLQYGSFCTQLNRALTGIAVEQDKNTQEVFAQVKQIYKTPPIKDFGGFNFSQILPDPSKPSKR
SPIEDLLFNKVTLADAGFIKQYGDCLGDIAARDLICAQKFNGLTVLPPLLTDEMIAQYTSALLAGTITSGWTFGAGPALQ
IPFPMQMAYRFNGIGVTQNVLYENQKLIANQFNSAIGKIQDSLSSTPSALGKLQDVVNQNAQALNTLVKQLSSNFGAISS
VLNDILSRLDPPEAEVQIDRLITGRLQSLQTYVTQQLIRAAEIRASANLAATKMSECVLGQSKRVDFCGKGYHLMSFPQS
APHGVVFLHVTYVPAQEKNFTTAPAICHDGKAHFPREGVFVSNGTHWFVTQRNFYEPQIITTDNTFVSGNCDVVIGIVNN
TVYDPLQPELDSFKEELDKYFKNHTSPDVDLGDISGINASVVNIQKEIDRLNEVAKNLNESLIDLQELGKYEQYIKWP
;
A,B,C
#
# COMPACT_ATOMS: atom_id res chain seq x y z
N ASP A 1 -43.94 -0.10 -39.35
CA ASP A 1 -44.26 0.88 -40.38
C ASP A 1 -43.67 2.24 -40.04
N ILE A 2 -43.42 3.04 -41.07
CA ILE A 2 -42.98 4.41 -40.93
C ILE A 2 -43.89 5.29 -41.78
N VAL A 3 -44.31 6.42 -41.22
CA VAL A 3 -45.34 7.27 -41.81
C VAL A 3 -44.70 8.54 -42.36
N MET A 4 -45.10 8.92 -43.57
CA MET A 4 -44.63 10.14 -44.20
C MET A 4 -45.55 11.30 -43.87
N THR A 5 -44.96 12.49 -43.79
CA THR A 5 -45.73 13.71 -43.59
C THR A 5 -45.24 14.79 -44.54
N GLN A 6 -46.15 15.64 -44.97
CA GLN A 6 -45.84 16.74 -45.89
C GLN A 6 -46.36 18.04 -45.31
N SER A 7 -45.89 19.15 -45.87
CA SER A 7 -46.32 20.46 -45.42
C SER A 7 -46.15 21.47 -46.55
N PRO A 8 -47.22 22.15 -46.96
CA PRO A 8 -48.59 22.03 -46.47
C PRO A 8 -49.36 20.94 -47.19
N LEU A 9 -50.69 20.97 -47.13
CA LEU A 9 -51.52 20.07 -47.92
C LEU A 9 -52.05 20.71 -49.19
N SER A 10 -52.22 22.03 -49.19
CA SER A 10 -52.61 22.78 -50.38
C SER A 10 -51.70 23.98 -50.53
N LEU A 11 -51.39 24.33 -51.78
CA LEU A 11 -50.45 25.41 -52.03
C LEU A 11 -50.82 26.18 -53.30
N PRO A 12 -51.29 27.42 -53.20
CA PRO A 12 -51.53 28.23 -54.40
C PRO A 12 -50.29 29.00 -54.80
N VAL A 13 -49.86 28.88 -56.06
CA VAL A 13 -48.65 29.52 -56.53
C VAL A 13 -48.93 30.19 -57.87
N THR A 14 -48.54 31.47 -57.98
CA THR A 14 -48.60 32.24 -59.22
C THR A 14 -47.48 31.79 -60.17
N PRO A 15 -47.74 31.69 -61.47
CA PRO A 15 -46.66 31.33 -62.40
C PRO A 15 -45.52 32.33 -62.36
N GLY A 16 -44.30 31.81 -62.43
CA GLY A 16 -43.11 32.65 -62.49
C GLY A 16 -42.17 32.49 -61.30
N GLU A 17 -42.75 32.40 -60.08
CA GLU A 17 -41.88 32.37 -58.91
C GLU A 17 -41.66 30.95 -58.41
N PRO A 18 -40.52 30.67 -57.79
CA PRO A 18 -40.26 29.32 -57.29
C PRO A 18 -41.17 28.95 -56.13
N ALA A 19 -41.41 27.65 -55.99
CA ALA A 19 -42.20 27.08 -54.90
C ALA A 19 -41.39 25.99 -54.21
N SER A 20 -41.97 25.40 -53.17
CA SER A 20 -41.29 24.35 -52.43
C SER A 20 -42.31 23.48 -51.71
N ILE A 21 -42.04 22.18 -51.66
CA ILE A 21 -42.84 21.22 -50.93
C ILE A 21 -41.90 20.37 -50.07
N SER A 22 -42.27 20.16 -48.81
CA SER A 22 -41.44 19.44 -47.86
C SER A 22 -42.09 18.12 -47.49
N CYS A 23 -41.28 17.07 -47.38
CA CYS A 23 -41.72 15.75 -46.96
C CYS A 23 -40.78 15.27 -45.86
N ARG A 24 -41.29 15.16 -44.65
CA ARG A 24 -40.50 14.76 -43.49
C ARG A 24 -40.78 13.30 -43.15
N SER A 25 -39.73 12.56 -42.80
CA SER A 25 -39.84 11.15 -42.48
C SER A 25 -39.94 10.94 -40.97
N SER A 26 -40.24 9.70 -40.59
CA SER A 26 -40.32 9.32 -39.19
C SER A 26 -39.14 8.51 -38.70
N GLN A 27 -38.35 7.94 -39.62
CA GLN A 27 -37.16 7.19 -39.27
C GLN A 27 -36.02 7.62 -40.18
N SER A 28 -34.79 7.45 -39.72
CA SER A 28 -33.63 7.82 -40.52
C SER A 28 -33.61 7.01 -41.82
N LEU A 29 -33.41 7.69 -42.94
CA LEU A 29 -33.38 7.07 -44.25
C LEU A 29 -31.97 7.18 -44.80
N LEU A 30 -31.13 6.20 -44.45
CA LEU A 30 -29.75 6.15 -44.92
C LEU A 30 -29.27 4.70 -44.77
N GLN A 31 -29.16 3.99 -45.87
CA GLN A 31 -28.79 2.58 -45.84
C GLN A 31 -27.30 2.45 -45.52
N ASN A 32 -26.77 1.22 -45.63
CA ASN A 32 -25.36 1.00 -45.38
C ASN A 32 -24.47 1.71 -46.38
N ASN A 33 -25.03 2.12 -47.52
CA ASN A 33 -24.29 2.93 -48.48
C ASN A 33 -24.34 4.40 -48.09
N GLY A 34 -23.73 5.24 -48.91
CA GLY A 34 -23.86 6.67 -48.73
C GLY A 34 -25.12 7.25 -49.32
N TYR A 35 -25.98 6.41 -49.90
CA TYR A 35 -27.18 6.84 -50.57
C TYR A 35 -28.36 6.91 -49.60
N ASN A 36 -29.29 7.82 -49.90
CA ASN A 36 -30.56 7.91 -49.20
C ASN A 36 -31.68 7.79 -50.23
N TYR A 37 -32.60 6.86 -50.00
CA TYR A 37 -33.58 6.49 -51.01
C TYR A 37 -34.87 7.26 -50.80
N LEU A 38 -35.38 7.84 -51.88
CA LEU A 38 -36.58 8.66 -51.84
C LEU A 38 -37.12 8.78 -53.26
N ALA A 39 -38.39 9.17 -53.37
CA ALA A 39 -39.02 9.34 -54.66
C ALA A 39 -40.01 10.49 -54.59
N TRP A 40 -40.38 11.01 -55.76
CA TRP A 40 -41.34 12.11 -55.86
C TRP A 40 -42.16 11.92 -57.12
N TYR A 41 -43.43 11.58 -56.96
CA TYR A 41 -44.30 11.31 -58.09
C TYR A 41 -45.25 12.49 -58.34
N LEU A 42 -45.82 12.50 -59.54
CA LEU A 42 -46.67 13.60 -59.98
C LEU A 42 -47.86 13.02 -60.73
N GLN A 43 -49.05 13.20 -60.19
CA GLN A 43 -50.28 12.64 -60.77
C GLN A 43 -51.13 13.79 -61.29
N LYS A 44 -51.13 13.96 -62.61
CA LYS A 44 -52.05 14.91 -63.23
C LYS A 44 -53.47 14.38 -63.17
N PRO A 45 -54.46 15.26 -63.23
CA PRO A 45 -55.86 14.80 -63.18
C PRO A 45 -56.21 13.94 -64.39
N GLY A 46 -56.77 12.76 -64.13
CA GLY A 46 -57.18 11.87 -65.19
C GLY A 46 -56.10 11.00 -65.77
N GLN A 47 -54.91 10.97 -65.18
CA GLN A 47 -53.81 10.18 -65.72
C GLN A 47 -53.23 9.25 -64.67
N SER A 48 -52.10 8.62 -64.99
CA SER A 48 -51.39 7.70 -64.13
C SER A 48 -50.12 8.36 -63.57
N PRO A 49 -49.66 7.92 -62.41
CA PRO A 49 -48.47 8.54 -61.80
C PRO A 49 -47.23 8.38 -62.66
N GLN A 50 -46.34 9.35 -62.55
CA GLN A 50 -45.06 9.35 -63.25
C GLN A 50 -43.94 9.58 -62.25
N LEU A 51 -42.72 9.24 -62.67
CA LEU A 51 -41.53 9.39 -61.84
C LEU A 51 -40.83 10.69 -62.18
N LEU A 52 -40.41 11.44 -61.15
CA LEU A 52 -39.65 12.66 -61.33
C LEU A 52 -38.26 12.58 -60.73
N ILE A 53 -38.15 12.20 -59.46
CA ILE A 53 -36.87 12.12 -58.78
C ILE A 53 -36.77 10.76 -58.08
N TYR A 54 -35.60 10.13 -58.20
CA TYR A 54 -35.28 8.96 -57.40
C TYR A 54 -33.86 9.12 -56.87
N LEU A 55 -33.60 8.52 -55.71
CA LEU A 55 -32.41 8.74 -54.90
C LEU A 55 -32.30 10.17 -54.41
N SER A 56 -33.34 10.98 -54.57
CA SER A 56 -33.48 12.33 -54.06
C SER A 56 -32.54 13.33 -54.71
N SER A 57 -31.65 12.91 -55.60
CA SER A 57 -30.73 13.84 -56.23
C SER A 57 -30.50 13.58 -57.73
N THR A 58 -31.06 12.52 -58.29
CA THR A 58 -30.86 12.20 -59.70
C THR A 58 -32.20 12.24 -60.41
N ARG A 59 -32.27 12.98 -61.51
CA ARG A 59 -33.50 13.14 -62.26
C ARG A 59 -33.77 11.86 -63.06
N ALA A 60 -34.93 11.80 -63.69
CA ALA A 60 -35.29 10.70 -64.58
C ALA A 60 -35.21 11.15 -66.03
N SER A 61 -35.26 10.18 -66.94
CA SER A 61 -35.09 10.46 -68.35
C SER A 61 -36.30 11.22 -68.90
N GLY A 62 -36.02 12.33 -69.60
CA GLY A 62 -37.05 13.12 -70.24
C GLY A 62 -37.66 14.19 -69.37
N VAL A 63 -37.40 14.18 -68.06
CA VAL A 63 -37.97 15.17 -67.16
C VAL A 63 -37.28 16.51 -67.38
N PRO A 64 -38.01 17.62 -67.48
CA PRO A 64 -37.36 18.93 -67.59
C PRO A 64 -36.51 19.22 -66.36
N ASP A 65 -35.38 19.87 -66.57
CA ASP A 65 -34.43 20.15 -65.49
C ASP A 65 -34.84 21.45 -64.80
N ARG A 66 -35.92 21.37 -64.04
CA ARG A 66 -36.36 22.46 -63.19
C ARG A 66 -36.56 21.94 -61.76
N PHE A 67 -36.76 20.64 -61.64
CA PHE A 67 -36.99 19.99 -60.35
C PHE A 67 -35.66 19.53 -59.75
N SER A 68 -35.57 19.61 -58.43
CA SER A 68 -34.39 19.14 -57.74
C SER A 68 -34.73 18.89 -56.27
N GLY A 69 -33.89 18.10 -55.62
CA GLY A 69 -34.07 17.80 -54.21
C GLY A 69 -32.75 17.85 -53.48
N SER A 70 -32.83 17.79 -52.16
CA SER A 70 -31.65 17.85 -51.32
C SER A 70 -32.01 17.31 -49.94
N GLY A 71 -31.05 17.36 -49.03
CA GLY A 71 -31.26 16.91 -47.66
C GLY A 71 -30.91 15.45 -47.48
N SER A 72 -30.74 15.07 -46.22
CA SER A 72 -30.42 13.71 -45.85
C SER A 72 -30.89 13.45 -44.43
N GLY A 73 -30.99 12.18 -44.07
CA GLY A 73 -31.43 11.81 -42.74
C GLY A 73 -32.93 11.66 -42.65
N THR A 74 -33.62 12.70 -42.17
CA THR A 74 -35.07 12.69 -42.07
C THR A 74 -35.72 13.93 -42.68
N ASP A 75 -34.95 14.78 -43.36
CA ASP A 75 -35.48 16.00 -43.96
C ASP A 75 -35.10 16.06 -45.44
N PHE A 76 -36.09 16.33 -46.28
CA PHE A 76 -35.89 16.50 -47.71
C PHE A 76 -36.79 17.61 -48.21
N THR A 77 -36.40 18.22 -49.33
CA THR A 77 -37.15 19.34 -49.89
C THR A 77 -37.10 19.31 -51.40
N LEU A 78 -38.26 19.48 -52.04
CA LEU A 78 -38.36 19.59 -53.49
C LEU A 78 -38.77 21.00 -53.85
N LYS A 79 -38.17 21.54 -54.92
CA LYS A 79 -38.46 22.88 -55.37
C LYS A 79 -38.73 22.89 -56.87
N ILE A 80 -39.63 23.77 -57.29
CA ILE A 80 -39.94 23.99 -58.69
C ILE A 80 -39.52 25.42 -59.03
N SER A 81 -38.56 25.55 -59.95
CA SER A 81 -38.02 26.88 -60.26
C SER A 81 -39.08 27.78 -60.89
N ARG A 82 -39.78 27.26 -61.89
CA ARG A 82 -40.83 28.03 -62.58
C ARG A 82 -41.99 27.09 -62.86
N VAL A 83 -43.12 27.35 -62.22
CA VAL A 83 -44.31 26.52 -62.46
C VAL A 83 -44.95 26.90 -63.79
N GLU A 84 -45.68 25.94 -64.36
CA GLU A 84 -46.32 26.16 -65.65
C GLU A 84 -47.78 25.75 -65.62
N ALA A 85 -48.43 25.74 -66.79
CA ALA A 85 -49.84 25.39 -66.86
C ALA A 85 -50.08 23.89 -66.67
N GLU A 86 -49.08 23.06 -66.95
CA GLU A 86 -49.24 21.62 -66.89
C GLU A 86 -48.84 21.02 -65.54
N ASP A 87 -48.40 21.85 -64.59
CA ASP A 87 -47.93 21.37 -63.30
C ASP A 87 -49.07 21.21 -62.29
N VAL A 88 -50.30 21.06 -62.75
CA VAL A 88 -51.43 20.85 -61.86
C VAL A 88 -51.52 19.37 -61.54
N GLY A 89 -51.45 19.03 -60.25
CA GLY A 89 -51.53 17.64 -59.85
C GLY A 89 -51.26 17.49 -58.37
N VAL A 90 -51.16 16.23 -57.95
CA VAL A 90 -50.94 15.87 -56.55
C VAL A 90 -49.59 15.19 -56.43
N TYR A 91 -48.75 15.65 -55.52
CA TYR A 91 -47.39 15.13 -55.37
C TYR A 91 -47.31 14.21 -54.17
N TYR A 92 -46.53 13.14 -54.31
CA TYR A 92 -46.33 12.17 -53.25
C TYR A 92 -44.84 11.94 -53.03
N CYS A 93 -44.50 11.48 -51.83
CA CYS A 93 -43.12 11.10 -51.51
C CYS A 93 -43.12 9.68 -50.97
N MET A 94 -42.22 8.85 -51.50
CA MET A 94 -42.11 7.45 -51.11
C MET A 94 -40.77 7.19 -50.42
N GLN A 95 -40.81 6.39 -49.37
CA GLN A 95 -39.62 5.83 -48.77
C GLN A 95 -39.45 4.39 -49.25
N SER A 96 -38.21 3.98 -49.44
CA SER A 96 -37.94 2.62 -49.93
C SER A 96 -36.77 1.99 -49.20
N LEU A 97 -36.55 2.35 -47.93
CA LEU A 97 -35.45 1.74 -47.20
C LEU A 97 -35.74 0.29 -46.86
N GLN A 98 -36.98 -0.03 -46.47
CA GLN A 98 -37.31 -1.41 -46.11
C GLN A 98 -38.80 -1.63 -46.31
N ILE A 99 -39.16 -2.91 -46.39
CA ILE A 99 -40.56 -3.31 -46.55
C ILE A 99 -41.34 -2.96 -45.29
N PRO A 100 -42.54 -2.38 -45.38
CA PRO A 100 -43.26 -1.95 -46.59
C PRO A 100 -42.87 -0.55 -47.04
N GLY A 101 -43.17 -0.20 -48.28
CA GLY A 101 -42.99 1.15 -48.76
C GLY A 101 -44.31 1.87 -48.93
N THR A 102 -44.56 2.88 -48.11
CA THR A 102 -45.83 3.59 -48.12
C THR A 102 -45.61 5.05 -48.48
N PHE A 103 -46.64 5.65 -49.07
CA PHE A 103 -46.57 7.03 -49.54
C PHE A 103 -47.04 7.98 -48.45
N GLY A 104 -47.28 9.24 -48.81
CA GLY A 104 -47.78 10.24 -47.90
C GLY A 104 -49.22 10.62 -48.20
N GLN A 105 -49.64 11.75 -47.64
CA GLN A 105 -51.00 12.21 -47.82
C GLN A 105 -51.23 12.81 -49.21
N GLY A 106 -50.25 13.53 -49.73
CA GLY A 106 -50.37 14.10 -51.07
C GLY A 106 -50.63 15.58 -51.10
N THR A 107 -49.60 16.36 -51.42
CA THR A 107 -49.73 17.80 -51.54
C THR A 107 -50.47 18.16 -52.81
N ARG A 108 -51.40 19.12 -52.71
CA ARG A 108 -52.14 19.61 -53.86
C ARG A 108 -51.59 20.98 -54.22
N LEU A 109 -51.09 21.13 -55.44
CA LEU A 109 -50.58 22.40 -55.94
C LEU A 109 -51.68 23.11 -56.73
N GLU A 110 -51.86 24.39 -56.45
CA GLU A 110 -52.88 25.20 -57.11
C GLU A 110 -52.23 26.31 -57.91
N ILE A 111 -52.73 26.53 -59.13
CA ILE A 111 -52.20 27.58 -59.99
C ILE A 111 -53.15 28.77 -60.05
N LYS A 112 -52.60 29.97 -59.93
CA LYS A 112 -53.41 31.18 -59.84
C LYS A 112 -53.50 31.90 -61.19
N ARG A 113 -54.61 32.60 -61.40
CA ARG A 113 -54.83 33.34 -62.64
C ARG A 113 -55.79 34.50 -62.42
N THR A 114 -55.84 35.41 -63.39
CA THR A 114 -56.71 36.57 -63.31
C THR A 114 -58.17 36.15 -63.43
N VAL A 115 -59.03 36.84 -62.68
CA VAL A 115 -60.44 36.47 -62.59
C VAL A 115 -61.11 36.68 -63.94
N ALA A 116 -61.94 35.73 -64.35
CA ALA A 116 -62.67 35.79 -65.61
C ALA A 116 -64.15 35.58 -65.35
N ALA A 117 -64.98 36.16 -66.21
CA ALA A 117 -66.42 36.12 -66.03
C ALA A 117 -66.97 34.74 -66.37
N PRO A 118 -67.71 34.10 -65.48
CA PRO A 118 -68.30 32.80 -65.80
C PRO A 118 -69.40 32.90 -66.84
N SER A 119 -69.61 31.79 -67.55
CA SER A 119 -70.67 31.67 -68.53
C SER A 119 -71.68 30.64 -68.05
N VAL A 120 -72.96 30.95 -68.23
CA VAL A 120 -74.04 30.14 -67.68
C VAL A 120 -74.95 29.66 -68.82
N PHE A 121 -75.51 28.46 -68.62
CA PHE A 121 -76.46 27.89 -69.56
C PHE A 121 -77.40 26.95 -68.81
N ILE A 122 -78.60 26.78 -69.34
CA ILE A 122 -79.63 25.95 -68.71
C ILE A 122 -80.09 24.90 -69.71
N PHE A 123 -80.35 23.69 -69.21
CA PHE A 123 -80.75 22.55 -70.05
C PHE A 123 -82.15 22.10 -69.67
N PRO A 124 -83.18 22.51 -70.41
CA PRO A 124 -84.52 21.99 -70.13
C PRO A 124 -84.60 20.51 -70.44
N PRO A 125 -85.42 19.75 -69.71
CA PRO A 125 -85.57 18.33 -70.02
C PRO A 125 -86.29 18.11 -71.33
N SER A 126 -85.98 17.00 -71.98
CA SER A 126 -86.64 16.60 -73.22
C SER A 126 -87.70 15.54 -72.93
N ASP A 127 -88.42 15.14 -73.98
CA ASP A 127 -89.58 14.28 -73.80
C ASP A 127 -89.21 12.89 -73.30
N GLU A 128 -87.98 12.43 -73.58
CA GLU A 128 -87.59 11.09 -73.16
C GLU A 128 -87.61 10.98 -71.63
N GLN A 129 -87.01 11.95 -70.94
CA GLN A 129 -87.10 11.98 -69.50
C GLN A 129 -88.52 12.30 -69.03
N LEU A 130 -89.26 13.09 -69.82
CA LEU A 130 -90.64 13.40 -69.48
C LEU A 130 -91.54 12.17 -69.50
N LYS A 131 -91.14 11.12 -70.22
CA LYS A 131 -91.89 9.87 -70.24
C LYS A 131 -91.20 8.74 -69.49
N SER A 132 -89.95 8.90 -69.09
CA SER A 132 -89.22 7.85 -68.39
C SER A 132 -89.52 7.81 -66.89
N GLY A 133 -90.22 8.82 -66.35
CA GLY A 133 -90.59 8.83 -64.95
C GLY A 133 -89.95 9.94 -64.13
N THR A 134 -88.90 10.58 -64.62
CA THR A 134 -88.24 11.64 -63.87
C THR A 134 -87.75 12.71 -64.83
N ALA A 135 -88.00 13.97 -64.47
CA ALA A 135 -87.57 15.13 -65.25
C ALA A 135 -86.42 15.82 -64.56
N SER A 136 -85.39 16.17 -65.32
CA SER A 136 -84.19 16.80 -64.78
C SER A 136 -83.84 18.04 -65.59
N VAL A 137 -83.50 19.12 -64.89
CA VAL A 137 -83.03 20.35 -65.51
C VAL A 137 -81.62 20.63 -64.99
N VAL A 138 -80.72 20.98 -65.90
CA VAL A 138 -79.31 21.10 -65.59
C VAL A 138 -78.83 22.51 -65.93
N CYS A 139 -78.13 23.14 -64.98
CA CYS A 139 -77.52 24.45 -65.18
C CYS A 139 -76.02 24.27 -65.36
N LEU A 140 -75.44 25.03 -66.30
CA LEU A 140 -74.06 24.86 -66.71
C LEU A 140 -73.23 26.08 -66.37
N LEU A 141 -72.04 25.85 -65.81
CA LEU A 141 -71.08 26.91 -65.51
C LEU A 141 -69.74 26.51 -66.13
N ASN A 142 -69.10 27.45 -66.83
CA ASN A 142 -67.93 27.13 -67.62
C ASN A 142 -66.82 28.16 -67.41
N ASN A 143 -65.58 27.67 -67.42
CA ASN A 143 -64.34 28.46 -67.47
C ASN A 143 -64.40 29.68 -66.54
N PHE A 144 -64.53 29.41 -65.25
CA PHE A 144 -64.54 30.47 -64.25
C PHE A 144 -63.47 30.19 -63.19
N TYR A 145 -63.01 31.26 -62.56
CA TYR A 145 -62.03 31.21 -61.50
C TYR A 145 -62.23 32.40 -60.56
N PRO A 146 -62.18 32.21 -59.24
CA PRO A 146 -61.93 30.96 -58.51
C PRO A 146 -63.14 30.03 -58.48
N ARG A 147 -62.96 28.81 -57.96
CA ARG A 147 -64.06 27.85 -57.90
C ARG A 147 -65.14 28.31 -56.93
N GLU A 148 -64.80 29.21 -56.00
CA GLU A 148 -65.71 29.62 -54.95
C GLU A 148 -66.99 30.23 -55.53
N ALA A 149 -68.10 29.54 -55.35
CA ALA A 149 -69.40 29.99 -55.84
C ALA A 149 -70.46 29.19 -55.09
N LYS A 150 -71.73 29.51 -55.35
CA LYS A 150 -72.85 28.84 -54.69
C LYS A 150 -74.11 29.19 -55.45
N VAL A 151 -74.94 28.17 -55.71
CA VAL A 151 -76.08 28.31 -56.61
C VAL A 151 -77.36 27.95 -55.89
N GLN A 152 -78.46 28.50 -56.40
CA GLN A 152 -79.80 28.16 -55.92
C GLN A 152 -80.69 27.88 -57.11
N TRP A 153 -81.74 27.10 -56.89
CA TRP A 153 -82.80 26.87 -57.87
C TRP A 153 -84.06 27.57 -57.38
N LYS A 154 -84.58 28.50 -58.19
CA LYS A 154 -85.76 29.27 -57.84
C LYS A 154 -86.92 28.81 -58.70
N VAL A 155 -87.81 28.01 -58.12
CA VAL A 155 -88.95 27.44 -58.83
C VAL A 155 -90.19 28.22 -58.40
N ASP A 156 -90.77 28.95 -59.35
CA ASP A 156 -91.93 29.81 -59.08
C ASP A 156 -91.65 30.77 -57.91
N ASN A 157 -90.46 31.37 -57.93
CA ASN A 157 -90.02 32.31 -56.89
C ASN A 157 -90.04 31.66 -55.51
N ALA A 158 -89.73 30.37 -55.44
CA ALA A 158 -89.66 29.63 -54.19
C ALA A 158 -88.34 28.90 -54.11
N LEU A 159 -87.65 29.05 -52.99
CA LEU A 159 -86.36 28.40 -52.80
C LEU A 159 -86.53 26.89 -52.66
N GLN A 160 -85.63 26.14 -53.28
CA GLN A 160 -85.63 24.69 -53.23
C GLN A 160 -84.28 24.19 -52.70
N SER A 161 -84.33 23.13 -51.90
CA SER A 161 -83.11 22.56 -51.34
C SER A 161 -83.39 21.11 -50.97
N GLY A 162 -82.30 20.35 -50.78
CA GLY A 162 -82.39 18.97 -50.37
C GLY A 162 -82.68 17.97 -51.48
N ASN A 163 -82.81 18.43 -52.73
CA ASN A 163 -83.10 17.53 -53.84
C ASN A 163 -82.28 17.90 -55.07
N SER A 164 -81.10 18.48 -54.88
CA SER A 164 -80.24 18.89 -55.99
C SER A 164 -78.80 18.53 -55.66
N GLN A 165 -78.01 18.33 -56.71
CA GLN A 165 -76.60 18.01 -56.56
C GLN A 165 -75.79 18.75 -57.61
N GLU A 166 -74.58 19.15 -57.24
CA GLU A 166 -73.69 19.89 -58.11
C GLU A 166 -72.42 19.08 -58.37
N SER A 167 -71.86 19.26 -59.57
CA SER A 167 -70.66 18.56 -59.99
C SER A 167 -69.57 19.56 -60.34
N VAL A 168 -68.34 19.27 -59.90
CA VAL A 168 -67.19 20.13 -60.12
C VAL A 168 -66.11 19.32 -60.81
N THR A 169 -65.30 20.01 -61.61
CA THR A 169 -64.19 19.39 -62.34
C THR A 169 -62.86 19.92 -61.82
N GLU A 170 -61.85 19.08 -61.84
CA GLU A 170 -60.51 19.52 -61.48
C GLU A 170 -60.01 20.55 -62.49
N GLN A 171 -59.10 21.41 -62.03
CA GLN A 171 -58.65 22.53 -62.85
C GLN A 171 -57.99 22.05 -64.13
N ASP A 172 -58.37 22.67 -65.25
CA ASP A 172 -57.82 22.30 -66.54
C ASP A 172 -56.35 22.66 -66.62
N SER A 173 -55.59 21.85 -67.36
CA SER A 173 -54.15 22.03 -67.49
C SER A 173 -53.76 22.95 -68.63
N LYS A 174 -54.70 23.38 -69.46
CA LYS A 174 -54.39 24.22 -70.61
C LYS A 174 -54.70 25.69 -70.37
N ASP A 175 -55.71 26.00 -69.55
CA ASP A 175 -56.09 27.38 -69.30
C ASP A 175 -56.28 27.68 -67.82
N SER A 176 -56.20 26.67 -66.94
CA SER A 176 -56.39 26.85 -65.50
C SER A 176 -57.79 27.40 -65.20
N THR A 177 -58.80 26.62 -65.58
CA THR A 177 -60.20 27.01 -65.40
C THR A 177 -60.97 25.92 -64.67
N TYR A 178 -62.00 26.34 -63.96
CA TYR A 178 -62.91 25.44 -63.26
C TYR A 178 -64.27 25.46 -63.94
N SER A 179 -64.93 24.31 -63.97
CA SER A 179 -66.27 24.19 -64.52
C SER A 179 -67.18 23.54 -63.49
N LEU A 180 -68.43 23.99 -63.45
CA LEU A 180 -69.40 23.49 -62.49
C LEU A 180 -70.73 23.26 -63.20
N SER A 181 -71.50 22.30 -62.68
CA SER A 181 -72.83 22.02 -63.19
C SER A 181 -73.74 21.65 -62.03
N SER A 182 -75.03 21.88 -62.21
CA SER A 182 -76.03 21.61 -61.18
C SER A 182 -77.14 20.74 -61.77
N THR A 183 -77.59 19.76 -60.98
CA THR A 183 -78.65 18.85 -61.40
C THR A 183 -79.79 18.88 -60.39
N LEU A 184 -81.02 18.88 -60.90
CA LEU A 184 -82.22 18.84 -60.08
C LEU A 184 -83.12 17.70 -60.55
N THR A 185 -83.66 16.96 -59.59
CA THR A 185 -84.53 15.83 -59.88
C THR A 185 -85.93 16.09 -59.36
N LEU A 186 -86.92 15.62 -60.12
CA LEU A 186 -88.32 15.83 -59.78
C LEU A 186 -89.17 14.80 -60.50
N SER A 187 -90.23 14.34 -59.85
CA SER A 187 -91.10 13.32 -60.40
C SER A 187 -92.16 13.95 -61.31
N LYS A 188 -93.00 13.10 -61.91
CA LYS A 188 -94.00 13.58 -62.86
C LYS A 188 -95.17 14.24 -62.15
N ALA A 189 -95.57 13.72 -60.99
CA ALA A 189 -96.82 14.14 -60.36
C ALA A 189 -96.77 15.61 -59.98
N ASP A 190 -95.75 16.02 -59.25
CA ASP A 190 -95.62 17.40 -58.81
C ASP A 190 -94.98 18.32 -59.85
N TYR A 191 -94.57 17.77 -61.00
CA TYR A 191 -93.97 18.59 -62.05
C TYR A 191 -95.01 19.45 -62.74
N GLU A 192 -96.24 18.96 -62.89
CA GLU A 192 -97.27 19.71 -63.60
C GLU A 192 -97.95 20.68 -62.65
N LYS A 193 -97.16 21.52 -61.98
CA LYS A 193 -97.69 22.55 -61.11
C LYS A 193 -97.05 23.91 -61.40
N HIS A 194 -95.76 23.90 -61.73
CA HIS A 194 -94.99 25.10 -61.92
C HIS A 194 -94.87 25.44 -63.41
N LYS A 195 -94.46 26.67 -63.68
CA LYS A 195 -94.31 27.16 -65.05
C LYS A 195 -92.89 27.63 -65.36
N VAL A 196 -92.26 28.39 -64.46
CA VAL A 196 -90.98 29.04 -64.71
C VAL A 196 -89.92 28.40 -63.82
N TYR A 197 -88.76 28.11 -64.41
CA TYR A 197 -87.63 27.54 -63.69
C TYR A 197 -86.37 28.31 -64.04
N ALA A 198 -85.46 28.41 -63.07
CA ALA A 198 -84.21 29.14 -63.27
C ALA A 198 -83.16 28.64 -62.29
N CYS A 199 -81.91 28.96 -62.60
CA CYS A 199 -80.78 28.70 -61.72
C CYS A 199 -80.07 30.02 -61.43
N GLU A 200 -79.58 30.16 -60.20
CA GLU A 200 -78.94 31.39 -59.74
C GLU A 200 -77.44 31.18 -59.62
N VAL A 201 -76.67 32.14 -60.11
CA VAL A 201 -75.21 32.07 -60.12
C VAL A 201 -74.65 33.36 -59.55
N THR A 202 -73.77 33.23 -58.55
CA THR A 202 -73.08 34.37 -57.96
C THR A 202 -71.58 34.11 -58.00
N HIS A 203 -70.82 35.10 -58.48
CA HIS A 203 -69.37 34.95 -58.58
C HIS A 203 -68.70 36.22 -58.07
N GLN A 204 -67.45 36.05 -57.62
CA GLN A 204 -66.69 37.19 -57.12
C GLN A 204 -66.44 38.22 -58.22
N GLY A 205 -66.10 37.77 -59.42
CA GLY A 205 -65.83 38.67 -60.51
C GLY A 205 -67.04 39.29 -61.16
N LEU A 206 -68.24 38.84 -60.80
CA LEU A 206 -69.47 39.40 -61.34
C LEU A 206 -69.93 40.57 -60.49
N SER A 207 -70.22 41.70 -61.15
CA SER A 207 -70.68 42.88 -60.43
C SER A 207 -72.04 42.63 -59.79
N SER A 208 -72.94 41.97 -60.51
CA SER A 208 -74.29 41.71 -60.02
C SER A 208 -74.65 40.26 -60.27
N PRO A 209 -75.54 39.69 -59.45
CA PRO A 209 -76.03 38.34 -59.71
C PRO A 209 -76.75 38.26 -61.05
N VAL A 210 -76.60 37.13 -61.72
CA VAL A 210 -77.18 36.90 -63.04
C VAL A 210 -78.20 35.77 -62.93
N THR A 211 -79.39 36.00 -63.46
CA THR A 211 -80.48 35.02 -63.42
C THR A 211 -80.95 34.73 -64.84
N LYS A 212 -80.87 33.46 -65.23
CA LYS A 212 -81.37 33.00 -66.52
C LYS A 212 -82.51 32.01 -66.28
N SER A 213 -83.63 32.22 -66.97
CA SER A 213 -84.84 31.45 -66.73
C SER A 213 -85.42 30.95 -68.05
N PHE A 214 -86.39 30.05 -67.94
CA PHE A 214 -87.11 29.52 -69.09
C PHE A 214 -88.52 29.15 -68.65
N ASN A 215 -89.45 29.21 -69.59
CA ASN A 215 -90.85 28.92 -69.33
C ASN A 215 -91.26 27.62 -70.00
N ARG A 216 -91.99 26.78 -69.26
CA ARG A 216 -92.41 25.49 -69.77
C ARG A 216 -93.57 25.64 -70.76
N GLY A 217 -93.48 24.96 -71.89
CA GLY A 217 -94.45 25.07 -72.96
C GLY A 217 -93.91 25.48 -74.31
N GLU A 218 -92.61 25.73 -74.42
CA GLU A 218 -91.98 26.08 -75.69
C GLU A 218 -90.90 25.06 -76.02
N CYS A 219 -90.89 24.57 -77.26
CA CYS A 219 -89.94 23.55 -77.69
C CYS A 219 -88.53 24.14 -77.80
N GLN B 1 -39.84 0.44 -76.05
CA GLN B 1 -40.69 1.03 -75.01
C GLN B 1 -41.74 0.01 -74.55
N VAL B 2 -42.16 0.11 -73.29
CA VAL B 2 -43.08 -0.84 -72.68
C VAL B 2 -44.41 -0.14 -72.44
N GLN B 3 -45.51 -0.83 -72.75
CA GLN B 3 -46.86 -0.33 -72.53
C GLN B 3 -47.66 -1.38 -71.80
N LEU B 4 -47.82 -1.22 -70.50
CA LEU B 4 -48.55 -2.17 -69.68
C LEU B 4 -50.05 -1.98 -69.87
N GLN B 5 -50.82 -3.00 -69.49
CA GLN B 5 -52.26 -2.95 -69.63
C GLN B 5 -52.89 -4.04 -68.78
N GLU B 6 -54.00 -3.71 -68.13
CA GLU B 6 -54.74 -4.66 -67.31
C GLU B 6 -55.98 -5.14 -68.04
N SER B 7 -56.63 -6.15 -67.46
CA SER B 7 -57.87 -6.70 -67.98
C SER B 7 -58.45 -7.64 -66.94
N GLY B 8 -59.77 -7.63 -66.81
CA GLY B 8 -60.45 -8.50 -65.87
C GLY B 8 -61.85 -8.05 -65.54
N PRO B 9 -62.52 -8.78 -64.66
CA PRO B 9 -63.88 -8.40 -64.26
C PRO B 9 -63.88 -7.15 -63.39
N GLY B 10 -65.02 -6.46 -63.40
CA GLY B 10 -65.16 -5.23 -62.66
C GLY B 10 -65.94 -5.38 -61.37
N LEU B 11 -66.94 -6.27 -61.36
CA LEU B 11 -67.79 -6.48 -60.20
C LEU B 11 -67.53 -7.87 -59.64
N VAL B 12 -67.32 -7.95 -58.33
CA VAL B 12 -67.06 -9.21 -57.64
C VAL B 12 -67.92 -9.27 -56.39
N LYS B 13 -68.43 -10.45 -56.07
CA LYS B 13 -69.23 -10.66 -54.88
C LYS B 13 -68.34 -10.78 -53.64
N PRO B 14 -68.87 -10.47 -52.46
CA PRO B 14 -68.07 -10.55 -51.24
C PRO B 14 -67.59 -11.98 -50.98
N SER B 15 -66.40 -12.08 -50.38
CA SER B 15 -65.78 -13.37 -50.04
C SER B 15 -65.64 -14.27 -51.27
N GLU B 16 -65.20 -13.67 -52.38
CA GLU B 16 -64.96 -14.40 -53.62
C GLU B 16 -63.60 -14.03 -54.18
N THR B 17 -62.98 -15.00 -54.86
CA THR B 17 -61.64 -14.78 -55.40
C THR B 17 -61.66 -13.70 -56.48
N LEU B 18 -60.61 -12.88 -56.47
CA LEU B 18 -60.45 -11.79 -57.43
C LEU B 18 -59.26 -12.10 -58.33
N SER B 19 -59.48 -12.03 -59.64
CA SER B 19 -58.45 -12.40 -60.61
C SER B 19 -58.30 -11.30 -61.65
N LEU B 20 -57.05 -10.92 -61.92
CA LEU B 20 -56.72 -9.93 -62.95
C LEU B 20 -55.47 -10.38 -63.67
N THR B 21 -55.02 -9.57 -64.62
CA THR B 21 -53.85 -9.93 -65.44
C THR B 21 -53.28 -8.65 -66.06
N CYS B 22 -52.01 -8.37 -65.78
CA CYS B 22 -51.33 -7.21 -66.34
C CYS B 22 -50.41 -7.70 -67.45
N THR B 23 -50.91 -7.70 -68.69
CA THR B 23 -50.12 -8.10 -69.84
C THR B 23 -49.04 -7.07 -70.12
N VAL B 24 -47.85 -7.55 -70.48
CA VAL B 24 -46.72 -6.69 -70.82
C VAL B 24 -46.39 -6.88 -72.29
N SER B 25 -46.17 -5.77 -72.99
CA SER B 25 -45.89 -5.79 -74.42
C SER B 25 -44.62 -5.01 -74.70
N GLY B 26 -43.96 -5.37 -75.80
CA GLY B 26 -42.75 -4.68 -76.21
C GLY B 26 -41.49 -5.27 -75.61
N GLY B 27 -40.98 -4.67 -74.55
CA GLY B 27 -39.80 -5.20 -73.89
C GLY B 27 -40.15 -6.53 -73.27
N PHE B 28 -39.55 -7.60 -73.76
CA PHE B 28 -39.84 -8.95 -73.27
C PHE B 28 -39.06 -9.34 -72.02
N ILE B 29 -38.71 -10.63 -71.95
CA ILE B 29 -37.97 -11.18 -70.82
C ILE B 29 -36.75 -10.36 -70.42
N GLY B 30 -36.57 -10.16 -69.12
CA GLY B 30 -35.45 -9.40 -68.60
C GLY B 30 -35.35 -9.48 -67.09
N PRO B 31 -34.26 -8.95 -66.53
CA PRO B 31 -33.99 -8.94 -65.08
C PRO B 31 -34.63 -7.75 -64.37
N HIS B 32 -35.96 -7.70 -64.38
CA HIS B 32 -36.69 -6.61 -63.74
C HIS B 32 -37.81 -7.18 -62.86
N TYR B 33 -37.86 -6.71 -61.62
CA TYR B 33 -38.92 -7.05 -60.68
C TYR B 33 -40.20 -6.33 -61.07
N TRP B 34 -41.34 -6.99 -60.87
CA TRP B 34 -42.64 -6.40 -61.15
C TRP B 34 -43.50 -6.43 -59.90
N SER B 35 -44.33 -5.40 -59.73
CA SER B 35 -45.10 -5.18 -58.51
C SER B 35 -46.56 -4.95 -58.84
N TRP B 36 -47.35 -4.69 -57.80
CA TRP B 36 -48.73 -4.26 -57.91
C TRP B 36 -48.98 -3.14 -56.92
N VAL B 37 -50.00 -2.33 -57.20
CA VAL B 37 -50.33 -1.19 -56.35
C VAL B 37 -51.78 -0.82 -56.57
N ARG B 38 -52.43 -0.30 -55.53
CA ARG B 38 -53.85 0.03 -55.59
C ARG B 38 -54.07 1.38 -54.93
N GLN B 39 -55.31 1.87 -55.01
CA GLN B 39 -55.66 3.17 -54.46
C GLN B 39 -57.11 3.22 -54.01
N PRO B 40 -57.38 3.35 -52.71
CA PRO B 40 -58.74 3.56 -52.26
C PRO B 40 -59.29 4.86 -52.83
N PRO B 41 -60.60 4.92 -53.07
CA PRO B 41 -61.18 6.12 -53.71
C PRO B 41 -60.97 7.36 -52.85
N GLY B 42 -60.35 8.38 -53.46
CA GLY B 42 -60.11 9.63 -52.77
C GLY B 42 -59.21 9.51 -51.56
N LYS B 43 -58.16 8.71 -51.66
CA LYS B 43 -57.22 8.51 -50.56
C LYS B 43 -55.82 8.38 -51.15
N GLY B 44 -54.88 7.90 -50.34
CA GLY B 44 -53.52 7.68 -50.80
C GLY B 44 -53.39 6.39 -51.58
N LEU B 45 -52.15 6.12 -51.98
CA LEU B 45 -51.82 4.89 -52.71
C LEU B 45 -51.25 3.86 -51.76
N GLU B 46 -51.49 2.59 -52.07
CA GLU B 46 -51.08 1.47 -51.23
C GLU B 46 -50.35 0.44 -52.08
N TRP B 47 -49.06 0.25 -51.81
CA TRP B 47 -48.29 -0.78 -52.48
C TRP B 47 -48.54 -2.14 -51.83
N ILE B 48 -48.62 -3.18 -52.65
CA ILE B 48 -48.99 -4.51 -52.20
C ILE B 48 -47.78 -5.44 -52.10
N GLY B 49 -47.13 -5.71 -53.22
CA GLY B 49 -46.02 -6.66 -53.23
C GLY B 49 -45.40 -6.73 -54.60
N TYR B 50 -44.28 -7.45 -54.67
CA TYR B 50 -43.51 -7.59 -55.90
C TYR B 50 -43.19 -9.05 -56.15
N ILE B 51 -43.06 -9.40 -57.43
CA ILE B 51 -42.73 -10.76 -57.85
C ILE B 51 -41.56 -10.69 -58.84
N TYR B 52 -40.63 -11.63 -58.71
CA TYR B 52 -39.51 -11.73 -59.63
C TYR B 52 -39.91 -12.57 -60.84
N ILE B 53 -39.02 -12.60 -61.83
CA ILE B 53 -39.26 -13.36 -63.05
C ILE B 53 -39.31 -14.85 -62.75
N SER B 54 -38.34 -15.34 -61.96
CA SER B 54 -38.30 -16.77 -61.64
C SER B 54 -39.51 -17.18 -60.81
N GLY B 55 -39.86 -16.39 -59.81
CA GLY B 55 -41.00 -16.72 -58.98
C GLY B 55 -40.86 -16.33 -57.52
N SER B 56 -39.62 -16.04 -57.09
CA SER B 56 -39.41 -15.60 -55.72
C SER B 56 -40.12 -14.28 -55.48
N THR B 57 -40.68 -14.12 -54.27
CA THR B 57 -41.49 -12.95 -53.98
C THR B 57 -41.48 -12.66 -52.49
N ASN B 58 -41.83 -11.41 -52.16
CA ASN B 58 -42.05 -10.97 -50.79
C ASN B 58 -43.37 -10.23 -50.72
N TYR B 59 -44.05 -10.35 -49.59
CA TYR B 59 -45.42 -9.88 -49.45
C TYR B 59 -45.54 -8.85 -48.34
N ASN B 60 -46.57 -8.02 -48.45
CA ASN B 60 -46.91 -7.10 -47.38
C ASN B 60 -47.49 -7.89 -46.20
N PRO B 61 -46.99 -7.68 -44.98
CA PRO B 61 -47.48 -8.49 -43.85
C PRO B 61 -48.98 -8.40 -43.64
N SER B 62 -49.61 -7.26 -43.96
CA SER B 62 -51.04 -7.13 -43.76
C SER B 62 -51.82 -8.08 -44.67
N LEU B 63 -51.36 -8.24 -45.91
CA LEU B 63 -52.06 -9.05 -46.92
C LEU B 63 -51.27 -10.30 -47.28
N LYS B 64 -50.64 -10.94 -46.30
CA LYS B 64 -49.84 -12.12 -46.53
C LYS B 64 -50.59 -13.41 -46.25
N SER B 65 -51.89 -13.34 -45.99
CA SER B 65 -52.67 -14.52 -45.62
C SER B 65 -53.72 -14.92 -46.64
N ARG B 66 -54.11 -14.03 -47.57
CA ARG B 66 -55.16 -14.35 -48.52
C ARG B 66 -54.85 -13.82 -49.92
N LEU B 67 -53.57 -13.75 -50.28
CA LEU B 67 -53.17 -13.19 -51.56
C LEU B 67 -52.07 -14.05 -52.18
N THR B 68 -52.12 -14.20 -53.51
CA THR B 68 -51.12 -14.95 -54.24
C THR B 68 -50.81 -14.24 -55.56
N ILE B 69 -49.64 -14.52 -56.10
CA ILE B 69 -49.21 -13.93 -57.36
C ILE B 69 -48.27 -14.91 -58.07
N SER B 70 -48.38 -14.96 -59.40
CA SER B 70 -47.55 -15.85 -60.20
C SER B 70 -47.03 -15.14 -61.44
N VAL B 71 -46.49 -15.90 -62.39
CA VAL B 71 -45.98 -15.35 -63.63
C VAL B 71 -46.01 -16.43 -64.70
N ASP B 72 -46.01 -15.99 -65.96
CA ASP B 72 -46.01 -16.90 -67.10
C ASP B 72 -45.17 -16.27 -68.20
N MET B 73 -44.02 -16.89 -68.52
CA MET B 73 -43.10 -16.30 -69.48
C MET B 73 -43.64 -16.39 -70.90
N SER B 74 -44.32 -17.48 -71.24
CA SER B 74 -44.74 -17.70 -72.62
C SER B 74 -45.70 -16.62 -73.10
N LYS B 75 -46.67 -16.26 -72.26
CA LYS B 75 -47.69 -15.29 -72.65
C LYS B 75 -47.37 -13.87 -72.23
N SER B 76 -46.23 -13.65 -71.56
CA SER B 76 -45.82 -12.32 -71.09
C SER B 76 -46.89 -11.69 -70.21
N GLN B 77 -47.47 -12.50 -69.32
CA GLN B 77 -48.52 -12.04 -68.43
C GLN B 77 -48.25 -12.53 -67.02
N PHE B 78 -48.61 -11.69 -66.05
CA PHE B 78 -48.60 -12.08 -64.64
C PHE B 78 -49.91 -11.68 -64.01
N SER B 79 -50.39 -12.49 -63.07
CA SER B 79 -51.75 -12.36 -62.54
C SER B 79 -51.72 -12.17 -61.03
N LEU B 80 -52.77 -11.55 -60.52
CA LEU B 80 -52.96 -11.34 -59.09
C LEU B 80 -54.26 -12.00 -58.66
N THR B 81 -54.17 -12.85 -57.64
CA THR B 81 -55.33 -13.55 -57.10
C THR B 81 -55.53 -13.15 -55.65
N LEU B 82 -56.68 -12.59 -55.33
CA LEU B 82 -57.03 -12.17 -53.98
C LEU B 82 -58.36 -12.81 -53.62
N SER B 83 -58.39 -13.56 -52.53
CA SER B 83 -59.54 -14.36 -52.14
C SER B 83 -60.12 -13.86 -50.83
N SER B 84 -61.40 -14.18 -50.62
CA SER B 84 -62.12 -13.81 -49.40
C SER B 84 -62.07 -12.30 -49.17
N ALA B 85 -62.25 -11.54 -50.24
CA ALA B 85 -62.20 -10.09 -50.15
C ALA B 85 -63.45 -9.53 -49.47
N THR B 86 -63.31 -8.32 -48.95
CA THR B 86 -64.41 -7.58 -48.35
C THR B 86 -64.70 -6.34 -49.19
N ALA B 87 -65.68 -5.56 -48.74
CA ALA B 87 -66.02 -4.32 -49.44
C ALA B 87 -64.92 -3.28 -49.35
N ALA B 88 -64.00 -3.42 -48.39
CA ALA B 88 -62.93 -2.44 -48.24
C ALA B 88 -61.91 -2.51 -49.37
N ASP B 89 -61.91 -3.58 -50.14
CA ASP B 89 -60.92 -3.76 -51.21
C ASP B 89 -61.36 -3.17 -52.54
N THR B 90 -62.53 -2.52 -52.59
CA THR B 90 -62.97 -1.85 -53.80
C THR B 90 -62.05 -0.66 -54.08
N ALA B 91 -61.31 -0.72 -55.17
CA ALA B 91 -60.32 0.29 -55.50
C ALA B 91 -59.89 0.11 -56.95
N VAL B 92 -58.96 0.97 -57.38
CA VAL B 92 -58.35 0.89 -58.71
C VAL B 92 -56.96 0.29 -58.57
N TYR B 93 -56.63 -0.65 -59.46
CA TYR B 93 -55.38 -1.38 -59.37
C TYR B 93 -54.46 -0.99 -60.53
N TYR B 94 -53.22 -0.63 -60.20
CA TYR B 94 -52.19 -0.35 -61.19
C TYR B 94 -51.07 -1.38 -61.07
N CYS B 95 -50.54 -1.80 -62.22
CA CYS B 95 -49.40 -2.70 -62.27
C CYS B 95 -48.17 -1.91 -62.71
N ALA B 96 -47.07 -2.07 -61.99
CA ALA B 96 -45.86 -1.31 -62.21
C ALA B 96 -44.83 -2.12 -63.00
N ARG B 97 -43.64 -1.57 -63.17
CA ARG B 97 -42.53 -2.26 -63.84
C ARG B 97 -41.22 -2.26 -63.05
N GLY B 98 -40.99 -1.29 -62.18
CA GLY B 98 -39.71 -1.25 -61.50
C GLY B 98 -39.67 -2.06 -60.22
N GLY B 99 -40.70 -1.94 -59.40
CA GLY B 99 -40.74 -2.65 -58.14
C GLY B 99 -40.02 -1.91 -57.04
N GLY B 100 -40.68 -1.78 -55.88
CA GLY B 100 -40.07 -1.10 -54.75
C GLY B 100 -39.34 -2.07 -53.85
N TYR B 101 -38.36 -2.78 -54.41
CA TYR B 101 -37.77 -3.94 -53.73
C TYR B 101 -36.75 -3.52 -52.69
N LEU B 102 -37.20 -2.72 -51.72
CA LEU B 102 -36.40 -2.25 -50.59
C LEU B 102 -34.93 -1.90 -50.91
N GLU B 103 -34.64 -1.65 -52.17
CA GLU B 103 -33.30 -1.29 -52.59
C GLU B 103 -33.24 0.12 -53.14
N THR B 104 -33.97 0.40 -54.20
CA THR B 104 -34.10 1.73 -54.79
C THR B 104 -35.53 2.15 -55.00
N GLY B 105 -36.40 1.22 -55.39
CA GLY B 105 -37.79 1.52 -55.68
C GLY B 105 -38.02 2.51 -56.80
N PRO B 106 -37.37 2.33 -57.96
CA PRO B 106 -37.69 3.20 -59.10
C PRO B 106 -38.90 2.67 -59.85
N PHE B 107 -40.02 3.36 -59.70
CA PHE B 107 -41.26 2.99 -60.40
C PHE B 107 -41.22 3.62 -61.78
N GLU B 108 -40.52 2.95 -62.70
CA GLU B 108 -40.23 3.54 -63.99
C GLU B 108 -41.46 3.63 -64.88
N TYR B 109 -42.39 2.68 -64.78
CA TYR B 109 -43.54 2.66 -65.68
C TYR B 109 -44.77 2.21 -64.93
N TRP B 110 -45.91 2.81 -65.25
CA TRP B 110 -47.19 2.49 -64.61
C TRP B 110 -48.24 2.19 -65.67
N GLY B 111 -49.25 1.42 -65.26
CA GLY B 111 -50.30 1.00 -66.17
C GLY B 111 -51.43 2.00 -66.27
N GLN B 112 -52.41 1.66 -67.09
CA GLN B 112 -53.57 2.53 -67.29
C GLN B 112 -54.49 2.51 -66.07
N GLY B 113 -54.78 1.31 -65.56
CA GLY B 113 -55.61 1.19 -64.38
C GLY B 113 -56.93 0.48 -64.61
N THR B 114 -57.36 -0.31 -63.61
CA THR B 114 -58.64 -1.01 -63.67
C THR B 114 -59.33 -0.89 -62.32
N LEU B 115 -60.62 -0.56 -62.34
CA LEU B 115 -61.41 -0.40 -61.13
C LEU B 115 -62.20 -1.67 -60.86
N VAL B 116 -62.18 -2.13 -59.61
CA VAL B 116 -62.90 -3.32 -59.18
C VAL B 116 -63.79 -2.95 -58.00
N THR B 117 -65.01 -3.49 -57.99
CA THR B 117 -66.00 -3.19 -56.96
C THR B 117 -66.46 -4.46 -56.27
N VAL B 118 -66.58 -4.43 -54.94
CA VAL B 118 -66.98 -5.63 -54.19
C VAL B 118 -68.40 -5.53 -53.68
N SER B 119 -69.32 -6.32 -54.25
CA SER B 119 -70.73 -6.29 -53.87
C SER B 119 -71.51 -7.52 -54.34
N SER B 120 -72.60 -7.81 -53.64
CA SER B 120 -73.48 -8.91 -53.99
C SER B 120 -74.53 -8.43 -55.01
N ALA B 121 -74.61 -7.12 -55.21
CA ALA B 121 -75.55 -6.50 -56.12
C ALA B 121 -75.20 -6.82 -57.58
N SER B 122 -76.22 -6.87 -58.43
CA SER B 122 -76.03 -7.18 -59.84
C SER B 122 -75.49 -6.00 -60.67
N THR B 123 -75.26 -6.27 -61.94
CA THR B 123 -74.74 -5.31 -62.90
C THR B 123 -75.92 -4.83 -63.74
N LYS B 124 -76.04 -3.53 -63.99
CA LYS B 124 -77.17 -2.97 -64.76
C LYS B 124 -76.82 -2.14 -66.02
N GLY B 125 -77.73 -2.09 -67.00
CA GLY B 125 -77.48 -1.36 -68.22
C GLY B 125 -78.05 0.05 -68.19
N PRO B 126 -77.32 0.99 -68.78
CA PRO B 126 -77.72 2.40 -68.70
C PRO B 126 -78.84 2.74 -69.66
N SER B 127 -79.33 3.97 -69.54
CA SER B 127 -80.34 4.55 -70.43
C SER B 127 -79.86 5.95 -70.82
N VAL B 128 -79.44 6.10 -72.07
CA VAL B 128 -78.85 7.35 -72.54
C VAL B 128 -79.94 8.33 -72.91
N PHE B 129 -79.82 9.56 -72.42
CA PHE B 129 -80.79 10.61 -72.72
C PHE B 129 -80.06 11.78 -73.38
N PRO B 130 -80.43 12.16 -74.60
CA PRO B 130 -79.72 13.26 -75.27
C PRO B 130 -80.02 14.61 -74.63
N LEU B 131 -79.05 15.50 -74.71
CA LEU B 131 -79.19 16.88 -74.22
C LEU B 131 -79.35 17.79 -75.44
N ALA B 132 -80.59 17.91 -75.91
CA ALA B 132 -80.87 18.69 -77.10
C ALA B 132 -80.68 20.18 -76.82
N PRO B 133 -79.99 20.92 -77.69
CA PRO B 133 -79.87 22.36 -77.49
C PRO B 133 -81.21 23.06 -77.73
N SER B 134 -81.37 24.21 -77.07
CA SER B 134 -82.59 25.00 -77.18
C SER B 134 -82.21 26.47 -77.33
N SER B 135 -83.22 27.33 -77.35
CA SER B 135 -82.97 28.76 -77.47
C SER B 135 -82.23 29.31 -76.25
N LYS B 136 -82.64 28.87 -75.06
CA LYS B 136 -81.96 29.30 -73.84
C LYS B 136 -80.57 28.70 -73.70
N SER B 137 -80.28 27.62 -74.43
CA SER B 137 -78.95 27.02 -74.43
C SER B 137 -77.93 27.86 -75.19
N THR B 138 -78.37 28.91 -75.88
CA THR B 138 -77.49 29.79 -76.64
C THR B 138 -77.61 31.21 -76.10
N SER B 139 -76.46 31.81 -75.78
CA SER B 139 -76.38 33.19 -75.32
C SER B 139 -75.40 33.91 -76.25
N GLY B 140 -75.92 34.42 -77.37
CA GLY B 140 -75.09 35.03 -78.38
C GLY B 140 -74.80 34.07 -79.53
N GLY B 141 -73.53 33.87 -79.82
CA GLY B 141 -73.10 32.98 -80.89
C GLY B 141 -72.54 31.64 -80.46
N THR B 142 -72.72 31.26 -79.19
CA THR B 142 -72.17 30.01 -78.67
C THR B 142 -73.28 29.17 -78.06
N ALA B 143 -73.32 27.89 -78.43
CA ALA B 143 -74.30 26.96 -77.91
C ALA B 143 -73.59 25.73 -77.36
N ALA B 144 -74.21 25.10 -76.37
CA ALA B 144 -73.65 23.92 -75.70
C ALA B 144 -74.65 22.79 -75.72
N LEU B 145 -74.14 21.56 -75.78
CA LEU B 145 -74.99 20.38 -75.78
C LEU B 145 -74.15 19.17 -75.39
N GLY B 146 -74.85 18.07 -75.10
CA GLY B 146 -74.17 16.84 -74.73
C GLY B 146 -75.10 15.65 -74.61
N CYS B 147 -74.78 14.73 -73.71
CA CYS B 147 -75.60 13.55 -73.48
C CYS B 147 -75.68 13.28 -71.98
N LEU B 148 -76.75 12.61 -71.57
CA LEU B 148 -76.93 12.16 -70.20
C LEU B 148 -77.18 10.66 -70.18
N VAL B 149 -76.46 9.95 -69.33
CA VAL B 149 -76.63 8.52 -69.14
C VAL B 149 -77.16 8.29 -67.73
N LYS B 150 -78.11 7.38 -67.59
CA LYS B 150 -78.78 7.15 -66.33
C LYS B 150 -78.92 5.66 -66.06
N ASP B 151 -78.94 5.31 -64.77
CA ASP B 151 -79.22 3.96 -64.29
C ASP B 151 -78.21 2.95 -64.86
N TYR B 152 -76.95 3.11 -64.48
CA TYR B 152 -75.90 2.18 -64.85
C TYR B 152 -75.10 1.78 -63.62
N PHE B 153 -74.63 0.54 -63.62
CA PHE B 153 -73.82 0.01 -62.53
C PHE B 153 -73.06 -1.21 -63.02
N PRO B 154 -71.77 -1.34 -62.69
CA PRO B 154 -70.95 -0.41 -61.93
C PRO B 154 -70.09 0.51 -62.79
N GLU B 155 -69.22 1.28 -62.13
CA GLU B 155 -68.35 2.23 -62.81
C GLU B 155 -67.22 1.49 -63.53
N PRO B 156 -66.56 2.14 -64.51
CA PRO B 156 -66.77 3.47 -65.05
C PRO B 156 -67.39 3.47 -66.45
N VAL B 157 -67.58 4.65 -67.03
CA VAL B 157 -68.12 4.81 -68.37
C VAL B 157 -67.21 5.74 -69.17
N THR B 158 -67.03 5.43 -70.45
CA THR B 158 -66.22 6.24 -71.35
C THR B 158 -67.11 6.88 -72.39
N VAL B 159 -66.99 8.19 -72.56
CA VAL B 159 -67.80 8.98 -73.48
C VAL B 159 -66.89 9.66 -74.49
N SER B 160 -67.20 9.50 -75.77
CA SER B 160 -66.44 10.12 -76.84
C SER B 160 -67.39 10.75 -77.86
N TRP B 161 -66.89 11.75 -78.57
CA TRP B 161 -67.69 12.52 -79.51
C TRP B 161 -67.04 12.51 -80.88
N ASN B 162 -67.85 12.25 -81.92
CA ASN B 162 -67.39 12.23 -83.30
C ASN B 162 -66.25 11.24 -83.52
N SER B 163 -66.29 10.12 -82.80
CA SER B 163 -65.26 9.08 -82.89
C SER B 163 -63.86 9.66 -82.63
N GLY B 164 -63.79 10.60 -81.68
CA GLY B 164 -62.53 11.23 -81.34
C GLY B 164 -62.19 12.46 -82.17
N ALA B 165 -62.99 12.78 -83.18
CA ALA B 165 -62.71 13.96 -84.00
C ALA B 165 -63.06 15.26 -83.30
N LEU B 166 -63.87 15.21 -82.25
CA LEU B 166 -64.25 16.39 -81.47
C LEU B 166 -63.60 16.27 -80.09
N THR B 167 -62.48 16.97 -79.91
CA THR B 167 -61.74 16.94 -78.67
C THR B 167 -61.60 18.31 -78.02
N SER B 168 -62.20 19.35 -78.59
CA SER B 168 -62.16 20.69 -78.03
C SER B 168 -63.49 21.01 -77.37
N GLY B 169 -63.44 21.43 -76.11
CA GLY B 169 -64.64 21.75 -75.36
C GLY B 169 -65.34 20.56 -74.73
N VAL B 170 -64.80 19.35 -74.89
CA VAL B 170 -65.43 18.18 -74.30
C VAL B 170 -65.22 18.18 -72.79
N HIS B 171 -66.23 17.74 -72.05
CA HIS B 171 -66.15 17.69 -70.60
C HIS B 171 -67.01 16.54 -70.09
N THR B 172 -66.45 15.77 -69.14
CA THR B 172 -67.15 14.65 -68.53
C THR B 172 -67.06 14.82 -67.02
N PHE B 173 -68.18 15.18 -66.40
CA PHE B 173 -68.20 15.42 -64.97
C PHE B 173 -68.20 14.09 -64.20
N PRO B 174 -67.62 14.06 -63.02
CA PRO B 174 -67.62 12.82 -62.23
C PRO B 174 -69.04 12.38 -61.88
N ALA B 175 -69.23 11.07 -61.79
CA ALA B 175 -70.54 10.52 -61.51
C ALA B 175 -70.96 10.79 -60.07
N VAL B 176 -72.27 10.75 -59.84
CA VAL B 176 -72.84 10.97 -58.53
C VAL B 176 -73.69 9.77 -58.14
N LEU B 177 -73.82 9.54 -56.84
CA LEU B 177 -74.57 8.42 -56.32
C LEU B 177 -75.94 8.90 -55.88
N GLN B 178 -76.99 8.28 -56.40
CA GLN B 178 -78.36 8.63 -56.04
C GLN B 178 -78.79 7.88 -54.78
N SER B 179 -79.86 8.39 -54.16
CA SER B 179 -80.40 7.73 -52.99
C SER B 179 -80.95 6.34 -53.32
N SER B 180 -81.58 6.19 -54.49
CA SER B 180 -82.12 4.90 -54.89
C SER B 180 -81.04 3.84 -55.04
N GLY B 181 -79.80 4.23 -55.28
CA GLY B 181 -78.69 3.30 -55.39
C GLY B 181 -78.12 3.14 -56.79
N LEU B 182 -78.58 3.92 -57.76
CA LEU B 182 -78.10 3.84 -59.13
C LEU B 182 -77.32 5.10 -59.48
N TYR B 183 -76.14 4.93 -60.06
CA TYR B 183 -75.28 6.06 -60.36
C TYR B 183 -75.83 6.88 -61.53
N SER B 184 -75.32 8.10 -61.65
CA SER B 184 -75.76 9.02 -62.71
C SER B 184 -74.58 9.86 -63.14
N LEU B 185 -74.55 10.18 -64.44
CA LEU B 185 -73.48 10.99 -65.01
C LEU B 185 -73.97 11.60 -66.32
N SER B 186 -73.53 12.81 -66.60
CA SER B 186 -73.83 13.48 -67.85
C SER B 186 -72.58 14.18 -68.36
N SER B 187 -72.52 14.35 -69.68
CA SER B 187 -71.42 15.05 -70.33
C SER B 187 -71.97 16.10 -71.29
N VAL B 188 -71.25 17.20 -71.42
CA VAL B 188 -71.66 18.31 -72.26
C VAL B 188 -70.45 18.82 -73.04
N VAL B 189 -70.70 19.29 -74.26
CA VAL B 189 -69.65 19.79 -75.14
C VAL B 189 -70.03 21.21 -75.56
N THR B 190 -69.06 22.13 -75.44
CA THR B 190 -69.24 23.50 -75.89
C THR B 190 -68.53 23.68 -77.23
N VAL B 191 -69.21 24.38 -78.15
CA VAL B 191 -68.73 24.56 -79.52
C VAL B 191 -68.92 26.02 -79.92
N PRO B 192 -68.03 26.60 -80.72
CA PRO B 192 -68.31 27.92 -81.30
C PRO B 192 -69.40 27.81 -82.35
N SER B 193 -70.66 27.80 -81.89
CA SER B 193 -71.80 27.40 -82.71
C SER B 193 -72.00 28.39 -83.84
N SER B 194 -71.59 27.99 -85.05
CA SER B 194 -71.83 28.78 -86.26
C SER B 194 -72.26 27.93 -87.44
N SER B 195 -72.32 26.60 -87.29
CA SER B 195 -72.65 25.70 -88.40
C SER B 195 -73.73 24.69 -88.02
N LEU B 196 -74.62 25.05 -87.10
CA LEU B 196 -75.69 24.14 -86.71
C LEU B 196 -76.67 23.94 -87.86
N GLY B 197 -77.18 22.71 -87.98
CA GLY B 197 -78.09 22.37 -89.05
C GLY B 197 -77.62 21.18 -89.85
N THR B 198 -76.30 21.07 -90.01
CA THR B 198 -75.70 19.96 -90.75
C THR B 198 -74.69 19.15 -89.96
N GLN B 199 -74.12 19.69 -88.89
CA GLN B 199 -73.17 18.94 -88.08
C GLN B 199 -73.89 17.83 -87.32
N THR B 200 -73.28 16.65 -87.28
CA THR B 200 -73.84 15.49 -86.61
C THR B 200 -73.23 15.35 -85.23
N TYR B 201 -74.09 15.22 -84.22
CA TYR B 201 -73.67 15.08 -82.83
C TYR B 201 -73.94 13.65 -82.38
N ILE B 202 -72.88 12.93 -82.03
CA ILE B 202 -72.97 11.55 -81.59
C ILE B 202 -72.07 11.39 -80.36
N CYS B 203 -72.65 10.89 -79.27
CA CYS B 203 -71.89 10.61 -78.05
C CYS B 203 -71.65 9.10 -77.97
N ASN B 204 -70.38 8.72 -77.85
CA ASN B 204 -69.98 7.32 -77.87
C ASN B 204 -69.99 6.80 -76.43
N VAL B 205 -70.97 5.96 -76.11
CA VAL B 205 -71.16 5.45 -74.75
C VAL B 205 -70.80 3.98 -74.73
N ASN B 206 -69.98 3.58 -73.76
CA ASN B 206 -69.51 2.21 -73.62
C ASN B 206 -69.68 1.75 -72.18
N HIS B 207 -69.83 0.44 -72.01
CA HIS B 207 -69.89 -0.17 -70.68
C HIS B 207 -69.33 -1.58 -70.80
N LYS B 208 -68.06 -1.75 -70.42
CA LYS B 208 -67.40 -3.04 -70.56
C LYS B 208 -68.08 -4.15 -69.77
N PRO B 209 -68.44 -3.97 -68.49
CA PRO B 209 -69.10 -5.07 -67.76
C PRO B 209 -70.40 -5.55 -68.39
N SER B 210 -71.18 -4.65 -68.98
CA SER B 210 -72.47 -4.99 -69.57
C SER B 210 -72.47 -4.88 -71.08
N ASN B 211 -71.28 -4.84 -71.71
CA ASN B 211 -71.05 -4.81 -73.15
C ASN B 211 -72.10 -4.02 -73.92
N THR B 212 -72.44 -2.83 -73.43
CA THR B 212 -73.47 -1.99 -74.04
C THR B 212 -72.79 -0.83 -74.77
N LYS B 213 -72.90 -0.82 -76.09
CA LYS B 213 -72.36 0.24 -76.93
C LYS B 213 -73.51 0.92 -77.66
N VAL B 214 -73.71 2.20 -77.36
CA VAL B 214 -74.80 2.98 -77.95
C VAL B 214 -74.23 4.33 -78.40
N ASP B 215 -74.66 4.77 -79.58
CA ASP B 215 -74.28 6.07 -80.15
C ASP B 215 -75.56 6.87 -80.34
N LYS B 216 -75.98 7.57 -79.29
CA LYS B 216 -77.23 8.32 -79.33
C LYS B 216 -77.07 9.58 -80.17
N ARG B 217 -78.16 9.96 -80.85
CA ARG B 217 -78.19 11.13 -81.70
C ARG B 217 -78.82 12.30 -80.96
N VAL B 218 -78.17 13.46 -81.03
CA VAL B 218 -78.67 14.68 -80.40
C VAL B 218 -78.92 15.70 -81.50
N GLU B 219 -80.14 16.23 -81.54
CA GLU B 219 -80.52 17.21 -82.54
C GLU B 219 -81.21 18.40 -81.88
N PRO B 220 -81.08 19.59 -82.46
CA PRO B 220 -81.75 20.76 -81.88
C PRO B 220 -83.26 20.64 -81.93
N LYS B 221 -83.90 21.26 -80.94
CA LYS B 221 -85.36 21.26 -80.82
C LYS B 221 -85.93 19.85 -80.82
N PRO C 11 9.37 52.27 -22.32
CA PRO C 11 9.73 50.84 -22.34
C PRO C 11 10.98 50.55 -21.51
N ALA C 12 11.32 51.45 -20.60
CA ALA C 12 12.48 51.26 -19.75
C ALA C 12 12.24 50.13 -18.76
N TYR C 13 13.33 49.60 -18.22
CA TYR C 13 13.30 48.47 -17.30
C TYR C 13 13.70 48.92 -15.91
N THR C 14 13.02 48.38 -14.89
CA THR C 14 13.30 48.70 -13.50
C THR C 14 13.19 47.43 -12.67
N ASN C 15 14.01 47.34 -11.63
CA ASN C 15 14.02 46.18 -10.75
C ASN C 15 12.78 46.18 -9.87
N SER C 16 12.16 45.01 -9.73
CA SER C 16 10.97 44.87 -8.89
C SER C 16 11.29 44.70 -7.42
N PHE C 17 12.53 44.39 -7.07
CA PHE C 17 12.97 44.23 -5.68
C PHE C 17 12.14 43.16 -4.95
N THR C 18 11.46 43.56 -3.88
CA THR C 18 10.74 42.65 -3.01
C THR C 18 9.28 43.08 -2.85
N ARG C 19 8.63 43.34 -3.98
CA ARG C 19 7.24 43.80 -3.98
C ARG C 19 6.34 42.77 -4.64
N GLY C 20 5.09 42.71 -4.20
CA GLY C 20 4.12 41.82 -4.80
C GLY C 20 3.83 40.57 -3.98
N VAL C 21 3.67 40.73 -2.67
CA VAL C 21 3.33 39.63 -1.78
C VAL C 21 1.94 39.90 -1.22
N TYR C 22 1.05 38.92 -1.34
CA TYR C 22 -0.33 39.07 -0.93
C TYR C 22 -0.74 37.93 0.01
N TYR C 23 -1.79 38.17 0.77
CA TYR C 23 -2.30 37.15 1.68
C TYR C 23 -2.92 36.02 0.89
N PRO C 24 -2.40 34.79 0.99
CA PRO C 24 -2.78 33.74 0.03
C PRO C 24 -4.05 32.98 0.39
N ASP C 25 -4.38 32.87 1.68
CA ASP C 25 -5.40 31.92 2.10
C ASP C 25 -6.54 32.51 2.93
N LYS C 26 -6.40 33.73 3.45
CA LYS C 26 -7.45 34.36 4.26
C LYS C 26 -7.75 33.54 5.53
N VAL C 27 -6.70 33.09 6.20
CA VAL C 27 -6.81 32.32 7.43
C VAL C 27 -5.85 32.91 8.45
N PHE C 28 -6.33 33.17 9.65
CA PHE C 28 -5.51 33.81 10.68
C PHE C 28 -4.40 32.88 11.15
N ARG C 29 -3.21 33.46 11.32
CA ARG C 29 -2.06 32.75 11.87
C ARG C 29 -1.22 33.75 12.64
N SER C 30 -0.35 33.23 13.51
CA SER C 30 0.47 34.11 14.33
C SER C 30 1.72 33.38 14.77
N SER C 31 2.86 34.08 14.69
CA SER C 31 4.15 33.60 15.19
C SER C 31 4.52 32.23 14.62
N VAL C 32 4.33 32.06 13.32
CA VAL C 32 4.63 30.80 12.66
C VAL C 32 4.99 31.09 11.20
N LEU C 33 5.79 30.21 10.62
CA LEU C 33 6.19 30.30 9.22
C LEU C 33 5.41 29.27 8.41
N HIS C 34 4.84 29.71 7.29
CA HIS C 34 4.02 28.85 6.45
C HIS C 34 4.55 28.90 5.02
N SER C 35 4.71 27.74 4.40
CA SER C 35 5.17 27.63 3.03
C SER C 35 4.00 27.25 2.13
N THR C 36 3.78 28.03 1.07
CA THR C 36 2.65 27.83 0.18
C THR C 36 3.11 27.99 -1.27
N GLN C 37 2.34 27.40 -2.18
CA GLN C 37 2.61 27.48 -3.61
C GLN C 37 1.44 28.18 -4.29
N ASP C 38 1.75 29.21 -5.06
CA ASP C 38 0.74 30.03 -5.75
C ASP C 38 1.47 30.84 -6.81
N LEU C 39 0.76 31.80 -7.41
CA LEU C 39 1.33 32.67 -8.43
C LEU C 39 1.88 33.91 -7.73
N PHE C 40 3.20 33.97 -7.59
CA PHE C 40 3.87 35.10 -6.97
C PHE C 40 4.79 35.77 -7.98
N LEU C 41 4.96 37.08 -7.82
CA LEU C 41 5.90 37.83 -8.65
C LEU C 41 7.33 37.53 -8.18
N PRO C 42 8.20 37.04 -9.06
CA PRO C 42 9.55 36.67 -8.62
C PRO C 42 10.33 37.86 -8.08
N PHE C 43 11.20 37.59 -7.12
CA PHE C 43 12.02 38.63 -6.53
C PHE C 43 13.08 39.12 -7.52
N PHE C 44 13.40 40.41 -7.43
CA PHE C 44 14.42 41.04 -8.27
C PHE C 44 14.16 40.79 -9.76
N SER C 45 12.89 40.91 -10.15
CA SER C 45 12.50 40.72 -11.53
C SER C 45 12.63 42.03 -12.32
N ASN C 46 12.24 41.99 -13.58
CA ASN C 46 12.24 43.17 -14.44
C ASN C 46 10.81 43.50 -14.82
N VAL C 47 10.40 44.74 -14.52
CA VAL C 47 9.05 45.22 -14.83
C VAL C 47 9.16 46.32 -15.88
N THR C 48 8.28 46.24 -16.88
CA THR C 48 8.28 47.25 -17.94
C THR C 48 7.76 48.58 -17.40
N TRP C 49 8.51 49.65 -17.64
CA TRP C 49 8.13 50.99 -17.22
C TRP C 49 7.61 51.77 -18.41
N PHE C 50 6.36 52.20 -18.34
CA PHE C 50 5.73 52.97 -19.40
C PHE C 50 5.81 54.46 -19.08
N HIS C 51 5.13 55.27 -19.88
CA HIS C 51 5.08 56.71 -19.66
C HIS C 51 3.75 57.28 -20.16
N PHE C 64 0.90 58.62 -20.86
CA PHE C 64 1.10 59.42 -22.06
C PHE C 64 0.50 58.70 -23.27
N ASP C 65 0.81 57.42 -23.39
CA ASP C 65 0.29 56.57 -24.45
C ASP C 65 -0.43 55.37 -23.85
N ASN C 66 -1.39 54.84 -24.60
CA ASN C 66 -2.25 53.76 -24.12
C ASN C 66 -2.23 52.60 -25.12
N PRO C 67 -1.19 51.77 -25.08
CA PRO C 67 -1.20 50.54 -25.87
C PRO C 67 -1.95 49.43 -25.14
N VAL C 68 -2.04 48.29 -25.80
CA VAL C 68 -2.64 47.10 -25.22
C VAL C 68 -1.54 46.10 -24.91
N LEU C 69 -1.68 45.40 -23.79
CA LEU C 69 -0.69 44.45 -23.30
C LEU C 69 -1.36 43.11 -23.06
N PRO C 70 -0.58 42.02 -23.09
CA PRO C 70 -1.16 40.70 -22.82
C PRO C 70 -1.48 40.54 -21.35
N PHE C 71 -2.02 39.36 -21.03
CA PHE C 71 -2.44 39.05 -19.67
C PHE C 71 -1.73 37.83 -19.08
N ASN C 72 -1.51 36.79 -19.89
CA ASN C 72 -0.81 35.58 -19.46
C ASN C 72 -1.51 34.91 -18.28
N ASP C 73 -0.88 34.97 -17.10
CA ASP C 73 -1.40 34.32 -15.91
C ASP C 73 -1.73 35.33 -14.80
N GLY C 74 -1.60 36.61 -15.07
CA GLY C 74 -1.81 37.63 -14.07
C GLY C 74 -1.01 38.86 -14.42
N VAL C 75 -1.09 39.86 -13.54
CA VAL C 75 -0.40 41.12 -13.76
C VAL C 75 -0.23 41.82 -12.42
N TYR C 76 0.85 42.60 -12.31
CA TYR C 76 1.11 43.44 -11.15
C TYR C 76 1.13 44.88 -11.62
N PHE C 77 0.24 45.70 -11.06
CA PHE C 77 0.04 47.06 -11.51
C PHE C 77 0.39 48.02 -10.38
N ALA C 78 1.21 49.03 -10.69
CA ALA C 78 1.58 50.04 -9.72
C ALA C 78 1.60 51.40 -10.40
N SER C 79 1.34 52.44 -9.62
CA SER C 79 1.32 53.81 -10.15
C SER C 79 1.63 54.78 -9.04
N THR C 80 2.07 55.99 -9.43
CA THR C 80 2.40 57.03 -8.48
C THR C 80 1.54 58.27 -8.72
N ASN C 84 -4.88 60.84 -9.28
CA ASN C 84 -6.19 60.33 -9.67
C ASN C 84 -6.34 60.35 -11.19
N ILE C 85 -5.21 60.33 -11.89
CA ILE C 85 -5.24 60.33 -13.36
C ILE C 85 -5.76 58.99 -13.88
N ILE C 86 -5.31 57.89 -13.26
CA ILE C 86 -5.78 56.57 -13.69
C ILE C 86 -7.26 56.44 -13.41
N ARG C 87 -8.01 55.96 -14.40
CA ARG C 87 -9.47 55.93 -14.33
C ARG C 87 -9.99 54.55 -14.78
N GLY C 88 -9.40 53.50 -14.23
CA GLY C 88 -9.92 52.15 -14.41
C GLY C 88 -9.14 51.37 -15.45
N TRP C 89 -9.62 50.14 -15.68
CA TRP C 89 -8.98 49.20 -16.59
C TRP C 89 -10.05 48.48 -17.41
N ILE C 90 -9.59 47.80 -18.46
CA ILE C 90 -10.46 47.01 -19.32
C ILE C 90 -9.82 45.64 -19.53
N PHE C 91 -10.60 44.59 -19.31
CA PHE C 91 -10.14 43.22 -19.50
C PHE C 91 -11.05 42.50 -20.47
N GLY C 92 -10.46 41.75 -21.39
CA GLY C 92 -11.24 41.06 -22.40
C GLY C 92 -10.36 40.15 -23.23
N THR C 93 -10.97 39.54 -24.24
CA THR C 93 -10.24 38.63 -25.12
C THR C 93 -10.39 38.95 -26.59
N THR C 94 -11.55 39.42 -27.03
CA THR C 94 -11.77 39.69 -28.44
C THR C 94 -12.25 41.12 -28.66
N LEU C 95 -12.97 41.66 -27.67
CA LEU C 95 -13.54 43.01 -27.73
C LEU C 95 -14.48 43.14 -28.93
N ASP C 96 -14.78 44.38 -29.32
CA ASP C 96 -15.64 44.69 -30.45
C ASP C 96 -17.00 43.98 -30.28
N SER C 97 -17.48 43.94 -29.03
CA SER C 97 -18.80 43.44 -28.67
C SER C 97 -19.05 42.00 -29.11
N LYS C 98 -18.02 41.30 -29.60
CA LYS C 98 -18.21 39.92 -30.04
C LYS C 98 -18.06 38.94 -28.89
N THR C 99 -17.22 39.25 -27.91
CA THR C 99 -17.02 38.41 -26.75
C THR C 99 -17.02 39.29 -25.51
N GLN C 100 -17.34 38.68 -24.37
CA GLN C 100 -17.50 39.42 -23.13
C GLN C 100 -16.19 40.09 -22.73
N SER C 101 -16.30 41.25 -22.10
CA SER C 101 -15.15 42.01 -21.63
C SER C 101 -15.47 42.61 -20.27
N LEU C 102 -14.52 42.49 -19.34
CA LEU C 102 -14.70 43.03 -18.01
C LEU C 102 -14.53 44.55 -18.02
N LEU C 103 -15.20 45.21 -17.08
CA LEU C 103 -15.15 46.67 -16.95
C LEU C 103 -14.91 47.03 -15.49
N ILE C 104 -13.90 47.87 -15.25
CA ILE C 104 -13.63 48.42 -13.94
C ILE C 104 -13.36 49.91 -14.08
N VAL C 105 -14.11 50.73 -13.35
CA VAL C 105 -13.93 52.18 -13.39
C VAL C 105 -14.30 52.74 -12.02
N ASN C 106 -13.59 53.79 -11.60
CA ASN C 106 -13.77 54.41 -10.30
C ASN C 106 -14.09 55.89 -10.50
N ASN C 107 -15.38 56.19 -10.65
CA ASN C 107 -15.85 57.55 -10.90
C ASN C 107 -16.92 57.93 -9.87
N ALA C 108 -16.85 59.18 -9.41
CA ALA C 108 -17.84 59.73 -8.47
C ALA C 108 -17.93 58.90 -7.19
N THR C 109 -16.78 58.41 -6.74
CA THR C 109 -16.69 57.61 -5.51
C THR C 109 -17.66 56.43 -5.53
N ASN C 110 -17.79 55.79 -6.69
CA ASN C 110 -18.64 54.62 -6.83
C ASN C 110 -18.08 53.76 -7.97
N VAL C 111 -17.35 52.71 -7.61
CA VAL C 111 -16.81 51.79 -8.60
C VAL C 111 -17.92 50.87 -9.09
N VAL C 112 -18.09 50.79 -10.41
CA VAL C 112 -19.13 49.98 -11.03
C VAL C 112 -18.47 48.99 -11.98
N ILE C 113 -18.86 47.73 -11.87
CA ILE C 113 -18.27 46.64 -12.63
C ILE C 113 -19.35 45.97 -13.46
N LYS C 114 -19.10 45.80 -14.76
CA LYS C 114 -20.04 45.16 -15.67
C LYS C 114 -19.28 44.21 -16.58
N VAL C 115 -20.02 43.31 -17.21
CA VAL C 115 -19.45 42.34 -18.15
C VAL C 115 -20.19 42.41 -19.48
N CYS C 116 -20.87 43.53 -19.74
CA CYS C 116 -21.69 43.66 -20.93
C CYS C 116 -20.82 43.68 -22.19
N GLU C 117 -21.50 43.75 -23.34
CA GLU C 117 -20.83 43.74 -24.64
C GLU C 117 -20.59 45.19 -25.06
N PHE C 118 -19.39 45.69 -24.77
CA PHE C 118 -19.03 47.06 -25.10
C PHE C 118 -18.19 47.07 -26.37
N GLN C 119 -18.54 47.95 -27.32
CA GLN C 119 -17.69 48.20 -28.47
C GLN C 119 -16.69 49.29 -28.12
N PHE C 120 -15.41 49.01 -28.36
CA PHE C 120 -14.34 49.88 -27.90
C PHE C 120 -13.78 50.70 -29.06
N CYS C 121 -13.47 51.96 -28.76
CA CYS C 121 -12.90 52.85 -29.76
C CYS C 121 -11.46 52.44 -30.08
N ASN C 122 -10.94 52.98 -31.18
CA ASN C 122 -9.58 52.68 -31.58
C ASN C 122 -8.55 53.24 -30.60
N ASP C 123 -8.90 54.35 -29.92
CA ASP C 123 -8.00 54.97 -28.94
C ASP C 123 -8.84 55.42 -27.76
N PRO C 124 -9.16 54.51 -26.83
CA PRO C 124 -10.12 54.82 -25.77
C PRO C 124 -9.51 55.74 -24.72
N PHE C 125 -10.19 56.86 -24.46
CA PHE C 125 -9.82 57.78 -23.40
C PHE C 125 -11.08 58.41 -22.83
N LEU C 126 -11.00 58.84 -21.57
CA LEU C 126 -12.11 59.45 -20.86
C LEU C 126 -11.83 60.93 -20.67
N GLY C 127 -12.85 61.75 -20.92
CA GLY C 127 -12.73 63.19 -20.76
C GLY C 127 -13.49 63.98 -21.81
N GLU C 141 -19.80 62.64 -16.96
CA GLU C 141 -20.19 61.64 -17.93
C GLU C 141 -19.01 60.77 -18.35
N PHE C 142 -19.29 59.72 -19.12
CA PHE C 142 -18.25 58.83 -19.63
C PHE C 142 -18.53 58.54 -21.09
N ARG C 143 -17.47 58.20 -21.81
CA ARG C 143 -17.54 57.93 -23.25
C ARG C 143 -16.99 56.57 -23.65
N VAL C 144 -16.00 56.04 -22.93
CA VAL C 144 -15.40 54.76 -23.32
C VAL C 144 -16.43 53.64 -23.22
N TYR C 145 -17.28 53.68 -22.21
CA TYR C 145 -18.17 52.57 -21.88
C TYR C 145 -19.55 52.72 -22.49
N SER C 146 -19.65 53.36 -23.66
CA SER C 146 -20.92 53.48 -24.35
C SER C 146 -21.33 52.14 -24.95
N SER C 147 -22.57 52.09 -25.45
CA SER C 147 -23.14 50.89 -26.07
C SER C 147 -23.12 49.70 -25.11
N ALA C 148 -23.65 49.93 -23.91
CA ALA C 148 -23.76 48.88 -22.91
C ALA C 148 -24.99 48.04 -23.21
N ASN C 149 -24.79 46.75 -23.49
CA ASN C 149 -25.89 45.86 -23.84
C ASN C 149 -25.49 44.42 -23.60
N ASN C 150 -26.50 43.55 -23.54
CA ASN C 150 -26.32 42.12 -23.29
C ASN C 150 -25.50 41.88 -22.02
N CYS C 151 -25.89 42.56 -20.95
CA CYS C 151 -25.20 42.47 -19.67
C CYS C 151 -25.50 41.13 -18.98
N THR C 152 -24.59 40.72 -18.11
CA THR C 152 -24.76 39.49 -17.36
C THR C 152 -24.44 39.66 -15.87
N PHE C 153 -23.59 40.61 -15.53
CA PHE C 153 -23.14 40.80 -14.16
C PHE C 153 -23.13 42.29 -13.82
N GLU C 154 -23.26 42.58 -12.53
CA GLU C 154 -23.34 43.96 -12.06
C GLU C 154 -22.89 43.99 -10.60
N TYR C 155 -22.13 45.02 -10.24
CA TYR C 155 -21.58 45.15 -8.90
C TYR C 155 -21.17 46.58 -8.65
N VAL C 156 -21.52 47.11 -7.48
CA VAL C 156 -21.19 48.49 -7.10
C VAL C 156 -20.72 48.49 -5.65
N SER C 157 -19.64 49.22 -5.38
CA SER C 157 -19.12 49.36 -4.03
C SER C 157 -18.47 50.74 -3.89
N GLN C 158 -17.99 51.03 -2.68
CA GLN C 158 -17.36 52.32 -2.39
C GLN C 158 -15.86 52.19 -2.52
N PRO C 159 -15.22 52.92 -3.43
CA PRO C 159 -13.76 52.88 -3.52
C PRO C 159 -13.11 53.63 -2.37
N PHE C 160 -11.80 53.41 -2.22
CA PHE C 160 -11.03 54.03 -1.16
C PHE C 160 -9.77 54.67 -1.76
N LEU C 161 -9.34 55.76 -1.15
CA LEU C 161 -8.15 56.47 -1.59
C LEU C 161 -6.88 55.75 -1.13
N LYS C 172 2.63 61.80 -3.10
CA LYS C 172 3.76 60.93 -2.80
C LYS C 172 3.31 59.61 -2.18
N ASN C 173 2.57 58.82 -2.96
CA ASN C 173 2.07 57.53 -2.50
C ASN C 173 1.95 56.59 -3.68
N LEU C 174 2.22 55.31 -3.43
CA LEU C 174 2.13 54.28 -4.47
C LEU C 174 0.86 53.47 -4.28
N ARG C 175 0.26 53.08 -5.40
CA ARG C 175 -0.94 52.24 -5.40
C ARG C 175 -0.62 50.97 -6.18
N GLU C 176 -0.65 49.82 -5.50
CA GLU C 176 -0.27 48.55 -6.09
C GLU C 176 -1.48 47.63 -6.16
N PHE C 177 -1.60 46.90 -7.26
CA PHE C 177 -2.71 46.00 -7.49
C PHE C 177 -2.20 44.68 -8.06
N VAL C 178 -2.94 43.61 -7.79
CA VAL C 178 -2.68 42.30 -8.39
C VAL C 178 -4.00 41.76 -8.90
N PHE C 179 -4.08 41.51 -10.20
CA PHE C 179 -5.27 40.97 -10.85
C PHE C 179 -5.01 39.53 -11.27
N LYS C 180 -5.93 38.63 -10.93
CA LYS C 180 -5.73 37.22 -11.19
C LYS C 180 -7.07 36.56 -11.49
N ASN C 181 -7.11 35.77 -12.55
CA ASN C 181 -8.30 35.04 -12.98
C ASN C 181 -8.03 33.54 -12.85
N ILE C 182 -8.57 32.93 -11.80
CA ILE C 182 -8.35 31.51 -11.53
C ILE C 182 -9.69 30.85 -11.21
N ASP C 183 -9.84 29.61 -11.67
CA ASP C 183 -11.00 28.75 -11.41
C ASP C 183 -12.33 29.49 -11.49
N GLY C 184 -12.47 30.38 -12.46
CA GLY C 184 -13.71 31.11 -12.65
C GLY C 184 -13.94 32.27 -11.70
N TYR C 185 -12.93 32.71 -10.98
CA TYR C 185 -13.03 33.83 -10.06
C TYR C 185 -12.04 34.91 -10.44
N PHE C 186 -12.45 36.17 -10.29
CA PHE C 186 -11.58 37.32 -10.53
C PHE C 186 -11.21 37.91 -9.17
N LYS C 187 -9.96 37.72 -8.76
CA LYS C 187 -9.48 38.16 -7.46
C LYS C 187 -8.62 39.41 -7.61
N ILE C 188 -8.81 40.35 -6.68
CA ILE C 188 -8.10 41.62 -6.69
C ILE C 188 -7.50 41.88 -5.32
N TYR C 189 -6.25 42.32 -5.29
CA TYR C 189 -5.57 42.73 -4.06
C TYR C 189 -5.02 44.13 -4.26
N SER C 190 -4.96 44.90 -3.18
CA SER C 190 -4.50 46.28 -3.29
C SER C 190 -3.95 46.75 -1.95
N LYS C 191 -3.16 47.82 -2.01
CA LYS C 191 -2.65 48.49 -0.82
C LYS C 191 -2.14 49.87 -1.21
N HIS C 192 -2.36 50.85 -0.34
CA HIS C 192 -1.87 52.20 -0.52
C HIS C 192 -0.85 52.53 0.56
N THR C 193 0.32 53.00 0.16
CA THR C 193 1.37 53.37 1.09
C THR C 193 2.04 54.64 0.62
N PRO C 194 2.52 55.47 1.55
CA PRO C 194 3.26 56.67 1.15
C PRO C 194 4.67 56.34 0.67
N ILE C 195 5.15 57.16 -0.26
CA ILE C 195 6.48 57.01 -0.83
C ILE C 195 7.20 58.36 -0.77
N ASN C 196 8.51 58.32 -1.05
CA ASN C 196 9.31 59.54 -1.10
C ASN C 196 10.25 59.56 -2.30
N LEU C 197 9.94 58.81 -3.35
CA LEU C 197 10.80 58.74 -4.52
C LEU C 197 9.96 58.43 -5.75
N VAL C 198 10.35 59.01 -6.87
CA VAL C 198 9.62 58.81 -8.13
C VAL C 198 10.42 58.03 -9.16
N ARG C 199 11.75 58.01 -9.07
CA ARG C 199 12.56 57.34 -10.08
C ARG C 199 12.29 55.85 -10.12
N ASP C 200 12.19 55.20 -8.96
CA ASP C 200 12.03 53.76 -8.91
C ASP C 200 11.21 53.38 -7.68
N LEU C 201 10.94 52.08 -7.55
CA LEU C 201 10.09 51.58 -6.48
C LEU C 201 10.84 51.58 -5.15
N PRO C 202 10.12 51.66 -4.03
CA PRO C 202 10.76 51.50 -2.72
C PRO C 202 11.28 50.09 -2.53
N GLN C 203 12.30 49.97 -1.69
CA GLN C 203 12.97 48.70 -1.44
C GLN C 203 12.51 48.01 -0.16
N GLY C 204 11.47 48.53 0.49
CA GLY C 204 10.94 47.91 1.68
C GLY C 204 10.04 46.73 1.37
N PHE C 205 9.47 46.17 2.42
CA PHE C 205 8.54 45.05 2.31
C PHE C 205 7.15 45.48 2.73
N SER C 206 6.14 44.95 2.04
CA SER C 206 4.75 45.32 2.29
C SER C 206 3.83 44.28 1.66
N ALA C 207 2.84 43.84 2.42
CA ALA C 207 1.92 42.80 1.97
C ALA C 207 0.59 43.41 1.54
N LEU C 208 -0.06 42.77 0.57
CA LEU C 208 -1.29 43.26 -0.02
C LEU C 208 -2.48 42.45 0.50
N GLU C 209 -3.51 43.14 0.96
CA GLU C 209 -4.71 42.54 1.55
C GLU C 209 -5.77 42.30 0.48
N PRO C 210 -6.52 41.21 0.58
CA PRO C 210 -7.56 40.93 -0.42
C PRO C 210 -8.66 41.99 -0.41
N LEU C 211 -9.18 42.29 -1.59
CA LEU C 211 -10.19 43.33 -1.73
C LEU C 211 -11.52 42.81 -2.26
N VAL C 212 -11.53 42.15 -3.42
CA VAL C 212 -12.76 41.71 -4.07
C VAL C 212 -12.54 40.35 -4.70
N ASP C 213 -13.58 39.52 -4.66
CA ASP C 213 -13.58 38.22 -5.35
C ASP C 213 -14.92 38.08 -6.07
N LEU C 214 -14.90 38.16 -7.40
CA LEU C 214 -16.12 38.14 -8.20
C LEU C 214 -16.26 36.79 -8.91
N PRO C 215 -17.45 36.19 -8.89
CA PRO C 215 -17.70 34.93 -9.63
C PRO C 215 -18.13 35.15 -11.08
N ILE C 216 -17.16 35.44 -11.94
CA ILE C 216 -17.42 35.77 -13.34
C ILE C 216 -17.19 34.58 -14.25
N GLY C 217 -16.00 34.00 -14.21
CA GLY C 217 -15.67 32.88 -15.08
C GLY C 217 -15.57 33.21 -16.54
N ILE C 218 -14.93 34.33 -16.89
CA ILE C 218 -14.74 34.75 -18.28
C ILE C 218 -13.26 34.61 -18.62
N ASN C 219 -12.98 34.08 -19.81
CA ASN C 219 -11.60 33.95 -20.26
C ASN C 219 -11.05 35.33 -20.64
N ILE C 220 -9.85 35.64 -20.17
CA ILE C 220 -9.18 36.90 -20.44
C ILE C 220 -7.79 36.61 -20.99
N THR C 221 -7.42 37.31 -22.05
CA THR C 221 -6.10 37.16 -22.63
C THR C 221 -5.44 38.48 -23.00
N ARG C 222 -6.10 39.61 -22.79
CA ARG C 222 -5.52 40.92 -23.11
C ARG C 222 -6.20 41.97 -22.24
N PHE C 223 -5.48 43.07 -22.01
CA PHE C 223 -6.00 44.13 -21.16
C PHE C 223 -5.30 45.44 -21.51
N GLN C 224 -5.91 46.54 -21.05
CA GLN C 224 -5.33 47.87 -21.24
C GLN C 224 -5.80 48.77 -20.11
N THR C 225 -5.02 49.81 -19.86
CA THR C 225 -5.34 50.77 -18.81
C THR C 225 -6.17 51.92 -19.37
N LEU C 226 -6.84 52.63 -18.47
CA LEU C 226 -7.67 53.76 -18.82
C LEU C 226 -7.37 54.91 -17.88
N LEU C 227 -7.08 56.08 -18.45
CA LEU C 227 -6.80 57.28 -17.69
C LEU C 227 -7.57 58.45 -18.28
N ALA C 228 -7.98 59.36 -17.40
CA ALA C 228 -8.74 60.53 -17.84
C ALA C 228 -7.87 61.44 -18.70
N LEU C 229 -8.40 61.84 -19.85
CA LEU C 229 -7.70 62.71 -20.79
C LEU C 229 -8.42 64.04 -20.87
N HIS C 230 -7.71 65.12 -20.58
CA HIS C 230 -8.26 66.46 -20.60
C HIS C 230 -7.45 67.34 -21.54
N ARG C 231 -8.16 68.17 -22.31
CA ARG C 231 -7.52 69.07 -23.26
C ARG C 231 -8.29 70.38 -23.38
N GLY C 246 -0.71 66.89 -16.70
CA GLY C 246 0.47 66.17 -16.25
C GLY C 246 0.46 64.71 -16.67
N ALA C 247 1.61 64.25 -17.19
CA ALA C 247 1.73 62.87 -17.62
C ALA C 247 1.77 61.93 -16.41
N ALA C 248 1.46 60.66 -16.67
CA ALA C 248 1.44 59.64 -15.63
C ALA C 248 2.34 58.47 -16.03
N ALA C 249 2.90 57.81 -15.03
CA ALA C 249 3.77 56.68 -15.22
C ALA C 249 3.28 55.49 -14.38
N TYR C 250 3.29 54.31 -14.99
CA TYR C 250 2.88 53.09 -14.32
C TYR C 250 3.76 51.93 -14.77
N TYR C 251 3.84 50.91 -13.94
CA TYR C 251 4.68 49.75 -14.20
C TYR C 251 3.81 48.50 -14.34
N VAL C 252 4.32 47.52 -15.08
CA VAL C 252 3.61 46.27 -15.33
C VAL C 252 4.58 45.12 -15.09
N GLY C 253 4.13 44.13 -14.30
CA GLY C 253 4.89 42.92 -14.08
C GLY C 253 4.12 41.71 -14.51
N TYR C 254 4.60 40.51 -14.18
CA TYR C 254 3.91 39.27 -14.53
C TYR C 254 4.18 38.23 -13.45
N LEU C 255 3.20 37.35 -13.27
CA LEU C 255 3.23 36.35 -12.21
C LEU C 255 3.60 34.98 -12.75
N GLN C 256 4.32 34.22 -11.94
CA GLN C 256 4.78 32.89 -12.30
C GLN C 256 4.53 31.93 -11.14
N PRO C 257 4.35 30.64 -11.42
CA PRO C 257 4.09 29.68 -10.34
C PRO C 257 5.32 29.34 -9.52
N ARG C 258 5.63 30.16 -8.53
CA ARG C 258 6.79 29.98 -7.67
C ARG C 258 6.33 29.64 -6.26
N THR C 259 7.27 29.15 -5.45
CA THR C 259 7.01 28.77 -4.06
C THR C 259 7.69 29.75 -3.11
N PHE C 260 6.97 30.11 -2.04
CA PHE C 260 7.42 31.12 -1.09
C PHE C 260 7.32 30.58 0.33
N LEU C 261 8.13 31.15 1.22
CA LEU C 261 8.07 30.90 2.65
C LEU C 261 7.72 32.20 3.35
N LEU C 262 6.58 32.22 4.04
CA LEU C 262 6.05 33.44 4.64
C LEU C 262 6.37 33.50 6.12
N LYS C 263 6.60 34.71 6.62
CA LYS C 263 6.87 34.96 8.03
C LYS C 263 5.73 35.76 8.63
N TYR C 264 5.16 35.27 9.74
CA TYR C 264 4.03 35.89 10.39
C TYR C 264 4.46 36.53 11.70
N ASN C 265 3.66 37.49 12.17
CA ASN C 265 3.94 38.23 13.38
C ASN C 265 2.92 37.89 14.46
N GLU C 266 3.00 38.58 15.60
CA GLU C 266 2.04 38.37 16.68
C GLU C 266 0.63 38.77 16.24
N ASN C 267 0.51 39.88 15.52
CA ASN C 267 -0.78 40.34 15.05
C ASN C 267 -1.31 39.53 13.88
N GLY C 268 -0.44 38.79 13.19
CA GLY C 268 -0.82 38.09 11.98
C GLY C 268 -0.41 38.78 10.70
N THR C 269 0.48 39.77 10.75
CA THR C 269 0.89 40.53 9.59
C THR C 269 2.18 39.94 9.01
N ILE C 270 2.19 39.76 7.68
CA ILE C 270 3.36 39.23 7.01
C ILE C 270 4.46 40.30 7.00
N THR C 271 5.64 39.92 7.45
CA THR C 271 6.78 40.84 7.54
C THR C 271 7.94 40.47 6.63
N ASP C 272 8.23 39.18 6.47
CA ASP C 272 9.34 38.72 5.64
C ASP C 272 8.89 37.55 4.77
N ALA C 273 9.60 37.37 3.66
CA ALA C 273 9.33 36.28 2.74
C ALA C 273 10.59 36.01 1.92
N VAL C 274 10.87 34.74 1.66
CA VAL C 274 12.05 34.32 0.91
C VAL C 274 11.60 33.55 -0.32
N ASP C 275 12.28 33.78 -1.44
CA ASP C 275 11.99 33.11 -2.70
C ASP C 275 12.88 31.87 -2.83
N CYS C 276 12.27 30.70 -2.91
CA CYS C 276 13.00 29.44 -2.81
C CYS C 276 13.82 29.11 -4.05
N ALA C 277 13.67 29.86 -5.14
CA ALA C 277 14.40 29.58 -6.37
C ALA C 277 15.26 30.76 -6.82
N LEU C 278 15.62 31.65 -5.90
CA LEU C 278 16.43 32.81 -6.26
C LEU C 278 17.92 32.47 -6.30
N ASP C 279 18.40 31.69 -5.33
CA ASP C 279 19.81 31.33 -5.23
C ASP C 279 19.96 30.14 -4.28
N PRO C 280 21.12 29.49 -4.22
CA PRO C 280 21.26 28.32 -3.33
C PRO C 280 20.99 28.62 -1.87
N LEU C 281 21.33 29.81 -1.38
CA LEU C 281 21.10 30.14 0.02
C LEU C 281 19.62 30.13 0.36
N SER C 282 18.79 30.70 -0.52
CA SER C 282 17.36 30.70 -0.26
C SER C 282 16.76 29.31 -0.37
N GLU C 283 17.29 28.47 -1.26
CA GLU C 283 16.86 27.08 -1.32
C GLU C 283 17.19 26.36 -0.01
N THR C 284 18.38 26.61 0.54
CA THR C 284 18.74 26.02 1.82
C THR C 284 17.80 26.50 2.92
N LYS C 285 17.49 27.80 2.94
CA LYS C 285 16.57 28.32 3.95
C LYS C 285 15.20 27.65 3.82
N CYS C 286 14.70 27.52 2.59
CA CYS C 286 13.38 26.92 2.38
C CYS C 286 13.37 25.45 2.80
N THR C 287 14.42 24.70 2.45
CA THR C 287 14.45 23.28 2.79
C THR C 287 14.72 23.06 4.28
N LEU C 288 15.27 24.06 4.97
CA LEU C 288 15.45 23.96 6.42
C LEU C 288 14.32 24.62 7.19
N LYS C 289 13.42 25.33 6.52
CA LYS C 289 12.29 26.03 7.14
C LYS C 289 12.77 26.95 8.25
N SER C 290 13.76 27.77 7.93
CA SER C 290 14.30 28.74 8.88
C SER C 290 14.87 29.92 8.11
N PHE C 291 14.89 31.07 8.77
CA PHE C 291 15.46 32.28 8.18
C PHE C 291 16.92 32.48 8.54
N THR C 292 17.51 31.56 9.30
CA THR C 292 18.94 31.58 9.58
C THR C 292 19.46 30.15 9.49
N VAL C 293 20.73 30.02 9.10
CA VAL C 293 21.36 28.72 8.93
C VAL C 293 22.73 28.74 9.59
N GLU C 294 23.13 27.62 10.15
CA GLU C 294 24.40 27.50 10.85
C GLU C 294 25.48 26.95 9.93
N LYS C 295 26.70 26.91 10.46
CA LYS C 295 27.85 26.41 9.70
C LYS C 295 27.69 24.92 9.43
N GLY C 296 28.04 24.52 8.21
CA GLY C 296 27.99 23.12 7.84
C GLY C 296 27.75 22.97 6.35
N ILE C 297 27.42 21.73 5.96
CA ILE C 297 27.12 21.40 4.58
C ILE C 297 25.78 20.66 4.57
N TYR C 298 24.84 21.15 3.76
CA TYR C 298 23.47 20.63 3.72
C TYR C 298 23.12 20.18 2.32
N GLN C 299 22.36 19.10 2.22
CA GLN C 299 21.88 18.59 0.94
C GLN C 299 20.49 19.15 0.68
N THR C 300 20.32 19.83 -0.45
CA THR C 300 19.09 20.55 -0.76
C THR C 300 18.19 19.82 -1.75
N SER C 301 18.71 19.45 -2.91
CA SER C 301 17.89 18.84 -3.96
C SER C 301 18.75 17.84 -4.73
N ASN C 302 18.23 17.38 -5.86
CA ASN C 302 18.91 16.40 -6.70
C ASN C 302 19.06 16.94 -8.11
N PHE C 303 20.13 16.52 -8.78
CA PHE C 303 20.43 16.93 -10.14
C PHE C 303 20.37 15.72 -11.05
N ARG C 304 19.59 15.83 -12.13
CA ARG C 304 19.40 14.71 -13.05
C ARG C 304 19.34 15.22 -14.48
N VAL C 305 20.13 14.61 -15.36
CA VAL C 305 20.15 14.96 -16.77
C VAL C 305 18.87 14.45 -17.43
N GLN C 306 18.37 15.20 -18.43
CA GLN C 306 17.14 14.82 -19.11
C GLN C 306 17.43 14.40 -20.55
N PRO C 307 16.62 13.47 -21.10
CA PRO C 307 16.84 13.05 -22.49
C PRO C 307 16.57 14.18 -23.47
N THR C 308 17.27 14.13 -24.60
CA THR C 308 17.18 15.17 -25.62
C THR C 308 16.23 14.79 -26.75
N GLU C 309 16.49 13.68 -27.42
CA GLU C 309 15.66 13.23 -28.55
C GLU C 309 15.31 11.77 -28.38
N SER C 310 14.19 11.35 -28.97
CA SER C 310 13.78 9.95 -28.94
C SER C 310 14.02 9.26 -30.30
N ILE C 311 14.40 7.98 -30.28
CA ILE C 311 14.67 7.24 -31.52
C ILE C 311 14.40 5.73 -31.43
N VAL C 312 14.52 5.03 -32.57
CA VAL C 312 14.19 3.60 -32.65
C VAL C 312 14.97 2.85 -33.75
N ARG C 313 14.64 1.57 -33.93
CA ARG C 313 15.27 0.71 -34.94
C ARG C 313 14.44 -0.56 -35.17
N PHE C 314 14.39 -1.07 -36.41
CA PHE C 314 13.59 -2.24 -36.73
C PHE C 314 14.24 -2.98 -37.88
N PRO C 315 13.94 -4.28 -38.02
CA PRO C 315 14.62 -5.07 -39.06
C PRO C 315 14.31 -4.63 -40.49
N ASN C 316 14.93 -5.31 -41.45
CA ASN C 316 14.87 -4.92 -42.85
C ASN C 316 13.46 -5.06 -43.41
N ILE C 317 13.15 -4.20 -44.39
CA ILE C 317 11.94 -4.33 -45.19
C ILE C 317 12.36 -5.08 -46.46
N THR C 318 12.28 -6.40 -46.42
CA THR C 318 12.66 -7.24 -47.55
C THR C 318 11.48 -7.59 -48.46
N ASN C 319 10.69 -8.57 -48.06
CA ASN C 319 9.54 -9.01 -48.85
C ASN C 319 8.22 -8.37 -48.42
N LEU C 320 7.20 -8.50 -49.27
CA LEU C 320 5.89 -7.93 -49.01
C LEU C 320 4.83 -8.57 -49.91
N CYS C 321 3.56 -8.31 -49.60
CA CYS C 321 2.45 -8.86 -50.37
C CYS C 321 2.32 -8.13 -51.71
N PRO C 322 2.36 -8.88 -52.82
CA PRO C 322 2.25 -8.25 -54.15
C PRO C 322 0.83 -7.95 -54.59
N PHE C 323 0.31 -6.80 -54.14
CA PHE C 323 -1.00 -6.34 -54.59
C PHE C 323 -1.06 -6.08 -56.08
N GLY C 324 0.09 -5.80 -56.71
CA GLY C 324 0.09 -5.45 -58.11
C GLY C 324 -0.39 -6.57 -59.01
N GLU C 325 -0.31 -7.81 -58.54
CA GLU C 325 -0.76 -8.94 -59.34
C GLU C 325 -2.26 -8.88 -59.60
N VAL C 326 -3.04 -8.51 -58.59
CA VAL C 326 -4.50 -8.52 -58.71
C VAL C 326 -5.02 -7.15 -59.15
N PHE C 327 -4.34 -6.07 -58.76
CA PHE C 327 -4.79 -4.73 -59.14
C PHE C 327 -4.29 -4.29 -60.50
N ASN C 328 -3.38 -5.05 -61.12
CA ASN C 328 -2.85 -4.72 -62.43
C ASN C 328 -2.81 -5.95 -63.31
N ALA C 329 -3.79 -6.83 -63.16
CA ALA C 329 -3.85 -8.03 -63.98
C ALA C 329 -4.30 -7.69 -65.39
N THR C 330 -4.21 -8.68 -66.29
CA THR C 330 -4.57 -8.49 -67.68
C THR C 330 -6.04 -8.80 -67.95
N ARG C 331 -6.53 -9.92 -67.45
CA ARG C 331 -7.91 -10.33 -67.64
C ARG C 331 -8.60 -10.49 -66.29
N PHE C 332 -9.88 -10.13 -66.25
CA PHE C 332 -10.69 -10.22 -65.04
C PHE C 332 -11.85 -11.18 -65.29
N ALA C 333 -12.06 -12.09 -64.33
CA ALA C 333 -13.13 -13.07 -64.47
C ALA C 333 -14.49 -12.39 -64.41
N SER C 334 -15.48 -13.04 -65.02
CA SER C 334 -16.84 -12.52 -64.98
C SER C 334 -17.41 -12.63 -63.58
N VAL C 335 -18.58 -12.02 -63.38
CA VAL C 335 -19.15 -11.91 -62.04
C VAL C 335 -19.53 -13.28 -61.50
N TYR C 336 -20.03 -14.17 -62.36
CA TYR C 336 -20.58 -15.43 -61.89
C TYR C 336 -19.49 -16.34 -61.32
N ALA C 337 -18.50 -16.67 -62.14
CA ALA C 337 -17.36 -17.48 -61.69
C ALA C 337 -16.20 -16.57 -61.33
N TRP C 338 -16.32 -15.93 -60.18
CA TRP C 338 -15.34 -14.95 -59.73
C TRP C 338 -14.14 -15.63 -59.09
N ASN C 339 -12.95 -15.31 -59.59
CA ASN C 339 -11.72 -15.92 -59.09
C ASN C 339 -11.37 -15.34 -57.72
N ARG C 340 -11.11 -16.23 -56.75
CA ARG C 340 -10.77 -15.82 -55.40
C ARG C 340 -9.26 -15.77 -55.22
N LYS C 341 -8.85 -15.29 -54.06
CA LYS C 341 -7.44 -15.24 -53.71
C LYS C 341 -7.33 -15.29 -52.19
N ARG C 342 -6.18 -15.77 -51.71
CA ARG C 342 -5.89 -15.79 -50.28
C ARG C 342 -4.40 -15.49 -50.12
N ILE C 343 -4.09 -14.40 -49.43
CA ILE C 343 -2.72 -13.94 -49.27
C ILE C 343 -2.41 -13.77 -47.79
N SER C 344 -1.22 -14.18 -47.39
CA SER C 344 -0.79 -14.11 -46.00
C SER C 344 0.72 -14.26 -45.95
N ASN C 345 1.27 -14.09 -44.74
CA ASN C 345 2.69 -14.27 -44.46
C ASN C 345 3.54 -13.35 -45.34
N CYS C 346 3.24 -12.06 -45.26
CA CYS C 346 3.97 -11.04 -46.01
C CYS C 346 3.72 -9.69 -45.36
N VAL C 347 4.18 -8.62 -46.00
CA VAL C 347 4.00 -7.26 -45.50
C VAL C 347 3.38 -6.44 -46.63
N ALA C 348 2.20 -5.88 -46.40
CA ALA C 348 1.51 -5.05 -47.37
C ALA C 348 1.26 -3.69 -46.75
N ASP C 349 1.59 -2.64 -47.49
CA ASP C 349 1.33 -1.28 -47.05
C ASP C 349 0.02 -0.80 -47.67
N TYR C 350 -0.83 -0.17 -46.84
CA TYR C 350 -2.13 0.29 -47.28
C TYR C 350 -2.11 1.79 -47.55
N SER C 351 -1.12 2.21 -48.34
CA SER C 351 -0.98 3.61 -48.71
C SER C 351 -0.88 3.81 -50.21
N VAL C 352 -0.22 2.90 -50.93
CA VAL C 352 -0.06 3.07 -52.37
C VAL C 352 -1.42 3.02 -53.06
N LEU C 353 -2.31 2.14 -52.60
CA LEU C 353 -3.66 2.07 -53.15
C LEU C 353 -4.58 3.14 -52.58
N TYR C 354 -4.36 3.56 -51.34
CA TYR C 354 -5.23 4.56 -50.73
C TYR C 354 -5.00 5.94 -51.36
N ASN C 355 -3.74 6.31 -51.58
CA ASN C 355 -3.42 7.63 -52.08
C ASN C 355 -3.64 7.79 -53.58
N SER C 356 -3.78 6.69 -54.31
CA SER C 356 -3.97 6.79 -55.75
C SER C 356 -5.30 7.45 -56.07
N ALA C 357 -5.29 8.33 -57.08
CA ALA C 357 -6.47 9.09 -57.46
C ALA C 357 -7.30 8.39 -58.53
N SER C 358 -6.88 7.21 -58.99
CA SER C 358 -7.61 6.50 -60.02
C SER C 358 -8.86 5.79 -59.50
N PHE C 359 -9.06 5.74 -58.19
CA PHE C 359 -10.19 5.02 -57.61
C PHE C 359 -11.37 5.96 -57.48
N SER C 360 -12.44 5.67 -58.24
CA SER C 360 -13.65 6.49 -58.15
C SER C 360 -14.34 6.32 -56.81
N THR C 361 -14.36 5.10 -56.29
CA THR C 361 -15.03 4.79 -55.03
C THR C 361 -14.10 3.97 -54.14
N PHE C 362 -14.10 4.29 -52.84
CA PHE C 362 -13.30 3.55 -51.88
C PHE C 362 -14.02 3.63 -50.53
N LYS C 363 -14.80 2.61 -50.21
CA LYS C 363 -15.59 2.57 -48.99
C LYS C 363 -15.07 1.46 -48.10
N CYS C 364 -14.89 1.78 -46.82
CA CYS C 364 -14.39 0.83 -45.84
C CYS C 364 -15.41 0.62 -44.74
N TYR C 365 -15.54 -0.63 -44.29
CA TYR C 365 -16.51 -1.00 -43.27
C TYR C 365 -15.79 -1.54 -42.05
N GLY C 366 -16.09 -0.97 -40.88
CA GLY C 366 -15.52 -1.43 -39.64
C GLY C 366 -14.13 -0.91 -39.32
N VAL C 367 -13.44 -0.32 -40.29
CA VAL C 367 -12.10 0.24 -40.07
C VAL C 367 -11.99 1.54 -40.84
N SER C 368 -11.41 2.55 -40.19
CA SER C 368 -11.11 3.76 -40.95
C SER C 368 -9.84 3.57 -41.77
N PRO C 369 -9.84 4.07 -43.02
CA PRO C 369 -8.82 3.61 -43.99
C PRO C 369 -7.38 3.85 -43.57
N THR C 370 -7.09 4.91 -42.82
CA THR C 370 -5.70 5.29 -42.56
C THR C 370 -5.13 4.66 -41.30
N LYS C 371 -5.88 3.81 -40.60
CA LYS C 371 -5.36 3.13 -39.41
C LYS C 371 -5.14 1.63 -39.61
N LEU C 372 -5.32 1.11 -40.83
CA LEU C 372 -5.14 -0.32 -41.03
C LEU C 372 -3.68 -0.76 -40.88
N ASN C 373 -2.73 0.15 -41.06
CA ASN C 373 -1.32 -0.21 -40.92
C ASN C 373 -0.94 -0.46 -39.46
N ASP C 374 -1.77 0.01 -38.53
CA ASP C 374 -1.50 -0.17 -37.11
C ASP C 374 -1.96 -1.56 -36.70
N LEU C 375 -3.27 -1.73 -36.54
CA LEU C 375 -3.83 -3.02 -36.17
C LEU C 375 -3.75 -3.96 -37.36
N CYS C 376 -2.94 -5.00 -37.23
CA CYS C 376 -2.74 -5.97 -38.30
C CYS C 376 -3.59 -7.22 -38.12
N PHE C 377 -4.27 -7.62 -39.18
CA PHE C 377 -5.11 -8.83 -39.19
C PHE C 377 -4.35 -10.05 -39.72
N THR C 378 -4.73 -11.23 -39.26
CA THR C 378 -4.08 -12.49 -39.64
C THR C 378 -4.13 -12.93 -41.11
N ASN C 379 -5.29 -12.81 -41.76
CA ASN C 379 -5.44 -13.23 -43.17
C ASN C 379 -6.51 -12.40 -43.86
N VAL C 380 -6.29 -12.08 -45.14
CA VAL C 380 -7.24 -11.24 -45.86
C VAL C 380 -7.66 -11.99 -47.12
N TYR C 381 -8.55 -11.40 -47.91
CA TYR C 381 -9.03 -12.00 -49.13
C TYR C 381 -9.11 -10.95 -50.22
N ALA C 382 -9.01 -11.41 -51.47
CA ALA C 382 -9.07 -10.52 -52.64
C ALA C 382 -10.00 -11.14 -53.67
N ASP C 383 -11.29 -10.82 -53.57
CA ASP C 383 -12.25 -11.20 -54.58
C ASP C 383 -12.22 -10.20 -55.72
N SER C 384 -12.60 -10.65 -56.91
CA SER C 384 -12.53 -9.79 -58.08
C SER C 384 -13.54 -10.25 -59.13
N PHE C 385 -14.11 -9.29 -59.84
CA PHE C 385 -15.07 -9.55 -60.92
C PHE C 385 -15.30 -8.24 -61.67
N VAL C 386 -16.20 -8.27 -62.65
CA VAL C 386 -16.51 -7.12 -63.48
C VAL C 386 -18.02 -6.92 -63.52
N ILE C 387 -18.47 -5.71 -63.25
CA ILE C 387 -19.89 -5.36 -63.24
C ILE C 387 -20.07 -3.98 -63.86
N ARG C 388 -21.31 -3.51 -63.94
CA ARG C 388 -21.64 -2.24 -64.54
C ARG C 388 -21.15 -1.08 -63.67
N GLY C 389 -21.50 0.14 -64.11
CA GLY C 389 -21.18 1.33 -63.34
C GLY C 389 -22.29 1.72 -62.39
N ASP C 390 -23.53 1.73 -62.88
CA ASP C 390 -24.69 2.01 -62.06
C ASP C 390 -25.11 0.82 -61.21
N GLU C 391 -24.53 -0.34 -61.45
CA GLU C 391 -24.81 -1.56 -60.69
C GLU C 391 -23.77 -1.82 -59.61
N VAL C 392 -22.90 -0.85 -59.35
CA VAL C 392 -21.87 -1.03 -58.32
C VAL C 392 -22.50 -1.11 -56.94
N ARG C 393 -23.57 -0.34 -56.71
CA ARG C 393 -24.08 -0.15 -55.36
C ARG C 393 -24.71 -1.39 -54.75
N GLN C 394 -25.04 -2.41 -55.55
CA GLN C 394 -25.53 -3.65 -54.93
C GLN C 394 -24.48 -4.35 -54.09
N ILE C 395 -23.20 -4.04 -54.29
CA ILE C 395 -22.13 -4.64 -53.50
C ILE C 395 -22.05 -3.91 -52.17
N ALA C 396 -22.81 -4.37 -51.19
CA ALA C 396 -22.92 -3.71 -49.90
C ALA C 396 -23.57 -4.68 -48.92
N PRO C 397 -23.42 -4.45 -47.62
CA PRO C 397 -23.94 -5.42 -46.64
C PRO C 397 -25.45 -5.42 -46.54
N GLY C 398 -26.11 -6.15 -47.43
CA GLY C 398 -27.52 -6.45 -47.27
C GLY C 398 -28.51 -5.63 -48.06
N GLN C 399 -28.25 -5.45 -49.35
CA GLN C 399 -29.24 -4.90 -50.26
C GLN C 399 -29.91 -6.04 -51.01
N THR C 400 -30.76 -5.72 -51.99
CA THR C 400 -31.48 -6.73 -52.74
C THR C 400 -31.59 -6.29 -54.19
N GLY C 401 -30.96 -7.03 -55.09
CA GLY C 401 -30.98 -6.71 -56.50
C GLY C 401 -30.78 -7.91 -57.39
N LYS C 402 -29.96 -7.75 -58.43
CA LYS C 402 -29.58 -8.87 -59.29
C LYS C 402 -28.27 -9.50 -58.88
N ILE C 403 -27.42 -8.79 -58.14
CA ILE C 403 -26.14 -9.31 -57.69
C ILE C 403 -26.15 -9.63 -56.20
N ALA C 404 -26.96 -8.94 -55.40
CA ALA C 404 -27.02 -9.22 -53.97
C ALA C 404 -27.88 -10.42 -53.63
N ASP C 405 -28.47 -11.09 -54.63
CA ASP C 405 -29.33 -12.23 -54.35
C ASP C 405 -28.94 -13.44 -55.18
N TYR C 406 -28.47 -13.24 -56.40
CA TYR C 406 -28.23 -14.33 -57.33
C TYR C 406 -26.77 -14.51 -57.72
N ASN C 407 -25.91 -13.56 -57.39
CA ASN C 407 -24.48 -13.62 -57.69
C ASN C 407 -23.71 -13.43 -56.38
N TYR C 408 -22.42 -13.15 -56.50
CA TYR C 408 -21.58 -12.88 -55.35
C TYR C 408 -22.26 -11.88 -54.41
N LYS C 409 -22.56 -12.32 -53.20
CA LYS C 409 -23.36 -11.56 -52.25
C LYS C 409 -22.62 -11.42 -50.92
N LEU C 410 -22.53 -10.19 -50.41
CA LEU C 410 -21.89 -9.96 -49.13
C LEU C 410 -22.77 -10.43 -47.99
N PRO C 411 -22.19 -10.77 -46.84
CA PRO C 411 -23.00 -11.12 -45.67
C PRO C 411 -23.37 -9.89 -44.86
N ASP C 412 -24.10 -10.08 -43.77
CA ASP C 412 -24.40 -9.01 -42.83
C ASP C 412 -23.30 -8.84 -41.79
N ASP C 413 -22.31 -9.72 -41.78
CA ASP C 413 -21.23 -9.68 -40.80
C ASP C 413 -20.20 -8.63 -41.21
N PHE C 414 -19.03 -8.68 -40.59
CA PHE C 414 -17.97 -7.73 -40.90
C PHE C 414 -17.50 -7.89 -42.35
N THR C 415 -17.22 -6.76 -42.99
CA THR C 415 -16.65 -6.73 -44.32
C THR C 415 -15.54 -5.69 -44.31
N GLY C 416 -14.57 -5.85 -45.22
CA GLY C 416 -13.42 -4.97 -45.21
C GLY C 416 -13.62 -3.71 -46.02
N CYS C 417 -12.81 -3.52 -47.06
CA CYS C 417 -12.88 -2.32 -47.89
C CYS C 417 -13.21 -2.70 -49.31
N VAL C 418 -14.29 -2.14 -49.85
CA VAL C 418 -14.73 -2.41 -51.21
C VAL C 418 -14.27 -1.29 -52.11
N ILE C 419 -13.69 -1.64 -53.26
CA ILE C 419 -13.07 -0.68 -54.17
C ILE C 419 -13.68 -0.83 -55.55
N ALA C 420 -13.67 0.26 -56.30
CA ALA C 420 -14.16 0.26 -57.67
C ALA C 420 -13.57 1.45 -58.41
N TRP C 421 -13.53 1.34 -59.74
CA TRP C 421 -13.05 2.43 -60.58
C TRP C 421 -13.54 2.21 -62.00
N ASN C 422 -13.45 3.27 -62.81
CA ASN C 422 -13.89 3.21 -64.19
C ASN C 422 -12.82 2.54 -65.04
N SER C 423 -13.25 1.63 -65.92
CA SER C 423 -12.33 0.83 -66.73
C SER C 423 -12.83 0.72 -68.16
N ASN C 424 -13.28 1.84 -68.73
CA ASN C 424 -13.74 1.85 -70.11
C ASN C 424 -12.60 1.95 -71.12
N ASN C 425 -11.36 2.12 -70.67
CA ASN C 425 -10.25 2.30 -71.59
C ASN C 425 -10.00 1.04 -72.40
N LEU C 426 -9.88 -0.11 -71.73
CA LEU C 426 -9.49 -1.36 -72.37
C LEU C 426 -10.67 -2.29 -72.63
N ASP C 427 -11.90 -1.80 -72.49
CA ASP C 427 -13.10 -2.58 -72.79
C ASP C 427 -14.00 -1.70 -73.65
N SER C 428 -13.95 -1.90 -74.96
CA SER C 428 -14.52 -0.95 -75.91
C SER C 428 -14.82 -1.68 -77.22
N LYS C 429 -14.95 -0.89 -78.30
CA LYS C 429 -14.95 -1.22 -79.72
C LYS C 429 -16.30 -1.77 -80.17
N VAL C 430 -16.46 -1.93 -81.49
CA VAL C 430 -17.78 -2.12 -82.09
C VAL C 430 -18.39 -3.45 -81.64
N GLY C 431 -17.58 -4.50 -81.59
CA GLY C 431 -18.10 -5.82 -81.28
C GLY C 431 -18.71 -5.94 -79.90
N GLY C 432 -18.10 -5.32 -78.90
CA GLY C 432 -18.57 -5.45 -77.54
C GLY C 432 -18.09 -6.74 -76.91
N ASN C 433 -17.61 -6.65 -75.67
CA ASN C 433 -17.00 -7.81 -75.02
C ASN C 433 -18.07 -8.79 -74.56
N TYR C 434 -18.58 -9.60 -75.49
CA TYR C 434 -19.64 -10.55 -75.15
C TYR C 434 -19.15 -11.70 -74.29
N ASN C 435 -17.84 -11.83 -74.09
CA ASN C 435 -17.33 -12.90 -73.23
C ASN C 435 -17.84 -12.78 -71.80
N TYR C 436 -18.16 -11.57 -71.36
CA TYR C 436 -18.71 -11.38 -70.03
C TYR C 436 -20.11 -12.00 -69.93
N LEU C 437 -20.44 -12.51 -68.74
CA LEU C 437 -21.73 -13.12 -68.52
C LEU C 437 -22.11 -13.00 -67.05
N TYR C 438 -23.40 -13.15 -66.78
CA TYR C 438 -23.94 -13.03 -65.44
C TYR C 438 -25.15 -13.94 -65.30
N ARG C 439 -25.51 -14.22 -64.05
CA ARG C 439 -26.59 -15.14 -63.73
C ARG C 439 -27.89 -14.37 -63.55
N LEU C 440 -28.93 -14.75 -64.27
CA LEU C 440 -30.18 -14.00 -64.24
C LEU C 440 -31.42 -14.89 -64.18
N PHE C 441 -31.28 -16.17 -63.85
CA PHE C 441 -32.42 -17.08 -63.80
C PHE C 441 -32.34 -18.03 -62.61
N ARG C 442 -31.77 -17.58 -61.50
CA ARG C 442 -31.65 -18.40 -60.30
C ARG C 442 -33.03 -18.65 -59.70
N LYS C 443 -33.18 -19.83 -59.08
CA LYS C 443 -34.46 -20.26 -58.52
C LYS C 443 -34.60 -20.00 -57.02
N SER C 444 -33.55 -19.56 -56.35
CA SER C 444 -33.63 -19.36 -54.91
C SER C 444 -32.51 -18.44 -54.45
N ASN C 445 -32.62 -17.98 -53.21
CA ASN C 445 -31.61 -17.09 -52.65
C ASN C 445 -30.30 -17.83 -52.43
N LEU C 446 -29.25 -17.06 -52.18
CA LEU C 446 -27.91 -17.60 -51.98
C LEU C 446 -27.48 -17.49 -50.52
N LYS C 447 -26.30 -18.02 -50.25
CA LYS C 447 -25.58 -17.96 -48.99
C LYS C 447 -24.38 -17.05 -49.12
N PRO C 448 -23.94 -16.40 -48.04
CA PRO C 448 -22.76 -15.53 -48.14
C PRO C 448 -21.56 -16.23 -48.76
N PHE C 449 -21.03 -15.63 -49.83
CA PHE C 449 -19.91 -16.18 -50.59
C PHE C 449 -20.26 -17.58 -51.13
N GLU C 450 -21.24 -17.62 -52.02
CA GLU C 450 -21.71 -18.89 -52.55
C GLU C 450 -20.77 -19.43 -53.62
N ARG C 451 -20.61 -18.70 -54.72
CA ARG C 451 -19.79 -19.11 -55.86
C ARG C 451 -20.30 -20.45 -56.42
N ASP C 452 -21.50 -20.36 -56.99
CA ASP C 452 -22.09 -21.51 -57.66
C ASP C 452 -21.44 -21.71 -59.04
N ILE C 453 -21.34 -22.97 -59.45
CA ILE C 453 -20.86 -23.31 -60.78
C ILE C 453 -21.77 -24.37 -61.37
N SER C 454 -22.70 -23.97 -62.23
CA SER C 454 -23.62 -24.89 -62.86
C SER C 454 -24.25 -24.19 -64.06
N THR C 455 -24.93 -24.99 -64.88
CA THR C 455 -25.63 -24.46 -66.05
C THR C 455 -26.71 -25.45 -66.45
N GLU C 456 -27.97 -25.05 -66.29
CA GLU C 456 -29.11 -25.88 -66.68
C GLU C 456 -30.36 -25.02 -66.67
N ILE C 457 -31.34 -25.41 -67.50
CA ILE C 457 -32.58 -24.67 -67.65
C ILE C 457 -33.47 -24.90 -66.44
N TYR C 458 -34.45 -24.03 -66.23
CA TYR C 458 -35.51 -24.24 -65.26
C TYR C 458 -36.85 -23.94 -65.93
N GLN C 459 -37.83 -24.80 -65.69
CA GLN C 459 -39.18 -24.59 -66.21
C GLN C 459 -40.09 -25.66 -65.60
N ALA C 460 -41.39 -25.39 -65.64
CA ALA C 460 -42.40 -26.34 -65.15
C ALA C 460 -42.95 -27.09 -66.36
N GLY C 461 -42.14 -28.00 -66.88
CA GLY C 461 -42.55 -28.81 -68.02
C GLY C 461 -42.26 -30.28 -67.87
N SER C 462 -41.49 -30.64 -66.84
CA SER C 462 -41.13 -32.03 -66.56
C SER C 462 -40.47 -32.68 -67.78
N THR C 463 -39.63 -31.92 -68.47
CA THR C 463 -38.93 -32.40 -69.66
C THR C 463 -37.48 -32.67 -69.33
N PRO C 464 -36.97 -33.89 -69.56
CA PRO C 464 -35.60 -34.22 -69.18
C PRO C 464 -34.54 -33.36 -69.85
N CYS C 465 -34.53 -33.36 -71.18
CA CYS C 465 -33.49 -32.67 -71.95
C CYS C 465 -34.12 -31.86 -73.07
N ASN C 466 -35.15 -31.07 -72.74
CA ASN C 466 -35.89 -30.19 -73.65
C ASN C 466 -36.05 -30.73 -75.09
N ASN C 472 -39.20 -22.25 -73.30
CA ASN C 472 -39.14 -23.66 -72.93
C ASN C 472 -37.77 -24.01 -72.35
N CYS C 473 -36.72 -23.65 -73.07
CA CYS C 473 -35.35 -24.00 -72.71
C CYS C 473 -34.46 -22.76 -72.66
N TYR C 474 -34.93 -21.73 -71.98
CA TYR C 474 -34.15 -20.50 -71.88
C TYR C 474 -32.85 -20.74 -71.11
N PHE C 475 -31.75 -20.29 -71.69
CA PHE C 475 -30.44 -20.48 -71.08
C PHE C 475 -30.34 -19.66 -69.80
N PRO C 476 -29.83 -20.22 -68.71
CA PRO C 476 -29.75 -19.49 -67.45
C PRO C 476 -28.63 -18.47 -67.36
N LEU C 477 -28.01 -18.09 -68.49
CA LEU C 477 -26.97 -17.08 -68.50
C LEU C 477 -27.17 -16.17 -69.70
N GLN C 478 -27.07 -14.87 -69.47
CA GLN C 478 -27.16 -13.86 -70.52
C GLN C 478 -25.79 -13.20 -70.64
N SER C 479 -25.61 -12.40 -71.68
CA SER C 479 -24.33 -11.75 -71.97
C SER C 479 -24.47 -10.25 -71.78
N TYR C 480 -23.51 -9.66 -71.08
CA TYR C 480 -23.46 -8.21 -70.93
C TYR C 480 -23.19 -7.57 -72.29
N GLY C 481 -24.20 -6.91 -72.84
CA GLY C 481 -24.05 -6.27 -74.13
C GLY C 481 -23.30 -4.95 -74.03
N PHE C 482 -22.00 -5.02 -73.82
CA PHE C 482 -21.21 -3.81 -73.65
C PHE C 482 -20.90 -3.15 -75.00
N GLN C 483 -20.70 -1.84 -74.95
CA GLN C 483 -20.32 -1.05 -76.12
C GLN C 483 -19.94 0.35 -75.63
N PRO C 484 -19.14 1.09 -76.41
CA PRO C 484 -18.76 2.44 -75.98
C PRO C 484 -19.92 3.41 -76.04
N THR C 485 -20.81 3.33 -75.06
CA THR C 485 -21.99 4.20 -75.00
C THR C 485 -22.01 4.98 -73.69
N VAL C 488 -24.34 6.51 -69.07
CA VAL C 488 -23.21 6.78 -68.18
C VAL C 488 -23.19 5.72 -67.08
N GLY C 489 -24.25 4.91 -67.03
CA GLY C 489 -24.35 3.83 -66.08
C GLY C 489 -24.07 2.45 -66.63
N TYR C 490 -23.53 2.35 -67.85
CA TYR C 490 -23.29 1.07 -68.49
C TYR C 490 -21.83 0.80 -68.80
N GLN C 491 -20.93 1.75 -68.52
CA GLN C 491 -19.53 1.57 -68.86
C GLN C 491 -18.90 0.48 -67.98
N PRO C 492 -17.87 -0.18 -68.48
CA PRO C 492 -17.19 -1.21 -67.67
C PRO C 492 -16.58 -0.63 -66.40
N TYR C 493 -16.68 -1.39 -65.32
CA TYR C 493 -16.06 -1.08 -64.05
C TYR C 493 -15.34 -2.32 -63.53
N ARG C 494 -14.34 -2.11 -62.70
CA ARG C 494 -13.59 -3.19 -62.08
C ARG C 494 -13.79 -3.10 -60.57
N VAL C 495 -14.25 -4.17 -59.95
CA VAL C 495 -14.53 -4.21 -58.52
C VAL C 495 -13.63 -5.26 -57.89
N VAL C 496 -12.90 -4.86 -56.85
CA VAL C 496 -12.06 -5.76 -56.08
C VAL C 496 -12.37 -5.55 -54.61
N VAL C 497 -12.71 -6.63 -53.91
CA VAL C 497 -13.18 -6.57 -52.53
C VAL C 497 -12.10 -7.16 -51.63
N LEU C 498 -11.72 -6.40 -50.61
CA LEU C 498 -10.75 -6.84 -49.61
C LEU C 498 -11.52 -7.16 -48.33
N SER C 499 -11.59 -8.45 -47.99
CA SER C 499 -12.29 -8.88 -46.79
C SER C 499 -11.42 -9.83 -45.97
N PHE C 500 -11.06 -9.40 -44.76
CA PHE C 500 -10.23 -10.21 -43.88
C PHE C 500 -10.67 -10.10 -42.43
N GLU C 501 -10.15 -10.98 -41.59
CA GLU C 501 -10.49 -10.99 -40.16
C GLU C 501 -9.23 -11.04 -39.30
N LEU C 502 -9.42 -11.24 -38.00
CA LEU C 502 -8.31 -11.31 -37.06
C LEU C 502 -8.70 -12.01 -35.77
N LEU C 503 -9.18 -13.24 -35.88
CA LEU C 503 -9.60 -14.02 -34.72
C LEU C 503 -9.64 -15.52 -35.01
N HIS C 504 -8.53 -16.05 -35.51
CA HIS C 504 -8.43 -17.47 -35.83
C HIS C 504 -7.09 -18.04 -35.40
N ALA C 505 -6.03 -17.23 -35.53
CA ALA C 505 -4.69 -17.66 -35.16
C ALA C 505 -3.81 -16.44 -34.91
N PRO C 506 -2.58 -16.65 -34.43
CA PRO C 506 -1.65 -15.55 -34.16
C PRO C 506 -1.34 -14.77 -35.43
N ALA C 507 -1.17 -13.46 -35.27
CA ALA C 507 -0.99 -12.58 -36.42
C ALA C 507 0.31 -12.89 -37.14
N THR C 508 0.18 -13.27 -38.42
CA THR C 508 1.35 -13.52 -39.27
C THR C 508 1.51 -12.48 -40.37
N VAL C 509 0.53 -11.61 -40.57
CA VAL C 509 0.64 -10.49 -41.50
C VAL C 509 0.76 -9.21 -40.68
N CYS C 510 1.76 -8.39 -41.01
CA CYS C 510 2.02 -7.16 -40.26
C CYS C 510 2.31 -6.03 -41.24
N GLY C 511 2.06 -4.80 -40.79
CA GLY C 511 2.38 -3.64 -41.57
C GLY C 511 3.85 -3.29 -41.50
N PRO C 512 4.33 -2.50 -42.45
CA PRO C 512 5.75 -2.13 -42.44
C PRO C 512 6.09 -1.25 -41.25
N LYS C 513 7.33 -1.38 -40.78
CA LYS C 513 7.84 -0.61 -39.67
C LYS C 513 9.00 0.26 -40.16
N LYS C 514 8.96 1.54 -39.83
CA LYS C 514 10.00 2.48 -40.23
C LYS C 514 11.16 2.45 -39.26
N SER C 515 12.30 2.95 -39.72
CA SER C 515 13.52 2.98 -38.92
C SER C 515 14.09 4.39 -38.91
N THR C 516 14.81 4.70 -37.83
CA THR C 516 15.43 6.01 -37.65
C THR C 516 16.93 5.82 -37.44
N ASN C 517 17.71 6.83 -37.85
CA ASN C 517 19.15 6.79 -37.66
C ASN C 517 19.49 6.69 -36.17
N LEU C 518 20.49 5.89 -35.86
CA LEU C 518 20.93 5.69 -34.48
C LEU C 518 22.07 6.66 -34.16
N VAL C 519 22.11 7.13 -32.92
CA VAL C 519 23.12 8.07 -32.47
C VAL C 519 23.92 7.44 -31.35
N LYS C 520 25.09 8.01 -31.09
CA LYS C 520 26.02 7.46 -30.10
C LYS C 520 26.54 8.58 -29.20
N ASN C 521 26.90 8.20 -27.98
CA ASN C 521 27.44 9.13 -26.98
C ASN C 521 26.50 10.29 -26.72
N LYS C 522 25.21 9.99 -26.59
CA LYS C 522 24.22 11.01 -26.29
C LYS C 522 23.03 10.37 -25.60
N CYS C 523 22.40 11.11 -24.70
CA CYS C 523 21.26 10.59 -23.94
C CYS C 523 20.01 10.64 -24.79
N VAL C 524 19.45 9.47 -25.10
CA VAL C 524 18.30 9.35 -26.00
C VAL C 524 17.30 8.36 -25.41
N ASN C 525 16.17 8.24 -26.10
CA ASN C 525 15.10 7.31 -25.75
C ASN C 525 15.04 6.24 -26.83
N PHE C 526 15.75 5.14 -26.62
CA PHE C 526 15.91 4.12 -27.65
C PHE C 526 14.77 3.11 -27.60
N ASN C 527 14.55 2.46 -28.75
CA ASN C 527 13.51 1.45 -28.88
C ASN C 527 14.00 0.41 -29.89
N PHE C 528 14.59 -0.68 -29.39
CA PHE C 528 15.14 -1.73 -30.22
C PHE C 528 14.19 -2.92 -30.21
N ASN C 529 13.42 -3.07 -31.30
CA ASN C 529 12.57 -4.24 -31.50
C ASN C 529 11.62 -4.45 -30.33
N GLY C 530 11.08 -3.36 -29.80
CA GLY C 530 10.17 -3.42 -28.68
C GLY C 530 10.82 -3.30 -27.31
N LEU C 531 12.15 -3.24 -27.25
CA LEU C 531 12.86 -3.03 -25.99
C LEU C 531 13.00 -1.53 -25.76
N THR C 532 12.52 -1.06 -24.60
CA THR C 532 12.44 0.36 -24.32
C THR C 532 13.31 0.72 -23.12
N GLY C 533 13.81 1.95 -23.12
CA GLY C 533 14.62 2.43 -22.02
C GLY C 533 15.27 3.75 -22.38
N THR C 534 16.06 4.25 -21.45
CA THR C 534 16.80 5.50 -21.62
C THR C 534 18.26 5.29 -21.26
N GLY C 535 19.14 5.99 -21.95
CA GLY C 535 20.55 5.89 -21.69
C GLY C 535 21.35 6.40 -22.87
N VAL C 536 22.66 6.15 -22.81
CA VAL C 536 23.58 6.52 -23.87
C VAL C 536 24.11 5.26 -24.54
N LEU C 537 24.40 5.36 -25.84
CA LEU C 537 24.85 4.24 -26.64
C LEU C 537 26.32 4.43 -27.01
N THR C 538 27.12 3.38 -26.81
CA THR C 538 28.53 3.41 -27.16
C THR C 538 28.95 2.03 -27.64
N GLU C 539 30.06 2.00 -28.37
CA GLU C 539 30.56 0.75 -28.91
C GLU C 539 31.06 -0.16 -27.79
N SER C 540 31.06 -1.46 -28.07
CA SER C 540 31.42 -2.47 -27.08
C SER C 540 32.33 -3.50 -27.71
N ASN C 541 32.86 -4.39 -26.86
CA ASN C 541 33.71 -5.48 -27.30
C ASN C 541 33.15 -6.83 -26.86
N LYS C 542 31.85 -6.92 -26.64
CA LYS C 542 31.24 -8.18 -26.23
C LYS C 542 31.24 -9.17 -27.38
N LYS C 543 31.08 -10.45 -27.04
CA LYS C 543 31.23 -11.53 -27.99
C LYS C 543 29.94 -12.33 -28.13
N PHE C 544 28.82 -11.63 -28.30
CA PHE C 544 27.51 -12.23 -28.48
C PHE C 544 27.55 -13.43 -29.42
N LEU C 545 26.90 -14.51 -29.01
CA LEU C 545 26.74 -15.65 -29.91
C LEU C 545 25.76 -15.28 -31.02
N PRO C 546 25.88 -15.92 -32.19
CA PRO C 546 25.09 -15.48 -33.36
C PRO C 546 23.59 -15.52 -33.15
N PHE C 547 23.07 -16.35 -32.25
CA PHE C 547 21.63 -16.46 -32.06
C PHE C 547 21.10 -15.59 -30.93
N GLN C 548 21.94 -14.79 -30.28
CA GLN C 548 21.52 -13.96 -29.15
C GLN C 548 21.29 -12.52 -29.60
N GLN C 549 20.33 -11.87 -28.95
CA GLN C 549 19.93 -10.51 -29.30
C GLN C 549 20.41 -9.47 -28.29
N PHE C 550 20.09 -9.64 -27.01
CA PHE C 550 20.48 -8.69 -25.98
C PHE C 550 20.94 -9.44 -24.74
N GLY C 551 21.73 -8.75 -23.91
CA GLY C 551 22.30 -9.38 -22.74
C GLY C 551 22.15 -8.60 -21.45
N ARG C 552 21.64 -9.25 -20.41
CA ARG C 552 21.45 -8.66 -19.10
C ARG C 552 22.67 -8.93 -18.22
N ASP C 553 22.54 -8.65 -16.93
CA ASP C 553 23.64 -8.78 -15.99
C ASP C 553 23.14 -9.49 -14.73
N ILE C 554 23.96 -9.47 -13.68
CA ILE C 554 23.68 -10.21 -12.45
C ILE C 554 22.43 -9.73 -11.73
N ALA C 555 22.01 -8.49 -11.94
CA ALA C 555 20.83 -7.93 -11.27
C ALA C 555 19.66 -7.79 -12.23
N ASP C 556 19.73 -8.40 -13.41
CA ASP C 556 18.66 -8.37 -14.40
C ASP C 556 18.36 -6.94 -14.88
N THR C 557 19.39 -6.27 -15.39
CA THR C 557 19.25 -5.00 -16.08
C THR C 557 20.01 -5.10 -17.39
N THR C 558 19.37 -4.66 -18.48
CA THR C 558 19.99 -4.76 -19.79
C THR C 558 21.27 -3.94 -19.84
N ASP C 559 22.33 -4.54 -20.37
CA ASP C 559 23.64 -3.91 -20.44
C ASP C 559 24.19 -3.81 -21.86
N ALA C 560 23.63 -4.56 -22.80
CA ALA C 560 24.04 -4.48 -24.20
C ALA C 560 22.82 -4.71 -25.07
N VAL C 561 23.00 -4.50 -26.37
CA VAL C 561 21.93 -4.71 -27.34
C VAL C 561 22.56 -4.85 -28.71
N ARG C 562 21.97 -5.69 -29.55
CA ARG C 562 22.41 -5.87 -30.93
C ARG C 562 21.45 -5.14 -31.84
N ASP C 563 21.95 -4.13 -32.54
CA ASP C 563 21.09 -3.37 -33.43
C ASP C 563 20.84 -4.15 -34.71
N PRO C 564 19.62 -4.11 -35.24
CA PRO C 564 19.36 -4.73 -36.55
C PRO C 564 20.06 -3.97 -37.66
N GLN C 565 20.13 -4.63 -38.82
CA GLN C 565 20.62 -4.05 -40.07
C GLN C 565 22.13 -3.84 -40.07
N THR C 566 22.78 -4.05 -38.93
CA THR C 566 24.24 -3.96 -38.86
C THR C 566 24.90 -5.05 -38.03
N LEU C 567 24.15 -5.78 -37.19
CA LEU C 567 24.69 -6.86 -36.36
C LEU C 567 25.86 -6.38 -35.51
N GLU C 568 25.73 -5.18 -34.96
CA GLU C 568 26.75 -4.61 -34.08
C GLU C 568 26.31 -4.73 -32.62
N ILE C 569 27.29 -4.64 -31.73
CA ILE C 569 27.06 -4.76 -30.29
C ILE C 569 27.34 -3.41 -29.64
N LEU C 570 26.36 -2.87 -28.94
CA LEU C 570 26.46 -1.58 -28.28
C LEU C 570 26.37 -1.76 -26.77
N ASP C 571 26.66 -0.68 -26.05
CA ASP C 571 26.55 -0.65 -24.60
C ASP C 571 25.54 0.41 -24.18
N ILE C 572 24.98 0.23 -22.99
CA ILE C 572 24.00 1.14 -22.43
C ILE C 572 24.46 1.56 -21.04
N THR C 573 24.49 2.87 -20.80
CA THR C 573 24.95 3.42 -19.53
C THR C 573 23.91 4.39 -19.01
N PRO C 574 23.52 4.28 -17.74
CA PRO C 574 22.50 5.19 -17.20
C PRO C 574 23.01 6.63 -17.13
N CYS C 575 22.07 7.56 -17.22
CA CYS C 575 22.40 8.98 -17.18
C CYS C 575 22.92 9.38 -15.80
N SER C 576 23.79 10.38 -15.79
CA SER C 576 24.39 10.83 -14.54
C SER C 576 23.35 11.50 -13.64
N PHE C 577 23.47 11.28 -12.34
CA PHE C 577 22.61 11.93 -11.36
C PHE C 577 23.35 11.93 -10.03
N GLY C 578 22.85 12.75 -9.11
CA GLY C 578 23.45 12.84 -7.80
C GLY C 578 22.80 13.95 -7.00
N GLY C 579 23.29 14.10 -5.77
CA GLY C 579 22.79 15.15 -4.91
C GLY C 579 23.49 16.47 -5.13
N VAL C 580 22.94 17.51 -4.51
CA VAL C 580 23.52 18.85 -4.54
C VAL C 580 23.65 19.33 -3.11
N SER C 581 24.86 19.67 -2.70
CA SER C 581 25.13 20.13 -1.34
C SER C 581 25.61 21.57 -1.36
N VAL C 582 25.14 22.35 -0.39
CA VAL C 582 25.48 23.76 -0.28
C VAL C 582 26.31 23.96 0.97
N ILE C 583 27.50 24.55 0.80
CA ILE C 583 28.43 24.76 1.90
C ILE C 583 28.36 26.23 2.31
N THR C 584 28.20 26.46 3.62
CA THR C 584 28.00 27.81 4.13
C THR C 584 28.97 28.09 5.27
N PRO C 585 29.45 29.33 5.40
CA PRO C 585 30.16 29.73 6.61
C PRO C 585 29.23 30.14 7.75
N GLY C 586 27.92 30.12 7.52
CA GLY C 586 26.97 30.58 8.52
C GLY C 586 26.44 31.96 8.20
N THR C 587 25.11 32.05 8.07
CA THR C 587 24.49 33.32 7.69
C THR C 587 24.83 34.44 8.68
N ASN C 588 24.97 34.11 9.97
CA ASN C 588 25.14 35.14 10.99
C ASN C 588 26.52 35.81 10.85
N THR C 589 27.40 35.24 10.04
CA THR C 589 28.71 35.81 9.71
C THR C 589 28.78 36.35 8.29
N SER C 590 28.41 35.54 7.29
CA SER C 590 28.40 35.99 5.91
C SER C 590 27.41 35.13 5.15
N ASN C 591 27.06 35.60 3.95
CA ASN C 591 26.06 34.94 3.11
C ASN C 591 26.66 34.50 1.78
N GLN C 592 27.85 33.90 1.82
CA GLN C 592 28.46 33.26 0.66
C GLN C 592 28.21 31.76 0.71
N VAL C 593 28.16 31.13 -0.47
CA VAL C 593 27.95 29.69 -0.58
C VAL C 593 28.87 29.10 -1.64
N ALA C 594 29.11 27.80 -1.50
CA ALA C 594 29.80 27.00 -2.50
C ALA C 594 29.00 25.72 -2.69
N VAL C 595 28.91 25.25 -3.93
CA VAL C 595 28.03 24.15 -4.30
C VAL C 595 28.86 22.95 -4.72
N LEU C 596 28.48 21.77 -4.23
CA LEU C 596 29.15 20.51 -4.56
C LEU C 596 28.14 19.57 -5.20
N TYR C 597 28.41 19.18 -6.45
CA TYR C 597 27.60 18.18 -7.14
C TYR C 597 28.19 16.81 -6.85
N GLN C 598 27.41 15.94 -6.20
CA GLN C 598 27.99 14.81 -5.47
C GLN C 598 28.74 13.86 -6.39
N ASP C 599 28.10 13.37 -7.45
CA ASP C 599 28.85 12.46 -8.31
C ASP C 599 28.52 12.76 -9.78
N VAL C 600 29.25 13.72 -10.34
CA VAL C 600 29.21 14.04 -11.76
C VAL C 600 30.60 14.43 -12.20
N ASN C 601 30.98 14.05 -13.42
CA ASN C 601 32.22 14.56 -13.99
C ASN C 601 32.01 15.99 -14.44
N CYS C 602 32.89 16.89 -14.00
CA CYS C 602 32.62 18.30 -14.17
C CYS C 602 32.82 18.75 -15.61
N THR C 603 31.81 18.49 -16.44
CA THR C 603 31.77 18.98 -17.81
C THR C 603 30.40 19.58 -18.06
N GLU C 604 29.42 19.19 -17.25
CA GLU C 604 28.05 19.62 -17.39
C GLU C 604 27.72 20.69 -16.36
N VAL C 605 26.98 21.70 -16.79
CA VAL C 605 26.60 22.81 -15.92
C VAL C 605 25.49 22.38 -14.96
N SER C 625 32.04 30.55 -11.12
CA SER C 625 33.31 31.07 -10.64
C SER C 625 34.46 30.14 -11.03
N ASN C 626 35.00 29.44 -10.03
CA ASN C 626 36.08 28.48 -10.24
C ASN C 626 35.54 27.06 -10.26
N VAL C 627 36.16 26.22 -11.07
CA VAL C 627 35.79 24.83 -11.21
C VAL C 627 37.01 24.01 -10.78
N PHE C 628 36.86 23.23 -9.72
CA PHE C 628 37.94 22.43 -9.15
C PHE C 628 37.38 21.05 -8.87
N GLN C 629 37.90 20.04 -9.58
CA GLN C 629 37.36 18.69 -9.48
C GLN C 629 38.01 17.94 -8.33
N THR C 630 37.20 17.50 -7.38
CA THR C 630 37.61 16.66 -6.27
C THR C 630 37.27 15.21 -6.61
N ARG C 631 37.50 14.29 -5.67
CA ARG C 631 37.06 12.91 -5.83
C ARG C 631 35.55 12.77 -5.62
N ALA C 632 34.99 13.47 -4.63
CA ALA C 632 33.59 13.33 -4.26
C ALA C 632 32.69 14.30 -5.01
N GLY C 633 33.04 14.63 -6.25
CA GLY C 633 32.22 15.47 -7.09
C GLY C 633 32.98 16.57 -7.79
N CYS C 634 32.30 17.68 -8.09
CA CYS C 634 32.95 18.86 -8.67
C CYS C 634 32.59 20.06 -7.82
N LEU C 635 33.61 20.68 -7.22
CA LEU C 635 33.39 21.83 -6.35
C LEU C 635 33.50 23.11 -7.16
N ILE C 636 32.39 23.84 -7.28
CA ILE C 636 32.35 25.12 -8.00
C ILE C 636 32.08 26.19 -6.94
N GLY C 637 32.84 27.28 -7.00
CA GLY C 637 32.67 28.37 -6.06
C GLY C 637 33.70 28.41 -4.95
N ALA C 638 34.77 27.61 -5.07
CA ALA C 638 35.77 27.52 -4.04
C ALA C 638 37.17 27.69 -4.66
N GLU C 639 38.05 28.35 -3.90
CA GLU C 639 39.41 28.59 -4.33
C GLU C 639 40.34 27.56 -3.71
N HIS C 640 41.08 26.84 -4.55
CA HIS C 640 41.98 25.81 -4.06
C HIS C 640 43.27 26.42 -3.54
N VAL C 641 43.67 26.05 -2.33
CA VAL C 641 44.88 26.53 -1.70
C VAL C 641 45.79 25.32 -1.45
N ASN C 642 47.06 25.61 -1.18
CA ASN C 642 48.07 24.56 -1.06
C ASN C 642 48.40 24.19 0.38
N ASN C 643 48.71 25.17 1.22
CA ASN C 643 49.07 24.88 2.60
C ASN C 643 47.86 24.29 3.34
N SER C 644 48.15 23.36 4.25
CA SER C 644 47.12 22.56 4.91
C SER C 644 46.85 23.06 6.33
N TYR C 645 45.60 22.96 6.73
CA TYR C 645 45.15 23.33 8.08
C TYR C 645 44.38 22.17 8.69
N GLU C 646 43.87 22.40 9.89
CA GLU C 646 42.94 21.47 10.51
C GLU C 646 41.58 21.57 9.82
N CYS C 647 40.88 20.43 9.76
CA CYS C 647 39.62 20.37 9.04
C CYS C 647 38.58 21.29 9.70
N ASP C 648 37.79 21.96 8.87
CA ASP C 648 36.73 22.85 9.33
C ASP C 648 35.35 22.34 8.94
N ILE C 649 35.12 22.10 7.66
CA ILE C 649 33.86 21.53 7.18
C ILE C 649 34.18 20.33 6.30
N PRO C 650 33.74 19.12 6.65
CA PRO C 650 34.13 17.94 5.87
C PRO C 650 33.45 17.89 4.52
N ILE C 651 34.22 17.46 3.52
CA ILE C 651 33.72 17.24 2.17
C ILE C 651 33.81 15.78 1.78
N GLY C 652 34.96 15.15 1.99
CA GLY C 652 35.16 13.75 1.70
C GLY C 652 36.50 13.48 1.04
N ALA C 653 37.00 12.27 1.24
CA ALA C 653 38.26 11.80 0.65
C ALA C 653 39.46 12.64 1.09
N GLY C 654 39.38 13.22 2.29
CA GLY C 654 40.50 13.96 2.84
C GLY C 654 40.53 15.43 2.50
N ILE C 655 39.41 16.01 2.06
CA ILE C 655 39.34 17.41 1.66
C ILE C 655 38.34 18.13 2.55
N CYS C 656 38.69 19.32 3.02
CA CYS C 656 37.83 20.12 3.86
C CYS C 656 37.79 21.55 3.33
N ALA C 657 36.77 22.30 3.75
CA ALA C 657 36.58 23.67 3.32
C ALA C 657 36.43 24.59 4.52
N SER C 658 36.81 25.85 4.34
CA SER C 658 36.77 26.81 5.44
C SER C 658 36.63 28.21 4.86
N TYR C 659 36.33 29.17 5.74
CA TYR C 659 36.10 30.57 5.36
C TYR C 659 37.42 31.33 5.53
N GLN C 660 38.37 31.05 4.65
CA GLN C 660 39.69 31.68 4.65
C GLN C 660 40.35 31.68 6.02
N GLN C 675 37.89 36.31 3.75
CA GLN C 675 36.72 36.83 3.07
C GLN C 675 36.44 36.04 1.78
N SER C 676 36.76 34.76 1.80
CA SER C 676 36.50 33.86 0.68
C SER C 676 36.49 32.44 1.21
N ILE C 677 36.05 31.50 0.36
CA ILE C 677 35.94 30.09 0.72
C ILE C 677 37.08 29.35 0.05
N ILE C 678 37.81 28.55 0.82
CA ILE C 678 38.95 27.80 0.32
C ILE C 678 38.79 26.32 0.65
N ALA C 679 39.33 25.48 -0.22
CA ALA C 679 39.32 24.03 -0.04
C ALA C 679 40.75 23.52 -0.08
N TYR C 680 41.09 22.62 0.85
CA TYR C 680 42.46 22.16 1.01
C TYR C 680 42.44 20.67 1.36
N THR C 681 43.59 20.18 1.82
CA THR C 681 43.73 18.84 2.37
C THR C 681 43.98 18.97 3.87
N MET C 682 43.24 18.20 4.67
CA MET C 682 43.36 18.33 6.12
C MET C 682 44.71 17.82 6.60
N SER C 683 45.13 18.34 7.75
CA SER C 683 46.42 17.99 8.36
C SER C 683 46.20 17.14 9.60
N LEU C 684 47.02 16.10 9.74
CA LEU C 684 46.88 15.18 10.85
C LEU C 684 47.45 15.72 12.15
N GLY C 685 48.33 16.70 12.09
CA GLY C 685 48.87 17.30 13.30
C GLY C 685 50.31 17.74 13.09
N ALA C 686 50.84 18.37 14.13
CA ALA C 686 52.23 18.83 14.10
C ALA C 686 53.18 17.64 14.07
N GLU C 687 54.34 17.86 13.47
CA GLU C 687 55.34 16.82 13.29
C GLU C 687 56.54 17.08 14.18
N ASN C 688 56.99 16.05 14.89
CA ASN C 688 58.21 16.13 15.69
C ASN C 688 58.80 14.72 15.81
N SER C 689 60.08 14.67 16.18
CA SER C 689 60.80 13.41 16.32
C SER C 689 61.55 13.40 17.65
N VAL C 690 61.56 12.25 18.31
CA VAL C 690 62.21 12.09 19.60
C VAL C 690 63.68 11.77 19.38
N ALA C 691 64.54 12.38 20.19
CA ALA C 691 66.00 12.19 20.07
C ALA C 691 66.38 10.89 20.77
N TYR C 692 66.11 9.79 20.09
CA TYR C 692 66.41 8.48 20.64
C TYR C 692 67.92 8.22 20.69
N SER C 693 68.38 7.66 21.80
CA SER C 693 69.75 7.20 21.95
C SER C 693 69.74 6.07 22.97
N ASN C 694 70.77 5.24 22.93
CA ASN C 694 70.78 4.02 23.73
C ASN C 694 71.32 4.21 25.14
N ASN C 695 71.78 5.41 25.50
CA ASN C 695 72.25 5.68 26.85
C ASN C 695 71.80 7.07 27.33
N SER C 696 70.51 7.39 27.12
CA SER C 696 69.99 8.68 27.59
C SER C 696 68.51 8.57 27.86
N ILE C 697 68.06 9.32 28.89
CA ILE C 697 66.64 9.48 29.19
C ILE C 697 66.36 10.95 29.48
N ALA C 698 65.08 11.26 29.69
CA ALA C 698 64.64 12.57 30.14
C ALA C 698 63.69 12.40 31.31
N ILE C 699 63.91 13.14 32.38
CA ILE C 699 63.12 13.04 33.61
C ILE C 699 62.56 14.42 33.92
N PRO C 700 61.25 14.55 34.14
CA PRO C 700 60.68 15.88 34.40
C PRO C 700 61.12 16.44 35.74
N THR C 701 61.12 17.78 35.81
CA THR C 701 61.52 18.50 37.01
C THR C 701 60.39 19.26 37.68
N ASN C 702 59.25 19.43 37.02
CA ASN C 702 58.12 20.17 37.56
C ASN C 702 56.84 19.42 37.18
N PHE C 703 55.70 19.95 37.63
CA PHE C 703 54.42 19.30 37.36
C PHE C 703 53.33 20.35 37.23
N THR C 704 52.19 19.93 36.71
CA THR C 704 50.99 20.77 36.61
C THR C 704 49.79 19.97 37.09
N ILE C 705 48.74 20.70 37.47
CA ILE C 705 47.46 20.12 37.86
C ILE C 705 46.38 20.69 36.95
N SER C 706 45.59 19.82 36.35
CA SER C 706 44.60 20.23 35.37
C SER C 706 43.24 19.64 35.71
N VAL C 707 42.18 20.36 35.34
CA VAL C 707 40.81 19.94 35.55
C VAL C 707 40.09 19.98 34.22
N THR C 708 39.40 18.88 33.88
CA THR C 708 38.67 18.76 32.63
C THR C 708 37.28 18.20 32.90
N THR C 709 36.37 18.43 31.95
CA THR C 709 34.96 18.08 32.11
C THR C 709 34.55 17.00 31.11
N GLU C 710 33.60 16.18 31.54
CA GLU C 710 33.03 15.12 30.71
C GLU C 710 31.52 15.11 30.91
N ILE C 711 30.78 14.99 29.80
CA ILE C 711 29.33 15.13 29.80
C ILE C 711 28.70 13.85 29.28
N LEU C 712 27.73 13.31 30.03
CA LEU C 712 27.06 12.06 29.67
C LEU C 712 25.56 12.16 29.93
N PRO C 713 24.72 11.85 28.94
CA PRO C 713 23.27 11.81 29.18
C PRO C 713 22.83 10.47 29.77
N VAL C 714 21.81 10.53 30.61
CA VAL C 714 21.35 9.36 31.34
C VAL C 714 19.91 8.96 31.03
N SER C 715 19.06 9.89 30.59
CA SER C 715 17.65 9.57 30.41
C SER C 715 17.03 10.55 29.44
N MET C 716 15.75 10.33 29.14
CA MET C 716 14.98 11.16 28.22
C MET C 716 13.57 11.32 28.80
N THR C 717 12.66 11.84 27.97
CA THR C 717 11.33 12.18 28.44
C THR C 717 10.39 10.98 28.40
N LYS C 718 9.50 10.89 29.38
CA LYS C 718 8.59 9.76 29.53
C LYS C 718 7.24 10.06 28.87
N THR C 719 7.27 10.25 27.56
CA THR C 719 6.03 10.50 26.84
C THR C 719 5.22 9.20 26.71
N SER C 720 3.92 9.37 26.50
CA SER C 720 3.02 8.24 26.35
C SER C 720 1.86 8.65 25.44
N VAL C 721 1.46 7.75 24.56
CA VAL C 721 0.46 8.01 23.53
C VAL C 721 -0.67 7.00 23.67
N ASP C 722 -1.88 7.45 23.35
CA ASP C 722 -3.05 6.57 23.36
C ASP C 722 -3.33 6.08 21.95
N CYS C 723 -3.52 4.78 21.80
CA CYS C 723 -3.63 4.18 20.46
C CYS C 723 -4.98 4.48 19.81
N THR C 724 -6.07 4.41 20.56
CA THR C 724 -7.41 4.51 19.99
C THR C 724 -7.96 5.94 20.05
N MET C 725 -7.21 6.88 20.61
CA MET C 725 -7.58 8.29 20.57
C MET C 725 -6.82 9.08 19.52
N TYR C 726 -5.58 8.66 19.22
CA TYR C 726 -4.85 9.24 18.10
C TYR C 726 -5.55 8.93 16.77
N ILE C 727 -6.06 7.72 16.63
CA ILE C 727 -6.59 7.26 15.35
C ILE C 727 -8.02 7.73 15.15
N CYS C 728 -8.92 7.43 16.09
CA CYS C 728 -10.34 7.66 15.92
C CYS C 728 -10.80 8.95 16.62
N GLY C 729 -10.60 9.04 17.92
CA GLY C 729 -11.00 10.22 18.67
C GLY C 729 -12.39 10.08 19.24
N ASP C 730 -13.21 11.10 19.05
CA ASP C 730 -14.58 11.09 19.55
C ASP C 730 -15.41 10.01 18.87
N SER C 731 -15.19 9.82 17.56
CA SER C 731 -16.04 8.94 16.77
C SER C 731 -16.09 7.53 17.32
N THR C 732 -17.30 6.98 17.41
CA THR C 732 -17.52 5.59 17.80
C THR C 732 -17.77 4.69 16.61
N GLU C 733 -17.99 5.25 15.42
CA GLU C 733 -18.06 4.47 14.19
C GLU C 733 -16.69 4.15 13.63
N CYS C 734 -15.64 4.77 14.15
CA CYS C 734 -14.27 4.42 13.81
C CYS C 734 -13.67 3.39 14.73
N SER C 735 -14.01 3.43 16.03
CA SER C 735 -13.48 2.45 16.96
C SER C 735 -14.05 1.06 16.73
N ASN C 736 -15.30 0.97 16.27
CA ASN C 736 -15.89 -0.33 15.97
C ASN C 736 -15.30 -0.96 14.72
N LEU C 737 -14.79 -0.14 13.78
CA LEU C 737 -14.13 -0.64 12.59
C LEU C 737 -12.66 -0.97 12.83
N LEU C 738 -12.11 -0.61 13.99
CA LEU C 738 -10.73 -0.89 14.32
C LEU C 738 -10.58 -2.15 15.16
N LEU C 739 -11.67 -2.66 15.74
CA LEU C 739 -11.62 -3.90 16.50
C LEU C 739 -11.40 -5.12 15.60
N GLN C 740 -11.49 -4.97 14.29
CA GLN C 740 -11.22 -6.05 13.36
C GLN C 740 -9.74 -6.25 13.08
N TYR C 741 -8.88 -5.41 13.66
CA TYR C 741 -7.44 -5.54 13.51
C TYR C 741 -6.79 -6.24 14.69
N GLY C 742 -7.59 -6.79 15.60
CA GLY C 742 -7.03 -7.54 16.72
C GLY C 742 -6.31 -6.65 17.71
N SER C 743 -5.28 -7.22 18.35
CA SER C 743 -4.56 -6.55 19.42
C SER C 743 -3.35 -5.78 18.85
N PHE C 744 -3.64 -4.83 17.97
CA PHE C 744 -2.62 -3.94 17.43
C PHE C 744 -2.51 -2.63 18.21
N CYS C 745 -3.32 -2.45 19.25
CA CYS C 745 -3.28 -1.23 20.05
C CYS C 745 -2.74 -1.45 21.46
N THR C 746 -2.67 -2.70 21.93
CA THR C 746 -2.11 -2.97 23.25
C THR C 746 -0.61 -3.10 23.23
N GLN C 747 -0.03 -3.62 22.14
CA GLN C 747 1.41 -3.81 22.08
C GLN C 747 2.16 -2.48 22.12
N LEU C 748 1.65 -1.47 21.41
CA LEU C 748 2.31 -0.16 21.42
C LEU C 748 2.28 0.46 22.79
N ASN C 749 1.14 0.38 23.48
CA ASN C 749 1.04 0.92 24.83
C ASN C 749 1.98 0.18 25.78
N ARG C 750 2.07 -1.14 25.62
CA ARG C 750 2.98 -1.93 26.46
C ARG C 750 4.43 -1.50 26.26
N ALA C 751 4.84 -1.32 25.00
CA ALA C 751 6.22 -0.92 24.72
C ALA C 751 6.52 0.46 25.28
N LEU C 752 5.60 1.42 25.09
CA LEU C 752 5.80 2.75 25.61
C LEU C 752 5.88 2.75 27.13
N THR C 753 5.03 1.95 27.78
CA THR C 753 5.09 1.83 29.24
C THR C 753 6.42 1.25 29.68
N GLY C 754 6.94 0.26 28.95
CA GLY C 754 8.24 -0.31 29.31
C GLY C 754 9.35 0.72 29.25
N ILE C 755 9.39 1.51 28.17
CA ILE C 755 10.41 2.55 28.07
C ILE C 755 10.27 3.57 29.20
N ALA C 756 9.04 4.00 29.47
CA ALA C 756 8.81 4.98 30.52
C ALA C 756 9.25 4.47 31.88
N VAL C 757 9.03 3.18 32.15
CA VAL C 757 9.46 2.60 33.42
C VAL C 757 10.97 2.53 33.49
N GLU C 758 11.63 2.15 32.38
CA GLU C 758 13.09 2.02 32.40
C GLU C 758 13.79 3.36 32.63
N GLN C 759 13.16 4.46 32.16
CA GLN C 759 13.80 5.77 32.27
C GLN C 759 14.00 6.23 33.71
N ASP C 760 13.32 5.61 34.68
CA ASP C 760 13.54 5.93 36.08
C ASP C 760 14.60 5.05 36.73
N LYS C 761 14.64 3.78 36.34
CA LYS C 761 15.71 2.90 36.80
C LYS C 761 17.07 3.41 36.34
N ASN C 762 17.13 4.05 35.18
CA ASN C 762 18.40 4.62 34.73
C ASN C 762 18.97 5.60 35.76
N THR C 763 18.16 6.59 36.16
CA THR C 763 18.62 7.59 37.13
C THR C 763 18.86 6.96 38.49
N GLN C 764 17.99 6.02 38.91
CA GLN C 764 18.15 5.39 40.20
C GLN C 764 19.48 4.65 40.29
N GLU C 765 19.89 4.00 39.21
CA GLU C 765 21.17 3.29 39.22
C GLU C 765 22.35 4.23 39.07
N VAL C 766 22.19 5.36 38.37
CA VAL C 766 23.33 6.27 38.22
C VAL C 766 23.62 7.01 39.51
N PHE C 767 22.59 7.58 40.14
CA PHE C 767 22.81 8.55 41.21
C PHE C 767 22.73 7.98 42.61
N ALA C 768 21.86 7.01 42.87
CA ALA C 768 21.66 6.49 44.22
C ALA C 768 22.75 5.47 44.57
N GLN C 769 23.97 5.99 44.72
CA GLN C 769 25.13 5.17 45.06
C GLN C 769 25.51 5.26 46.54
N VAL C 770 24.81 6.05 47.33
CA VAL C 770 25.11 6.21 48.74
C VAL C 770 23.88 5.84 49.56
N LYS C 771 24.11 5.38 50.78
CA LYS C 771 23.03 4.92 51.64
C LYS C 771 22.59 5.96 52.67
N GLN C 772 23.44 6.92 52.99
CA GLN C 772 23.12 7.96 53.96
C GLN C 772 23.63 9.30 53.47
N ILE C 773 23.14 10.37 54.08
CA ILE C 773 23.44 11.72 53.65
C ILE C 773 24.53 12.28 54.55
N TYR C 774 25.68 12.58 53.98
CA TYR C 774 26.80 13.16 54.70
C TYR C 774 26.74 14.68 54.66
N LYS C 775 27.43 15.32 55.59
CA LYS C 775 27.39 16.77 55.72
C LYS C 775 28.79 17.32 55.93
N THR C 776 29.07 18.45 55.29
CA THR C 776 30.35 19.13 55.39
C THR C 776 30.46 19.89 56.71
N PRO C 777 31.67 20.01 57.27
CA PRO C 777 31.82 20.74 58.52
C PRO C 777 31.48 22.20 58.34
N PRO C 778 30.93 22.85 59.36
CA PRO C 778 30.59 24.28 59.23
C PRO C 778 31.80 25.19 59.03
N ILE C 779 32.99 24.75 59.42
CA ILE C 779 34.21 25.54 59.28
C ILE C 779 35.02 24.96 58.13
N LYS C 780 35.28 25.77 57.12
CA LYS C 780 36.02 25.32 55.93
C LYS C 780 37.51 25.58 56.16
N ASP C 781 38.19 24.56 56.69
CA ASP C 781 39.64 24.60 56.89
C ASP C 781 40.20 23.30 56.29
N PHE C 782 40.49 23.36 54.98
CA PHE C 782 40.94 22.18 54.23
C PHE C 782 42.39 22.32 53.77
N GLY C 783 43.20 23.04 54.53
CA GLY C 783 44.61 23.20 54.18
C GLY C 783 44.88 24.19 53.08
N GLY C 784 43.89 24.98 52.68
CA GLY C 784 44.08 25.98 51.65
C GLY C 784 43.37 25.70 50.33
N PHE C 785 42.47 24.72 50.30
CA PHE C 785 41.77 24.34 49.08
C PHE C 785 40.38 24.98 49.08
N ASN C 786 40.18 25.99 48.24
CA ASN C 786 38.83 26.34 47.80
C ASN C 786 38.05 25.15 47.29
N PHE C 787 36.81 25.04 47.77
CA PHE C 787 35.82 24.11 47.25
C PHE C 787 34.49 24.82 47.02
N SER C 788 34.51 26.16 46.95
CA SER C 788 33.29 26.95 46.95
C SER C 788 32.45 26.73 45.71
N GLN C 789 33.09 26.55 44.55
CA GLN C 789 32.35 26.46 43.29
C GLN C 789 31.61 25.14 43.14
N ILE C 790 31.83 24.16 44.02
CA ILE C 790 31.17 22.87 43.91
C ILE C 790 30.26 22.56 45.10
N LEU C 791 30.47 23.18 46.25
CA LEU C 791 29.60 22.94 47.39
C LEU C 791 28.30 23.74 47.25
N PRO C 792 27.20 23.28 47.84
CA PRO C 792 25.93 23.97 47.69
C PRO C 792 25.94 25.36 48.30
N ASP C 793 25.12 26.24 47.73
CA ASP C 793 25.04 27.63 48.15
C ASP C 793 23.91 27.80 49.15
N PRO C 794 24.18 28.24 50.38
CA PRO C 794 23.10 28.37 51.36
C PRO C 794 22.02 29.38 50.96
N SER C 795 22.40 30.47 50.29
CA SER C 795 21.44 31.53 49.99
C SER C 795 20.61 31.24 48.75
N LYS C 796 21.01 30.28 47.93
CA LYS C 796 20.25 29.96 46.73
C LYS C 796 18.90 29.36 47.11
N PRO C 797 17.82 29.71 46.40
CA PRO C 797 16.51 29.11 46.72
C PRO C 797 16.49 27.61 46.60
N SER C 798 17.19 27.04 45.61
CA SER C 798 17.18 25.62 45.36
C SER C 798 18.42 24.89 45.88
N LYS C 799 19.34 25.61 46.52
CA LYS C 799 20.53 25.03 47.14
C LYS C 799 21.38 24.28 46.11
N ARG C 800 21.82 25.01 45.10
CA ARG C 800 22.70 24.49 44.07
C ARG C 800 24.05 25.19 44.14
N SER C 801 25.09 24.48 43.73
CA SER C 801 26.40 25.10 43.60
C SER C 801 26.39 26.06 42.41
N PRO C 802 27.31 27.03 42.40
CA PRO C 802 27.34 27.97 41.26
C PRO C 802 27.49 27.29 39.90
N ILE C 803 28.31 26.25 39.81
CA ILE C 803 28.50 25.58 38.53
C ILE C 803 27.23 24.84 38.11
N GLU C 804 26.53 24.24 39.08
CA GLU C 804 25.26 23.60 38.76
C GLU C 804 24.23 24.62 38.27
N ASP C 805 24.22 25.80 38.89
CA ASP C 805 23.31 26.86 38.44
C ASP C 805 23.66 27.32 37.03
N LEU C 806 24.95 27.42 36.72
CA LEU C 806 25.36 27.80 35.37
C LEU C 806 24.96 26.73 34.36
N LEU C 807 25.08 25.46 34.74
CA LEU C 807 24.71 24.37 33.84
C LEU C 807 23.20 24.35 33.60
N PHE C 808 22.41 24.64 34.63
CA PHE C 808 20.96 24.55 34.50
C PHE C 808 20.37 25.70 33.69
N ASN C 809 21.16 26.74 33.39
CA ASN C 809 20.69 27.86 32.59
C ASN C 809 21.28 27.86 31.18
N LYS C 810 22.08 26.85 30.83
CA LYS C 810 22.68 26.77 29.51
C LYS C 810 21.92 25.83 28.56
N VAL C 811 21.07 24.96 29.10
CA VAL C 811 20.28 24.03 28.29
C VAL C 811 18.88 24.61 28.13
N THR C 812 18.46 24.79 26.87
CA THR C 812 17.16 25.34 26.55
C THR C 812 16.30 24.27 25.89
N LEU C 813 15.13 24.03 26.45
CA LEU C 813 14.21 23.04 25.90
C LEU C 813 13.28 23.67 24.87
N GLN C 838 2.07 18.69 20.91
CA GLN C 838 2.94 17.95 21.82
C GLN C 838 2.12 17.11 22.80
N LYS C 839 1.10 17.72 23.40
CA LYS C 839 0.24 17.06 24.37
C LYS C 839 -1.21 17.46 24.15
N PHE C 840 -1.65 17.45 22.90
CA PHE C 840 -2.96 17.97 22.53
C PHE C 840 -3.92 16.93 21.96
N ASN C 841 -3.44 15.95 21.20
CA ASN C 841 -4.30 15.04 20.45
C ASN C 841 -4.16 13.61 20.96
N GLY C 842 -4.18 13.44 22.27
CA GLY C 842 -3.99 12.12 22.88
C GLY C 842 -2.61 11.88 23.41
N LEU C 843 -1.72 12.86 23.35
CA LEU C 843 -0.36 12.75 23.86
C LEU C 843 -0.27 13.36 25.25
N THR C 844 0.63 12.82 26.06
CA THR C 844 0.83 13.34 27.41
C THR C 844 2.26 13.03 27.85
N VAL C 845 2.73 13.79 28.83
CA VAL C 845 4.08 13.65 29.36
C VAL C 845 3.98 13.34 30.84
N LEU C 846 4.58 12.22 31.26
CA LEU C 846 4.57 11.86 32.66
C LEU C 846 5.76 12.49 33.38
N PRO C 847 5.60 12.90 34.63
CA PRO C 847 6.70 13.54 35.36
C PRO C 847 7.67 12.51 35.90
N PRO C 848 8.94 12.87 36.03
CA PRO C 848 9.92 11.94 36.62
C PRO C 848 9.67 11.76 38.11
N LEU C 849 10.13 10.61 38.61
CA LEU C 849 9.90 10.26 40.02
C LEU C 849 10.82 11.04 40.95
N LEU C 850 12.05 11.28 40.53
CA LEU C 850 13.03 12.01 41.34
C LEU C 850 13.08 13.46 40.87
N THR C 851 12.65 14.38 41.72
CA THR C 851 12.75 15.79 41.41
C THR C 851 14.21 16.24 41.46
N ASP C 852 14.49 17.39 40.85
CA ASP C 852 15.87 17.85 40.71
C ASP C 852 16.51 18.18 42.05
N GLU C 853 15.70 18.59 43.04
CA GLU C 853 16.25 18.87 44.36
C GLU C 853 16.79 17.61 45.01
N MET C 854 16.10 16.48 44.82
CA MET C 854 16.59 15.21 45.36
C MET C 854 17.93 14.83 44.73
N ILE C 855 18.06 15.02 43.42
CA ILE C 855 19.32 14.72 42.74
C ILE C 855 20.44 15.62 43.23
N ALA C 856 20.12 16.91 43.44
CA ALA C 856 21.12 17.82 44.00
C ALA C 856 21.56 17.37 45.40
N GLN C 857 20.61 16.92 46.22
CA GLN C 857 20.96 16.40 47.53
C GLN C 857 21.84 15.16 47.43
N TYR C 858 21.54 14.28 46.48
CA TYR C 858 22.35 13.08 46.29
C TYR C 858 23.79 13.44 45.95
N THR C 859 23.97 14.33 44.96
CA THR C 859 25.34 14.71 44.57
C THR C 859 26.05 15.45 45.69
N SER C 860 25.33 16.26 46.46
CA SER C 860 25.95 16.96 47.58
C SER C 860 26.43 15.96 48.65
N ALA C 861 25.63 14.93 48.91
CA ALA C 861 26.05 13.90 49.86
C ALA C 861 27.28 13.16 49.37
N LEU C 862 27.31 12.81 48.08
CA LEU C 862 28.49 12.15 47.53
C LEU C 862 29.73 13.04 47.67
N LEU C 863 29.58 14.33 47.36
CA LEU C 863 30.70 15.26 47.43
C LEU C 863 31.20 15.42 48.86
N ALA C 864 30.29 15.56 49.82
CA ALA C 864 30.70 15.68 51.21
C ALA C 864 31.41 14.43 51.70
N GLY C 865 30.90 13.25 51.30
CA GLY C 865 31.55 12.02 51.70
C GLY C 865 32.96 11.91 51.16
N THR C 866 33.16 12.23 49.87
CA THR C 866 34.50 12.10 49.31
C THR C 866 35.43 13.20 49.82
N ILE C 867 34.90 14.36 50.20
CA ILE C 867 35.76 15.39 50.78
C ILE C 867 36.22 14.99 52.17
N THR C 868 35.33 14.44 53.00
CA THR C 868 35.69 14.20 54.39
C THR C 868 36.40 12.86 54.60
N SER C 869 35.97 11.80 53.93
CA SER C 869 36.48 10.46 54.22
C SER C 869 37.52 9.95 53.22
N GLY C 870 37.38 10.25 51.94
CA GLY C 870 38.27 9.70 50.94
C GLY C 870 37.58 8.66 50.09
N TRP C 871 38.20 7.48 49.96
CA TRP C 871 37.55 6.35 49.30
C TRP C 871 37.00 5.34 50.29
N THR C 872 37.07 5.63 51.60
CA THR C 872 36.69 4.66 52.61
C THR C 872 35.19 4.55 52.80
N PHE C 873 34.41 5.50 52.29
CA PHE C 873 32.97 5.42 52.44
C PHE C 873 32.30 4.64 51.32
N GLY C 874 33.07 4.09 50.39
CA GLY C 874 32.52 3.22 49.37
C GLY C 874 32.75 1.74 49.65
N ALA C 875 33.57 1.45 50.66
CA ALA C 875 33.87 0.07 51.05
C ALA C 875 33.07 -0.37 52.28
N GLY C 876 33.18 0.37 53.37
CA GLY C 876 32.43 0.09 54.58
C GLY C 876 32.00 1.36 55.28
N PRO C 877 32.22 1.43 56.59
CA PRO C 877 31.97 2.68 57.31
C PRO C 877 32.97 3.75 56.92
N ALA C 878 32.55 5.00 57.08
CA ALA C 878 33.38 6.14 56.71
C ALA C 878 34.29 6.52 57.87
N LEU C 879 35.56 6.75 57.55
CA LEU C 879 36.57 7.14 58.53
C LEU C 879 37.20 8.46 58.10
N GLN C 880 37.43 9.34 59.07
CA GLN C 880 37.91 10.67 58.77
C GLN C 880 39.41 10.66 58.48
N ILE C 881 39.84 11.61 57.66
CA ILE C 881 41.24 11.77 57.28
C ILE C 881 41.47 13.23 56.89
N PRO C 882 42.49 13.89 57.42
CA PRO C 882 42.78 15.26 56.98
C PRO C 882 43.10 15.30 55.50
N PHE C 883 42.64 16.36 54.83
CA PHE C 883 42.75 16.41 53.38
C PHE C 883 44.18 16.39 52.86
N PRO C 884 45.15 17.13 53.42
CA PRO C 884 46.52 17.00 52.93
C PRO C 884 47.06 15.58 53.01
N MET C 885 46.68 14.82 54.03
CA MET C 885 47.13 13.44 54.11
C MET C 885 46.47 12.57 53.05
N GLN C 886 45.19 12.82 52.76
CA GLN C 886 44.54 12.12 51.65
C GLN C 886 45.24 12.43 50.33
N MET C 887 45.60 13.69 50.11
CA MET C 887 46.27 14.04 48.86
C MET C 887 47.67 13.43 48.79
N ALA C 888 48.36 13.33 49.93
CA ALA C 888 49.65 12.67 49.95
C ALA C 888 49.52 11.19 49.61
N TYR C 889 48.48 10.53 50.13
CA TYR C 889 48.23 9.14 49.75
C TYR C 889 47.94 9.01 48.26
N ARG C 890 47.13 9.91 47.71
CA ARG C 890 46.83 9.84 46.28
C ARG C 890 48.05 10.16 45.43
N PHE C 891 48.98 10.97 45.95
CA PHE C 891 50.25 11.19 45.26
C PHE C 891 51.11 9.94 45.29
N ASN C 892 51.11 9.23 46.43
CA ASN C 892 51.83 7.96 46.52
C ASN C 892 51.22 6.92 45.59
N GLY C 893 49.93 7.04 45.29
CA GLY C 893 49.26 6.07 44.44
C GLY C 893 49.69 6.09 42.99
N ILE C 894 50.36 7.15 42.55
CA ILE C 894 50.84 7.26 41.17
C ILE C 894 52.35 7.12 41.08
N GLY C 895 53.02 6.81 42.18
CA GLY C 895 54.45 6.58 42.16
C GLY C 895 55.31 7.77 42.56
N VAL C 896 54.73 8.82 43.11
CA VAL C 896 55.47 10.00 43.56
C VAL C 896 55.44 10.03 45.08
N THR C 897 56.61 10.20 45.69
CA THR C 897 56.71 10.18 47.14
C THR C 897 55.94 11.36 47.74
N GLN C 898 55.49 11.18 48.99
CA GLN C 898 54.59 12.14 49.60
C GLN C 898 55.30 13.42 50.02
N ASN C 899 56.61 13.36 50.29
CA ASN C 899 57.32 14.57 50.66
C ASN C 899 57.32 15.60 49.54
N VAL C 900 57.09 15.17 48.30
CA VAL C 900 56.94 16.11 47.20
C VAL C 900 55.75 17.04 47.44
N LEU C 901 54.62 16.48 47.88
CA LEU C 901 53.47 17.32 48.18
C LEU C 901 53.65 18.04 49.52
N TYR C 902 54.23 17.37 50.52
CA TYR C 902 54.37 18.00 51.83
C TYR C 902 55.28 19.21 51.78
N GLU C 903 56.25 19.23 50.88
CA GLU C 903 57.13 20.39 50.75
C GLU C 903 56.69 21.37 49.67
N ASN C 904 55.67 21.03 48.88
CA ASN C 904 55.15 21.91 47.84
C ASN C 904 53.64 22.03 47.96
N GLN C 905 53.15 22.25 49.19
CA GLN C 905 51.71 22.22 49.44
C GLN C 905 51.01 23.48 48.91
N LYS C 906 51.60 24.65 49.17
CA LYS C 906 50.96 25.91 48.79
C LYS C 906 50.83 26.04 47.28
N LEU C 907 51.87 25.66 46.54
CA LEU C 907 51.83 25.73 45.09
C LEU C 907 50.73 24.84 44.52
N ILE C 908 50.61 23.62 45.04
CA ILE C 908 49.58 22.69 44.56
C ILE C 908 48.19 23.22 44.88
N ALA C 909 48.01 23.78 46.08
CA ALA C 909 46.71 24.36 46.43
C ALA C 909 46.34 25.50 45.50
N ASN C 910 47.31 26.38 45.21
CA ASN C 910 47.02 27.51 44.31
C ASN C 910 46.69 27.03 42.90
N GLN C 911 47.43 26.04 42.40
CA GLN C 911 47.14 25.51 41.07
C GLN C 911 45.76 24.88 41.02
N PHE C 912 45.39 24.14 42.07
CA PHE C 912 44.05 23.54 42.13
C PHE C 912 42.97 24.63 42.10
N ASN C 913 43.16 25.68 42.89
CA ASN C 913 42.16 26.74 42.94
C ASN C 913 42.02 27.42 41.58
N SER C 914 43.14 27.73 40.92
CA SER C 914 43.07 28.40 39.63
C SER C 914 42.45 27.50 38.56
N ALA C 915 42.78 26.20 38.58
CA ALA C 915 42.19 25.28 37.62
C ALA C 915 40.69 25.16 37.82
N ILE C 916 40.24 25.14 39.08
CA ILE C 916 38.79 25.11 39.33
C ILE C 916 38.16 26.42 38.88
N GLY C 917 38.85 27.54 39.05
CA GLY C 917 38.29 28.82 38.63
C GLY C 917 38.10 28.93 37.13
N LYS C 918 39.04 28.40 36.36
CA LYS C 918 38.95 28.50 34.90
C LYS C 918 37.75 27.77 34.31
N ILE C 919 37.23 26.76 35.02
CA ILE C 919 36.18 25.91 34.47
C ILE C 919 34.90 26.71 34.24
N GLN C 920 34.55 27.59 35.17
CA GLN C 920 33.32 28.37 35.02
C GLN C 920 33.38 29.26 33.79
N ASP C 921 34.52 29.93 33.57
CA ASP C 921 34.67 30.75 32.38
C ASP C 921 34.60 29.90 31.11
N SER C 922 35.28 28.75 31.11
CA SER C 922 35.26 27.89 29.93
C SER C 922 33.85 27.41 29.62
N LEU C 923 33.05 27.15 30.65
CA LEU C 923 31.67 26.71 30.43
C LEU C 923 30.79 27.85 29.96
N SER C 924 30.92 29.03 30.57
CA SER C 924 30.02 30.13 30.29
C SER C 924 30.39 30.93 29.05
N SER C 925 31.56 30.70 28.46
CA SER C 925 31.96 31.44 27.27
C SER C 925 31.80 30.64 25.98
N THR C 926 32.39 29.45 25.91
CA THR C 926 32.37 28.67 24.68
C THR C 926 30.96 28.17 24.39
N PRO C 927 30.46 28.35 23.17
CA PRO C 927 29.14 27.82 22.81
C PRO C 927 29.22 26.36 22.41
N SER C 928 28.04 25.75 22.28
CA SER C 928 27.88 24.35 21.88
C SER C 928 28.68 23.40 22.77
N ALA C 929 28.89 23.79 24.03
CA ALA C 929 29.54 22.90 24.98
C ALA C 929 28.59 21.82 25.49
N LEU C 930 27.29 22.10 25.52
CA LEU C 930 26.29 21.18 26.04
C LEU C 930 25.51 20.49 24.92
N GLY C 931 26.17 20.19 23.80
CA GLY C 931 25.48 19.58 22.67
C GLY C 931 24.98 18.18 22.94
N LYS C 932 25.72 17.41 23.74
CA LYS C 932 25.34 16.03 24.00
C LYS C 932 24.02 15.95 24.75
N LEU C 933 23.77 16.89 25.65
CA LEU C 933 22.53 16.92 26.40
C LEU C 933 21.39 17.63 25.68
N GLN C 934 21.66 18.21 24.51
CA GLN C 934 20.64 18.93 23.74
C GLN C 934 20.18 18.16 22.51
N ASP C 935 21.05 17.32 21.93
CA ASP C 935 20.71 16.60 20.73
C ASP C 935 19.55 15.64 20.95
N VAL C 936 19.52 14.97 22.11
CA VAL C 936 18.43 14.04 22.40
C VAL C 936 17.09 14.76 22.49
N VAL C 937 17.08 15.92 23.15
CA VAL C 937 15.86 16.72 23.24
C VAL C 937 15.40 17.13 21.85
N ASN C 938 16.33 17.59 21.01
CA ASN C 938 15.97 17.99 19.66
C ASN C 938 15.37 16.82 18.88
N GLN C 939 15.98 15.64 18.98
CA GLN C 939 15.50 14.48 18.23
C GLN C 939 14.11 14.07 18.69
N ASN C 940 13.87 14.05 20.01
CA ASN C 940 12.56 13.66 20.50
C ASN C 940 11.49 14.66 20.07
N ALA C 941 11.81 15.97 20.14
CA ALA C 941 10.85 16.98 19.70
C ALA C 941 10.54 16.84 18.22
N GLN C 942 11.55 16.57 17.40
CA GLN C 942 11.32 16.39 15.96
C GLN C 942 10.43 15.19 15.70
N ALA C 943 10.67 14.08 16.39
CA ALA C 943 9.84 12.89 16.19
C ALA C 943 8.39 13.16 16.57
N LEU C 944 8.17 13.84 17.71
CA LEU C 944 6.80 14.14 18.11
C LEU C 944 6.12 15.08 17.13
N ASN C 945 6.86 16.06 16.61
CA ASN C 945 6.30 16.98 15.64
C ASN C 945 5.89 16.26 14.37
N THR C 946 6.72 15.34 13.89
CA THR C 946 6.36 14.57 12.70
C THR C 946 5.12 13.71 12.96
N LEU C 947 5.06 13.07 14.13
CA LEU C 947 3.89 12.25 14.45
C LEU C 947 2.61 13.09 14.43
N VAL C 948 2.66 14.28 15.02
CA VAL C 948 1.47 15.13 15.04
C VAL C 948 1.12 15.59 13.62
N LYS C 949 2.13 16.02 12.85
CA LYS C 949 1.87 16.52 11.51
C LYS C 949 1.32 15.45 10.57
N GLN C 950 1.55 14.17 10.87
CA GLN C 950 1.01 13.11 10.02
C GLN C 950 -0.51 13.01 10.07
N LEU C 951 -1.17 13.70 11.01
CA LEU C 951 -2.63 13.63 11.11
C LEU C 951 -3.33 14.40 10.00
N SER C 952 -2.62 15.23 9.24
CA SER C 952 -3.23 16.05 8.21
C SER C 952 -3.21 15.40 6.84
N SER C 953 -2.63 14.22 6.70
CA SER C 953 -2.56 13.55 5.40
C SER C 953 -3.90 12.90 5.07
N ASN C 954 -4.06 12.54 3.80
CA ASN C 954 -5.30 11.99 3.28
C ASN C 954 -5.26 10.48 3.09
N PHE C 955 -4.14 9.95 2.62
CA PHE C 955 -3.92 8.53 2.38
C PHE C 955 -4.90 7.94 1.37
N GLY C 956 -5.69 8.76 0.69
CA GLY C 956 -6.59 8.31 -0.36
C GLY C 956 -8.05 8.69 -0.16
N ALA C 957 -8.47 8.97 1.07
CA ALA C 957 -9.86 9.29 1.33
C ALA C 957 -10.21 10.66 0.76
N ILE C 958 -11.51 10.99 0.77
CA ILE C 958 -11.96 12.25 0.20
C ILE C 958 -11.71 13.43 1.13
N SER C 959 -11.41 13.18 2.40
CA SER C 959 -11.13 14.25 3.34
C SER C 959 -10.29 13.69 4.49
N SER C 960 -9.42 14.53 5.03
CA SER C 960 -8.52 14.13 6.09
C SER C 960 -9.09 14.32 7.48
N VAL C 961 -10.30 14.85 7.60
CA VAL C 961 -10.97 15.03 8.88
C VAL C 961 -12.17 14.10 8.94
N LEU C 962 -12.25 13.29 9.99
CA LEU C 962 -13.25 12.23 10.07
C LEU C 962 -14.66 12.78 10.25
N ASN C 963 -14.79 13.92 10.93
CA ASN C 963 -16.11 14.49 11.16
C ASN C 963 -16.79 14.89 9.85
N ASP C 964 -16.01 15.38 8.89
CA ASP C 964 -16.58 15.82 7.62
C ASP C 964 -17.19 14.64 6.87
N ILE C 965 -16.42 13.56 6.70
CA ILE C 965 -16.94 12.41 5.98
C ILE C 965 -18.00 11.66 6.79
N LEU C 966 -18.03 11.85 8.11
CA LEU C 966 -19.12 11.27 8.88
C LEU C 966 -20.41 12.06 8.74
N SER C 967 -20.31 13.38 8.63
CA SER C 967 -21.49 14.24 8.51
C SER C 967 -21.93 14.44 7.07
N ARG C 968 -21.16 13.94 6.09
CA ARG C 968 -21.52 14.13 4.70
C ARG C 968 -21.99 12.86 4.00
N LEU C 969 -21.44 11.70 4.33
CA LEU C 969 -21.71 10.47 3.62
C LEU C 969 -22.49 9.47 4.47
N ASP C 970 -23.03 8.45 3.81
CA ASP C 970 -23.74 7.37 4.47
C ASP C 970 -22.76 6.28 4.90
N PRO C 971 -23.12 5.48 5.90
CA PRO C 971 -22.18 4.48 6.46
C PRO C 971 -21.63 3.51 5.42
N PRO C 972 -22.46 2.97 4.51
CA PRO C 972 -21.90 1.99 3.56
C PRO C 972 -20.77 2.53 2.72
N GLU C 973 -20.83 3.81 2.35
CA GLU C 973 -19.73 4.44 1.62
C GLU C 973 -18.75 5.17 2.54
N ALA C 974 -19.08 5.29 3.83
CA ALA C 974 -18.15 5.88 4.78
C ALA C 974 -17.12 4.87 5.29
N GLU C 975 -17.48 3.58 5.30
CA GLU C 975 -16.53 2.57 5.76
C GLU C 975 -15.29 2.53 4.87
N VAL C 976 -15.49 2.59 3.55
CA VAL C 976 -14.37 2.53 2.62
C VAL C 976 -13.43 3.70 2.83
N GLN C 977 -13.98 4.89 3.08
CA GLN C 977 -13.14 6.06 3.32
C GLN C 977 -12.40 5.94 4.65
N ILE C 978 -13.08 5.46 5.70
CA ILE C 978 -12.46 5.41 7.02
C ILE C 978 -11.32 4.39 7.05
N ASP C 979 -11.44 3.31 6.28
CA ASP C 979 -10.41 2.26 6.32
C ASP C 979 -9.04 2.79 5.93
N ARG C 980 -8.97 3.66 4.92
CA ARG C 980 -7.69 4.17 4.45
C ARG C 980 -6.99 5.00 5.52
N LEU C 981 -7.75 5.89 6.17
CA LEU C 981 -7.18 6.68 7.26
C LEU C 981 -6.71 5.79 8.40
N ILE C 982 -7.49 4.76 8.74
CA ILE C 982 -7.10 3.86 9.82
C ILE C 982 -5.76 3.19 9.48
N THR C 983 -5.62 2.70 8.25
CA THR C 983 -4.39 2.03 7.84
C THR C 983 -3.19 2.98 7.93
N GLY C 984 -3.32 4.18 7.37
CA GLY C 984 -2.20 5.12 7.39
C GLY C 984 -1.78 5.50 8.80
N ARG C 985 -2.75 5.79 9.67
CA ARG C 985 -2.43 6.21 11.03
C ARG C 985 -1.79 5.08 11.82
N LEU C 986 -2.27 3.84 11.62
CA LEU C 986 -1.65 2.70 12.26
C LEU C 986 -0.19 2.56 11.84
N GLN C 987 0.09 2.70 10.54
CA GLN C 987 1.46 2.59 10.07
C GLN C 987 2.37 3.65 10.69
N SER C 988 1.89 4.90 10.75
CA SER C 988 2.71 5.96 11.32
C SER C 988 3.00 5.70 12.80
N LEU C 989 1.99 5.23 13.55
CA LEU C 989 2.21 4.92 14.96
C LEU C 989 3.26 3.83 15.14
N GLN C 990 3.19 2.78 14.30
CA GLN C 990 4.18 1.70 14.40
C GLN C 990 5.59 2.22 14.16
N THR C 991 5.75 3.06 13.14
CA THR C 991 7.08 3.61 12.85
C THR C 991 7.61 4.41 14.05
N TYR C 992 6.76 5.25 14.63
CA TYR C 992 7.17 6.04 15.79
C TYR C 992 7.66 5.14 16.92
N VAL C 993 6.89 4.08 17.22
CA VAL C 993 7.24 3.22 18.34
C VAL C 993 8.57 2.51 18.09
N THR C 994 8.80 2.03 16.88
CA THR C 994 10.06 1.34 16.60
C THR C 994 11.26 2.26 16.78
N GLN C 995 11.18 3.48 16.24
CA GLN C 995 12.30 4.42 16.40
C GLN C 995 12.54 4.75 17.87
N GLN C 996 11.45 4.90 18.64
CA GLN C 996 11.61 5.17 20.06
C GLN C 996 12.33 4.03 20.77
N LEU C 997 12.01 2.79 20.41
CA LEU C 997 12.69 1.64 21.04
C LEU C 997 14.19 1.67 20.78
N ILE C 998 14.58 1.94 19.53
CA ILE C 998 16.02 1.97 19.21
C ILE C 998 16.72 3.08 20.00
N ARG C 999 16.12 4.28 20.04
CA ARG C 999 16.74 5.38 20.76
C ARG C 999 16.85 5.08 22.26
N ALA C 1000 15.83 4.41 22.82
CA ALA C 1000 15.87 4.04 24.23
C ALA C 1000 17.00 3.08 24.53
N ALA C 1001 17.25 2.12 23.63
CA ALA C 1001 18.39 1.22 23.83
C ALA C 1001 19.71 1.99 23.85
N GLU C 1002 19.87 2.94 22.93
CA GLU C 1002 21.10 3.74 22.93
C GLU C 1002 21.27 4.52 24.24
N ILE C 1003 20.18 5.14 24.71
CA ILE C 1003 20.25 5.91 25.95
C ILE C 1003 20.60 5.01 27.13
N ARG C 1004 20.05 3.78 27.16
CA ARG C 1004 20.37 2.87 28.24
C ARG C 1004 21.84 2.51 28.26
N ALA C 1005 22.44 2.28 27.09
CA ALA C 1005 23.87 2.01 27.05
C ALA C 1005 24.67 3.18 27.61
N SER C 1006 24.30 4.41 27.24
CA SER C 1006 25.01 5.58 27.76
C SER C 1006 24.88 5.67 29.28
N ALA C 1007 23.69 5.40 29.81
CA ALA C 1007 23.47 5.47 31.25
C ALA C 1007 24.28 4.43 32.00
N ASN C 1008 24.39 3.21 31.44
CA ASN C 1008 25.23 2.19 32.05
C ASN C 1008 26.69 2.64 32.12
N LEU C 1009 27.19 3.23 31.03
CA LEU C 1009 28.56 3.74 31.06
C LEU C 1009 28.73 4.82 32.12
N ALA C 1010 27.75 5.72 32.24
CA ALA C 1010 27.84 6.78 33.24
C ALA C 1010 27.88 6.22 34.66
N ALA C 1011 27.05 5.21 34.94
CA ALA C 1011 27.06 4.60 36.27
C ALA C 1011 28.41 3.95 36.56
N THR C 1012 28.97 3.23 35.58
CA THR C 1012 30.27 2.62 35.78
C THR C 1012 31.34 3.67 36.05
N LYS C 1013 31.33 4.77 35.29
CA LYS C 1013 32.30 5.83 35.50
C LYS C 1013 32.17 6.45 36.88
N MET C 1014 30.94 6.68 37.34
CA MET C 1014 30.74 7.17 38.69
C MET C 1014 31.39 6.25 39.72
N SER C 1015 31.07 4.96 39.64
CA SER C 1015 31.58 4.01 40.63
C SER C 1015 33.11 3.96 40.61
N GLU C 1016 33.72 3.96 39.42
CA GLU C 1016 35.15 3.73 39.34
C GLU C 1016 35.97 4.99 39.65
N CYS C 1017 35.59 6.13 39.07
CA CYS C 1017 36.40 7.34 39.25
C CYS C 1017 36.04 8.13 40.49
N VAL C 1018 34.77 8.20 40.87
CA VAL C 1018 34.40 9.06 41.99
C VAL C 1018 34.63 8.36 43.32
N LEU C 1019 34.25 7.10 43.44
CA LEU C 1019 34.35 6.38 44.70
C LEU C 1019 35.75 5.81 44.96
N GLY C 1020 36.61 5.77 43.95
CA GLY C 1020 37.96 5.28 44.14
C GLY C 1020 38.94 5.93 43.18
N GLN C 1021 40.19 5.47 43.19
CA GLN C 1021 41.22 5.99 42.29
C GLN C 1021 41.51 4.96 41.21
N SER C 1022 41.39 5.37 39.95
CA SER C 1022 41.47 4.45 38.83
C SER C 1022 42.88 4.42 38.25
N LYS C 1023 43.25 3.25 37.71
CA LYS C 1023 44.56 3.06 37.12
C LYS C 1023 44.52 2.79 35.62
N ARG C 1024 43.37 2.43 35.06
CA ARG C 1024 43.27 2.30 33.62
C ARG C 1024 43.39 3.68 32.97
N VAL C 1025 44.15 3.74 31.89
CA VAL C 1025 44.59 5.03 31.34
C VAL C 1025 43.48 5.63 30.48
N ASP C 1026 43.40 6.96 30.52
CA ASP C 1026 42.46 7.74 29.72
C ASP C 1026 41.01 7.35 29.98
N PHE C 1027 40.72 6.86 31.19
CA PHE C 1027 39.36 6.54 31.60
C PHE C 1027 38.73 7.64 32.43
N CYS C 1028 39.49 8.23 33.34
CA CYS C 1028 39.01 9.36 34.13
C CYS C 1028 39.87 10.59 33.87
N GLY C 1029 40.17 10.86 32.61
CA GLY C 1029 40.92 12.04 32.21
C GLY C 1029 42.23 11.69 31.53
N LYS C 1030 42.85 12.73 30.98
CA LYS C 1030 44.14 12.61 30.31
C LYS C 1030 45.26 12.94 31.27
N GLY C 1031 45.97 11.92 31.75
CA GLY C 1031 47.06 12.08 32.68
C GLY C 1031 46.97 11.04 33.77
N TYR C 1032 47.72 11.26 34.85
CA TYR C 1032 47.70 10.38 36.00
C TYR C 1032 46.58 10.81 36.94
N HIS C 1033 45.59 9.95 37.11
CA HIS C 1033 44.37 10.30 37.81
C HIS C 1033 44.63 10.52 39.30
N LEU C 1034 43.96 11.54 39.87
CA LEU C 1034 44.00 11.80 41.30
C LEU C 1034 42.63 11.67 41.95
N MET C 1035 41.62 12.39 41.46
CA MET C 1035 40.27 12.32 42.00
C MET C 1035 39.31 12.90 40.97
N SER C 1036 38.01 12.89 41.32
CA SER C 1036 36.98 13.45 40.45
C SER C 1036 35.80 13.89 41.31
N PHE C 1037 35.01 14.80 40.76
CA PHE C 1037 33.86 15.38 41.45
C PHE C 1037 32.65 15.34 40.53
N PRO C 1038 31.48 14.95 41.02
CA PRO C 1038 30.28 14.95 40.18
C PRO C 1038 29.47 16.22 40.28
N GLN C 1039 28.75 16.53 39.21
CA GLN C 1039 27.77 17.61 39.18
C GLN C 1039 26.57 17.14 38.39
N SER C 1040 25.39 17.64 38.76
CA SER C 1040 24.17 17.26 38.09
C SER C 1040 23.89 18.19 36.90
N ALA C 1041 22.95 17.77 36.06
CA ALA C 1041 22.58 18.51 34.86
C ALA C 1041 21.22 18.01 34.40
N PRO C 1042 20.55 18.76 33.51
CA PRO C 1042 19.27 18.27 32.98
C PRO C 1042 19.43 17.02 32.13
N HIS C 1043 18.91 15.89 32.63
CA HIS C 1043 18.99 14.61 31.94
C HIS C 1043 20.44 14.20 31.68
N GLY C 1044 21.32 14.45 32.64
CA GLY C 1044 22.70 14.10 32.44
C GLY C 1044 23.50 14.25 33.71
N VAL C 1045 24.83 14.11 33.56
CA VAL C 1045 25.76 14.25 34.68
C VAL C 1045 27.08 14.75 34.11
N VAL C 1046 27.80 15.52 34.92
CA VAL C 1046 29.06 16.15 34.52
C VAL C 1046 30.13 15.80 35.54
N PHE C 1047 31.31 15.41 35.06
CA PHE C 1047 32.44 15.06 35.91
C PHE C 1047 33.55 16.08 35.75
N LEU C 1048 34.28 16.32 36.84
CA LEU C 1048 35.42 17.24 36.86
C LEU C 1048 36.66 16.44 37.25
N HIS C 1049 37.35 15.91 36.25
CA HIS C 1049 38.48 15.02 36.50
C HIS C 1049 39.73 15.82 36.80
N VAL C 1050 40.41 15.45 37.89
CA VAL C 1050 41.65 16.10 38.33
C VAL C 1050 42.80 15.13 38.10
N THR C 1051 43.80 15.56 37.34
CA THR C 1051 44.90 14.70 36.93
C THR C 1051 46.24 15.36 37.22
N TYR C 1052 47.31 14.63 36.96
CA TYR C 1052 48.68 15.09 37.17
C TYR C 1052 49.42 14.98 35.85
N VAL C 1053 49.97 16.10 35.38
CA VAL C 1053 50.65 16.16 34.09
C VAL C 1053 52.09 16.62 34.32
N PRO C 1054 53.09 15.86 33.88
CA PRO C 1054 54.49 16.27 34.09
C PRO C 1054 54.85 17.50 33.28
N ALA C 1055 55.90 18.18 33.73
CA ALA C 1055 56.30 19.47 33.17
C ALA C 1055 57.78 19.46 32.79
N GLN C 1056 58.35 20.65 32.59
CA GLN C 1056 59.70 20.86 32.03
C GLN C 1056 60.71 19.80 32.46
N GLU C 1057 61.42 19.23 31.48
CA GLU C 1057 62.26 18.06 31.68
C GLU C 1057 63.74 18.39 31.44
N LYS C 1058 64.58 17.38 31.59
CA LYS C 1058 66.02 17.50 31.46
C LYS C 1058 66.60 16.16 31.05
N ASN C 1059 67.63 16.20 30.19
CA ASN C 1059 68.11 15.02 29.46
C ASN C 1059 69.45 14.58 30.05
N PHE C 1060 69.59 13.28 30.30
CA PHE C 1060 70.66 12.79 31.16
C PHE C 1060 71.35 11.59 30.50
N THR C 1061 72.21 10.94 31.28
CA THR C 1061 72.97 9.75 30.89
C THR C 1061 72.73 8.64 31.89
N THR C 1062 72.54 7.43 31.42
CA THR C 1062 72.11 6.31 32.25
C THR C 1062 73.09 5.15 32.18
N ALA C 1063 72.73 4.07 32.88
CA ALA C 1063 73.41 2.78 32.91
C ALA C 1063 72.50 1.75 33.57
N PRO C 1064 72.31 0.57 32.98
CA PRO C 1064 71.43 -0.43 33.61
C PRO C 1064 72.01 -1.06 34.86
N ALA C 1065 73.31 -0.93 35.10
CA ALA C 1065 73.92 -1.52 36.29
C ALA C 1065 75.21 -0.77 36.58
N ILE C 1066 75.78 -1.04 37.76
CA ILE C 1066 77.03 -0.44 38.20
C ILE C 1066 77.89 -1.54 38.80
N CYS C 1067 79.14 -1.64 38.34
CA CYS C 1067 80.05 -2.70 38.76
C CYS C 1067 80.95 -2.19 39.89
N HIS C 1068 81.05 -2.97 40.95
CA HIS C 1068 81.89 -2.61 42.10
C HIS C 1068 82.28 -3.90 42.82
N ASP C 1069 83.59 -4.11 42.97
CA ASP C 1069 84.14 -5.31 43.62
C ASP C 1069 83.65 -6.58 42.94
N GLY C 1070 83.53 -6.54 41.61
CA GLY C 1070 83.15 -7.71 40.86
C GLY C 1070 81.68 -8.06 40.89
N LYS C 1071 80.84 -7.23 41.51
CA LYS C 1071 79.41 -7.49 41.62
C LYS C 1071 78.63 -6.43 40.87
N ALA C 1072 77.49 -6.84 40.30
CA ALA C 1072 76.61 -5.94 39.57
C ALA C 1072 75.48 -5.49 40.49
N HIS C 1073 75.29 -4.18 40.58
CA HIS C 1073 74.27 -3.58 41.43
C HIS C 1073 73.15 -3.00 40.57
N PHE C 1074 71.92 -3.21 41.01
CA PHE C 1074 70.73 -2.70 40.34
C PHE C 1074 69.91 -1.87 41.32
N PRO C 1075 69.17 -0.87 40.84
CA PRO C 1075 68.42 -0.02 41.77
C PRO C 1075 67.11 -0.68 42.19
N ARG C 1076 66.73 -0.45 43.45
CA ARG C 1076 65.47 -0.97 43.96
C ARG C 1076 64.29 -0.28 43.30
N GLU C 1077 64.17 1.03 43.51
CA GLU C 1077 63.22 1.85 42.79
C GLU C 1077 63.96 3.05 42.20
N GLY C 1078 63.74 3.32 40.93
CA GLY C 1078 64.39 4.42 40.25
C GLY C 1078 65.37 3.94 39.21
N VAL C 1079 66.08 4.92 38.64
CA VAL C 1079 67.02 4.70 37.55
C VAL C 1079 68.28 5.52 37.78
N PHE C 1080 69.44 4.92 37.56
CA PHE C 1080 70.69 5.65 37.66
C PHE C 1080 70.76 6.76 36.62
N VAL C 1081 71.21 7.94 37.06
CA VAL C 1081 71.48 9.06 36.16
C VAL C 1081 72.83 9.66 36.52
N SER C 1082 73.33 10.51 35.63
CA SER C 1082 74.58 11.20 35.84
C SER C 1082 74.53 12.53 35.11
N ASN C 1083 75.05 13.58 35.75
CA ASN C 1083 75.07 14.91 35.17
C ASN C 1083 76.36 15.20 34.43
N GLY C 1084 77.24 14.21 34.29
CA GLY C 1084 78.48 14.41 33.56
C GLY C 1084 79.71 13.88 34.29
N THR C 1085 79.71 13.97 35.62
CA THR C 1085 80.88 13.58 36.39
C THR C 1085 80.53 12.65 37.54
N HIS C 1086 79.31 12.73 38.04
CA HIS C 1086 78.89 11.99 39.21
C HIS C 1086 77.60 11.23 38.92
N TRP C 1087 77.43 10.10 39.60
CA TRP C 1087 76.28 9.21 39.38
C TRP C 1087 75.38 9.23 40.60
N PHE C 1088 74.07 9.37 40.37
CA PHE C 1088 73.08 9.39 41.45
C PHE C 1088 71.97 8.39 41.20
N VAL C 1089 70.95 8.40 42.06
CA VAL C 1089 69.73 7.63 41.89
C VAL C 1089 68.54 8.57 42.04
N THR C 1090 67.59 8.49 41.11
CA THR C 1090 66.38 9.30 41.16
C THR C 1090 65.18 8.43 40.85
N GLN C 1091 64.01 8.88 41.31
CA GLN C 1091 62.79 8.19 40.92
C GLN C 1091 62.39 8.60 39.51
N ARG C 1092 61.42 7.86 38.96
CA ARG C 1092 61.14 7.97 37.52
C ARG C 1092 60.40 9.26 37.17
N ASN C 1093 59.43 9.65 37.99
CA ASN C 1093 58.52 10.74 37.63
C ASN C 1093 58.90 12.09 38.22
N PHE C 1094 60.02 12.18 38.94
CA PHE C 1094 60.43 13.44 39.54
C PHE C 1094 61.93 13.38 39.81
N TYR C 1095 62.62 14.46 39.48
CA TYR C 1095 64.08 14.48 39.62
C TYR C 1095 64.45 14.78 41.07
N GLU C 1096 65.07 13.80 41.72
CA GLU C 1096 65.50 13.94 43.11
C GLU C 1096 66.73 13.09 43.33
N PRO C 1097 67.92 13.64 43.10
CA PRO C 1097 69.13 12.83 43.13
C PRO C 1097 69.50 12.39 44.53
N GLN C 1098 70.07 11.18 44.64
CA GLN C 1098 70.54 10.63 45.90
C GLN C 1098 71.89 9.99 45.68
N ILE C 1099 72.72 10.02 46.72
CA ILE C 1099 74.02 9.36 46.65
C ILE C 1099 73.83 7.86 46.66
N ILE C 1100 74.48 7.17 45.73
CA ILE C 1100 74.31 5.72 45.61
C ILE C 1100 74.90 5.04 46.83
N THR C 1101 74.08 4.28 47.55
CA THR C 1101 74.53 3.55 48.71
C THR C 1101 74.04 2.11 48.65
N THR C 1102 74.22 1.35 49.72
CA THR C 1102 73.76 -0.03 49.78
C THR C 1102 72.33 -0.17 50.28
N ASP C 1103 71.63 0.95 50.49
CA ASP C 1103 70.25 0.91 50.95
C ASP C 1103 69.24 1.15 49.84
N ASN C 1104 69.67 1.61 48.67
CA ASN C 1104 68.79 1.80 47.54
C ASN C 1104 69.15 0.94 46.34
N THR C 1105 70.16 0.08 46.45
CA THR C 1105 70.57 -0.82 45.39
C THR C 1105 70.70 -2.24 45.93
N PHE C 1106 70.29 -3.22 45.14
CA PHE C 1106 70.52 -4.61 45.46
C PHE C 1106 71.52 -5.21 44.47
N VAL C 1107 72.14 -6.31 44.86
CA VAL C 1107 73.25 -6.90 44.14
C VAL C 1107 72.90 -8.33 43.75
N SER C 1108 73.14 -8.69 42.48
CA SER C 1108 72.92 -10.05 42.03
C SER C 1108 73.75 -10.29 40.77
N GLY C 1109 74.82 -11.07 40.89
CA GLY C 1109 75.60 -11.49 39.74
C GLY C 1109 77.00 -10.94 39.76
N ASN C 1110 77.61 -10.94 38.57
CA ASN C 1110 78.95 -10.40 38.35
C ASN C 1110 78.89 -9.35 37.24
N CYS C 1111 80.06 -8.82 36.88
CA CYS C 1111 80.16 -7.74 35.90
C CYS C 1111 80.41 -8.25 34.48
N ASP C 1112 79.92 -9.43 34.15
CA ASP C 1112 80.17 -10.02 32.84
C ASP C 1112 78.92 -10.31 32.03
N VAL C 1113 77.74 -10.35 32.65
CA VAL C 1113 76.52 -10.75 31.95
C VAL C 1113 75.86 -9.57 31.26
N VAL C 1114 75.67 -8.45 31.97
CA VAL C 1114 74.96 -7.33 31.40
C VAL C 1114 75.79 -6.68 30.29
N ILE C 1115 75.11 -6.06 29.34
CA ILE C 1115 75.79 -5.50 28.18
C ILE C 1115 76.43 -4.16 28.52
N GLY C 1116 75.59 -3.18 28.92
CA GLY C 1116 76.10 -1.88 29.32
C GLY C 1116 76.27 -1.82 30.82
N ILE C 1117 77.48 -1.44 31.25
CA ILE C 1117 77.81 -1.38 32.66
C ILE C 1117 78.96 -0.40 32.83
N VAL C 1118 78.93 0.34 33.94
CA VAL C 1118 79.89 1.41 34.20
C VAL C 1118 80.59 1.13 35.52
N ASN C 1119 81.66 1.88 35.77
CA ASN C 1119 82.47 1.74 36.98
C ASN C 1119 82.19 2.90 37.92
N ASN C 1120 81.89 2.58 39.17
CA ASN C 1120 81.63 3.57 40.20
C ASN C 1120 81.71 2.87 41.55
N THR C 1121 81.74 3.68 42.61
CA THR C 1121 81.85 3.18 43.97
C THR C 1121 80.54 3.39 44.71
N VAL C 1122 80.16 2.41 45.53
CA VAL C 1122 79.02 2.52 46.41
C VAL C 1122 79.54 2.60 47.84
N TYR C 1123 78.76 3.24 48.71
CA TYR C 1123 79.15 3.47 50.09
C TYR C 1123 78.12 2.84 51.02
N ASP C 1124 78.60 2.19 52.07
CA ASP C 1124 77.68 1.65 53.06
C ASP C 1124 77.68 2.54 54.30
N PRO C 1125 76.49 2.94 54.79
CA PRO C 1125 76.45 3.82 55.96
C PRO C 1125 77.03 3.20 57.23
N LEU C 1126 77.15 1.87 57.26
CA LEU C 1126 77.68 1.21 58.46
C LEU C 1126 79.16 1.48 58.65
N GLN C 1127 79.92 1.59 57.56
CA GLN C 1127 81.36 1.78 57.67
C GLN C 1127 81.76 3.04 58.41
N PRO C 1128 81.25 4.24 58.08
CA PRO C 1128 81.66 5.42 58.85
C PRO C 1128 81.08 5.44 60.25
N GLU C 1129 79.89 4.88 60.45
CA GLU C 1129 79.31 4.83 61.80
C GLU C 1129 80.14 3.96 62.72
N LEU C 1130 80.61 2.81 62.24
CA LEU C 1130 81.44 1.93 63.06
C LEU C 1130 82.81 2.55 63.33
N ASP C 1131 83.41 3.15 62.30
CA ASP C 1131 84.73 3.75 62.44
C ASP C 1131 84.68 5.02 63.27
N PRO D 11 11.33 -52.70 -23.27
CA PRO D 11 12.37 -53.02 -24.26
C PRO D 11 13.76 -52.66 -23.75
N ALA D 12 14.69 -52.45 -24.67
CA ALA D 12 16.06 -52.08 -24.31
C ALA D 12 16.07 -50.70 -23.69
N TYR D 13 16.32 -50.63 -22.38
CA TYR D 13 16.31 -49.38 -21.64
C TYR D 13 17.73 -48.91 -21.36
N THR D 14 17.98 -47.63 -21.62
CA THR D 14 19.28 -47.02 -21.38
C THR D 14 19.06 -45.69 -20.66
N ASN D 15 20.06 -45.28 -19.87
CA ASN D 15 19.99 -44.01 -19.17
C ASN D 15 20.48 -42.89 -20.08
N SER D 16 19.94 -41.69 -19.86
CA SER D 16 20.31 -40.52 -20.63
C SER D 16 21.50 -39.79 -20.06
N PHE D 17 22.02 -40.23 -18.91
CA PHE D 17 23.14 -39.57 -18.23
C PHE D 17 22.83 -38.09 -17.98
N THR D 18 23.58 -37.20 -18.63
CA THR D 18 23.42 -35.76 -18.47
C THR D 18 23.25 -35.08 -19.82
N ARG D 19 22.39 -35.64 -20.67
CA ARG D 19 22.15 -35.13 -22.01
C ARG D 19 20.75 -34.54 -22.10
N GLY D 20 20.60 -33.57 -23.00
CA GLY D 20 19.31 -32.96 -23.23
C GLY D 20 19.12 -31.60 -22.59
N VAL D 21 20.12 -30.73 -22.72
CA VAL D 21 20.07 -29.38 -22.18
C VAL D 21 20.16 -28.39 -23.35
N TYR D 22 19.25 -27.42 -23.38
CA TYR D 22 19.17 -26.46 -24.47
C TYR D 22 19.15 -25.05 -23.93
N TYR D 23 19.43 -24.09 -24.81
CA TYR D 23 19.36 -22.68 -24.43
C TYR D 23 17.90 -22.23 -24.38
N PRO D 24 17.39 -21.80 -23.23
CA PRO D 24 15.96 -21.52 -23.12
C PRO D 24 15.56 -20.10 -23.49
N ASP D 25 16.45 -19.12 -23.35
CA ASP D 25 16.05 -17.72 -23.28
C ASP D 25 16.59 -16.83 -24.38
N LYS D 26 17.70 -17.18 -25.03
CA LYS D 26 18.35 -16.41 -26.10
C LYS D 26 19.06 -15.17 -25.56
N VAL D 27 18.88 -14.85 -24.28
CA VAL D 27 19.55 -13.70 -23.66
C VAL D 27 21.00 -14.05 -23.37
N PHE D 28 21.91 -13.16 -23.74
CA PHE D 28 23.33 -13.36 -23.47
C PHE D 28 23.64 -13.15 -21.99
N ARG D 29 24.57 -13.94 -21.47
CA ARG D 29 25.03 -13.82 -20.10
C ARG D 29 26.48 -14.27 -20.05
N SER D 30 27.16 -13.92 -18.95
CA SER D 30 28.58 -14.26 -18.82
C SER D 30 28.96 -14.40 -17.36
N SER D 31 29.60 -15.52 -17.03
CA SER D 31 30.16 -15.76 -15.70
C SER D 31 29.10 -15.63 -14.61
N VAL D 32 27.90 -16.16 -14.86
CA VAL D 32 26.81 -16.14 -13.90
C VAL D 32 26.16 -17.52 -13.87
N LEU D 33 25.47 -17.81 -12.77
CA LEU D 33 24.69 -19.03 -12.61
C LEU D 33 23.21 -18.64 -12.61
N HIS D 34 22.48 -19.08 -13.62
CA HIS D 34 21.08 -18.72 -13.80
C HIS D 34 20.20 -19.93 -13.55
N SER D 35 19.22 -19.78 -12.66
CA SER D 35 18.29 -20.85 -12.33
C SER D 35 16.97 -20.58 -13.05
N THR D 36 16.50 -21.56 -13.81
CA THR D 36 15.30 -21.40 -14.61
C THR D 36 14.44 -22.65 -14.50
N GLN D 37 13.15 -22.49 -14.77
CA GLN D 37 12.19 -23.57 -14.76
C GLN D 37 11.58 -23.70 -16.15
N ASP D 38 11.66 -24.90 -16.74
CA ASP D 38 11.15 -25.15 -18.07
C ASP D 38 10.98 -26.65 -18.22
N LEU D 39 10.74 -27.12 -19.46
CA LEU D 39 10.58 -28.54 -19.74
C LEU D 39 11.95 -29.11 -20.11
N PHE D 40 12.58 -29.79 -19.16
CA PHE D 40 13.87 -30.42 -19.38
C PHE D 40 13.76 -31.92 -19.20
N LEU D 41 14.68 -32.64 -19.81
CA LEU D 41 14.77 -34.09 -19.62
C LEU D 41 15.49 -34.37 -18.31
N PRO D 42 14.88 -35.08 -17.36
CA PRO D 42 15.53 -35.32 -16.08
C PRO D 42 16.83 -36.10 -16.24
N PHE D 43 17.80 -35.78 -15.38
CA PHE D 43 19.10 -36.42 -15.44
C PHE D 43 19.01 -37.87 -14.98
N PHE D 44 19.83 -38.72 -15.59
CA PHE D 44 19.86 -40.16 -15.30
C PHE D 44 18.49 -40.79 -15.45
N SER D 45 17.80 -40.44 -16.54
CA SER D 45 16.48 -40.98 -16.84
C SER D 45 16.56 -41.97 -17.99
N ASN D 46 15.63 -42.91 -18.00
CA ASN D 46 15.62 -43.94 -19.03
C ASN D 46 15.18 -43.37 -20.38
N VAL D 47 15.80 -43.86 -21.45
CA VAL D 47 15.42 -43.53 -22.81
C VAL D 47 15.19 -44.82 -23.58
N THR D 48 14.06 -44.89 -24.29
CA THR D 48 13.67 -46.10 -24.98
C THR D 48 14.46 -46.27 -26.28
N TRP D 49 14.83 -47.51 -26.58
CA TRP D 49 15.60 -47.84 -27.76
C TRP D 49 14.67 -48.51 -28.78
N PHE D 50 14.63 -47.97 -29.99
CA PHE D 50 13.90 -48.55 -31.10
C PHE D 50 14.86 -49.05 -32.16
N HIS D 51 14.50 -50.17 -32.79
CA HIS D 51 15.30 -50.74 -33.86
C HIS D 51 14.50 -50.82 -35.16
N ASN D 66 7.98 -48.50 -38.28
CA ASN D 66 8.03 -47.56 -37.18
C ASN D 66 6.63 -47.24 -36.66
N PRO D 67 6.39 -47.55 -35.38
CA PRO D 67 5.06 -47.33 -34.80
C PRO D 67 4.86 -45.90 -34.31
N VAL D 68 3.61 -45.55 -34.11
CA VAL D 68 3.23 -44.23 -33.63
C VAL D 68 3.40 -44.17 -32.12
N LEU D 69 3.86 -43.02 -31.63
CA LEU D 69 4.11 -42.81 -30.21
C LEU D 69 3.40 -41.54 -29.74
N PRO D 70 3.02 -41.48 -28.47
CA PRO D 70 2.46 -40.24 -27.93
C PRO D 70 3.50 -39.14 -27.89
N PHE D 71 3.01 -37.90 -28.01
CA PHE D 71 3.89 -36.73 -28.03
C PHE D 71 3.91 -35.98 -26.70
N ASN D 72 2.77 -35.91 -26.01
CA ASN D 72 2.65 -35.19 -24.75
C ASN D 72 3.10 -33.73 -24.88
N ASP D 73 4.11 -33.33 -24.11
CA ASP D 73 4.59 -31.96 -24.10
C ASP D 73 6.02 -31.83 -24.61
N GLY D 74 6.52 -32.84 -25.30
CA GLY D 74 7.86 -32.78 -25.87
C GLY D 74 8.46 -34.16 -26.01
N VAL D 75 9.44 -34.25 -26.90
CA VAL D 75 10.13 -35.51 -27.19
C VAL D 75 11.58 -35.21 -27.50
N TYR D 76 12.48 -35.87 -26.77
CA TYR D 76 13.91 -35.81 -27.07
C TYR D 76 14.27 -36.93 -28.03
N PHE D 77 14.73 -36.59 -29.22
CA PHE D 77 15.04 -37.56 -30.26
C PHE D 77 16.54 -37.53 -30.52
N ALA D 78 17.15 -38.71 -30.54
CA ALA D 78 18.57 -38.85 -30.84
C ALA D 78 18.77 -40.05 -31.74
N SER D 79 19.85 -40.00 -32.54
CA SER D 79 20.15 -41.09 -33.46
C SER D 79 21.60 -40.98 -33.89
N THR D 80 22.19 -42.12 -34.25
CA THR D 80 23.53 -42.19 -34.79
C THR D 80 23.50 -42.98 -36.09
N GLU D 81 24.00 -42.37 -37.17
CA GLU D 81 24.01 -43.01 -38.48
C GLU D 81 25.27 -42.56 -39.22
N LYS D 82 25.43 -43.09 -40.44
CA LYS D 82 26.53 -42.70 -41.30
C LYS D 82 26.12 -42.40 -42.73
N SER D 83 24.86 -42.66 -43.12
CA SER D 83 24.41 -42.42 -44.48
C SER D 83 23.01 -41.80 -44.50
N ASN D 84 22.67 -41.00 -43.49
CA ASN D 84 21.40 -40.29 -43.36
C ASN D 84 20.22 -41.17 -43.77
N ILE D 85 20.12 -42.33 -43.11
CA ILE D 85 19.03 -43.26 -43.40
C ILE D 85 17.69 -42.66 -43.05
N ILE D 86 17.59 -42.01 -41.88
CA ILE D 86 16.37 -41.32 -41.51
C ILE D 86 16.27 -40.01 -42.29
N ARG D 87 15.09 -39.75 -42.85
CA ARG D 87 14.89 -38.56 -43.66
C ARG D 87 14.13 -37.46 -42.92
N GLY D 88 13.04 -37.80 -42.25
CA GLY D 88 12.26 -36.78 -41.58
C GLY D 88 11.29 -37.37 -40.59
N TRP D 89 10.44 -36.49 -40.04
CA TRP D 89 9.47 -36.85 -39.02
C TRP D 89 8.09 -36.38 -39.45
N ILE D 90 7.07 -36.85 -38.72
CA ILE D 90 5.68 -36.52 -39.01
C ILE D 90 4.98 -36.21 -37.70
N PHE D 91 4.23 -35.11 -37.67
CA PHE D 91 3.50 -34.69 -36.49
C PHE D 91 2.04 -34.43 -36.85
N GLY D 92 1.14 -34.77 -35.93
CA GLY D 92 -0.28 -34.57 -36.17
C GLY D 92 -1.08 -35.03 -34.97
N THR D 93 -2.40 -34.98 -35.14
CA THR D 93 -3.34 -35.39 -34.11
C THR D 93 -4.10 -36.66 -34.48
N THR D 94 -4.77 -36.67 -35.62
CA THR D 94 -5.49 -37.86 -36.08
C THR D 94 -4.88 -38.48 -37.33
N LEU D 95 -4.10 -37.73 -38.11
CA LEU D 95 -3.45 -38.25 -39.31
C LEU D 95 -4.47 -38.85 -40.29
N ASP D 96 -5.61 -38.18 -40.43
CA ASP D 96 -6.69 -38.67 -41.29
C ASP D 96 -7.29 -37.55 -42.13
N SER D 97 -6.47 -36.54 -42.47
CA SER D 97 -6.89 -35.41 -43.30
C SER D 97 -8.00 -34.59 -42.66
N LYS D 98 -8.40 -34.95 -41.44
CA LYS D 98 -9.41 -34.17 -40.73
C LYS D 98 -8.84 -32.90 -40.14
N THR D 99 -7.57 -32.93 -39.72
CA THR D 99 -6.90 -31.78 -39.15
C THR D 99 -5.56 -31.58 -39.83
N GLN D 100 -4.96 -30.41 -39.59
CA GLN D 100 -3.66 -30.10 -40.18
C GLN D 100 -2.58 -31.00 -39.61
N SER D 101 -1.66 -31.42 -40.48
CA SER D 101 -0.57 -32.32 -40.10
C SER D 101 0.76 -31.73 -40.54
N LEU D 102 1.73 -31.69 -39.63
CA LEU D 102 3.06 -31.23 -39.98
C LEU D 102 3.78 -32.27 -40.83
N LEU D 103 4.80 -31.80 -41.56
CA LEU D 103 5.55 -32.68 -42.46
C LEU D 103 6.95 -32.08 -42.62
N ILE D 104 7.91 -32.67 -41.93
CA ILE D 104 9.31 -32.23 -41.96
C ILE D 104 10.13 -33.29 -42.67
N VAL D 105 10.78 -32.91 -43.76
CA VAL D 105 11.62 -33.82 -44.54
C VAL D 105 12.93 -33.13 -44.88
N ASN D 106 14.04 -33.82 -44.64
CA ASN D 106 15.37 -33.34 -44.98
C ASN D 106 15.77 -33.96 -46.32
N ASN D 107 15.76 -33.15 -47.37
CA ASN D 107 16.15 -33.63 -48.69
C ASN D 107 17.67 -33.50 -48.86
N ALA D 108 18.15 -33.84 -50.06
CA ALA D 108 19.58 -33.81 -50.32
C ALA D 108 20.14 -32.39 -50.31
N THR D 109 19.35 -31.41 -50.75
CA THR D 109 19.83 -30.04 -50.88
C THR D 109 18.97 -28.99 -50.19
N ASN D 110 17.66 -29.18 -50.10
CA ASN D 110 16.77 -28.21 -49.46
C ASN D 110 15.79 -28.95 -48.56
N VAL D 111 15.70 -28.54 -47.30
CA VAL D 111 14.68 -29.08 -46.41
C VAL D 111 13.37 -28.34 -46.64
N VAL D 112 12.26 -29.07 -46.57
CA VAL D 112 10.94 -28.52 -46.82
C VAL D 112 10.06 -28.79 -45.62
N ILE D 113 9.42 -27.75 -45.09
CA ILE D 113 8.48 -27.87 -43.99
C ILE D 113 7.12 -27.41 -44.49
N LYS D 114 6.13 -28.29 -44.41
CA LYS D 114 4.80 -27.99 -44.92
C LYS D 114 3.75 -28.59 -44.00
N VAL D 115 2.60 -27.93 -43.93
CA VAL D 115 1.47 -28.42 -43.15
C VAL D 115 0.21 -28.28 -43.99
N CYS D 116 -0.50 -29.39 -44.20
CA CYS D 116 -1.72 -29.41 -44.99
C CYS D 116 -2.67 -30.46 -44.40
N GLU D 117 -3.72 -30.78 -45.14
CA GLU D 117 -4.65 -31.84 -44.75
C GLU D 117 -4.25 -33.15 -45.43
N PHE D 118 -3.13 -33.70 -44.96
CA PHE D 118 -2.51 -34.84 -45.60
C PHE D 118 -3.19 -36.14 -45.21
N GLN D 119 -3.18 -37.09 -46.15
CA GLN D 119 -3.60 -38.46 -45.90
C GLN D 119 -2.35 -39.33 -45.83
N PHE D 120 -2.22 -40.09 -44.74
CA PHE D 120 -0.99 -40.79 -44.42
C PHE D 120 -1.21 -42.30 -44.49
N CYS D 121 -0.24 -42.99 -45.07
CA CYS D 121 -0.26 -44.44 -45.16
C CYS D 121 0.08 -45.07 -43.80
N ASN D 122 -0.12 -46.39 -43.72
CA ASN D 122 0.09 -47.09 -42.46
C ASN D 122 1.55 -47.02 -42.01
N ASP D 123 2.47 -47.32 -42.93
CA ASP D 123 3.90 -47.36 -42.62
C ASP D 123 4.65 -46.53 -43.66
N PRO D 124 4.57 -45.21 -43.58
CA PRO D 124 5.24 -44.37 -44.58
C PRO D 124 6.75 -44.51 -44.51
N PHE D 125 7.39 -44.42 -45.69
CA PHE D 125 8.84 -44.46 -45.78
C PHE D 125 9.27 -43.61 -46.97
N LEU D 126 10.54 -43.20 -46.95
CA LEU D 126 11.11 -42.40 -48.04
C LEU D 126 12.40 -43.05 -48.54
N SER D 140 14.20 -45.51 -51.79
CA SER D 140 14.26 -44.05 -51.89
C SER D 140 12.93 -43.50 -52.40
N GLU D 141 12.01 -44.39 -52.74
CA GLU D 141 10.70 -43.97 -53.24
C GLU D 141 9.89 -43.31 -52.14
N PHE D 142 9.04 -42.37 -52.53
CA PHE D 142 8.24 -41.58 -51.60
C PHE D 142 6.77 -41.91 -51.75
N ARG D 143 6.07 -41.93 -50.62
CA ARG D 143 4.63 -42.19 -50.58
C ARG D 143 3.86 -41.24 -49.68
N VAL D 144 4.54 -40.40 -48.89
CA VAL D 144 3.87 -39.57 -47.89
C VAL D 144 3.02 -38.46 -48.52
N TYR D 145 3.41 -37.96 -49.70
CA TYR D 145 2.83 -36.75 -50.25
C TYR D 145 1.56 -36.99 -51.05
N SER D 146 0.85 -38.08 -50.78
CA SER D 146 -0.42 -38.34 -51.45
C SER D 146 -1.52 -37.44 -50.89
N SER D 147 -2.36 -36.94 -51.79
CA SER D 147 -3.54 -36.14 -51.44
C SER D 147 -3.15 -34.89 -50.63
N ALA D 148 -2.40 -34.01 -51.29
CA ALA D 148 -2.00 -32.73 -50.70
C ALA D 148 -3.06 -31.69 -51.07
N ASN D 149 -3.72 -31.13 -50.07
CA ASN D 149 -4.77 -30.15 -50.32
C ASN D 149 -4.91 -29.23 -49.11
N ASN D 150 -5.45 -28.03 -49.36
CA ASN D 150 -5.73 -27.05 -48.32
C ASN D 150 -4.49 -26.72 -47.49
N CYS D 151 -3.36 -26.52 -48.16
CA CYS D 151 -2.13 -26.18 -47.47
C CYS D 151 -2.19 -24.77 -46.91
N THR D 152 -1.56 -24.58 -45.75
CA THR D 152 -1.61 -23.31 -45.03
C THR D 152 -0.25 -22.65 -44.83
N PHE D 153 0.84 -23.41 -44.88
CA PHE D 153 2.15 -22.86 -44.57
C PHE D 153 3.22 -23.67 -45.31
N GLU D 154 4.17 -22.96 -45.90
CA GLU D 154 5.29 -23.58 -46.61
C GLU D 154 6.58 -22.88 -46.22
N TYR D 155 7.65 -23.65 -46.04
CA TYR D 155 8.90 -23.11 -45.52
C TYR D 155 10.07 -23.84 -46.16
N VAL D 156 11.18 -23.12 -46.34
CA VAL D 156 12.38 -23.70 -46.94
C VAL D 156 13.63 -23.18 -46.24
N SER D 157 14.41 -24.11 -45.69
CA SER D 157 15.65 -23.74 -44.98
C SER D 157 16.82 -24.62 -45.43
N GLN D 158 17.90 -24.58 -44.65
CA GLN D 158 19.09 -25.35 -44.97
C GLN D 158 18.93 -26.81 -44.55
N PRO D 159 19.50 -27.73 -45.34
CA PRO D 159 19.43 -29.17 -45.06
C PRO D 159 20.11 -29.54 -43.75
N PHE D 160 19.43 -30.33 -42.93
CA PHE D 160 19.98 -30.75 -41.65
C PHE D 160 20.83 -32.01 -41.83
N LEU D 161 21.44 -32.47 -40.73
CA LEU D 161 22.30 -33.65 -40.73
C LEU D 161 23.33 -33.60 -41.85
N LYS D 172 29.36 -42.64 -36.31
CA LYS D 172 30.36 -41.86 -35.57
C LYS D 172 29.82 -40.47 -35.25
N ASN D 173 28.76 -40.07 -35.94
CA ASN D 173 28.14 -38.77 -35.76
C ASN D 173 26.82 -38.93 -35.01
N LEU D 174 26.65 -38.15 -33.94
CA LEU D 174 25.45 -38.18 -33.12
C LEU D 174 24.64 -36.92 -33.37
N ARG D 175 23.32 -37.09 -33.52
CA ARG D 175 22.41 -35.98 -33.75
C ARG D 175 21.33 -35.99 -32.69
N GLU D 176 21.05 -34.82 -32.11
CA GLU D 176 20.06 -34.68 -31.06
C GLU D 176 19.08 -33.58 -31.45
N PHE D 177 17.78 -33.86 -31.32
CA PHE D 177 16.74 -32.90 -31.62
C PHE D 177 15.75 -32.83 -30.47
N VAL D 178 15.25 -31.64 -30.19
CA VAL D 178 14.20 -31.41 -29.21
C VAL D 178 13.04 -30.73 -29.89
N PHE D 179 11.86 -31.32 -29.78
CA PHE D 179 10.65 -30.78 -30.39
C PHE D 179 9.68 -30.35 -29.30
N LYS D 180 9.12 -29.16 -29.46
CA LYS D 180 8.21 -28.60 -28.46
C LYS D 180 7.13 -27.80 -29.17
N ASN D 181 6.04 -27.54 -28.45
CA ASN D 181 4.89 -26.83 -29.01
C ASN D 181 4.29 -25.98 -27.90
N ILE D 182 4.60 -24.68 -27.90
CA ILE D 182 4.15 -23.75 -26.88
C ILE D 182 3.30 -22.68 -27.55
N ASP D 183 2.02 -22.61 -27.17
CA ASP D 183 1.11 -21.56 -27.63
C ASP D 183 1.08 -21.46 -29.16
N GLY D 184 1.10 -22.62 -29.82
CA GLY D 184 1.09 -22.65 -31.27
C GLY D 184 2.42 -22.41 -31.94
N TYR D 185 3.48 -22.20 -31.18
CA TYR D 185 4.82 -21.97 -31.73
C TYR D 185 5.61 -23.26 -31.64
N PHE D 186 6.13 -23.72 -32.78
CA PHE D 186 6.88 -24.97 -32.84
C PHE D 186 8.36 -24.64 -32.77
N LYS D 187 9.01 -25.03 -31.68
CA LYS D 187 10.41 -24.73 -31.42
C LYS D 187 11.24 -25.99 -31.59
N ILE D 188 12.36 -25.86 -32.32
CA ILE D 188 13.25 -26.99 -32.60
C ILE D 188 14.66 -26.59 -32.21
N TYR D 189 15.33 -27.46 -31.45
CA TYR D 189 16.72 -27.28 -31.08
C TYR D 189 17.54 -28.46 -31.58
N SER D 190 18.77 -28.20 -31.99
CA SER D 190 19.57 -29.24 -32.60
C SER D 190 21.06 -29.01 -32.34
N LYS D 191 21.82 -30.09 -32.46
CA LYS D 191 23.28 -30.06 -32.38
C LYS D 191 23.81 -31.40 -32.86
N HIS D 192 24.93 -31.35 -33.59
CA HIS D 192 25.63 -32.54 -34.02
C HIS D 192 27.04 -32.54 -33.45
N THR D 193 27.54 -33.74 -33.14
CA THR D 193 28.88 -33.88 -32.61
C THR D 193 29.43 -35.26 -32.96
N PRO D 194 30.73 -35.37 -33.27
CA PRO D 194 31.39 -36.65 -33.54
C PRO D 194 31.25 -37.64 -32.39
N PRO D 202 26.88 -41.92 -25.43
CA PRO D 202 26.20 -40.67 -25.13
C PRO D 202 26.56 -40.11 -23.75
N GLN D 203 27.85 -40.17 -23.41
CA GLN D 203 28.34 -39.70 -22.13
C GLN D 203 29.06 -38.37 -22.30
N GLY D 204 28.65 -37.36 -21.56
CA GLY D 204 29.19 -36.02 -21.65
C GLY D 204 28.10 -34.98 -21.60
N PHE D 205 28.51 -33.73 -21.77
CA PHE D 205 27.60 -32.59 -21.70
C PHE D 205 27.76 -31.71 -22.93
N SER D 206 26.65 -31.23 -23.46
CA SER D 206 26.64 -30.37 -24.63
C SER D 206 25.29 -29.68 -24.72
N ALA D 207 25.31 -28.35 -24.87
CA ALA D 207 24.08 -27.57 -24.95
C ALA D 207 23.59 -27.48 -26.38
N LEU D 208 22.28 -27.37 -26.54
CA LEU D 208 21.62 -27.38 -27.84
C LEU D 208 21.15 -25.97 -28.19
N GLU D 209 21.51 -25.51 -29.43
CA GLU D 209 21.16 -24.18 -29.90
C GLU D 209 19.87 -24.20 -30.72
N PRO D 210 19.08 -23.14 -30.67
CA PRO D 210 17.81 -23.12 -31.40
C PRO D 210 18.02 -23.05 -32.91
N LEU D 211 17.03 -23.56 -33.65
CA LEU D 211 17.08 -23.53 -35.10
C LEU D 211 15.97 -22.67 -35.71
N VAL D 212 14.71 -22.95 -35.40
CA VAL D 212 13.57 -22.30 -36.07
C VAL D 212 12.48 -22.02 -35.04
N ASP D 213 11.43 -21.32 -35.52
CA ASP D 213 10.26 -21.04 -34.70
C ASP D 213 9.10 -20.81 -35.66
N LEU D 214 8.20 -21.80 -35.76
CA LEU D 214 7.12 -21.75 -36.73
C LEU D 214 5.79 -21.45 -36.06
N PRO D 215 5.05 -20.45 -36.54
CA PRO D 215 3.73 -20.10 -35.96
C PRO D 215 2.59 -20.90 -36.59
N ILE D 216 2.62 -22.22 -36.41
CA ILE D 216 1.64 -23.09 -37.06
C ILE D 216 0.33 -23.13 -36.29
N GLY D 217 0.39 -23.28 -34.97
CA GLY D 217 -0.81 -23.29 -34.15
C GLY D 217 -1.73 -24.47 -34.36
N ILE D 218 -1.19 -25.68 -34.43
CA ILE D 218 -1.97 -26.90 -34.60
C ILE D 218 -1.79 -27.77 -33.36
N ASN D 219 -2.89 -28.36 -32.90
CA ASN D 219 -2.82 -29.30 -31.78
C ASN D 219 -2.12 -30.57 -32.23
N ILE D 220 -1.10 -30.99 -31.48
CA ILE D 220 -0.33 -32.19 -31.79
C ILE D 220 -0.40 -33.12 -30.59
N THR D 221 -0.68 -34.40 -30.85
CA THR D 221 -0.81 -35.37 -29.77
C THR D 221 0.09 -36.58 -29.98
N ARG D 222 0.37 -36.91 -31.25
CA ARG D 222 1.19 -38.06 -31.57
C ARG D 222 2.09 -37.73 -32.76
N PHE D 223 3.16 -38.51 -32.89
CA PHE D 223 4.13 -38.29 -33.95
C PHE D 223 4.68 -39.62 -34.44
N GLN D 224 5.25 -39.60 -35.64
CA GLN D 224 5.83 -40.79 -36.24
C GLN D 224 7.04 -40.36 -37.08
N THR D 225 8.01 -41.26 -37.21
CA THR D 225 9.21 -40.99 -37.96
C THR D 225 9.12 -41.60 -39.36
N LEU D 226 10.08 -41.25 -40.20
CA LEU D 226 10.18 -41.75 -41.57
C LEU D 226 11.55 -42.38 -41.77
N LEU D 227 11.58 -43.64 -42.20
CA LEU D 227 12.82 -44.35 -42.41
C LEU D 227 13.00 -44.77 -43.86
N ALA D 248 19.48 -46.95 -38.35
CA ALA D 248 18.46 -47.97 -38.20
C ALA D 248 17.96 -48.05 -36.76
N ALA D 249 18.47 -47.16 -35.92
CA ALA D 249 18.09 -47.10 -34.51
C ALA D 249 18.02 -45.65 -34.07
N TYR D 250 17.15 -45.39 -33.09
CA TYR D 250 17.02 -44.06 -32.53
C TYR D 250 16.46 -44.19 -31.11
N TYR D 251 16.70 -43.14 -30.32
CA TYR D 251 16.30 -43.09 -28.92
C TYR D 251 15.25 -42.01 -28.71
N VAL D 252 14.35 -42.25 -27.77
CA VAL D 252 13.24 -41.34 -27.50
C VAL D 252 13.17 -41.07 -26.00
N GLY D 253 13.06 -39.79 -25.63
CA GLY D 253 12.79 -39.39 -24.27
C GLY D 253 11.55 -38.52 -24.18
N TYR D 254 11.23 -38.12 -22.95
CA TYR D 254 10.08 -37.27 -22.70
C TYR D 254 10.46 -36.17 -21.72
N LEU D 255 9.89 -34.98 -21.92
CA LEU D 255 10.24 -33.81 -21.14
C LEU D 255 9.24 -33.59 -20.00
N GLN D 256 9.75 -33.09 -18.88
CA GLN D 256 8.96 -32.86 -17.68
C GLN D 256 9.35 -31.52 -17.07
N PRO D 257 8.42 -30.88 -16.34
CA PRO D 257 8.70 -29.55 -15.79
C PRO D 257 9.60 -29.55 -14.55
N ARG D 258 10.91 -29.56 -14.76
CA ARG D 258 11.88 -29.48 -13.68
C ARG D 258 12.57 -28.13 -13.68
N THR D 259 13.37 -27.89 -12.63
CA THR D 259 14.12 -26.65 -12.48
C THR D 259 15.60 -26.97 -12.50
N PHE D 260 16.36 -26.23 -13.32
CA PHE D 260 17.78 -26.47 -13.51
C PHE D 260 18.58 -25.25 -13.08
N LEU D 261 19.80 -25.51 -12.60
CA LEU D 261 20.79 -24.48 -12.31
C LEU D 261 21.89 -24.58 -13.36
N LEU D 262 22.02 -23.57 -14.20
CA LEU D 262 22.96 -23.59 -15.31
C LEU D 262 24.22 -22.80 -14.98
N LYS D 263 25.25 -23.02 -15.77
CA LYS D 263 26.51 -22.30 -15.65
C LYS D 263 26.88 -21.67 -16.99
N TYR D 264 27.20 -20.39 -16.96
CA TYR D 264 27.56 -19.65 -18.17
C TYR D 264 29.03 -19.27 -18.13
N ASN D 265 29.69 -19.40 -19.28
CA ASN D 265 31.12 -19.19 -19.41
C ASN D 265 31.41 -17.71 -19.66
N GLU D 266 32.66 -17.39 -19.99
CA GLU D 266 33.04 -16.02 -20.31
C GLU D 266 32.42 -15.54 -21.63
N ASN D 267 32.01 -16.46 -22.49
CA ASN D 267 31.43 -16.11 -23.78
C ASN D 267 29.94 -16.38 -23.85
N GLY D 268 29.34 -16.95 -22.81
CA GLY D 268 27.92 -17.24 -22.81
C GLY D 268 27.55 -18.66 -23.15
N THR D 269 28.51 -19.56 -23.27
CA THR D 269 28.23 -20.96 -23.60
C THR D 269 28.00 -21.76 -22.33
N ILE D 270 26.96 -22.57 -22.32
CA ILE D 270 26.63 -23.38 -21.15
C ILE D 270 27.65 -24.50 -21.01
N THR D 271 28.27 -24.59 -19.83
CA THR D 271 29.29 -25.59 -19.57
C THR D 271 28.91 -26.61 -18.51
N ASP D 272 27.88 -26.36 -17.71
CA ASP D 272 27.45 -27.31 -16.70
C ASP D 272 26.01 -27.01 -16.30
N ALA D 273 25.34 -28.02 -15.74
CA ALA D 273 23.98 -27.87 -15.27
C ALA D 273 23.73 -28.84 -14.12
N VAL D 274 22.89 -28.43 -13.18
CA VAL D 274 22.59 -29.22 -11.99
C VAL D 274 21.08 -29.35 -11.88
N ASP D 275 20.60 -30.59 -11.78
CA ASP D 275 19.19 -30.86 -11.54
C ASP D 275 18.91 -30.75 -10.04
N CYS D 276 17.85 -30.03 -9.68
CA CYS D 276 17.62 -29.66 -8.29
C CYS D 276 16.79 -30.69 -7.52
N ALA D 277 16.49 -31.85 -8.11
CA ALA D 277 15.70 -32.85 -7.41
C ALA D 277 16.29 -34.26 -7.52
N LEU D 278 17.55 -34.38 -7.96
CA LEU D 278 18.14 -35.70 -8.13
C LEU D 278 18.49 -36.34 -6.79
N ASP D 279 19.08 -35.57 -5.88
CA ASP D 279 19.56 -36.08 -4.60
C ASP D 279 19.74 -34.90 -3.65
N PRO D 280 19.86 -35.16 -2.34
CA PRO D 280 19.98 -34.03 -1.40
C PRO D 280 21.17 -33.11 -1.67
N LEU D 281 22.29 -33.66 -2.15
CA LEU D 281 23.44 -32.81 -2.45
C LEU D 281 23.10 -31.80 -3.53
N SER D 282 22.38 -32.23 -4.57
CA SER D 282 21.97 -31.31 -5.62
C SER D 282 21.00 -30.25 -5.08
N GLU D 283 20.12 -30.65 -4.16
CA GLU D 283 19.22 -29.69 -3.55
C GLU D 283 19.97 -28.62 -2.77
N THR D 284 20.99 -29.04 -2.01
CA THR D 284 21.81 -28.07 -1.28
C THR D 284 22.55 -27.16 -2.24
N LYS D 285 23.09 -27.72 -3.33
CA LYS D 285 23.79 -26.90 -4.32
C LYS D 285 22.85 -25.86 -4.93
N CYS D 286 21.63 -26.27 -5.27
CA CYS D 286 20.65 -25.33 -5.82
C CYS D 286 20.27 -24.26 -4.79
N THR D 287 20.12 -24.66 -3.52
CA THR D 287 19.79 -23.69 -2.49
C THR D 287 20.88 -22.64 -2.32
N LEU D 288 22.14 -23.07 -2.30
CA LEU D 288 23.24 -22.12 -2.14
C LEU D 288 23.66 -21.46 -3.45
N LYS D 289 23.12 -21.91 -4.59
CA LYS D 289 23.48 -21.38 -5.91
C LYS D 289 24.99 -21.40 -6.11
N SER D 290 25.60 -22.54 -5.78
CA SER D 290 27.03 -22.73 -5.95
C SER D 290 27.29 -24.17 -6.35
N PHE D 291 28.40 -24.38 -7.05
CA PHE D 291 28.81 -25.72 -7.45
C PHE D 291 29.73 -26.37 -6.43
N THR D 292 30.04 -25.68 -5.33
CA THR D 292 30.82 -26.23 -4.24
C THR D 292 30.15 -25.86 -2.92
N VAL D 293 30.05 -26.83 -2.01
CA VAL D 293 29.52 -26.63 -0.67
C VAL D 293 30.62 -26.98 0.32
N GLU D 294 30.84 -26.10 1.30
CA GLU D 294 32.06 -26.19 2.10
C GLU D 294 31.96 -27.23 3.20
N LYS D 295 31.12 -26.98 4.21
CA LYS D 295 30.99 -27.88 5.35
C LYS D 295 29.91 -27.37 6.30
N GLY D 296 29.23 -28.28 7.00
CA GLY D 296 28.29 -27.89 8.01
C GLY D 296 26.97 -28.57 7.81
N ILE D 297 25.92 -27.99 8.39
CA ILE D 297 24.56 -28.48 8.27
C ILE D 297 23.72 -27.41 7.60
N TYR D 298 23.01 -27.80 6.54
CA TYR D 298 22.24 -26.88 5.71
C TYR D 298 20.79 -27.32 5.68
N GLN D 299 19.88 -26.34 5.75
CA GLN D 299 18.45 -26.60 5.65
C GLN D 299 18.00 -26.36 4.22
N THR D 300 17.24 -27.32 3.66
CA THR D 300 16.85 -27.27 2.27
C THR D 300 15.35 -27.10 2.07
N SER D 301 14.53 -27.95 2.65
CA SER D 301 13.10 -27.92 2.39
C SER D 301 12.37 -28.38 3.66
N ASN D 302 11.09 -28.73 3.51
CA ASN D 302 10.26 -29.16 4.61
C ASN D 302 9.67 -30.53 4.29
N PHE D 303 9.24 -31.22 5.33
CA PHE D 303 8.65 -32.55 5.22
C PHE D 303 7.22 -32.50 5.71
N ARG D 304 6.28 -32.86 4.84
CA ARG D 304 4.85 -32.82 5.14
C ARG D 304 4.20 -34.14 4.73
N VAL D 305 3.37 -34.68 5.60
CA VAL D 305 2.71 -35.95 5.36
C VAL D 305 1.41 -35.69 4.61
N GLN D 306 1.33 -36.21 3.39
CA GLN D 306 0.10 -36.09 2.61
C GLN D 306 -0.98 -37.01 3.17
N PRO D 307 -2.26 -36.68 2.95
CA PRO D 307 -3.33 -37.57 3.39
C PRO D 307 -3.27 -38.90 2.66
N THR D 308 -3.66 -39.97 3.35
CA THR D 308 -3.57 -41.31 2.78
C THR D 308 -4.73 -41.60 1.84
N GLU D 309 -5.95 -41.33 2.27
CA GLU D 309 -7.12 -41.60 1.45
C GLU D 309 -8.22 -40.60 1.80
N SER D 310 -8.94 -40.14 0.78
CA SER D 310 -10.00 -39.16 0.95
C SER D 310 -11.30 -39.86 1.36
N ILE D 311 -11.98 -39.27 2.35
CA ILE D 311 -13.28 -39.77 2.79
C ILE D 311 -14.31 -38.66 2.60
N VAL D 312 -15.56 -39.07 2.46
CA VAL D 312 -16.69 -38.16 2.25
C VAL D 312 -17.74 -38.48 3.28
N ARG D 313 -18.21 -37.45 4.00
CA ARG D 313 -19.19 -37.62 5.07
C ARG D 313 -20.34 -36.64 4.85
N PHE D 314 -21.48 -37.17 4.40
CA PHE D 314 -22.73 -36.41 4.29
C PHE D 314 -23.87 -37.39 4.51
N PRO D 315 -24.87 -37.05 5.32
CA PRO D 315 -25.88 -38.03 5.73
C PRO D 315 -26.74 -38.49 4.57
N ASN D 316 -27.58 -39.50 4.87
CA ASN D 316 -28.47 -40.11 3.89
C ASN D 316 -29.88 -39.54 3.93
N ILE D 317 -30.02 -38.25 4.21
CA ILE D 317 -31.31 -37.56 4.27
C ILE D 317 -32.11 -37.84 3.00
N THR D 318 -33.43 -38.03 3.16
CA THR D 318 -34.28 -38.53 2.09
C THR D 318 -35.32 -37.52 1.61
N ASN D 319 -36.06 -36.90 2.53
CA ASN D 319 -37.21 -36.08 2.18
C ASN D 319 -36.79 -34.86 1.35
N LEU D 320 -37.63 -34.51 0.38
CA LEU D 320 -37.37 -33.42 -0.55
C LEU D 320 -38.25 -32.22 -0.20
N CYS D 321 -37.69 -31.03 -0.32
CA CYS D 321 -38.44 -29.81 -0.06
C CYS D 321 -39.48 -29.59 -1.16
N PRO D 322 -40.63 -28.99 -0.83
CA PRO D 322 -41.65 -28.69 -1.84
C PRO D 322 -41.38 -27.38 -2.57
N PHE D 323 -40.29 -27.35 -3.34
CA PHE D 323 -39.94 -26.16 -4.11
C PHE D 323 -40.89 -25.92 -5.27
N GLY D 324 -41.57 -26.97 -5.76
CA GLY D 324 -42.50 -26.78 -6.86
C GLY D 324 -43.78 -26.07 -6.46
N GLU D 325 -44.12 -26.08 -5.16
CA GLU D 325 -45.33 -25.42 -4.69
C GLU D 325 -45.18 -23.91 -4.61
N VAL D 326 -43.95 -23.39 -4.50
CA VAL D 326 -43.74 -21.96 -4.37
C VAL D 326 -43.37 -21.37 -5.73
N PHE D 327 -42.69 -22.17 -6.56
CA PHE D 327 -42.37 -21.72 -7.91
C PHE D 327 -43.59 -21.79 -8.84
N ASN D 328 -44.52 -22.69 -8.55
CA ASN D 328 -45.76 -22.82 -9.30
C ASN D 328 -46.97 -22.50 -8.43
N ALA D 329 -46.83 -21.49 -7.56
CA ALA D 329 -47.92 -21.08 -6.70
C ALA D 329 -49.06 -20.47 -7.52
N THR D 330 -50.29 -20.77 -7.12
CA THR D 330 -51.45 -20.27 -7.86
C THR D 330 -51.50 -18.75 -7.83
N ARG D 331 -51.29 -18.16 -6.65
CA ARG D 331 -51.29 -16.71 -6.50
C ARG D 331 -50.11 -16.30 -5.64
N PHE D 332 -49.46 -15.21 -6.01
CA PHE D 332 -48.31 -14.70 -5.29
C PHE D 332 -48.69 -13.50 -4.43
N ALA D 333 -47.93 -13.29 -3.35
CA ALA D 333 -48.20 -12.18 -2.46
C ALA D 333 -47.78 -10.86 -3.08
N SER D 334 -48.38 -9.78 -2.59
CA SER D 334 -48.07 -8.44 -3.08
C SER D 334 -46.71 -7.98 -2.54
N VAL D 335 -46.19 -6.92 -3.15
CA VAL D 335 -44.88 -6.40 -2.75
C VAL D 335 -44.93 -5.83 -1.34
N TYR D 336 -45.98 -5.08 -1.02
CA TYR D 336 -46.10 -4.48 0.30
C TYR D 336 -46.52 -5.47 1.37
N ALA D 337 -46.91 -6.68 0.99
CA ALA D 337 -47.27 -7.75 1.92
C ALA D 337 -46.59 -9.05 1.51
N TRP D 338 -45.28 -8.98 1.27
CA TRP D 338 -44.55 -10.12 0.74
C TRP D 338 -44.55 -11.28 1.72
N ASN D 339 -44.85 -12.48 1.21
CA ASN D 339 -44.90 -13.68 2.03
C ASN D 339 -43.49 -14.15 2.36
N ARG D 340 -43.33 -14.69 3.57
CA ARG D 340 -42.04 -15.22 4.02
C ARG D 340 -42.30 -16.52 4.77
N LYS D 341 -41.68 -17.60 4.30
CA LYS D 341 -41.84 -18.92 4.91
C LYS D 341 -40.47 -19.49 5.25
N ARG D 342 -40.47 -20.49 6.14
CA ARG D 342 -39.26 -21.15 6.59
C ARG D 342 -39.29 -22.60 6.16
N ILE D 343 -38.19 -23.08 5.60
CA ILE D 343 -38.05 -24.44 5.12
C ILE D 343 -36.88 -25.11 5.83
N SER D 344 -37.08 -26.35 6.26
CA SER D 344 -36.03 -27.09 6.95
C SER D 344 -36.37 -28.58 6.89
N ASN D 345 -35.41 -29.40 7.34
CA ASN D 345 -35.58 -30.85 7.44
C ASN D 345 -35.93 -31.47 6.09
N CYS D 346 -35.25 -31.03 5.04
CA CYS D 346 -35.48 -31.55 3.71
C CYS D 346 -34.26 -31.27 2.84
N VAL D 347 -34.18 -31.98 1.72
CA VAL D 347 -33.08 -31.83 0.78
C VAL D 347 -33.48 -30.80 -0.28
N ALA D 348 -32.66 -29.78 -0.45
CA ALA D 348 -32.88 -28.75 -1.46
C ALA D 348 -31.93 -28.98 -2.63
N ASP D 349 -32.50 -29.16 -3.82
CA ASP D 349 -31.72 -29.39 -5.03
C ASP D 349 -31.74 -28.12 -5.87
N TYR D 350 -30.61 -27.44 -5.95
CA TYR D 350 -30.49 -26.21 -6.71
C TYR D 350 -29.95 -26.43 -8.12
N SER D 351 -29.52 -27.66 -8.45
CA SER D 351 -29.05 -27.93 -9.80
C SER D 351 -30.19 -27.81 -10.81
N VAL D 352 -31.37 -28.32 -10.48
CA VAL D 352 -32.50 -28.24 -11.39
C VAL D 352 -32.93 -26.79 -11.59
N LEU D 353 -32.93 -26.01 -10.51
CA LEU D 353 -33.30 -24.59 -10.61
C LEU D 353 -32.31 -23.82 -11.46
N TYR D 354 -31.01 -24.04 -11.24
CA TYR D 354 -29.99 -23.32 -11.99
C TYR D 354 -30.00 -23.72 -13.47
N ASN D 355 -30.15 -25.02 -13.75
CA ASN D 355 -30.14 -25.49 -15.13
C ASN D 355 -31.42 -25.12 -15.88
N SER D 356 -32.47 -24.74 -15.16
CA SER D 356 -33.73 -24.39 -15.80
C SER D 356 -33.59 -23.12 -16.63
N ALA D 357 -34.20 -23.11 -17.81
CA ALA D 357 -34.16 -21.97 -18.72
C ALA D 357 -35.43 -21.12 -18.64
N SER D 358 -36.29 -21.37 -17.66
CA SER D 358 -37.51 -20.58 -17.50
C SER D 358 -37.30 -19.33 -16.67
N PHE D 359 -36.09 -19.13 -16.13
CA PHE D 359 -35.80 -17.94 -15.32
C PHE D 359 -35.14 -16.87 -16.18
N SER D 360 -35.33 -15.61 -15.79
CA SER D 360 -34.74 -14.49 -16.49
C SER D 360 -33.37 -14.11 -15.92
N THR D 361 -33.28 -13.97 -14.60
CA THR D 361 -32.03 -13.63 -13.93
C THR D 361 -31.83 -14.55 -12.74
N PHE D 362 -30.57 -14.90 -12.48
CA PHE D 362 -30.19 -15.74 -11.34
C PHE D 362 -28.87 -15.22 -10.81
N LYS D 363 -28.93 -14.35 -9.81
CA LYS D 363 -27.75 -13.76 -9.20
C LYS D 363 -27.68 -14.18 -7.74
N CYS D 364 -26.51 -14.65 -7.30
CA CYS D 364 -26.29 -15.11 -5.95
C CYS D 364 -25.33 -14.17 -5.23
N TYR D 365 -25.65 -13.83 -3.99
CA TYR D 365 -24.86 -12.90 -3.19
C TYR D 365 -24.29 -13.63 -1.99
N GLY D 366 -22.96 -13.59 -1.85
CA GLY D 366 -22.27 -14.19 -0.73
C GLY D 366 -21.81 -15.61 -0.95
N VAL D 367 -22.56 -16.39 -1.74
CA VAL D 367 -22.24 -17.79 -2.00
C VAL D 367 -22.38 -18.07 -3.48
N SER D 368 -21.46 -18.87 -4.03
CA SER D 368 -21.55 -19.26 -5.42
C SER D 368 -22.69 -20.27 -5.62
N PRO D 369 -23.41 -20.19 -6.73
CA PRO D 369 -24.54 -21.11 -6.93
C PRO D 369 -24.10 -22.54 -7.26
N THR D 370 -22.89 -22.74 -7.78
CA THR D 370 -22.44 -24.07 -8.16
C THR D 370 -22.07 -24.94 -6.97
N LYS D 371 -21.90 -24.36 -5.78
CA LYS D 371 -21.52 -25.11 -4.59
C LYS D 371 -22.64 -25.14 -3.56
N LEU D 372 -23.88 -24.92 -3.99
CA LEU D 372 -25.02 -24.93 -3.08
C LEU D 372 -25.53 -26.32 -2.77
N ASN D 373 -25.14 -27.33 -3.54
CA ASN D 373 -25.57 -28.70 -3.31
C ASN D 373 -24.66 -29.45 -2.34
N ASP D 374 -23.52 -28.86 -1.96
CA ASP D 374 -22.59 -29.49 -1.05
C ASP D 374 -22.60 -28.88 0.35
N LEU D 375 -22.84 -27.58 0.45
CA LEU D 375 -22.85 -26.91 1.74
C LEU D 375 -24.09 -27.29 2.55
N CYS D 376 -24.02 -26.99 3.86
CA CYS D 376 -25.11 -27.27 4.78
C CYS D 376 -25.42 -26.03 5.59
N PHE D 377 -26.71 -25.78 5.82
CA PHE D 377 -27.18 -24.62 6.56
C PHE D 377 -27.98 -25.10 7.78
N THR D 378 -28.61 -24.14 8.45
CA THR D 378 -29.54 -24.42 9.55
C THR D 378 -30.98 -24.12 9.19
N ASN D 379 -31.25 -23.02 8.49
CA ASN D 379 -32.60 -22.69 8.06
C ASN D 379 -32.50 -21.77 6.85
N VAL D 380 -33.60 -21.70 6.09
CA VAL D 380 -33.69 -20.86 4.91
C VAL D 380 -35.01 -20.10 4.94
N TYR D 381 -35.06 -19.02 4.16
CA TYR D 381 -36.25 -18.19 4.04
C TYR D 381 -36.61 -18.03 2.57
N ALA D 382 -37.91 -18.09 2.28
CA ALA D 382 -38.43 -17.91 0.93
C ALA D 382 -39.32 -16.68 0.92
N ASP D 383 -38.85 -15.60 0.30
CA ASP D 383 -39.58 -14.34 0.19
C ASP D 383 -40.20 -14.25 -1.19
N SER D 384 -41.53 -14.26 -1.25
CA SER D 384 -42.27 -14.24 -2.50
C SER D 384 -43.05 -12.93 -2.62
N PHE D 385 -42.83 -12.23 -3.73
CA PHE D 385 -43.50 -10.95 -3.98
C PHE D 385 -43.40 -10.61 -5.46
N VAL D 386 -44.29 -9.73 -5.91
CA VAL D 386 -44.43 -9.36 -7.32
C VAL D 386 -44.22 -7.85 -7.44
N ILE D 387 -43.32 -7.46 -8.33
CA ILE D 387 -43.07 -6.05 -8.63
C ILE D 387 -43.10 -5.86 -10.15
N ARG D 388 -43.82 -4.84 -10.59
CA ARG D 388 -43.97 -4.54 -12.01
C ARG D 388 -43.19 -3.29 -12.36
N GLY D 389 -43.14 -3.00 -13.66
CA GLY D 389 -42.48 -1.79 -14.10
C GLY D 389 -40.96 -1.87 -13.99
N ASP D 390 -40.35 -0.70 -13.91
CA ASP D 390 -38.90 -0.59 -13.75
C ASP D 390 -38.54 -0.82 -12.29
N GLU D 391 -37.30 -0.49 -11.92
CA GLU D 391 -36.77 -0.60 -10.57
C GLU D 391 -36.63 -2.06 -10.13
N VAL D 392 -36.69 -3.00 -11.07
CA VAL D 392 -36.54 -4.41 -10.73
C VAL D 392 -35.12 -4.72 -10.28
N ARG D 393 -34.12 -4.07 -10.89
CA ARG D 393 -32.71 -4.32 -10.57
C ARG D 393 -32.34 -3.86 -9.17
N GLN D 394 -33.19 -3.08 -8.50
CA GLN D 394 -32.87 -2.56 -7.18
C GLN D 394 -32.99 -3.60 -6.08
N ILE D 395 -33.47 -4.81 -6.39
CA ILE D 395 -33.60 -5.84 -5.37
C ILE D 395 -32.23 -6.50 -5.19
N ALA D 396 -31.42 -5.92 -4.31
CA ALA D 396 -30.06 -6.35 -4.04
C ALA D 396 -29.52 -5.57 -2.85
N PRO D 397 -28.58 -6.14 -2.09
CA PRO D 397 -28.03 -5.40 -0.94
C PRO D 397 -27.28 -4.16 -1.37
N GLY D 398 -27.30 -3.15 -0.50
CA GLY D 398 -26.60 -1.90 -0.75
C GLY D 398 -27.11 -1.11 -1.93
N GLN D 399 -28.42 -0.96 -2.04
CA GLN D 399 -29.03 -0.22 -3.14
C GLN D 399 -30.05 0.77 -2.59
N THR D 400 -30.30 1.82 -3.37
CA THR D 400 -31.21 2.88 -2.98
C THR D 400 -32.26 3.09 -4.07
N GLY D 401 -33.42 3.57 -3.64
CA GLY D 401 -34.52 3.83 -4.56
C GLY D 401 -35.85 3.79 -3.82
N LYS D 402 -36.91 4.01 -4.59
CA LYS D 402 -38.24 4.04 -4.00
C LYS D 402 -38.62 2.70 -3.40
N ILE D 403 -38.50 1.62 -4.18
CA ILE D 403 -38.79 0.29 -3.68
C ILE D 403 -37.75 -0.10 -2.63
N ALA D 404 -36.49 0.24 -2.87
CA ALA D 404 -35.42 -0.15 -1.96
C ALA D 404 -35.60 0.47 -0.58
N ASP D 405 -35.98 1.76 -0.53
CA ASP D 405 -36.06 2.47 0.75
C ASP D 405 -37.47 2.55 1.31
N TYR D 406 -38.49 2.07 0.60
CA TYR D 406 -39.86 2.15 1.11
C TYR D 406 -40.67 0.87 0.94
N ASN D 407 -40.20 -0.12 0.20
CA ASN D 407 -40.95 -1.36 0.03
C ASN D 407 -40.14 -2.61 0.36
N TYR D 408 -38.86 -2.65 0.03
CA TYR D 408 -38.06 -3.85 0.21
C TYR D 408 -36.59 -3.45 0.31
N LYS D 409 -36.03 -3.53 1.51
CA LYS D 409 -34.65 -3.18 1.77
C LYS D 409 -33.89 -4.42 2.20
N LEU D 410 -32.81 -4.74 1.47
CA LEU D 410 -31.99 -5.89 1.83
C LEU D 410 -30.90 -5.49 2.81
N PRO D 411 -30.52 -6.40 3.70
CA PRO D 411 -29.42 -6.10 4.63
C PRO D 411 -28.09 -6.02 3.89
N ASP D 412 -27.15 -5.28 4.50
CA ASP D 412 -25.84 -5.12 3.90
C ASP D 412 -25.07 -6.43 3.86
N ASP D 413 -25.26 -7.30 4.85
CA ASP D 413 -24.60 -8.60 4.91
C ASP D 413 -25.52 -9.73 4.48
N PHE D 414 -26.38 -9.48 3.50
CA PHE D 414 -27.28 -10.51 3.00
C PHE D 414 -26.49 -11.62 2.32
N THR D 415 -26.90 -12.86 2.59
CA THR D 415 -26.26 -14.05 2.02
C THR D 415 -27.35 -14.90 1.38
N GLY D 416 -27.39 -14.90 0.05
CA GLY D 416 -28.41 -15.66 -0.65
C GLY D 416 -28.33 -15.41 -2.14
N CYS D 417 -29.47 -15.61 -2.81
CA CYS D 417 -29.56 -15.45 -4.25
C CYS D 417 -30.81 -14.68 -4.61
N VAL D 418 -30.79 -14.05 -5.78
CA VAL D 418 -31.91 -13.29 -6.31
C VAL D 418 -32.36 -13.98 -7.60
N ILE D 419 -33.63 -14.38 -7.65
CA ILE D 419 -34.21 -15.06 -8.79
C ILE D 419 -35.38 -14.24 -9.30
N ALA D 420 -35.41 -13.99 -10.61
CA ALA D 420 -36.48 -13.20 -11.21
C ALA D 420 -36.80 -13.74 -12.60
N TRP D 421 -38.08 -13.73 -12.95
CA TRP D 421 -38.52 -14.16 -14.27
C TRP D 421 -39.85 -13.49 -14.58
N ASN D 422 -40.10 -13.29 -15.89
CA ASN D 422 -41.33 -12.64 -16.32
C ASN D 422 -42.52 -13.58 -16.15
N SER D 423 -43.65 -13.02 -15.72
CA SER D 423 -44.87 -13.78 -15.48
C SER D 423 -46.08 -13.06 -16.06
N ASN D 424 -45.95 -12.60 -17.31
CA ASN D 424 -47.04 -11.89 -17.97
C ASN D 424 -48.25 -12.78 -18.21
N ASN D 425 -48.07 -14.11 -18.22
CA ASN D 425 -49.16 -15.02 -18.52
C ASN D 425 -50.02 -15.33 -17.31
N LEU D 426 -49.62 -14.93 -16.11
CA LEU D 426 -50.41 -15.23 -14.91
C LEU D 426 -50.71 -14.00 -14.07
N ASP D 427 -49.77 -13.05 -13.97
CA ASP D 427 -49.92 -11.90 -13.09
C ASP D 427 -50.54 -10.69 -13.79
N SER D 428 -50.88 -10.81 -15.06
CA SER D 428 -51.48 -9.69 -15.78
C SER D 428 -52.96 -9.95 -16.04
N TYR D 434 -55.29 -4.39 -10.97
CA TYR D 434 -55.23 -3.54 -9.79
C TYR D 434 -55.16 -4.39 -8.52
N ASN D 435 -54.87 -5.68 -8.70
CA ASN D 435 -54.78 -6.59 -7.56
C ASN D 435 -53.53 -6.31 -6.72
N TYR D 436 -52.41 -6.00 -7.39
CA TYR D 436 -51.13 -5.83 -6.70
C TYR D 436 -50.83 -4.36 -6.52
N LEU D 437 -50.56 -3.96 -5.28
CA LEU D 437 -50.37 -2.57 -4.93
C LEU D 437 -49.01 -2.38 -4.27
N TYR D 438 -48.45 -1.18 -4.41
CA TYR D 438 -47.17 -0.83 -3.80
C TYR D 438 -47.30 0.52 -3.10
N ARG D 439 -46.23 0.91 -2.41
CA ARG D 439 -46.22 2.17 -1.68
C ARG D 439 -45.00 3.01 -2.04
N ASN D 445 -36.08 5.84 6.06
CA ASN D 445 -36.27 4.58 5.34
C ASN D 445 -36.81 3.51 6.28
N LEU D 446 -36.65 2.24 5.89
CA LEU D 446 -37.10 1.11 6.69
C LEU D 446 -35.95 0.14 6.87
N LYS D 447 -35.94 -0.55 8.02
CA LYS D 447 -34.90 -1.50 8.33
C LYS D 447 -35.06 -2.76 7.48
N PRO D 448 -33.97 -3.51 7.27
CA PRO D 448 -34.06 -4.75 6.50
C PRO D 448 -35.03 -5.74 7.13
N PHE D 449 -35.73 -6.49 6.27
CA PHE D 449 -36.69 -7.51 6.69
C PHE D 449 -37.79 -6.91 7.56
N GLU D 450 -38.55 -6.01 6.95
CA GLU D 450 -39.66 -5.33 7.61
C GLU D 450 -40.91 -5.44 6.76
N ARG D 451 -42.06 -5.45 7.43
CA ARG D 451 -43.36 -5.53 6.78
C ARG D 451 -44.24 -4.36 7.21
N ASP D 452 -44.94 -3.78 6.25
CA ASP D 452 -45.86 -2.66 6.50
C ASP D 452 -47.17 -2.96 5.79
N ILE D 453 -48.23 -3.23 6.55
CA ILE D 453 -49.53 -3.54 5.99
C ILE D 453 -50.54 -2.51 6.51
N SER D 454 -50.07 -1.30 6.76
CA SER D 454 -50.90 -0.21 7.27
C SER D 454 -51.18 0.78 6.15
N THR D 455 -52.47 1.09 5.95
CA THR D 455 -52.90 2.03 4.92
C THR D 455 -53.07 3.44 5.45
N GLU D 456 -52.28 3.82 6.46
CA GLU D 456 -52.39 5.14 7.05
C GLU D 456 -51.86 6.21 6.09
N ILE D 457 -52.37 7.42 6.25
CA ILE D 457 -52.03 8.55 5.40
C ILE D 457 -50.93 9.36 6.07
N TYR D 458 -49.86 9.64 5.33
CA TYR D 458 -48.74 10.42 5.86
C TYR D 458 -49.15 11.87 6.13
N ASN D 472 -53.52 18.31 3.37
CA ASN D 472 -52.20 17.68 3.46
C ASN D 472 -52.33 16.17 3.67
N CYS D 473 -53.05 15.51 2.76
CA CYS D 473 -53.25 14.07 2.80
C CYS D 473 -52.99 13.47 1.44
N TYR D 474 -52.50 12.24 1.43
CA TYR D 474 -52.17 11.54 0.19
C TYR D 474 -52.35 10.05 0.40
N PHE D 475 -52.72 9.36 -0.68
CA PHE D 475 -52.86 7.91 -0.62
C PHE D 475 -51.47 7.26 -0.57
N PRO D 476 -51.27 6.29 0.33
CA PRO D 476 -49.97 5.62 0.38
C PRO D 476 -49.87 4.44 -0.57
N LEU D 477 -51.00 4.03 -1.12
CA LEU D 477 -51.08 2.85 -1.98
C LEU D 477 -51.25 3.26 -3.44
N GLN D 478 -50.56 2.55 -4.32
CA GLN D 478 -50.63 2.79 -5.76
C GLN D 478 -50.60 1.45 -6.48
N SER D 479 -51.39 1.35 -7.55
CA SER D 479 -51.50 0.13 -8.32
C SER D 479 -50.63 0.20 -9.58
N TYR D 480 -50.10 -0.95 -9.98
CA TYR D 480 -49.32 -1.03 -11.20
C TYR D 480 -50.24 -0.98 -12.41
N GLY D 481 -49.92 -0.10 -13.36
CA GLY D 481 -50.69 -0.02 -14.59
C GLY D 481 -50.24 -1.04 -15.61
N PHE D 482 -50.54 -2.31 -15.36
CA PHE D 482 -50.07 -3.38 -16.23
C PHE D 482 -50.77 -3.32 -17.58
N GLN D 483 -50.00 -3.43 -18.65
CA GLN D 483 -50.49 -3.48 -20.02
C GLN D 483 -49.69 -4.51 -20.79
N PRO D 484 -50.28 -5.12 -21.83
CA PRO D 484 -49.56 -6.08 -22.68
C PRO D 484 -48.65 -5.40 -23.71
N THR D 485 -47.88 -4.42 -23.25
CA THR D 485 -46.97 -3.69 -24.13
C THR D 485 -45.57 -3.62 -23.53
N VAL D 488 -42.47 -4.37 -22.36
CA VAL D 488 -41.30 -4.92 -21.67
C VAL D 488 -41.03 -4.13 -20.40
N GLY D 489 -41.22 -2.82 -20.48
CA GLY D 489 -40.98 -1.95 -19.33
C GLY D 489 -42.05 -1.98 -18.27
N TYR D 490 -43.22 -2.54 -18.55
CA TYR D 490 -44.31 -2.62 -17.60
C TYR D 490 -44.76 -4.04 -17.28
N GLN D 491 -44.23 -5.04 -17.97
CA GLN D 491 -44.67 -6.41 -17.74
C GLN D 491 -44.24 -6.88 -16.35
N PRO D 492 -45.02 -7.76 -15.73
CA PRO D 492 -44.70 -8.20 -14.37
C PRO D 492 -43.46 -9.07 -14.32
N TYR D 493 -42.82 -9.06 -13.15
CA TYR D 493 -41.68 -9.90 -12.86
C TYR D 493 -41.86 -10.52 -11.48
N ARG D 494 -41.68 -11.83 -11.39
CA ARG D 494 -41.79 -12.56 -10.13
C ARG D 494 -40.40 -12.76 -9.55
N VAL D 495 -40.18 -12.27 -8.33
CA VAL D 495 -38.88 -12.32 -7.68
C VAL D 495 -39.01 -13.13 -6.40
N VAL D 496 -38.13 -14.11 -6.23
CA VAL D 496 -38.04 -14.91 -5.01
C VAL D 496 -36.63 -14.79 -4.47
N VAL D 497 -36.51 -14.51 -3.18
CA VAL D 497 -35.23 -14.27 -2.52
C VAL D 497 -35.04 -15.33 -1.44
N LEU D 498 -33.86 -15.96 -1.44
CA LEU D 498 -33.52 -17.00 -0.48
C LEU D 498 -32.42 -16.49 0.45
N SER D 499 -32.48 -16.92 1.70
CA SER D 499 -31.48 -16.55 2.70
C SER D 499 -30.91 -17.80 3.35
N PHE D 500 -29.70 -17.67 3.89
CA PHE D 500 -28.99 -18.80 4.48
C PHE D 500 -28.47 -18.42 5.85
N GLU D 501 -28.74 -19.26 6.85
CA GLU D 501 -28.23 -19.10 8.20
C GLU D 501 -27.44 -20.35 8.56
N LEU D 502 -26.26 -20.16 9.16
CA LEU D 502 -25.33 -21.27 9.34
C LEU D 502 -24.62 -21.30 10.68
N LEU D 503 -24.93 -20.41 11.62
CA LEU D 503 -24.18 -20.31 12.86
C LEU D 503 -25.01 -20.41 14.13
N HIS D 504 -26.34 -20.47 14.02
CA HIS D 504 -27.18 -20.41 15.22
C HIS D 504 -27.09 -21.70 16.03
N ALA D 505 -27.19 -22.84 15.37
CA ALA D 505 -27.31 -24.12 16.08
C ALA D 505 -26.61 -25.19 15.25
N PRO D 506 -26.46 -26.40 15.79
CA PRO D 506 -25.98 -27.51 14.97
C PRO D 506 -26.87 -27.72 13.76
N ALA D 507 -26.25 -28.04 12.63
CA ALA D 507 -26.96 -28.14 11.36
C ALA D 507 -27.97 -29.29 11.39
N THR D 508 -29.11 -29.06 10.75
CA THR D 508 -30.14 -30.08 10.62
C THR D 508 -30.61 -30.30 9.19
N VAL D 509 -30.24 -29.44 8.25
CA VAL D 509 -30.57 -29.58 6.84
C VAL D 509 -29.28 -29.74 6.05
N CYS D 510 -29.22 -30.77 5.21
CA CYS D 510 -28.01 -31.14 4.48
C CYS D 510 -28.36 -31.40 3.02
N GLY D 511 -27.31 -31.46 2.19
CA GLY D 511 -27.46 -31.69 0.78
C GLY D 511 -27.46 -33.17 0.43
N PRO D 512 -27.73 -33.49 -0.84
CA PRO D 512 -27.82 -34.89 -1.29
C PRO D 512 -26.49 -35.53 -1.69
N LYS D 513 -25.70 -35.90 -0.67
CA LYS D 513 -24.44 -36.59 -0.88
C LYS D 513 -24.37 -37.80 0.04
N LYS D 514 -23.66 -38.83 -0.40
CA LYS D 514 -23.57 -40.08 0.33
C LYS D 514 -22.52 -39.98 1.45
N SER D 515 -22.50 -41.02 2.29
CA SER D 515 -21.60 -41.10 3.42
C SER D 515 -20.59 -42.22 3.22
N THR D 516 -19.63 -42.31 4.15
CA THR D 516 -18.65 -43.39 4.17
C THR D 516 -18.21 -43.59 5.61
N ASN D 517 -17.74 -44.80 5.92
CA ASN D 517 -17.28 -45.09 7.27
C ASN D 517 -16.03 -44.27 7.61
N LEU D 518 -15.92 -43.91 8.88
CA LEU D 518 -14.80 -43.13 9.36
C LEU D 518 -13.63 -44.04 9.74
N VAL D 519 -12.42 -43.48 9.63
CA VAL D 519 -11.19 -44.22 9.92
C VAL D 519 -10.41 -43.45 10.98
N LYS D 520 -9.82 -44.19 11.92
CA LYS D 520 -9.17 -43.61 13.08
C LYS D 520 -7.68 -43.92 13.08
N ASN D 521 -6.95 -43.13 13.87
CA ASN D 521 -5.51 -43.29 14.05
C ASN D 521 -4.74 -43.08 12.74
N LYS D 522 -5.26 -42.26 11.85
CA LYS D 522 -4.60 -41.98 10.58
C LYS D 522 -4.83 -40.52 10.19
N CYS D 523 -3.90 -39.99 9.38
CA CYS D 523 -4.01 -38.62 8.88
C CYS D 523 -5.06 -38.60 7.78
N VAL D 524 -6.30 -38.28 8.15
CA VAL D 524 -7.44 -38.38 7.24
C VAL D 524 -8.17 -37.04 7.22
N ASN D 525 -8.48 -36.56 6.02
CA ASN D 525 -9.31 -35.38 5.86
C ASN D 525 -10.77 -35.74 6.11
N PHE D 526 -11.47 -34.87 6.84
CA PHE D 526 -12.85 -35.11 7.23
C PHE D 526 -13.75 -33.99 6.73
N ASN D 527 -15.05 -34.25 6.77
CA ASN D 527 -16.06 -33.25 6.41
C ASN D 527 -17.29 -33.52 7.29
N PHE D 528 -17.34 -32.85 8.43
CA PHE D 528 -18.39 -33.05 9.43
C PHE D 528 -19.39 -31.91 9.32
N ASN D 529 -20.51 -32.16 8.66
CA ASN D 529 -21.60 -31.21 8.45
C ASN D 529 -21.07 -29.81 8.16
N GLY D 530 -20.15 -29.73 7.20
CA GLY D 530 -19.58 -28.47 6.76
C GLY D 530 -18.27 -28.09 7.43
N LEU D 531 -17.85 -28.80 8.46
CA LEU D 531 -16.59 -28.53 9.13
C LEU D 531 -15.47 -29.32 8.45
N THR D 532 -14.53 -28.61 7.85
CA THR D 532 -13.47 -29.22 7.07
C THR D 532 -12.12 -29.02 7.75
N GLY D 533 -11.29 -30.05 7.70
CA GLY D 533 -9.97 -29.99 8.30
C GLY D 533 -9.25 -31.30 8.08
N THR D 534 -7.99 -31.33 8.52
CA THR D 534 -7.14 -32.50 8.35
C THR D 534 -6.42 -32.79 9.66
N GLY D 535 -6.48 -34.05 10.09
CA GLY D 535 -5.83 -34.46 11.32
C GLY D 535 -6.11 -35.92 11.59
N VAL D 536 -5.54 -36.40 12.69
CA VAL D 536 -5.72 -37.79 13.10
C VAL D 536 -6.81 -37.83 14.17
N LEU D 537 -7.63 -38.87 14.11
CA LEU D 537 -8.76 -39.04 15.02
C LEU D 537 -8.43 -40.14 16.02
N THR D 538 -8.59 -39.84 17.31
CA THR D 538 -8.22 -40.75 18.38
C THR D 538 -9.32 -40.74 19.44
N GLU D 539 -9.37 -41.81 20.22
CA GLU D 539 -10.30 -41.86 21.35
C GLU D 539 -9.89 -40.86 22.42
N SER D 540 -10.87 -40.14 22.95
CA SER D 540 -10.64 -39.07 23.90
C SER D 540 -11.54 -39.25 25.12
N ASN D 541 -11.03 -38.82 26.28
CA ASN D 541 -11.76 -38.90 27.54
C ASN D 541 -12.25 -37.53 28.02
N LYS D 542 -12.42 -36.58 27.10
CA LYS D 542 -12.94 -35.27 27.46
C LYS D 542 -14.45 -35.37 27.63
N LYS D 543 -14.96 -34.92 28.78
CA LYS D 543 -16.37 -35.06 29.13
C LYS D 543 -17.16 -33.90 28.53
N PHE D 544 -17.49 -34.04 27.25
CA PHE D 544 -18.40 -33.11 26.61
C PHE D 544 -19.77 -33.19 27.28
N LEU D 545 -20.33 -32.03 27.61
CA LEU D 545 -21.62 -31.99 28.28
C LEU D 545 -22.75 -32.15 27.28
N PRO D 546 -23.93 -32.62 27.73
CA PRO D 546 -25.03 -32.91 26.79
C PRO D 546 -25.42 -31.77 25.87
N PHE D 547 -24.99 -30.55 26.17
CA PHE D 547 -25.28 -29.39 25.34
C PHE D 547 -24.05 -28.91 24.57
N GLN D 548 -22.95 -29.68 24.60
CA GLN D 548 -21.73 -29.34 23.88
C GLN D 548 -21.57 -30.30 22.70
N GLN D 549 -21.45 -29.76 21.50
CA GLN D 549 -21.30 -30.57 20.31
C GLN D 549 -19.93 -30.45 19.64
N PHE D 550 -19.21 -29.36 19.87
CA PHE D 550 -17.88 -29.22 19.28
C PHE D 550 -17.11 -28.15 20.04
N GLY D 551 -15.84 -28.42 20.30
CA GLY D 551 -14.96 -27.48 20.94
C GLY D 551 -14.06 -26.75 19.94
N ARG D 552 -13.27 -25.83 20.46
CA ARG D 552 -12.34 -25.06 19.63
C ARG D 552 -11.14 -24.63 20.45
N ASP D 553 -10.04 -24.36 19.75
CA ASP D 553 -8.79 -23.96 20.37
C ASP D 553 -8.79 -22.45 20.66
N ILE D 554 -7.68 -21.96 21.22
CA ILE D 554 -7.56 -20.53 21.46
C ILE D 554 -7.55 -19.77 20.14
N ALA D 555 -7.04 -20.39 19.08
CA ALA D 555 -7.22 -19.87 17.73
C ALA D 555 -8.49 -20.47 17.12
N ASP D 556 -8.92 -19.89 16.00
CA ASP D 556 -10.19 -20.28 15.40
C ASP D 556 -10.05 -21.61 14.63
N THR D 557 -9.74 -22.65 15.39
CA THR D 557 -9.68 -24.02 14.86
C THR D 557 -10.40 -24.94 15.84
N THR D 558 -10.99 -26.00 15.30
CA THR D 558 -11.75 -26.95 16.11
C THR D 558 -10.82 -28.00 16.69
N ASP D 559 -10.95 -28.24 18.00
CA ASP D 559 -10.14 -29.24 18.69
C ASP D 559 -10.83 -30.59 18.81
N ALA D 560 -12.16 -30.63 18.69
CA ALA D 560 -12.91 -31.87 18.75
C ALA D 560 -14.23 -31.66 18.02
N VAL D 561 -14.94 -32.76 17.78
CA VAL D 561 -16.21 -32.72 17.07
C VAL D 561 -17.08 -33.88 17.57
N ARG D 562 -18.37 -33.80 17.24
CA ARG D 562 -19.33 -34.86 17.55
C ARG D 562 -19.79 -35.50 16.25
N ASP D 563 -19.61 -36.80 16.13
CA ASP D 563 -19.85 -37.49 14.88
C ASP D 563 -21.35 -37.71 14.67
N PRO D 564 -21.91 -37.27 13.54
CA PRO D 564 -23.32 -37.57 13.25
C PRO D 564 -23.54 -39.05 13.02
N GLN D 565 -24.79 -39.47 13.22
CA GLN D 565 -25.27 -40.83 13.03
C GLN D 565 -24.80 -41.76 14.14
N THR D 566 -23.94 -41.25 15.04
CA THR D 566 -23.53 -42.03 16.20
C THR D 566 -23.39 -41.21 17.47
N LEU D 567 -23.33 -39.88 17.40
CA LEU D 567 -23.15 -39.00 18.56
C LEU D 567 -21.95 -39.43 19.40
N GLU D 568 -20.80 -39.44 18.76
CA GLU D 568 -19.54 -39.85 19.39
C GLU D 568 -18.54 -38.71 19.31
N ILE D 569 -17.62 -38.68 20.28
CA ILE D 569 -16.62 -37.62 20.40
C ILE D 569 -15.28 -38.14 19.89
N LEU D 570 -14.69 -37.41 18.94
CA LEU D 570 -13.43 -37.80 18.31
C LEU D 570 -12.38 -36.72 18.55
N ASP D 571 -11.23 -37.13 19.06
CA ASP D 571 -10.13 -36.19 19.28
C ASP D 571 -9.49 -35.83 17.94
N ILE D 572 -8.84 -34.65 17.91
CA ILE D 572 -8.19 -34.15 16.71
C ILE D 572 -6.77 -33.73 17.08
N THR D 573 -5.79 -34.19 16.30
CA THR D 573 -4.39 -33.88 16.52
C THR D 573 -3.74 -33.64 15.16
N PRO D 574 -3.00 -32.53 15.00
CA PRO D 574 -2.37 -32.27 13.70
C PRO D 574 -1.27 -33.26 13.39
N CYS D 575 -1.12 -33.55 12.10
CA CYS D 575 -0.15 -34.53 11.64
C CYS D 575 1.26 -33.95 11.67
N SER D 576 2.25 -34.83 11.58
CA SER D 576 3.64 -34.44 11.81
C SER D 576 4.18 -33.55 10.69
N PHE D 577 5.11 -32.68 11.07
CA PHE D 577 5.79 -31.82 10.12
C PHE D 577 7.12 -31.40 10.74
N GLY D 578 8.04 -30.94 9.88
CA GLY D 578 9.34 -30.50 10.35
C GLY D 578 10.23 -30.17 9.19
N GLY D 579 11.38 -29.58 9.52
CA GLY D 579 12.37 -29.23 8.53
C GLY D 579 13.24 -30.41 8.14
N VAL D 580 14.10 -30.16 7.15
CA VAL D 580 15.04 -31.17 6.65
C VAL D 580 16.42 -30.52 6.57
N SER D 581 17.43 -31.22 7.08
CA SER D 581 18.80 -30.72 7.09
C SER D 581 19.72 -31.74 6.45
N VAL D 582 20.77 -31.25 5.81
CA VAL D 582 21.73 -32.09 5.10
C VAL D 582 23.12 -31.82 5.64
N ILE D 583 23.81 -32.87 6.07
CA ILE D 583 25.15 -32.76 6.62
C ILE D 583 26.16 -33.22 5.56
N THR D 584 27.07 -32.31 5.18
CA THR D 584 28.05 -32.61 4.14
C THR D 584 29.46 -32.28 4.61
N PRO D 585 30.40 -33.20 4.46
CA PRO D 585 31.81 -32.88 4.78
C PRO D 585 32.46 -31.97 3.76
N GLY D 586 31.90 -31.85 2.55
CA GLY D 586 32.45 -30.95 1.55
C GLY D 586 32.63 -31.60 0.20
N THR D 587 32.40 -30.84 -0.88
CA THR D 587 32.62 -31.36 -2.22
C THR D 587 34.09 -31.62 -2.51
N ASN D 588 35.00 -31.01 -1.74
CA ASN D 588 36.43 -31.25 -1.90
C ASN D 588 36.89 -32.55 -1.24
N THR D 589 36.03 -33.21 -0.48
CA THR D 589 36.41 -34.43 0.22
C THR D 589 35.63 -35.65 -0.24
N SER D 590 34.30 -35.53 -0.35
CA SER D 590 33.47 -36.67 -0.74
C SER D 590 32.14 -36.15 -1.28
N ASN D 591 31.29 -37.09 -1.69
CA ASN D 591 29.96 -36.78 -2.19
C ASN D 591 28.86 -37.44 -1.37
N GLN D 592 29.16 -37.81 -0.13
CA GLN D 592 28.21 -38.48 0.75
C GLN D 592 27.53 -37.47 1.67
N VAL D 593 26.27 -37.74 2.00
CA VAL D 593 25.49 -36.87 2.86
C VAL D 593 24.70 -37.71 3.85
N ALA D 594 24.24 -37.04 4.91
CA ALA D 594 23.29 -37.59 5.87
C ALA D 594 22.19 -36.56 6.09
N VAL D 595 20.96 -37.02 6.19
CA VAL D 595 19.81 -36.13 6.31
C VAL D 595 19.15 -36.33 7.66
N LEU D 596 18.57 -35.25 8.19
CA LEU D 596 17.92 -35.25 9.49
C LEU D 596 16.53 -34.65 9.35
N TYR D 597 15.52 -35.41 9.79
CA TYR D 597 14.13 -34.96 9.77
C TYR D 597 13.80 -34.43 11.16
N GLN D 598 13.73 -33.11 11.29
CA GLN D 598 13.68 -32.48 12.60
C GLN D 598 12.36 -32.76 13.32
N ASP D 599 12.48 -33.06 14.62
CA ASP D 599 11.33 -33.16 15.52
C ASP D 599 10.31 -34.19 15.05
N VAL D 600 10.80 -35.31 14.52
CA VAL D 600 9.95 -36.43 14.15
C VAL D 600 10.71 -37.71 14.45
N ASN D 601 9.98 -38.76 14.79
CA ASN D 601 10.63 -40.01 15.17
C ASN D 601 10.68 -40.97 14.00
N CYS D 602 11.63 -41.91 14.08
CA CYS D 602 12.00 -42.76 12.95
C CYS D 602 10.91 -43.74 12.55
N THR D 603 9.74 -43.72 13.19
CA THR D 603 8.65 -44.61 12.79
C THR D 603 8.20 -44.30 11.37
N GLU D 604 8.06 -43.02 11.04
CA GLU D 604 7.71 -42.61 9.69
C GLU D 604 8.98 -42.37 8.86
N VAL D 605 8.77 -42.00 7.60
CA VAL D 605 9.88 -41.75 6.69
C VAL D 605 10.54 -40.41 7.02
N THR D 623 18.21 -40.64 3.32
CA THR D 623 18.03 -41.08 1.95
C THR D 623 17.58 -42.55 1.97
N GLY D 624 17.47 -43.11 3.16
CA GLY D 624 16.99 -44.47 3.32
C GLY D 624 18.07 -45.52 3.46
N SER D 625 19.03 -45.28 4.36
CA SER D 625 20.12 -46.23 4.60
C SER D 625 20.05 -46.84 5.99
N ASN D 626 20.05 -46.02 7.03
CA ASN D 626 19.99 -46.47 8.41
C ASN D 626 18.97 -45.65 9.18
N VAL D 627 18.83 -45.93 10.48
CA VAL D 627 17.95 -45.17 11.35
C VAL D 627 18.66 -44.95 12.69
N PHE D 628 18.53 -43.75 13.22
CA PHE D 628 19.13 -43.40 14.50
C PHE D 628 18.28 -42.28 15.11
N GLN D 629 17.79 -42.51 16.32
CA GLN D 629 16.87 -41.59 16.97
C GLN D 629 17.61 -40.78 18.02
N THR D 630 17.73 -39.48 17.78
CA THR D 630 18.31 -38.53 18.72
C THR D 630 17.21 -37.66 19.30
N ARG D 631 17.61 -36.75 20.20
CA ARG D 631 16.65 -35.82 20.77
C ARG D 631 16.23 -34.73 19.80
N ALA D 632 16.89 -34.62 18.65
CA ALA D 632 16.58 -33.58 17.67
C ALA D 632 15.81 -34.11 16.46
N GLY D 633 15.81 -35.40 16.21
CA GLY D 633 15.09 -35.96 15.09
C GLY D 633 15.65 -37.30 14.69
N CYS D 634 15.24 -37.73 13.49
CA CYS D 634 15.66 -39.01 12.93
C CYS D 634 16.81 -38.77 11.96
N LEU D 635 17.98 -39.31 12.30
CA LEU D 635 19.19 -39.13 11.50
C LEU D 635 19.42 -40.37 10.65
N ILE D 636 19.55 -40.17 9.34
CA ILE D 636 19.66 -41.25 8.38
C ILE D 636 20.97 -41.11 7.62
N GLY D 637 21.72 -42.20 7.53
CA GLY D 637 22.95 -42.23 6.77
C GLY D 637 24.23 -42.13 7.58
N ALA D 638 24.13 -41.99 8.90
CA ALA D 638 25.29 -41.91 9.76
C ALA D 638 25.23 -43.02 10.81
N GLU D 639 26.41 -43.52 11.18
CA GLU D 639 26.52 -44.66 12.08
C GLU D 639 26.92 -44.19 13.47
N HIS D 640 26.14 -44.58 14.47
CA HIS D 640 26.43 -44.23 15.85
C HIS D 640 27.68 -44.96 16.35
N VAL D 641 28.50 -44.26 17.12
CA VAL D 641 29.73 -44.81 17.67
C VAL D 641 29.82 -44.40 19.14
N ASN D 642 30.69 -45.09 19.87
CA ASN D 642 30.81 -44.92 21.32
C ASN D 642 31.89 -43.94 21.74
N ASN D 643 33.10 -44.06 21.16
CA ASN D 643 34.19 -43.19 21.55
C ASN D 643 33.90 -41.74 21.19
N SER D 644 34.22 -40.83 22.11
CA SER D 644 33.88 -39.41 21.97
C SER D 644 35.09 -38.62 21.51
N TYR D 645 34.83 -37.61 20.69
CA TYR D 645 35.88 -36.75 20.15
C TYR D 645 35.45 -35.30 20.30
N GLU D 646 36.36 -34.40 19.93
CA GLU D 646 36.02 -32.97 19.89
C GLU D 646 35.00 -32.73 18.78
N CYS D 647 34.04 -31.84 19.07
CA CYS D 647 32.93 -31.64 18.15
C CYS D 647 33.40 -31.02 16.84
N ASP D 648 32.84 -31.52 15.73
CA ASP D 648 33.16 -31.01 14.40
C ASP D 648 31.96 -30.34 13.74
N ILE D 649 30.83 -31.05 13.64
CA ILE D 649 29.60 -30.47 13.07
C ILE D 649 28.50 -30.56 14.11
N PRO D 650 28.01 -29.43 14.63
CA PRO D 650 26.98 -29.50 15.67
C PRO D 650 25.64 -29.92 15.11
N ILE D 651 25.00 -30.88 15.77
CA ILE D 651 23.70 -31.38 15.38
C ILE D 651 22.62 -30.97 16.38
N GLY D 652 22.88 -31.14 17.66
CA GLY D 652 21.97 -30.70 18.71
C GLY D 652 21.88 -31.65 19.88
N ALA D 653 21.64 -31.07 21.07
CA ALA D 653 21.43 -31.83 22.31
C ALA D 653 22.63 -32.71 22.65
N GLY D 654 23.83 -32.18 22.41
CA GLY D 654 25.04 -32.90 22.76
C GLY D 654 25.52 -33.92 21.76
N ILE D 655 24.97 -33.93 20.56
CA ILE D 655 25.36 -34.88 19.51
C ILE D 655 26.08 -34.10 18.41
N CYS D 656 27.23 -34.62 17.99
CA CYS D 656 28.01 -34.02 16.92
C CYS D 656 28.25 -35.06 15.83
N ALA D 657 28.81 -34.61 14.71
CA ALA D 657 29.08 -35.50 13.59
C ALA D 657 30.30 -35.02 12.79
N VAL D 672 33.66 -36.23 8.68
CA VAL D 672 33.87 -37.56 8.11
C VAL D 672 35.15 -38.17 8.67
N ALA D 673 35.07 -39.45 9.03
CA ALA D 673 36.21 -40.17 9.57
C ALA D 673 35.99 -41.65 9.33
N SER D 674 37.07 -42.36 9.00
CA SER D 674 37.02 -43.79 8.67
C SER D 674 36.02 -44.06 7.56
N GLN D 675 36.20 -43.32 6.45
CA GLN D 675 35.43 -43.48 5.20
C GLN D 675 33.93 -43.57 5.44
N SER D 676 33.43 -42.89 6.47
CA SER D 676 32.00 -42.87 6.76
C SER D 676 31.68 -41.63 7.58
N ILE D 677 30.40 -41.31 7.66
CA ILE D 677 29.89 -40.23 8.49
C ILE D 677 29.43 -40.83 9.80
N ILE D 678 29.98 -40.36 10.92
CA ILE D 678 29.71 -40.93 12.23
C ILE D 678 29.04 -39.89 13.11
N ALA D 679 28.26 -40.37 14.07
CA ALA D 679 27.59 -39.53 15.06
C ALA D 679 27.96 -40.01 16.45
N TYR D 680 28.36 -39.09 17.31
CA TYR D 680 28.83 -39.43 18.64
C TYR D 680 28.35 -38.35 19.61
N THR D 681 28.91 -38.38 20.83
CA THR D 681 28.63 -37.38 21.85
C THR D 681 29.90 -36.55 22.05
N MET D 682 29.73 -35.23 22.07
CA MET D 682 30.90 -34.35 22.14
C MET D 682 31.60 -34.49 23.49
N SER D 683 32.91 -34.25 23.48
CA SER D 683 33.75 -34.37 24.66
C SER D 683 34.26 -33.00 25.08
N LEU D 684 34.20 -32.71 26.37
CA LEU D 684 34.54 -31.40 26.88
C LEU D 684 36.04 -31.16 26.97
N GLY D 685 36.86 -32.22 27.00
CA GLY D 685 38.29 -32.05 27.05
C GLY D 685 39.02 -33.12 27.83
N ALA D 686 40.35 -33.10 27.80
CA ALA D 686 41.14 -34.09 28.51
C ALA D 686 41.02 -33.89 30.01
N GLU D 687 40.93 -35.00 30.74
CA GLU D 687 40.76 -34.97 32.18
C GLU D 687 42.13 -34.89 32.84
N ASN D 688 42.30 -33.90 33.72
CA ASN D 688 43.58 -33.66 34.38
C ASN D 688 43.33 -33.38 35.85
N SER D 689 44.22 -33.88 36.71
CA SER D 689 44.13 -33.67 38.15
C SER D 689 45.45 -33.15 38.66
N VAL D 690 45.40 -32.07 39.43
CA VAL D 690 46.59 -31.47 40.03
C VAL D 690 46.78 -32.04 41.43
N ALA D 691 48.03 -32.34 41.78
CA ALA D 691 48.36 -33.02 43.03
C ALA D 691 48.33 -32.02 44.17
N TYR D 692 47.19 -31.95 44.86
CA TYR D 692 47.04 -31.05 45.99
C TYR D 692 47.64 -31.66 47.25
N SER D 693 48.47 -30.88 47.94
CA SER D 693 49.02 -31.28 49.22
C SER D 693 49.17 -30.02 50.07
N ASN D 694 49.20 -30.21 51.39
CA ASN D 694 49.19 -29.08 52.31
C ASN D 694 50.58 -28.58 52.68
N ASN D 695 51.64 -29.14 52.09
CA ASN D 695 52.98 -28.59 52.25
C ASN D 695 53.78 -28.67 50.96
N SER D 696 53.13 -28.56 49.81
CA SER D 696 53.80 -28.67 48.52
C SER D 696 53.44 -27.48 47.65
N ILE D 697 54.40 -27.07 46.80
CA ILE D 697 54.22 -25.94 45.91
C ILE D 697 55.05 -26.19 44.65
N ALA D 698 54.66 -25.52 43.57
CA ALA D 698 55.35 -25.60 42.28
C ALA D 698 55.74 -24.21 41.81
N ILE D 699 56.99 -24.04 41.38
CA ILE D 699 57.51 -22.75 40.96
C ILE D 699 58.17 -22.91 39.59
N PRO D 700 57.79 -22.14 38.59
CA PRO D 700 58.38 -22.30 37.26
C PRO D 700 59.84 -21.89 37.21
N THR D 701 60.57 -22.47 36.26
CA THR D 701 62.00 -22.21 36.10
C THR D 701 62.36 -21.68 34.71
N ASN D 702 61.38 -21.36 33.88
CA ASN D 702 61.64 -20.86 32.54
C ASN D 702 60.37 -20.20 32.01
N PHE D 703 60.52 -19.44 30.93
CA PHE D 703 59.42 -18.67 30.36
C PHE D 703 59.44 -18.79 28.85
N THR D 704 58.30 -18.43 28.24
CA THR D 704 58.18 -18.28 26.80
C THR D 704 57.48 -16.96 26.49
N ILE D 705 57.74 -16.45 25.30
CA ILE D 705 57.14 -15.20 24.83
C ILE D 705 56.26 -15.54 23.63
N SER D 706 54.98 -15.18 23.72
CA SER D 706 54.00 -15.54 22.69
C SER D 706 53.27 -14.29 22.22
N VAL D 707 52.99 -14.24 20.93
CA VAL D 707 52.28 -13.13 20.31
C VAL D 707 51.01 -13.66 19.67
N THR D 708 49.88 -13.02 20.00
CA THR D 708 48.57 -13.39 19.48
C THR D 708 47.94 -12.21 18.77
N THR D 709 46.86 -12.47 18.04
CA THR D 709 46.19 -11.47 17.22
C THR D 709 44.72 -11.36 17.59
N GLU D 710 44.15 -10.18 17.31
CA GLU D 710 42.74 -9.90 17.57
C GLU D 710 42.22 -9.01 16.45
N ILE D 711 41.04 -9.35 15.91
CA ILE D 711 40.46 -8.66 14.77
C ILE D 711 39.11 -8.08 15.18
N LEU D 712 38.93 -6.78 14.94
CA LEU D 712 37.69 -6.07 15.27
C LEU D 712 37.28 -5.17 14.11
N PRO D 713 35.99 -5.09 13.81
CA PRO D 713 35.49 -4.12 12.82
C PRO D 713 35.06 -2.81 13.44
N VAL D 714 35.18 -1.73 12.67
CA VAL D 714 34.91 -0.38 13.15
C VAL D 714 33.77 0.29 12.38
N SER D 715 33.68 0.10 11.07
CA SER D 715 32.75 0.90 10.28
C SER D 715 32.17 0.07 9.13
N MET D 716 31.14 0.64 8.50
CA MET D 716 30.46 0.07 7.34
C MET D 716 30.54 1.06 6.17
N THR D 717 29.79 0.75 5.11
CA THR D 717 29.76 1.58 3.92
C THR D 717 28.63 2.60 4.02
N LYS D 718 28.93 3.84 3.66
CA LYS D 718 27.97 4.94 3.72
C LYS D 718 27.15 4.95 2.45
N THR D 719 25.94 4.39 2.53
CA THR D 719 25.06 4.31 1.37
C THR D 719 23.95 5.37 1.46
N SER D 720 23.18 5.47 0.39
CA SER D 720 22.05 6.40 0.34
C SER D 720 21.08 5.93 -0.73
N VAL D 721 19.80 6.19 -0.49
CA VAL D 721 18.72 5.80 -1.40
C VAL D 721 17.77 6.97 -1.58
N ASP D 722 17.41 7.26 -2.82
CA ASP D 722 16.45 8.31 -3.13
C ASP D 722 15.05 7.70 -3.18
N CYS D 723 14.12 8.33 -2.44
CA CYS D 723 12.80 7.73 -2.26
C CYS D 723 11.95 7.84 -3.53
N THR D 724 11.77 9.06 -4.03
CA THR D 724 10.88 9.27 -5.17
C THR D 724 11.45 8.66 -6.45
N MET D 725 12.78 8.59 -6.58
CA MET D 725 13.38 7.98 -7.75
C MET D 725 13.22 6.46 -7.72
N TYR D 726 13.41 5.86 -6.54
CA TYR D 726 13.27 4.41 -6.42
C TYR D 726 11.83 3.99 -6.63
N ILE D 727 10.90 4.62 -5.93
CA ILE D 727 9.49 4.22 -6.02
C ILE D 727 8.90 4.61 -7.37
N CYS D 728 9.21 5.80 -7.86
CA CYS D 728 8.51 6.42 -9.00
C CYS D 728 9.49 6.98 -10.01
N GLY D 729 10.43 6.16 -10.45
CA GLY D 729 11.43 6.61 -11.40
C GLY D 729 10.87 7.14 -12.70
N ASP D 730 10.97 8.45 -12.90
CA ASP D 730 10.61 9.14 -14.13
C ASP D 730 9.14 8.91 -14.47
N SER D 731 8.28 9.40 -13.58
CA SER D 731 6.83 9.37 -13.81
C SER D 731 6.19 10.44 -12.94
N THR D 732 5.26 11.20 -13.52
CA THR D 732 4.61 12.28 -12.79
C THR D 732 3.29 11.86 -12.16
N GLU D 733 2.56 10.95 -12.80
CA GLU D 733 1.27 10.53 -12.26
C GLU D 733 1.43 9.80 -10.93
N CYS D 734 2.35 8.85 -10.88
CA CYS D 734 2.53 8.09 -9.65
C CYS D 734 3.17 8.94 -8.55
N SER D 735 3.95 9.96 -8.92
CA SER D 735 4.48 10.85 -7.89
C SER D 735 3.37 11.77 -7.35
N ASN D 736 2.47 12.22 -8.22
CA ASN D 736 1.31 12.97 -7.76
C ASN D 736 0.43 12.12 -6.86
N LEU D 737 0.40 10.81 -7.10
CA LEU D 737 -0.29 9.90 -6.18
C LEU D 737 0.49 9.74 -4.88
N LEU D 738 1.82 9.63 -4.97
CA LEU D 738 2.67 9.44 -3.80
C LEU D 738 2.67 10.64 -2.87
N LEU D 739 2.32 11.82 -3.38
CA LEU D 739 2.27 13.01 -2.53
C LEU D 739 1.24 12.89 -1.42
N GLN D 740 0.31 11.93 -1.51
CA GLN D 740 -0.74 11.78 -0.52
C GLN D 740 -0.30 11.05 0.74
N TYR D 741 0.89 10.47 0.76
CA TYR D 741 1.35 9.68 1.90
C TYR D 741 2.08 10.50 2.95
N GLY D 742 2.33 11.78 2.70
CA GLY D 742 2.93 12.65 3.70
C GLY D 742 4.44 12.73 3.55
N SER D 743 5.16 12.42 4.62
CA SER D 743 6.60 12.69 4.73
C SER D 743 7.36 11.45 5.17
N PHE D 744 7.12 10.32 4.50
CA PHE D 744 7.89 9.12 4.80
C PHE D 744 9.29 9.17 4.19
N CYS D 745 9.42 9.77 3.01
CA CYS D 745 10.69 9.77 2.30
C CYS D 745 11.76 10.53 3.08
N THR D 746 11.41 11.71 3.59
CA THR D 746 12.36 12.47 4.40
C THR D 746 12.67 11.75 5.71
N GLN D 747 11.70 11.01 6.24
CA GLN D 747 11.96 10.21 7.45
C GLN D 747 13.02 9.16 7.20
N LEU D 748 12.96 8.49 6.04
CA LEU D 748 13.99 7.51 5.71
C LEU D 748 15.34 8.18 5.47
N ASN D 749 15.34 9.29 4.72
CA ASN D 749 16.58 9.96 4.37
C ASN D 749 17.31 10.47 5.61
N ARG D 750 16.56 10.96 6.60
CA ARG D 750 17.17 11.47 7.82
C ARG D 750 17.95 10.38 8.55
N ALA D 751 17.35 9.19 8.70
CA ALA D 751 18.02 8.10 9.39
C ALA D 751 19.25 7.63 8.61
N LEU D 752 19.13 7.51 7.29
CA LEU D 752 20.28 7.10 6.49
C LEU D 752 21.43 8.10 6.64
N THR D 753 21.13 9.39 6.60
CA THR D 753 22.17 10.41 6.79
C THR D 753 22.78 10.30 8.18
N GLY D 754 21.95 10.02 9.20
CA GLY D 754 22.48 9.91 10.55
C GLY D 754 23.51 8.80 10.68
N ILE D 755 23.19 7.60 10.16
CA ILE D 755 24.15 6.51 10.29
C ILE D 755 25.39 6.77 9.43
N ALA D 756 25.20 7.36 8.24
CA ALA D 756 26.35 7.72 7.41
C ALA D 756 27.29 8.65 8.15
N VAL D 757 26.75 9.61 8.89
CA VAL D 757 27.58 10.51 9.69
C VAL D 757 28.26 9.74 10.82
N GLU D 758 27.53 8.81 11.45
CA GLU D 758 28.06 8.10 12.61
C GLU D 758 29.29 7.27 12.28
N GLN D 759 29.37 6.74 11.05
CA GLN D 759 30.51 5.89 10.70
C GLN D 759 31.85 6.63 10.80
N ASP D 760 31.89 7.88 10.32
CA ASP D 760 33.12 8.66 10.41
C ASP D 760 33.51 8.95 11.85
N LYS D 761 32.53 9.20 12.71
CA LYS D 761 32.81 9.36 14.12
C LYS D 761 33.43 8.10 14.70
N ASN D 762 32.92 6.93 14.32
CA ASN D 762 33.51 5.67 14.78
C ASN D 762 34.99 5.62 14.41
N THR D 763 35.30 5.87 13.14
CA THR D 763 36.69 5.79 12.70
C THR D 763 37.59 6.78 13.43
N GLN D 764 37.10 8.02 13.60
CA GLN D 764 37.91 9.06 14.23
C GLN D 764 38.13 8.78 15.70
N GLU D 765 37.13 8.22 16.40
CA GLU D 765 37.34 7.83 17.78
C GLU D 765 38.36 6.72 17.91
N VAL D 766 38.32 5.74 16.99
CA VAL D 766 39.27 4.63 17.10
C VAL D 766 40.70 5.12 16.86
N PHE D 767 40.93 5.85 15.78
CA PHE D 767 42.31 6.06 15.33
C PHE D 767 42.94 7.37 15.77
N ALA D 768 42.19 8.48 15.79
CA ALA D 768 42.77 9.78 16.14
C ALA D 768 42.95 9.87 17.65
N GLN D 769 44.07 9.33 18.13
CA GLN D 769 44.37 9.30 19.55
C GLN D 769 45.74 9.90 19.89
N VAL D 770 46.43 10.49 18.91
CA VAL D 770 47.77 11.00 19.12
C VAL D 770 47.77 12.50 18.81
N LYS D 771 48.47 13.26 19.63
CA LYS D 771 48.50 14.71 19.47
C LYS D 771 49.37 15.13 18.28
N GLN D 772 50.52 14.48 18.10
CA GLN D 772 51.46 14.84 17.05
C GLN D 772 51.78 13.66 16.17
N ILE D 773 52.76 13.80 15.28
CA ILE D 773 53.19 12.73 14.40
C ILE D 773 54.66 12.44 14.72
N TYR D 774 54.90 11.29 15.36
CA TYR D 774 56.24 10.90 15.75
C TYR D 774 56.92 10.13 14.63
N LYS D 775 58.24 10.21 14.59
CA LYS D 775 59.04 9.56 13.56
C LYS D 775 60.17 8.77 14.18
N THR D 776 60.45 7.60 13.60
CA THR D 776 61.46 6.68 14.10
C THR D 776 62.84 7.06 13.57
N PRO D 777 63.89 6.86 14.38
CA PRO D 777 65.25 7.21 13.94
C PRO D 777 65.71 6.34 12.79
N PRO D 778 66.64 6.83 11.97
CA PRO D 778 67.10 6.05 10.82
C PRO D 778 68.09 4.94 11.16
N ILE D 779 68.50 4.82 12.42
CA ILE D 779 69.36 3.73 12.87
C ILE D 779 68.53 2.83 13.78
N LYS D 780 68.35 1.58 13.37
CA LYS D 780 67.48 0.66 14.10
C LYS D 780 68.30 -0.20 15.07
N ASP D 781 68.93 0.49 16.02
CA ASP D 781 69.72 -0.15 17.08
C ASP D 781 68.87 -0.21 18.33
N PHE D 782 67.93 -1.15 18.35
CA PHE D 782 67.02 -1.34 19.48
C PHE D 782 67.47 -2.45 20.42
N GLY D 783 68.78 -2.66 20.55
CA GLY D 783 69.27 -3.66 21.47
C GLY D 783 69.07 -5.10 21.02
N GLY D 784 68.93 -5.33 19.72
CA GLY D 784 68.76 -6.67 19.20
C GLY D 784 67.36 -7.02 18.77
N PHE D 785 66.37 -6.21 19.13
CA PHE D 785 65.00 -6.46 18.71
C PHE D 785 64.81 -6.02 17.26
N ASN D 786 64.06 -6.82 16.51
CA ASN D 786 63.77 -6.57 15.10
C ASN D 786 62.30 -6.19 14.94
N PHE D 787 62.06 -4.96 14.49
CA PHE D 787 60.71 -4.44 14.29
C PHE D 787 60.36 -4.26 12.82
N SER D 788 61.16 -4.82 11.91
CA SER D 788 61.01 -4.52 10.49
C SER D 788 59.67 -4.99 9.92
N GLN D 789 59.00 -5.92 10.58
CA GLN D 789 57.78 -6.50 10.02
C GLN D 789 56.54 -5.64 10.28
N ILE D 790 56.63 -4.61 11.12
CA ILE D 790 55.48 -3.79 11.42
C ILE D 790 55.74 -2.34 11.02
N LEU D 791 57.02 -1.96 10.97
CA LEU D 791 57.37 -0.61 10.57
C LEU D 791 57.09 -0.41 9.07
N PRO D 792 56.79 0.82 8.66
CA PRO D 792 56.46 1.06 7.25
C PRO D 792 57.66 0.84 6.34
N ASP D 793 57.35 0.42 5.11
CA ASP D 793 58.37 0.09 4.12
C ASP D 793 58.44 1.17 3.06
N PRO D 794 59.55 1.90 2.93
CA PRO D 794 59.62 2.95 1.91
C PRO D 794 59.55 2.44 0.48
N SER D 795 59.81 1.16 0.24
CA SER D 795 59.83 0.61 -1.11
C SER D 795 58.46 0.17 -1.59
N LYS D 796 57.42 0.30 -0.77
CA LYS D 796 56.07 -0.11 -1.12
C LYS D 796 55.24 1.10 -1.53
N PRO D 797 54.15 0.87 -2.28
CA PRO D 797 53.18 1.94 -2.47
C PRO D 797 52.34 2.14 -1.21
N SER D 798 51.99 3.40 -0.95
CA SER D 798 51.20 3.83 0.20
C SER D 798 51.91 3.60 1.53
N LYS D 799 53.15 3.12 1.51
CA LYS D 799 54.00 2.99 2.70
C LYS D 799 53.31 2.12 3.77
N ARG D 800 53.13 0.86 3.44
CA ARG D 800 52.49 -0.12 4.31
C ARG D 800 53.50 -1.20 4.72
N SER D 801 53.31 -1.75 5.90
CA SER D 801 54.14 -2.85 6.36
C SER D 801 53.76 -4.13 5.63
N PRO D 802 54.65 -5.13 5.63
CA PRO D 802 54.30 -6.42 5.00
C PRO D 802 53.03 -7.05 5.58
N ILE D 803 52.86 -7.01 6.90
CA ILE D 803 51.67 -7.59 7.51
C ILE D 803 50.42 -6.82 7.08
N GLU D 804 50.52 -5.49 7.04
CA GLU D 804 49.42 -4.68 6.51
C GLU D 804 49.14 -5.03 5.06
N ASP D 805 50.19 -5.31 4.28
CA ASP D 805 50.00 -5.68 2.88
C ASP D 805 49.21 -6.97 2.76
N LEU D 806 49.57 -7.99 3.53
CA LEU D 806 48.79 -9.23 3.50
C LEU D 806 47.36 -9.00 3.98
N LEU D 807 47.18 -8.18 5.00
CA LEU D 807 45.84 -7.92 5.51
C LEU D 807 44.96 -7.26 4.46
N PHE D 808 45.51 -6.29 3.72
CA PHE D 808 44.75 -5.64 2.67
C PHE D 808 44.58 -6.52 1.44
N ASN D 809 45.45 -7.51 1.24
CA ASN D 809 45.31 -8.39 0.09
C ASN D 809 44.41 -9.58 0.35
N LYS D 810 44.16 -9.94 1.60
CA LYS D 810 43.33 -11.09 1.92
C LYS D 810 41.86 -10.75 2.09
N VAL D 811 41.47 -9.49 1.95
CA VAL D 811 40.08 -9.08 2.02
C VAL D 811 39.66 -8.61 0.63
N THR D 812 38.70 -9.31 0.03
CA THR D 812 38.21 -9.00 -1.30
C THR D 812 36.90 -8.23 -1.18
N LEU D 813 36.87 -7.03 -1.74
CA LEU D 813 35.70 -6.16 -1.66
C LEU D 813 34.82 -6.33 -2.89
N GLN D 838 29.60 0.18 -8.61
CA GLN D 838 28.26 -0.14 -9.09
C GLN D 838 27.26 0.95 -8.70
N LYS D 839 26.48 1.41 -9.69
CA LYS D 839 25.45 2.41 -9.46
C LYS D 839 24.16 1.94 -10.11
N PHE D 840 23.05 2.30 -9.48
CA PHE D 840 21.74 1.83 -9.90
C PHE D 840 20.76 2.99 -9.83
N ASN D 841 19.47 2.70 -9.89
CA ASN D 841 18.43 3.72 -9.89
C ASN D 841 18.23 4.24 -8.47
N GLY D 842 18.80 5.41 -8.18
CA GLY D 842 18.58 6.06 -6.91
C GLY D 842 19.47 5.61 -5.77
N LEU D 843 20.47 4.77 -6.05
CA LEU D 843 21.37 4.27 -5.02
C LEU D 843 22.78 4.79 -5.26
N THR D 844 23.37 5.40 -4.24
CA THR D 844 24.71 5.95 -4.34
C THR D 844 25.51 5.59 -3.10
N VAL D 845 26.83 5.57 -3.24
CA VAL D 845 27.74 5.27 -2.14
C VAL D 845 28.67 6.47 -1.96
N LEU D 846 28.68 7.01 -0.75
CA LEU D 846 29.52 8.16 -0.41
C LEU D 846 30.90 7.71 0.03
N PRO D 847 31.93 8.51 -0.22
CA PRO D 847 33.29 8.11 0.15
C PRO D 847 33.60 8.45 1.59
N PRO D 848 34.45 7.67 2.25
CA PRO D 848 34.85 8.00 3.62
C PRO D 848 35.72 9.24 3.67
N LEU D 849 35.68 9.91 4.83
CA LEU D 849 36.41 11.17 4.99
C LEU D 849 37.91 10.93 5.12
N LEU D 850 38.31 9.90 5.85
CA LEU D 850 39.73 9.59 6.03
C LEU D 850 40.13 8.50 5.04
N THR D 851 41.04 8.83 4.15
CA THR D 851 41.53 7.86 3.18
C THR D 851 42.41 6.82 3.86
N ASP D 852 42.61 5.70 3.15
CA ASP D 852 43.43 4.62 3.68
C ASP D 852 44.91 4.99 3.81
N GLU D 853 45.34 6.11 3.24
CA GLU D 853 46.71 6.57 3.33
C GLU D 853 46.95 7.48 4.53
N MET D 854 45.90 7.80 5.29
CA MET D 854 46.03 8.58 6.52
C MET D 854 45.95 7.71 7.77
N ILE D 855 45.14 6.64 7.72
CA ILE D 855 45.09 5.70 8.84
C ILE D 855 46.45 5.01 9.00
N ALA D 856 47.13 4.72 7.89
CA ALA D 856 48.47 4.14 7.97
C ALA D 856 49.43 5.10 8.66
N GLN D 857 49.34 6.39 8.34
CA GLN D 857 50.19 7.38 9.01
C GLN D 857 49.88 7.46 10.49
N TYR D 858 48.59 7.40 10.85
CA TYR D 858 48.21 7.39 12.26
C TYR D 858 48.86 6.21 12.99
N THR D 859 48.71 5.00 12.45
CA THR D 859 49.28 3.83 13.12
C THR D 859 50.80 3.86 13.14
N SER D 860 51.43 4.42 12.10
CA SER D 860 52.88 4.54 12.10
C SER D 860 53.35 5.49 13.19
N ALA D 861 52.64 6.61 13.37
CA ALA D 861 52.98 7.52 14.46
C ALA D 861 52.82 6.85 15.81
N LEU D 862 51.74 6.09 15.98
CA LEU D 862 51.54 5.38 17.25
C LEU D 862 52.67 4.38 17.51
N LEU D 863 53.07 3.63 16.48
CA LEU D 863 54.15 2.66 16.63
C LEU D 863 55.47 3.33 16.99
N ALA D 864 55.79 4.43 16.29
CA ALA D 864 57.06 5.13 16.58
C ALA D 864 57.06 5.69 18.00
N GLY D 865 55.94 6.28 18.42
CA GLY D 865 55.87 6.78 19.78
C GLY D 865 56.02 5.68 20.82
N THR D 866 55.34 4.54 20.60
CA THR D 866 55.45 3.42 21.53
C THR D 866 56.87 2.90 21.62
N ILE D 867 57.55 2.79 20.47
CA ILE D 867 58.90 2.25 20.46
C ILE D 867 59.86 3.20 21.17
N THR D 868 59.78 4.49 20.84
CA THR D 868 60.82 5.41 21.32
C THR D 868 60.58 5.89 22.74
N SER D 869 59.33 6.10 23.15
CA SER D 869 59.05 6.73 24.44
C SER D 869 58.52 5.77 25.50
N GLY D 870 57.66 4.82 25.13
CA GLY D 870 57.05 3.94 26.10
C GLY D 870 55.59 4.26 26.32
N TRP D 871 55.15 4.29 27.57
CA TRP D 871 53.81 4.76 27.88
C TRP D 871 53.77 6.24 28.24
N THR D 872 54.90 6.93 28.16
CA THR D 872 54.99 8.31 28.63
C THR D 872 54.32 9.28 27.68
N PHE D 873 54.19 8.92 26.40
CA PHE D 873 53.64 9.85 25.42
C PHE D 873 52.12 9.88 25.42
N GLY D 874 51.47 9.12 26.30
CA GLY D 874 50.03 9.20 26.44
C GLY D 874 49.56 9.99 27.65
N ALA D 875 50.52 10.40 28.49
CA ALA D 875 50.22 11.15 29.70
C ALA D 875 50.59 12.62 29.59
N GLY D 876 51.83 12.92 29.21
CA GLY D 876 52.28 14.27 29.02
C GLY D 876 53.20 14.37 27.82
N PRO D 877 54.34 15.04 27.99
CA PRO D 877 55.35 15.05 26.94
C PRO D 877 56.04 13.70 26.83
N ALA D 878 56.59 13.44 25.65
CA ALA D 878 57.31 12.19 25.40
C ALA D 878 58.74 12.31 25.91
N LEU D 879 59.15 11.35 26.74
CA LEU D 879 60.48 11.32 27.34
C LEU D 879 61.18 10.04 26.89
N GLN D 880 62.30 10.18 26.20
CA GLN D 880 62.96 9.04 25.57
C GLN D 880 63.56 8.12 26.62
N ILE D 881 63.68 6.84 26.25
CA ILE D 881 64.23 5.81 27.14
C ILE D 881 64.72 4.65 26.29
N PRO D 882 65.89 4.07 26.58
CA PRO D 882 66.36 2.93 25.78
C PRO D 882 65.42 1.74 25.90
N PHE D 883 65.36 0.96 24.82
CA PHE D 883 64.36 -0.12 24.75
C PHE D 883 64.60 -1.22 25.77
N PRO D 884 65.82 -1.75 25.97
CA PRO D 884 65.99 -2.77 27.01
C PRO D 884 65.61 -2.27 28.40
N MET D 885 65.84 -1.00 28.72
CA MET D 885 65.40 -0.47 30.00
C MET D 885 63.89 -0.46 30.12
N GLN D 886 63.20 -0.08 29.04
CA GLN D 886 61.74 -0.10 29.04
C GLN D 886 61.20 -1.51 29.22
N MET D 887 61.83 -2.49 28.55
CA MET D 887 61.39 -3.87 28.70
C MET D 887 61.67 -4.38 30.11
N ALA D 888 62.78 -3.97 30.72
CA ALA D 888 63.05 -4.34 32.10
C ALA D 888 61.99 -3.79 33.04
N TYR D 889 61.58 -2.54 32.83
CA TYR D 889 60.52 -1.99 33.67
C TYR D 889 59.19 -2.70 33.45
N ARG D 890 58.89 -3.07 32.20
CA ARG D 890 57.66 -3.82 31.94
C ARG D 890 57.71 -5.20 32.58
N PHE D 891 58.89 -5.84 32.61
CA PHE D 891 59.05 -7.09 33.33
C PHE D 891 58.81 -6.91 34.82
N ASN D 892 59.36 -5.83 35.39
CA ASN D 892 59.11 -5.54 36.80
C ASN D 892 57.63 -5.29 37.06
N GLY D 893 56.91 -4.80 36.06
CA GLY D 893 55.50 -4.50 36.23
C GLY D 893 54.61 -5.69 36.50
N ILE D 894 55.04 -6.90 36.12
CA ILE D 894 54.22 -8.09 36.33
C ILE D 894 54.68 -8.93 37.51
N GLY D 895 55.84 -8.63 38.07
CA GLY D 895 56.32 -9.32 39.25
C GLY D 895 57.64 -10.06 39.11
N VAL D 896 58.45 -9.75 38.11
CA VAL D 896 59.74 -10.39 37.88
C VAL D 896 60.82 -9.33 37.96
N THR D 897 61.88 -9.60 38.72
CA THR D 897 62.97 -8.64 38.85
C THR D 897 63.65 -8.41 37.50
N GLN D 898 64.27 -7.24 37.36
CA GLN D 898 64.80 -6.81 36.06
C GLN D 898 66.07 -7.55 35.67
N ASN D 899 66.85 -8.02 36.64
CA ASN D 899 68.06 -8.76 36.29
C ASN D 899 67.74 -10.05 35.55
N VAL D 900 66.50 -10.54 35.65
CA VAL D 900 66.09 -11.67 34.83
C VAL D 900 66.17 -11.31 33.35
N LEU D 901 65.69 -10.13 32.97
CA LEU D 901 65.84 -9.69 31.59
C LEU D 901 67.29 -9.35 31.27
N TYR D 902 67.98 -8.67 32.20
CA TYR D 902 69.34 -8.23 31.91
C TYR D 902 70.30 -9.40 31.72
N GLU D 903 70.03 -10.54 32.34
CA GLU D 903 70.87 -11.71 32.17
C GLU D 903 70.40 -12.63 31.04
N ASN D 904 69.20 -12.42 30.50
CA ASN D 904 68.64 -13.26 29.45
C ASN D 904 68.15 -12.40 28.28
N GLN D 905 68.98 -11.45 27.86
CA GLN D 905 68.56 -10.49 26.85
C GLN D 905 68.51 -11.11 25.45
N LYS D 906 69.56 -11.87 25.08
CA LYS D 906 69.63 -12.42 23.73
C LYS D 906 68.52 -13.45 23.49
N LEU D 907 68.26 -14.31 24.46
CA LEU D 907 67.23 -15.32 24.30
C LEU D 907 65.85 -14.67 24.13
N ILE D 908 65.58 -13.64 24.93
CA ILE D 908 64.29 -12.94 24.84
C ILE D 908 64.15 -12.24 23.50
N ALA D 909 65.22 -11.60 23.03
CA ALA D 909 65.16 -10.95 21.71
C ALA D 909 64.90 -11.96 20.61
N ASN D 910 65.58 -13.12 20.66
CA ASN D 910 65.37 -14.15 19.65
C ASN D 910 63.94 -14.68 19.68
N GLN D 911 63.40 -14.92 20.89
CA GLN D 911 62.03 -15.39 21.00
C GLN D 911 61.04 -14.38 20.44
N PHE D 912 61.24 -13.09 20.75
CA PHE D 912 60.39 -12.05 20.21
C PHE D 912 60.42 -12.06 18.69
N ASN D 913 61.62 -12.12 18.10
CA ASN D 913 61.73 -12.08 16.65
C ASN D 913 61.04 -13.28 16.00
N SER D 914 61.27 -14.47 16.54
CA SER D 914 60.66 -15.68 15.97
C SER D 914 59.14 -15.65 16.09
N ALA D 915 58.63 -15.22 17.25
CA ALA D 915 57.19 -15.15 17.44
C ALA D 915 56.54 -14.14 16.50
N ILE D 916 57.21 -13.01 16.28
CA ILE D 916 56.72 -12.03 15.32
C ILE D 916 56.71 -12.61 13.91
N GLY D 917 57.78 -13.34 13.56
CA GLY D 917 57.86 -13.92 12.23
C GLY D 917 56.80 -14.97 11.96
N LYS D 918 56.41 -15.73 12.98
CA LYS D 918 55.44 -16.81 12.78
C LYS D 918 54.07 -16.28 12.35
N ILE D 919 53.72 -15.04 12.73
CA ILE D 919 52.37 -14.54 12.53
C ILE D 919 52.05 -14.42 11.03
N GLN D 920 53.05 -14.04 10.24
CA GLN D 920 52.85 -13.92 8.80
C GLN D 920 52.30 -15.21 8.21
N ASP D 921 52.97 -16.34 8.49
CA ASP D 921 52.49 -17.63 8.01
C ASP D 921 51.20 -18.03 8.69
N SER D 922 51.04 -17.69 9.97
CA SER D 922 49.85 -18.10 10.70
C SER D 922 48.58 -17.51 10.08
N LEU D 923 48.61 -16.24 9.72
CA LEU D 923 47.44 -15.63 9.09
C LEU D 923 47.40 -15.85 7.58
N SER D 924 48.54 -16.08 6.92
CA SER D 924 48.53 -16.28 5.48
C SER D 924 48.12 -17.70 5.12
N SER D 925 48.78 -18.71 5.70
CA SER D 925 48.50 -20.09 5.37
C SER D 925 47.13 -20.57 5.84
N THR D 926 46.51 -19.86 6.78
CA THR D 926 45.20 -20.24 7.29
C THR D 926 44.14 -19.29 6.75
N PRO D 927 43.25 -19.74 5.88
CA PRO D 927 42.19 -18.85 5.39
C PRO D 927 41.07 -18.70 6.43
N SER D 928 40.14 -17.80 6.12
CA SER D 928 38.97 -17.51 6.93
C SER D 928 39.32 -16.99 8.32
N ALA D 929 40.57 -16.60 8.55
CA ALA D 929 40.93 -15.97 9.82
C ALA D 929 40.45 -14.54 9.89
N LEU D 930 40.13 -13.92 8.74
CA LEU D 930 39.59 -12.58 8.67
C LEU D 930 38.10 -12.60 8.32
N GLY D 931 37.38 -13.59 8.84
CA GLY D 931 35.97 -13.71 8.52
C GLY D 931 35.10 -12.65 9.16
N LYS D 932 35.54 -12.08 10.28
CA LYS D 932 34.75 -11.05 10.95
C LYS D 932 34.64 -9.80 10.07
N LEU D 933 35.70 -9.48 9.32
CA LEU D 933 35.68 -8.33 8.43
C LEU D 933 34.99 -8.64 7.10
N GLN D 934 34.78 -9.90 6.77
CA GLN D 934 34.11 -10.27 5.52
C GLN D 934 32.61 -10.47 5.70
N ASP D 935 32.18 -10.81 6.92
CA ASP D 935 30.75 -10.95 7.19
C ASP D 935 30.01 -9.64 6.95
N VAL D 936 30.61 -8.52 7.35
CA VAL D 936 29.97 -7.22 7.17
C VAL D 936 29.78 -6.92 5.69
N VAL D 937 30.83 -7.15 4.90
CA VAL D 937 30.75 -6.88 3.46
C VAL D 937 29.69 -7.76 2.81
N ASN D 938 29.69 -9.06 3.15
CA ASN D 938 28.70 -9.96 2.58
C ASN D 938 27.28 -9.55 2.95
N GLN D 939 27.08 -9.17 4.22
CA GLN D 939 25.74 -8.78 4.66
C GLN D 939 25.26 -7.54 3.94
N ASN D 940 26.12 -6.52 3.83
CA ASN D 940 25.73 -5.28 3.16
C ASN D 940 25.42 -5.53 1.69
N ALA D 941 26.27 -6.30 1.01
CA ALA D 941 26.03 -6.59 -0.40
C ALA D 941 24.74 -7.38 -0.60
N GLN D 942 24.48 -8.35 0.27
CA GLN D 942 23.26 -9.14 0.14
C GLN D 942 22.01 -8.29 0.36
N ALA D 943 22.05 -7.41 1.37
CA ALA D 943 20.90 -6.55 1.62
C ALA D 943 20.63 -5.62 0.44
N LEU D 944 21.69 -5.01 -0.09
CA LEU D 944 21.51 -4.13 -1.25
C LEU D 944 20.99 -4.89 -2.45
N ASN D 945 21.50 -6.10 -2.68
CA ASN D 945 21.05 -6.90 -3.82
C ASN D 945 19.58 -7.28 -3.67
N THR D 946 19.15 -7.64 -2.46
CA THR D 946 17.74 -7.97 -2.26
C THR D 946 16.85 -6.76 -2.49
N LEU D 947 17.27 -5.59 -2.00
CA LEU D 947 16.48 -4.38 -2.24
C LEU D 947 16.37 -4.10 -3.74
N VAL D 948 17.46 -4.25 -4.48
CA VAL D 948 17.40 -4.04 -5.93
C VAL D 948 16.47 -5.05 -6.58
N LYS D 949 16.57 -6.32 -6.18
CA LYS D 949 15.78 -7.37 -6.80
C LYS D 949 14.30 -7.21 -6.53
N GLN D 950 13.93 -6.59 -5.42
CA GLN D 950 12.52 -6.45 -5.07
C GLN D 950 11.74 -5.59 -6.05
N LEU D 951 12.40 -4.84 -6.93
CA LEU D 951 11.68 -3.99 -7.88
C LEU D 951 10.89 -4.79 -8.90
N SER D 952 11.28 -6.05 -9.13
CA SER D 952 10.65 -6.87 -10.16
C SER D 952 9.39 -7.57 -9.67
N SER D 953 9.00 -7.41 -8.41
CA SER D 953 7.83 -8.09 -7.89
C SER D 953 6.55 -7.41 -8.37
N ASN D 954 5.47 -8.19 -8.41
CA ASN D 954 4.21 -7.73 -8.97
C ASN D 954 3.30 -7.09 -7.92
N PHE D 955 3.22 -7.67 -6.73
CA PHE D 955 2.45 -7.18 -5.60
C PHE D 955 0.94 -7.18 -5.86
N GLY D 956 0.48 -7.83 -6.92
CA GLY D 956 -0.94 -7.97 -7.19
C GLY D 956 -1.49 -7.11 -8.31
N ALA D 957 -0.65 -6.36 -9.02
CA ALA D 957 -1.09 -5.59 -10.16
C ALA D 957 -1.03 -6.46 -11.42
N ILE D 958 -1.35 -5.89 -12.57
CA ILE D 958 -1.25 -6.63 -13.83
C ILE D 958 0.21 -6.90 -14.18
N SER D 959 1.05 -5.87 -14.08
CA SER D 959 2.46 -6.01 -14.40
C SER D 959 3.29 -5.14 -13.46
N SER D 960 4.53 -5.56 -13.24
CA SER D 960 5.40 -4.84 -12.32
C SER D 960 5.87 -3.51 -12.91
N VAL D 961 6.17 -3.49 -14.20
CA VAL D 961 6.68 -2.28 -14.84
C VAL D 961 5.58 -1.22 -14.88
N LEU D 962 5.93 0.00 -14.46
CA LEU D 962 4.94 1.06 -14.31
C LEU D 962 4.52 1.65 -15.64
N ASN D 963 5.43 1.72 -16.61
CA ASN D 963 5.09 2.33 -17.90
C ASN D 963 4.02 1.50 -18.63
N ASP D 964 4.07 0.18 -18.51
CA ASP D 964 3.12 -0.67 -19.20
C ASP D 964 1.71 -0.43 -18.66
N ILE D 965 1.53 -0.50 -17.34
CA ILE D 965 0.21 -0.30 -16.77
C ILE D 965 -0.26 1.13 -16.99
N LEU D 966 0.67 2.10 -16.95
CA LEU D 966 0.29 3.49 -17.13
C LEU D 966 -0.29 3.74 -18.52
N SER D 967 0.30 3.14 -19.55
CA SER D 967 -0.02 3.46 -20.94
C SER D 967 -0.78 2.35 -21.65
N ARG D 968 -1.55 1.54 -20.93
CA ARG D 968 -2.35 0.50 -21.58
C ARG D 968 -3.80 0.54 -21.13
N LEU D 969 -4.04 0.98 -19.89
CA LEU D 969 -5.37 1.01 -19.32
C LEU D 969 -5.88 2.45 -19.22
N ASP D 970 -7.12 2.59 -18.75
CA ASP D 970 -7.73 3.90 -18.57
C ASP D 970 -7.21 4.55 -17.28
N PRO D 971 -7.23 5.88 -17.22
CA PRO D 971 -6.71 6.59 -16.04
C PRO D 971 -7.37 6.16 -14.74
N PRO D 972 -8.71 6.04 -14.67
CA PRO D 972 -9.31 5.65 -13.39
C PRO D 972 -8.85 4.29 -12.89
N GLU D 973 -8.53 3.36 -13.78
CA GLU D 973 -8.01 2.07 -13.36
C GLU D 973 -6.51 2.12 -13.09
N ALA D 974 -5.78 2.98 -13.80
CA ALA D 974 -4.36 3.15 -13.53
C ALA D 974 -4.12 3.71 -12.13
N GLU D 975 -4.96 4.66 -11.71
CA GLU D 975 -4.82 5.23 -10.37
C GLU D 975 -5.09 4.20 -9.29
N VAL D 976 -5.76 3.10 -9.64
CA VAL D 976 -5.99 2.02 -8.67
C VAL D 976 -4.86 0.99 -8.71
N GLN D 977 -4.37 0.68 -9.92
CA GLN D 977 -3.30 -0.31 -10.06
C GLN D 977 -1.94 0.21 -9.61
N ILE D 978 -1.73 1.53 -9.58
CA ILE D 978 -0.43 2.05 -9.17
C ILE D 978 -0.27 2.04 -7.64
N ASP D 979 -1.38 2.06 -6.91
CA ASP D 979 -1.32 2.12 -5.45
C ASP D 979 -0.68 0.87 -4.86
N ARG D 980 -0.95 -0.29 -5.46
CA ARG D 980 -0.36 -1.53 -4.97
C ARG D 980 1.16 -1.50 -5.07
N LEU D 981 1.67 -1.06 -6.22
CA LEU D 981 3.12 -0.95 -6.38
C LEU D 981 3.70 0.05 -5.39
N ILE D 982 3.02 1.18 -5.20
CA ILE D 982 3.52 2.20 -4.28
C ILE D 982 3.64 1.61 -2.88
N THR D 983 2.59 0.91 -2.42
CA THR D 983 2.60 0.34 -1.08
C THR D 983 3.71 -0.71 -0.93
N GLY D 984 3.86 -1.58 -1.93
CA GLY D 984 4.90 -2.61 -1.83
C GLY D 984 6.30 -2.02 -1.75
N ARG D 985 6.59 -1.05 -2.62
CA ARG D 985 7.93 -0.47 -2.62
C ARG D 985 8.20 0.30 -1.34
N LEU D 986 7.19 0.99 -0.80
CA LEU D 986 7.36 1.67 0.48
C LEU D 986 7.67 0.68 1.59
N GLN D 987 6.96 -0.46 1.61
CA GLN D 987 7.22 -1.48 2.63
C GLN D 987 8.64 -2.00 2.54
N SER D 988 9.11 -2.27 1.31
CA SER D 988 10.47 -2.75 1.12
C SER D 988 11.50 -1.76 1.66
N LEU D 989 11.30 -0.48 1.33
CA LEU D 989 12.25 0.55 1.80
C LEU D 989 12.27 0.62 3.31
N GLN D 990 11.10 0.55 3.95
CA GLN D 990 11.06 0.61 5.41
C GLN D 990 11.80 -0.56 6.05
N THR D 991 11.60 -1.77 5.49
CA THR D 991 12.29 -2.93 6.03
C THR D 991 13.82 -2.75 5.93
N TYR D 992 14.28 -2.29 4.76
CA TYR D 992 15.71 -2.08 4.58
C TYR D 992 16.26 -1.08 5.60
N VAL D 993 15.54 0.01 5.81
CA VAL D 993 16.02 1.06 6.72
C VAL D 993 16.12 0.52 8.15
N THR D 994 15.11 -0.24 8.60
CA THR D 994 15.15 -0.75 9.97
C THR D 994 16.32 -1.72 10.17
N GLN D 995 16.53 -2.62 9.21
CA GLN D 995 17.65 -3.56 9.35
C GLN D 995 18.99 -2.83 9.37
N GLN D 996 19.11 -1.76 8.57
CA GLN D 996 20.33 -0.96 8.58
C GLN D 996 20.56 -0.31 9.93
N LEU D 997 19.49 0.19 10.56
CA LEU D 997 19.61 0.82 11.87
C LEU D 997 20.15 -0.16 12.91
N ILE D 998 19.60 -1.38 12.94
CA ILE D 998 20.05 -2.36 13.92
C ILE D 998 21.52 -2.73 13.68
N ARG D 999 21.88 -2.96 12.41
CA ARG D 999 23.27 -3.31 12.09
C ARG D 999 24.23 -2.19 12.50
N ALA D 1000 23.84 -0.94 12.28
CA ALA D 1000 24.69 0.18 12.67
C ALA D 1000 24.88 0.23 14.17
N ALA D 1001 23.84 -0.07 14.95
CA ALA D 1001 23.99 -0.10 16.40
C ALA D 1001 25.03 -1.14 16.82
N GLU D 1002 24.96 -2.34 16.23
CA GLU D 1002 25.95 -3.37 16.58
C GLU D 1002 27.37 -2.94 16.22
N ILE D 1003 27.53 -2.34 15.04
CA ILE D 1003 28.86 -1.89 14.62
C ILE D 1003 29.40 -0.82 15.56
N ARG D 1004 28.51 0.06 16.03
CA ARG D 1004 28.94 1.10 16.97
C ARG D 1004 29.44 0.50 18.27
N ALA D 1005 28.75 -0.52 18.78
CA ALA D 1005 29.24 -1.19 19.99
C ALA D 1005 30.62 -1.79 19.77
N SER D 1006 30.82 -2.43 18.62
CA SER D 1006 32.14 -3.01 18.33
C SER D 1006 33.22 -1.93 18.26
N ALA D 1007 32.91 -0.79 17.64
CA ALA D 1007 33.89 0.30 17.55
C ALA D 1007 34.25 0.85 18.91
N ASN D 1008 33.27 0.97 19.81
CA ASN D 1008 33.57 1.42 21.17
C ASN D 1008 34.51 0.45 21.87
N LEU D 1009 34.26 -0.86 21.73
CA LEU D 1009 35.16 -1.83 22.34
C LEU D 1009 36.58 -1.71 21.77
N ALA D 1010 36.70 -1.53 20.45
CA ALA D 1010 38.02 -1.40 19.85
C ALA D 1010 38.75 -0.17 20.35
N ALA D 1011 38.05 0.95 20.48
CA ALA D 1011 38.67 2.16 21.01
C ALA D 1011 39.17 1.95 22.44
N THR D 1012 38.35 1.30 23.28
CA THR D 1012 38.78 1.02 24.66
C THR D 1012 40.02 0.15 24.69
N LYS D 1013 40.05 -0.89 23.85
CA LYS D 1013 41.23 -1.77 23.83
C LYS D 1013 42.46 -1.02 23.36
N MET D 1014 42.33 -0.17 22.34
CA MET D 1014 43.48 0.62 21.92
C MET D 1014 44.02 1.46 23.06
N SER D 1015 43.13 2.21 23.73
CA SER D 1015 43.56 3.10 24.80
C SER D 1015 44.24 2.33 25.93
N GLU D 1016 43.68 1.19 26.33
CA GLU D 1016 44.17 0.52 27.54
C GLU D 1016 45.33 -0.44 27.29
N CYS D 1017 45.43 -1.06 26.12
CA CYS D 1017 46.52 -1.99 25.86
C CYS D 1017 47.69 -1.34 25.13
N VAL D 1018 47.43 -0.46 24.15
CA VAL D 1018 48.54 0.07 23.36
C VAL D 1018 49.25 1.20 24.10
N LEU D 1019 48.49 2.03 24.84
CA LEU D 1019 49.05 3.21 25.48
C LEU D 1019 49.57 2.94 26.89
N GLY D 1020 49.30 1.77 27.45
CA GLY D 1020 49.76 1.44 28.79
C GLY D 1020 50.07 -0.04 28.97
N GLN D 1021 49.94 -0.54 30.20
CA GLN D 1021 50.13 -1.95 30.49
C GLN D 1021 48.98 -2.43 31.36
N SER D 1022 48.12 -3.26 30.79
CA SER D 1022 46.87 -3.66 31.43
C SER D 1022 47.11 -4.74 32.47
N LYS D 1023 46.39 -4.64 33.59
CA LYS D 1023 46.38 -5.67 34.62
C LYS D 1023 45.12 -6.51 34.62
N ARG D 1024 44.11 -6.13 33.84
CA ARG D 1024 42.90 -6.93 33.74
C ARG D 1024 43.20 -8.27 33.07
N VAL D 1025 42.54 -9.32 33.55
CA VAL D 1025 42.85 -10.67 33.12
C VAL D 1025 42.16 -10.96 31.79
N ASP D 1026 42.95 -11.45 30.83
CA ASP D 1026 42.47 -11.85 29.51
C ASP D 1026 41.88 -10.69 28.70
N PHE D 1027 42.24 -9.46 29.04
CA PHE D 1027 41.76 -8.30 28.28
C PHE D 1027 42.67 -7.96 27.11
N CYS D 1028 43.98 -8.11 27.28
CA CYS D 1028 44.92 -7.87 26.19
C CYS D 1028 45.81 -9.09 25.97
N GLY D 1029 45.22 -10.27 25.91
CA GLY D 1029 45.95 -11.48 25.56
C GLY D 1029 45.92 -12.50 26.68
N LYS D 1030 46.32 -13.72 26.34
CA LYS D 1030 46.41 -14.81 27.30
C LYS D 1030 47.79 -14.84 27.94
N GLY D 1031 47.82 -14.76 29.26
CA GLY D 1031 49.06 -14.67 30.00
C GLY D 1031 49.23 -13.30 30.61
N TYR D 1032 50.42 -13.09 31.18
CA TYR D 1032 50.74 -11.79 31.78
C TYR D 1032 51.14 -10.81 30.68
N HIS D 1033 50.47 -9.66 30.66
CA HIS D 1033 50.60 -8.72 29.55
C HIS D 1033 51.91 -7.94 29.63
N LEU D 1034 52.50 -7.70 28.46
CA LEU D 1034 53.69 -6.87 28.34
C LEU D 1034 53.45 -5.60 27.52
N MET D 1035 52.94 -5.74 26.30
CA MET D 1035 52.68 -4.59 25.43
C MET D 1035 51.82 -5.07 24.26
N SER D 1036 51.60 -4.16 23.29
CA SER D 1036 50.79 -4.49 22.13
C SER D 1036 51.15 -3.55 20.98
N PHE D 1037 50.77 -3.96 19.77
CA PHE D 1037 51.05 -3.21 18.55
C PHE D 1037 49.81 -3.19 17.67
N PRO D 1038 49.41 -2.03 17.16
CA PRO D 1038 48.25 -1.96 16.26
C PRO D 1038 48.65 -2.04 14.80
N GLN D 1039 47.71 -2.56 14.00
CA GLN D 1039 47.83 -2.57 12.55
C GLN D 1039 46.47 -2.27 11.94
N SER D 1040 46.47 -1.63 10.78
CA SER D 1040 45.22 -1.28 10.12
C SER D 1040 44.75 -2.43 9.25
N ALA D 1041 43.56 -2.26 8.68
CA ALA D 1041 42.91 -3.26 7.85
C ALA D 1041 41.68 -2.64 7.19
N PRO D 1042 41.10 -3.27 6.17
CA PRO D 1042 39.86 -2.73 5.59
C PRO D 1042 38.70 -2.82 6.57
N HIS D 1043 38.15 -1.67 6.93
CA HIS D 1043 36.99 -1.57 7.81
C HIS D 1043 37.26 -2.18 9.19
N GLY D 1044 38.49 -2.10 9.67
CA GLY D 1044 38.79 -2.70 10.95
C GLY D 1044 40.19 -2.39 11.43
N VAL D 1045 40.64 -3.18 12.40
CA VAL D 1045 41.94 -2.98 13.04
C VAL D 1045 42.38 -4.32 13.62
N VAL D 1046 43.70 -4.52 13.71
CA VAL D 1046 44.28 -5.76 14.20
C VAL D 1046 45.29 -5.42 15.28
N PHE D 1047 45.21 -6.15 16.41
CA PHE D 1047 46.12 -5.97 17.53
C PHE D 1047 47.02 -7.19 17.66
N LEU D 1048 48.30 -6.96 17.96
CA LEU D 1048 49.29 -8.01 18.12
C LEU D 1048 49.78 -7.98 19.57
N HIS D 1049 49.08 -8.69 20.45
CA HIS D 1049 49.41 -8.69 21.87
C HIS D 1049 50.64 -9.55 22.14
N VAL D 1050 51.51 -9.05 23.02
CA VAL D 1050 52.71 -9.77 23.44
C VAL D 1050 52.60 -10.04 24.93
N THR D 1051 52.70 -11.32 25.31
CA THR D 1051 52.44 -11.75 26.68
C THR D 1051 53.62 -12.56 27.21
N TYR D 1052 53.51 -12.99 28.46
CA TYR D 1052 54.55 -13.72 29.17
C TYR D 1052 53.93 -14.98 29.76
N VAL D 1053 54.45 -16.14 29.38
CA VAL D 1053 53.89 -17.43 29.80
C VAL D 1053 54.98 -18.21 30.54
N PRO D 1054 54.74 -18.65 31.76
CA PRO D 1054 55.73 -19.48 32.45
C PRO D 1054 55.73 -20.91 31.92
N ALA D 1055 56.82 -21.61 32.18
CA ALA D 1055 56.97 -22.99 31.73
C ALA D 1055 58.03 -23.69 32.57
N GLN D 1056 58.08 -25.01 32.43
CA GLN D 1056 59.15 -25.83 33.00
C GLN D 1056 59.18 -25.73 34.53
N GLU D 1057 58.08 -26.15 35.14
CA GLU D 1057 57.91 -26.05 36.59
C GLU D 1057 58.62 -27.19 37.32
N LYS D 1058 58.57 -27.15 38.64
CA LYS D 1058 59.27 -28.14 39.47
C LYS D 1058 58.40 -28.45 40.69
N ASN D 1059 59.01 -29.09 41.68
CA ASN D 1059 58.30 -29.64 42.83
C ASN D 1059 59.11 -29.33 44.08
N PHE D 1060 58.49 -28.70 45.08
CA PHE D 1060 59.19 -28.33 46.31
C PHE D 1060 58.27 -28.56 47.51
N THR D 1061 58.82 -28.30 48.69
CA THR D 1061 58.07 -28.29 49.94
C THR D 1061 58.21 -26.92 50.57
N THR D 1062 57.19 -26.51 51.33
CA THR D 1062 57.08 -25.13 51.78
C THR D 1062 56.51 -25.08 53.19
N ALA D 1063 56.75 -23.95 53.86
CA ALA D 1063 56.25 -23.67 55.19
C ALA D 1063 55.78 -22.22 55.24
N PRO D 1064 54.84 -21.90 56.14
CA PRO D 1064 54.35 -20.51 56.23
C PRO D 1064 55.28 -19.59 57.01
N ALA D 1065 56.03 -20.15 57.96
CA ALA D 1065 56.89 -19.34 58.81
C ALA D 1065 58.04 -20.19 59.31
N ILE D 1066 59.04 -19.53 59.90
CA ILE D 1066 60.22 -20.19 60.42
C ILE D 1066 60.48 -19.67 61.84
N CYS D 1067 60.64 -20.59 62.77
CA CYS D 1067 60.79 -20.26 64.19
C CYS D 1067 62.27 -20.28 64.56
N HIS D 1068 62.77 -19.13 65.03
CA HIS D 1068 64.16 -19.00 65.46
C HIS D 1068 64.20 -18.12 66.70
N ASP D 1069 64.79 -18.63 67.77
CA ASP D 1069 64.89 -17.92 69.05
C ASP D 1069 63.53 -17.53 69.59
N GLY D 1070 62.52 -18.37 69.38
CA GLY D 1070 61.20 -18.10 69.90
C GLY D 1070 60.41 -17.03 69.17
N LYS D 1071 60.87 -16.60 68.00
CA LYS D 1071 60.22 -15.54 67.23
C LYS D 1071 59.86 -16.06 65.85
N ALA D 1072 58.65 -15.77 65.39
CA ALA D 1072 58.19 -16.21 64.08
C ALA D 1072 58.60 -15.23 63.00
N HIS D 1073 59.11 -15.74 61.90
CA HIS D 1073 59.58 -14.93 60.77
C HIS D 1073 58.73 -15.22 59.54
N PHE D 1074 58.41 -14.16 58.79
CA PHE D 1074 57.64 -14.25 57.57
C PHE D 1074 58.41 -13.57 56.44
N PRO D 1075 58.19 -13.99 55.20
CA PRO D 1075 58.94 -13.39 54.09
C PRO D 1075 58.37 -12.03 53.69
N ARG D 1076 59.28 -11.07 53.47
CA ARG D 1076 58.86 -9.75 53.01
C ARG D 1076 58.21 -9.85 51.62
N GLU D 1077 58.90 -10.47 50.68
CA GLU D 1077 58.35 -10.74 49.36
C GLU D 1077 58.89 -12.08 48.89
N GLY D 1078 58.00 -12.96 48.45
CA GLY D 1078 58.39 -14.29 48.01
C GLY D 1078 57.87 -15.36 48.96
N VAL D 1079 58.43 -16.56 48.78
CA VAL D 1079 57.98 -17.75 49.48
C VAL D 1079 59.18 -18.51 50.02
N PHE D 1080 58.92 -19.33 51.05
CA PHE D 1080 59.92 -20.22 51.60
C PHE D 1080 59.83 -21.57 50.89
N VAL D 1081 60.97 -22.09 50.42
CA VAL D 1081 61.03 -23.40 49.78
C VAL D 1081 62.24 -24.15 50.28
N SER D 1082 62.19 -25.48 50.12
CA SER D 1082 63.29 -26.36 50.51
C SER D 1082 63.48 -27.39 49.42
N ASN D 1083 64.74 -27.64 49.05
CA ASN D 1083 65.06 -28.64 48.03
C ASN D 1083 65.22 -30.03 48.61
N GLY D 1084 65.09 -30.20 49.93
CA GLY D 1084 65.22 -31.49 50.55
C GLY D 1084 66.01 -31.47 51.84
N THR D 1085 66.94 -30.54 51.97
CA THR D 1085 67.75 -30.44 53.17
C THR D 1085 67.81 -29.03 53.74
N HIS D 1086 67.93 -28.01 52.89
CA HIS D 1086 68.11 -26.63 53.32
C HIS D 1086 66.90 -25.79 52.92
N TRP D 1087 66.82 -24.60 53.49
CA TRP D 1087 65.71 -23.68 53.26
C TRP D 1087 66.21 -22.41 52.57
N PHE D 1088 65.46 -21.95 51.58
CA PHE D 1088 65.81 -20.77 50.81
C PHE D 1088 64.59 -19.86 50.69
N VAL D 1089 64.78 -18.71 50.04
CA VAL D 1089 63.72 -17.77 49.74
C VAL D 1089 63.78 -17.44 48.25
N THR D 1090 62.64 -17.55 47.57
CA THR D 1090 62.54 -17.24 46.15
C THR D 1090 61.30 -16.41 45.88
N GLN D 1091 61.27 -15.80 44.70
CA GLN D 1091 60.09 -15.15 44.19
C GLN D 1091 59.13 -16.19 43.62
N ARG D 1092 57.93 -15.74 43.25
CA ARG D 1092 56.85 -16.66 42.91
C ARG D 1092 56.79 -17.04 41.43
N ASN D 1093 57.16 -16.14 40.53
CA ASN D 1093 57.03 -16.39 39.10
C ASN D 1093 58.34 -16.81 38.45
N PHE D 1094 59.38 -17.07 39.23
CA PHE D 1094 60.66 -17.50 38.70
C PHE D 1094 61.51 -18.06 39.83
N TYR D 1095 62.09 -19.25 39.64
CA TYR D 1095 62.86 -19.89 40.70
C TYR D 1095 64.21 -19.21 40.83
N GLU D 1096 64.49 -18.67 42.01
CA GLU D 1096 65.77 -17.99 42.28
C GLU D 1096 66.03 -18.08 43.78
N PRO D 1097 66.83 -19.05 44.21
CA PRO D 1097 67.04 -19.25 45.65
C PRO D 1097 67.89 -18.16 46.27
N GLN D 1098 67.70 -17.97 47.57
CA GLN D 1098 68.46 -17.00 48.35
C GLN D 1098 68.57 -17.50 49.78
N ILE D 1099 69.65 -17.12 50.44
CA ILE D 1099 69.87 -17.54 51.82
C ILE D 1099 69.04 -16.67 52.76
N ILE D 1100 68.36 -17.30 53.72
CA ILE D 1100 67.49 -16.58 54.63
C ILE D 1100 68.31 -15.60 55.46
N THR D 1101 67.82 -14.37 55.57
CA THR D 1101 68.57 -13.28 56.17
C THR D 1101 67.56 -12.32 56.80
N THR D 1102 68.01 -11.56 57.80
CA THR D 1102 67.14 -10.59 58.45
C THR D 1102 66.69 -9.48 57.52
N ASP D 1103 67.32 -9.33 56.35
CA ASP D 1103 66.92 -8.30 55.40
C ASP D 1103 65.60 -8.63 54.70
N ASN D 1104 65.41 -9.88 54.28
CA ASN D 1104 64.24 -10.25 53.49
C ASN D 1104 63.14 -10.91 54.31
N THR D 1105 63.26 -10.93 55.63
CA THR D 1105 62.21 -11.46 56.50
C THR D 1105 61.93 -10.48 57.62
N PHE D 1106 60.70 -10.51 58.13
CA PHE D 1106 60.32 -9.68 59.27
C PHE D 1106 59.69 -10.54 60.35
N VAL D 1107 59.77 -10.07 61.58
CA VAL D 1107 59.37 -10.84 62.76
C VAL D 1107 58.17 -10.19 63.41
N SER D 1108 57.20 -11.02 63.83
CA SER D 1108 56.02 -10.51 64.52
C SER D 1108 55.44 -11.63 65.38
N GLY D 1109 55.66 -11.56 66.69
CA GLY D 1109 55.02 -12.46 67.61
C GLY D 1109 55.90 -13.59 68.11
N ASN D 1110 55.29 -14.72 68.48
CA ASN D 1110 55.99 -15.90 68.95
C ASN D 1110 55.56 -17.10 68.11
N CYS D 1111 56.14 -18.25 68.43
CA CYS D 1111 55.97 -19.46 67.63
C CYS D 1111 54.78 -20.31 68.07
N ASP D 1112 53.96 -19.82 68.99
CA ASP D 1112 52.88 -20.61 69.56
C ASP D 1112 51.51 -20.28 68.96
N VAL D 1113 51.47 -19.54 67.86
CA VAL D 1113 50.21 -19.08 67.28
C VAL D 1113 49.99 -19.64 65.88
N VAL D 1114 51.00 -19.60 65.01
CA VAL D 1114 50.81 -20.04 63.64
C VAL D 1114 50.85 -21.56 63.57
N ILE D 1115 50.25 -22.11 62.51
CA ILE D 1115 50.12 -23.55 62.30
C ILE D 1115 51.02 -23.95 61.14
N GLY D 1116 51.87 -24.94 61.36
CA GLY D 1116 52.80 -25.38 60.34
C GLY D 1116 54.16 -24.75 60.40
N ILE D 1117 54.51 -24.10 61.51
CA ILE D 1117 55.83 -23.48 61.64
C ILE D 1117 56.90 -24.58 61.68
N VAL D 1118 58.10 -24.23 61.22
CA VAL D 1118 59.23 -25.15 61.21
C VAL D 1118 60.41 -24.48 61.88
N ASN D 1119 61.41 -25.29 62.21
CA ASN D 1119 62.61 -24.83 62.90
C ASN D 1119 63.75 -24.68 61.91
N ASN D 1120 64.45 -23.55 61.99
CA ASN D 1120 65.61 -23.29 61.14
C ASN D 1120 66.38 -22.12 61.76
N THR D 1121 67.38 -21.63 61.04
CA THR D 1121 68.24 -20.56 61.52
C THR D 1121 68.28 -19.42 60.50
N VAL D 1122 68.29 -18.19 61.00
CA VAL D 1122 68.42 -17.01 60.16
C VAL D 1122 69.81 -16.41 60.36
N TYR D 1123 70.21 -15.58 59.41
CA TYR D 1123 71.56 -15.04 59.35
C TYR D 1123 71.47 -13.52 59.34
N ASP D 1124 72.39 -12.86 60.07
CA ASP D 1124 72.38 -11.41 60.12
C ASP D 1124 73.64 -10.84 59.49
N PRO D 1125 73.51 -9.81 58.64
CA PRO D 1125 74.68 -9.20 58.03
C PRO D 1125 75.75 -8.75 59.00
N LEU D 1126 75.39 -8.41 60.23
CA LEU D 1126 76.35 -7.89 61.19
C LEU D 1126 77.27 -8.96 61.76
N GLN D 1127 76.97 -10.24 61.55
CA GLN D 1127 77.81 -11.29 62.10
C GLN D 1127 79.24 -11.28 61.54
N PRO D 1128 79.46 -11.25 60.23
CA PRO D 1128 80.86 -11.18 59.75
C PRO D 1128 81.59 -9.92 60.19
N GLU D 1129 80.89 -8.78 60.30
CA GLU D 1129 81.54 -7.55 60.72
C GLU D 1129 81.93 -7.61 62.20
N LEU D 1130 81.04 -8.14 63.04
CA LEU D 1130 81.35 -8.23 64.46
C LEU D 1130 82.48 -9.22 64.74
N ASP D 1131 82.62 -10.24 63.91
CA ASP D 1131 83.69 -11.22 64.07
C ASP D 1131 85.04 -10.61 63.74
N PRO E 11 -42.58 -1.88 44.44
CA PRO E 11 -42.83 -2.24 45.84
C PRO E 11 -41.56 -2.68 46.58
N ALA E 12 -41.60 -3.84 47.21
CA ALA E 12 -40.44 -4.33 47.94
C ALA E 12 -39.30 -4.63 46.98
N TYR E 13 -38.08 -4.28 47.40
CA TYR E 13 -36.88 -4.45 46.59
C TYR E 13 -35.84 -5.25 47.35
N THR E 14 -35.18 -6.17 46.64
CA THR E 14 -34.11 -6.98 47.20
C THR E 14 -32.97 -7.01 46.19
N ASN E 15 -31.79 -7.41 46.67
CA ASN E 15 -30.58 -7.42 45.87
C ASN E 15 -30.11 -8.85 45.64
N SER E 16 -29.86 -9.20 44.39
CA SER E 16 -29.27 -10.49 44.06
C SER E 16 -27.75 -10.40 44.13
N PHE E 17 -27.15 -11.31 44.90
CA PHE E 17 -25.71 -11.18 45.16
C PHE E 17 -24.90 -11.59 43.94
N THR E 18 -24.96 -12.87 43.56
CA THR E 18 -24.33 -13.35 42.33
C THR E 18 -25.21 -14.49 41.81
N ARG E 19 -26.18 -14.13 40.96
CA ARG E 19 -27.12 -15.08 40.39
C ARG E 19 -27.38 -14.70 38.94
N GLY E 20 -27.68 -15.70 38.12
CA GLY E 20 -28.05 -15.48 36.74
C GLY E 20 -26.92 -15.52 35.73
N VAL E 21 -25.88 -16.31 35.97
CA VAL E 21 -24.78 -16.47 35.03
C VAL E 21 -24.99 -17.77 34.26
N TYR E 22 -24.97 -17.68 32.94
CA TYR E 22 -25.30 -18.80 32.07
C TYR E 22 -24.17 -19.03 31.06
N TYR E 23 -24.24 -20.16 30.37
CA TYR E 23 -23.25 -20.50 29.35
C TYR E 23 -23.58 -19.77 28.07
N PRO E 24 -22.71 -18.89 27.58
CA PRO E 24 -23.08 -18.03 26.45
C PRO E 24 -22.86 -18.64 25.08
N ASP E 25 -21.91 -19.58 24.96
CA ASP E 25 -21.45 -20.02 23.65
C ASP E 25 -21.74 -21.48 23.33
N LYS E 26 -22.25 -22.25 24.28
CA LYS E 26 -22.64 -23.66 24.07
C LYS E 26 -21.51 -24.49 23.47
N VAL E 27 -20.27 -24.15 23.84
CA VAL E 27 -19.09 -24.93 23.48
C VAL E 27 -18.38 -25.33 24.76
N PHE E 28 -17.27 -26.06 24.60
CA PHE E 28 -16.54 -26.63 25.72
C PHE E 28 -15.19 -25.92 25.86
N ARG E 29 -14.83 -25.59 27.10
CA ARG E 29 -13.51 -25.07 27.42
C ARG E 29 -13.08 -25.69 28.75
N SER E 30 -11.82 -25.47 29.12
CA SER E 30 -11.29 -26.05 30.34
C SER E 30 -10.15 -25.21 30.89
N SER E 31 -10.29 -24.76 32.14
CA SER E 31 -9.24 -24.06 32.88
C SER E 31 -8.73 -22.82 32.13
N VAL E 32 -9.61 -22.17 31.37
CA VAL E 32 -9.25 -21.00 30.60
C VAL E 32 -10.25 -19.89 30.89
N LEU E 33 -9.74 -18.69 31.14
CA LEU E 33 -10.61 -17.54 31.41
C LEU E 33 -11.09 -16.92 30.11
N HIS E 34 -12.40 -16.77 29.98
CA HIS E 34 -13.01 -16.25 28.76
C HIS E 34 -13.83 -15.01 29.08
N SER E 35 -13.71 -13.98 28.23
CA SER E 35 -14.44 -12.73 28.40
C SER E 35 -15.40 -12.57 27.23
N THR E 36 -16.67 -12.32 27.55
CA THR E 36 -17.71 -12.22 26.53
C THR E 36 -18.61 -11.02 26.83
N GLN E 37 -19.27 -10.54 25.78
CA GLN E 37 -20.17 -9.39 25.86
C GLN E 37 -21.56 -9.84 25.41
N ASP E 38 -22.51 -9.83 26.33
CA ASP E 38 -23.89 -10.21 26.03
C ASP E 38 -24.78 -9.66 27.16
N LEU E 39 -26.03 -10.11 27.18
CA LEU E 39 -27.01 -9.63 28.14
C LEU E 39 -26.95 -10.50 29.40
N PHE E 40 -26.41 -9.95 30.48
CA PHE E 40 -26.33 -10.63 31.76
C PHE E 40 -27.09 -9.82 32.81
N LEU E 41 -27.19 -10.40 34.01
CA LEU E 41 -27.78 -9.70 35.14
C LEU E 41 -26.66 -9.12 35.99
N PRO E 42 -26.54 -7.79 36.07
CA PRO E 42 -25.40 -7.20 36.79
C PRO E 42 -25.39 -7.60 38.25
N PHE E 43 -24.18 -7.76 38.79
CA PHE E 43 -24.03 -8.18 40.18
C PHE E 43 -24.53 -7.09 41.12
N PHE E 44 -25.16 -7.51 42.22
CA PHE E 44 -25.68 -6.62 43.24
C PHE E 44 -26.73 -5.67 42.67
N SER E 45 -27.45 -6.10 41.64
CA SER E 45 -28.55 -5.32 41.12
C SER E 45 -29.80 -5.52 41.97
N ASN E 46 -30.76 -4.62 41.82
CA ASN E 46 -31.98 -4.64 42.60
C ASN E 46 -33.06 -5.38 41.82
N VAL E 47 -33.60 -6.45 42.41
CA VAL E 47 -34.64 -7.26 41.79
C VAL E 47 -35.94 -7.05 42.54
N THR E 48 -37.01 -6.78 41.81
CA THR E 48 -38.31 -6.54 42.42
C THR E 48 -38.86 -7.83 43.02
N TRP E 49 -39.42 -7.73 44.21
CA TRP E 49 -39.99 -8.87 44.93
C TRP E 49 -41.50 -8.74 44.97
N PHE E 50 -42.20 -9.81 44.59
CA PHE E 50 -43.65 -9.84 44.61
C PHE E 50 -44.11 -10.96 45.54
N HIS E 51 -45.17 -10.70 46.30
CA HIS E 51 -45.71 -11.70 47.21
C HIS E 51 -47.22 -11.83 47.05
N ASP E 65 -51.99 -13.80 43.45
CA ASP E 65 -52.43 -12.54 42.86
C ASP E 65 -51.25 -11.65 42.50
N ASN E 66 -51.10 -11.37 41.20
CA ASN E 66 -50.01 -10.52 40.73
C ASN E 66 -50.36 -9.99 39.36
N PRO E 67 -50.06 -8.73 39.06
CA PRO E 67 -50.38 -8.18 37.75
C PRO E 67 -49.38 -8.61 36.69
N VAL E 68 -49.55 -8.08 35.48
CA VAL E 68 -48.70 -8.41 34.35
C VAL E 68 -47.37 -7.69 34.49
N LEU E 69 -46.27 -8.36 34.13
CA LEU E 69 -44.95 -7.81 34.27
C LEU E 69 -44.26 -7.71 32.91
N PRO E 70 -43.47 -6.66 32.69
CA PRO E 70 -42.80 -6.50 31.39
C PRO E 70 -41.71 -7.56 31.18
N PHE E 71 -41.51 -7.89 29.92
CA PHE E 71 -40.52 -8.86 29.59
C PHE E 71 -39.32 -8.13 29.04
N ASN E 72 -39.57 -7.05 28.30
CA ASN E 72 -38.51 -6.27 27.66
C ASN E 72 -37.40 -7.12 27.01
N ASP E 73 -36.13 -6.81 27.29
CA ASP E 73 -35.00 -7.54 26.71
C ASP E 73 -34.54 -8.79 27.46
N GLY E 74 -35.33 -9.19 28.44
CA GLY E 74 -35.13 -10.44 29.14
C GLY E 74 -35.51 -10.29 30.59
N VAL E 75 -35.73 -11.43 31.26
CA VAL E 75 -36.13 -11.45 32.66
C VAL E 75 -35.39 -12.56 33.37
N TYR E 76 -34.86 -12.26 34.55
CA TYR E 76 -34.37 -13.28 35.46
C TYR E 76 -35.49 -13.64 36.42
N PHE E 77 -35.80 -14.93 36.51
CA PHE E 77 -36.92 -15.41 37.32
C PHE E 77 -36.42 -16.46 38.30
N ALA E 78 -36.84 -16.33 39.56
CA ALA E 78 -36.59 -17.34 40.58
C ALA E 78 -37.89 -17.55 41.35
N SER E 79 -38.04 -18.75 41.92
CA SER E 79 -39.25 -19.09 42.66
C SER E 79 -38.93 -20.14 43.70
N THR E 80 -39.81 -20.24 44.69
CA THR E 80 -39.64 -21.21 45.77
C THR E 80 -40.99 -21.63 46.35
N ASN E 84 -46.08 -28.08 44.68
CA ASN E 84 -46.39 -27.84 43.28
C ASN E 84 -47.22 -26.58 43.11
N ILE E 85 -47.05 -25.63 44.02
CA ILE E 85 -47.80 -24.38 43.96
C ILE E 85 -47.42 -23.59 42.71
N ILE E 86 -46.12 -23.53 42.41
CA ILE E 86 -45.65 -22.78 41.25
C ILE E 86 -46.06 -23.52 39.98
N ARG E 87 -46.65 -22.78 39.04
CA ARG E 87 -47.05 -23.32 37.74
C ARG E 87 -46.33 -22.57 36.64
N GLY E 88 -46.59 -22.97 35.41
CA GLY E 88 -45.87 -22.42 34.27
C GLY E 88 -46.28 -20.99 33.95
N TRP E 89 -45.51 -20.39 33.05
CA TRP E 89 -45.73 -19.01 32.61
C TRP E 89 -46.34 -19.01 31.22
N ILE E 90 -46.98 -17.88 30.91
CA ILE E 90 -47.68 -17.69 29.64
C ILE E 90 -47.30 -16.30 29.12
N PHE E 91 -46.78 -16.25 27.90
CA PHE E 91 -46.20 -15.02 27.37
C PHE E 91 -47.13 -14.40 26.35
N GLY E 92 -46.96 -13.10 26.12
CA GLY E 92 -47.73 -12.41 25.10
C GLY E 92 -47.42 -10.93 25.10
N THR E 93 -47.73 -10.31 23.97
CA THR E 93 -47.56 -8.86 23.81
C THR E 93 -48.87 -8.11 24.03
N THR E 94 -49.96 -8.57 23.41
CA THR E 94 -51.26 -7.95 23.56
C THR E 94 -52.23 -8.73 24.43
N LEU E 95 -52.04 -10.05 24.54
CA LEU E 95 -52.91 -10.92 25.35
C LEU E 95 -54.36 -10.84 24.90
N ASP E 96 -54.58 -10.59 23.60
CA ASP E 96 -55.93 -10.43 23.06
C ASP E 96 -56.16 -11.30 21.84
N SER E 97 -55.38 -12.37 21.67
CA SER E 97 -55.46 -13.25 20.51
C SER E 97 -55.18 -12.52 19.21
N LYS E 98 -54.35 -11.47 19.27
CA LYS E 98 -53.94 -10.74 18.08
C LYS E 98 -52.58 -11.20 17.56
N THR E 99 -51.75 -11.78 18.42
CA THR E 99 -50.44 -12.27 18.03
C THR E 99 -50.17 -13.58 18.77
N GLN E 100 -49.28 -14.39 18.20
CA GLN E 100 -48.96 -15.68 18.81
C GLN E 100 -48.45 -15.49 20.23
N SER E 101 -48.97 -16.30 21.15
CA SER E 101 -48.64 -16.20 22.57
C SER E 101 -48.09 -17.53 23.04
N LEU E 102 -46.90 -17.50 23.64
CA LEU E 102 -46.29 -18.70 24.18
C LEU E 102 -47.03 -19.16 25.43
N LEU E 103 -47.20 -20.47 25.57
CA LEU E 103 -47.94 -21.05 26.70
C LEU E 103 -47.25 -22.33 27.13
N ILE E 104 -47.12 -22.50 28.44
CA ILE E 104 -46.41 -23.64 29.02
C ILE E 104 -47.31 -24.27 30.08
N VAL E 105 -47.44 -25.60 30.05
CA VAL E 105 -48.27 -26.36 30.97
C VAL E 105 -47.40 -27.41 31.66
N ASN E 106 -47.61 -27.58 32.96
CA ASN E 106 -46.99 -28.65 33.74
C ASN E 106 -48.12 -29.56 34.23
N ASN E 107 -48.51 -30.52 33.40
CA ASN E 107 -49.62 -31.40 33.70
C ASN E 107 -49.24 -32.85 33.42
N ALA E 108 -49.63 -33.74 34.33
CA ALA E 108 -49.45 -35.18 34.18
C ALA E 108 -47.99 -35.55 33.94
N THR E 109 -47.09 -34.83 34.60
CA THR E 109 -45.65 -35.05 34.49
C THR E 109 -45.22 -35.05 33.02
N ASN E 110 -45.67 -34.03 32.29
CA ASN E 110 -45.31 -33.89 30.87
C ASN E 110 -45.52 -32.43 30.48
N VAL E 111 -44.43 -31.75 30.16
CA VAL E 111 -44.51 -30.34 29.77
C VAL E 111 -44.92 -30.24 28.31
N VAL E 112 -46.00 -29.50 28.06
CA VAL E 112 -46.51 -29.27 26.71
C VAL E 112 -46.55 -27.78 26.47
N ILE E 113 -45.97 -27.34 25.34
CA ILE E 113 -45.81 -25.94 25.02
C ILE E 113 -46.50 -25.68 23.68
N LYS E 114 -47.32 -24.63 23.64
CA LYS E 114 -48.02 -24.24 22.42
C LYS E 114 -47.95 -22.73 22.26
N VAL E 115 -48.04 -22.27 21.02
CA VAL E 115 -47.86 -20.86 20.68
C VAL E 115 -49.11 -20.27 20.01
N CYS E 116 -50.27 -20.88 20.24
CA CYS E 116 -51.50 -20.47 19.57
C CYS E 116 -51.94 -19.09 20.04
N GLU E 117 -53.02 -18.60 19.44
CA GLU E 117 -53.58 -17.29 19.77
C GLU E 117 -54.61 -17.46 20.88
N PHE E 118 -54.11 -17.50 22.11
CA PHE E 118 -54.97 -17.72 23.27
C PHE E 118 -55.60 -16.42 23.75
N GLN E 119 -56.78 -16.53 24.32
CA GLN E 119 -57.49 -15.41 24.93
C GLN E 119 -57.39 -15.53 26.44
N PHE E 120 -57.09 -14.41 27.09
CA PHE E 120 -56.75 -14.39 28.51
C PHE E 120 -57.93 -13.92 29.36
N CYS E 121 -57.85 -14.22 30.64
CA CYS E 121 -58.80 -13.74 31.64
C CYS E 121 -58.18 -12.60 32.44
N ASN E 122 -59.05 -11.80 33.04
CA ASN E 122 -58.58 -10.63 33.79
C ASN E 122 -57.74 -11.05 35.00
N ASP E 123 -58.16 -12.09 35.71
CA ASP E 123 -57.45 -12.60 36.88
C ASP E 123 -57.23 -14.09 36.72
N PRO E 124 -56.19 -14.49 36.00
CA PRO E 124 -55.90 -15.92 35.86
C PRO E 124 -55.55 -16.54 37.22
N PHE E 125 -55.92 -17.80 37.38
CA PHE E 125 -55.66 -18.52 38.62
C PHE E 125 -55.51 -20.02 38.37
N PHE E 142 -58.56 -23.99 34.00
CA PHE E 142 -58.65 -24.62 32.68
C PHE E 142 -59.01 -23.58 31.62
N ARG E 143 -59.64 -22.49 32.05
CA ARG E 143 -60.01 -21.42 31.12
C ARG E 143 -58.79 -20.66 30.61
N VAL E 144 -57.65 -20.81 31.28
CA VAL E 144 -56.43 -20.15 30.80
C VAL E 144 -56.00 -20.72 29.46
N TYR E 145 -56.20 -22.02 29.25
CA TYR E 145 -55.80 -22.70 28.03
C TYR E 145 -56.90 -22.69 26.97
N SER E 146 -57.80 -21.71 27.03
CA SER E 146 -58.91 -21.64 26.10
C SER E 146 -58.51 -20.91 24.82
N SER E 147 -59.39 -20.99 23.82
CA SER E 147 -59.20 -20.33 22.53
C SER E 147 -57.89 -20.76 21.87
N ALA E 148 -57.74 -22.07 21.70
CA ALA E 148 -56.56 -22.64 21.06
C ALA E 148 -56.81 -22.65 19.56
N ASN E 149 -56.38 -21.58 18.88
CA ASN E 149 -56.56 -21.45 17.45
C ASN E 149 -55.28 -20.91 16.82
N ASN E 150 -55.12 -21.20 15.53
CA ASN E 150 -53.97 -20.73 14.74
C ASN E 150 -52.64 -21.17 15.36
N CYS E 151 -52.59 -22.43 15.83
CA CYS E 151 -51.36 -22.97 16.36
C CYS E 151 -50.36 -23.20 15.23
N THR E 152 -49.16 -22.66 15.38
CA THR E 152 -48.11 -22.82 14.37
C THR E 152 -46.88 -23.54 14.90
N PHE E 153 -46.83 -23.86 16.19
CA PHE E 153 -45.71 -24.58 16.77
C PHE E 153 -46.14 -25.15 18.12
N GLU E 154 -45.96 -26.45 18.29
CA GLU E 154 -46.22 -27.11 19.56
C GLU E 154 -45.04 -28.02 19.90
N TYR E 155 -44.67 -28.06 21.17
CA TYR E 155 -43.50 -28.79 21.61
C TYR E 155 -43.84 -29.61 22.85
N VAL E 156 -43.28 -30.81 22.92
CA VAL E 156 -43.43 -31.71 24.06
C VAL E 156 -42.04 -32.17 24.49
N SER E 157 -41.74 -32.03 25.79
CA SER E 157 -40.44 -32.38 26.32
C SER E 157 -40.62 -33.11 27.65
N GLN E 158 -39.51 -33.63 28.17
CA GLN E 158 -39.54 -34.35 29.43
C GLN E 158 -39.82 -33.37 30.58
N PRO E 159 -40.50 -33.84 31.63
CA PRO E 159 -40.79 -32.96 32.76
C PRO E 159 -39.55 -32.73 33.63
N PHE E 160 -39.57 -31.60 34.33
CA PHE E 160 -38.56 -31.29 35.33
C PHE E 160 -39.18 -31.38 36.72
N LEU E 161 -38.33 -31.33 37.74
CA LEU E 161 -38.73 -31.47 39.13
C LEU E 161 -39.42 -32.80 39.37
N LYS E 172 -38.58 -26.58 49.82
CA LYS E 172 -37.35 -26.11 50.44
C LYS E 172 -36.24 -25.98 49.41
N ASN E 173 -36.62 -25.60 48.18
CA ASN E 173 -35.69 -25.45 47.08
C ASN E 173 -36.12 -24.26 46.23
N LEU E 174 -35.19 -23.75 45.43
CA LEU E 174 -35.45 -22.64 44.54
C LEU E 174 -35.39 -23.10 43.09
N ARG E 175 -36.06 -22.37 42.21
CA ARG E 175 -36.18 -22.72 40.79
C ARG E 175 -35.79 -21.48 39.98
N GLU E 176 -34.52 -21.36 39.65
CA GLU E 176 -34.01 -20.22 38.91
C GLU E 176 -34.14 -20.45 37.41
N PHE E 177 -34.68 -19.47 36.71
CA PHE E 177 -34.79 -19.52 35.26
C PHE E 177 -34.36 -18.18 34.67
N VAL E 178 -33.68 -18.24 33.53
CA VAL E 178 -33.25 -17.05 32.80
C VAL E 178 -33.87 -17.12 31.42
N PHE E 179 -34.54 -16.03 31.01
CA PHE E 179 -35.29 -15.98 29.76
C PHE E 179 -34.61 -14.98 28.85
N LYS E 180 -34.45 -15.34 27.58
CA LYS E 180 -33.73 -14.49 26.64
C LYS E 180 -34.26 -14.70 25.23
N ASN E 181 -34.29 -13.62 24.46
CA ASN E 181 -34.75 -13.64 23.07
C ASN E 181 -33.77 -12.82 22.22
N ILE E 182 -32.91 -13.51 21.48
CA ILE E 182 -31.98 -12.87 20.56
C ILE E 182 -32.32 -13.32 19.15
N ASP E 183 -32.60 -12.35 18.27
CA ASP E 183 -32.92 -12.61 16.86
C ASP E 183 -34.08 -13.60 16.73
N GLY E 184 -35.08 -13.45 17.60
CA GLY E 184 -36.25 -14.28 17.54
C GLY E 184 -36.09 -15.67 18.10
N TYR E 185 -34.99 -15.96 18.80
CA TYR E 185 -34.73 -17.28 19.35
C TYR E 185 -34.99 -17.26 20.85
N PHE E 186 -35.85 -18.17 21.31
CA PHE E 186 -36.22 -18.27 22.71
C PHE E 186 -35.38 -19.36 23.37
N LYS E 187 -34.60 -18.99 24.38
CA LYS E 187 -33.73 -19.91 25.08
C LYS E 187 -34.05 -19.91 26.58
N ILE E 188 -34.04 -21.09 27.18
CA ILE E 188 -34.40 -21.27 28.58
C ILE E 188 -33.22 -21.91 29.30
N TYR E 189 -32.85 -21.35 30.45
CA TYR E 189 -31.77 -21.85 31.28
C TYR E 189 -32.32 -22.11 32.66
N SER E 190 -32.07 -23.29 33.22
CA SER E 190 -32.69 -23.70 34.47
C SER E 190 -31.71 -24.50 35.32
N LYS E 191 -31.99 -24.52 36.62
CA LYS E 191 -31.20 -25.26 37.59
C LYS E 191 -31.92 -25.21 38.93
N HIS E 192 -31.77 -26.27 39.72
CA HIS E 192 -32.46 -26.42 40.99
C HIS E 192 -31.48 -26.70 42.11
N THR E 193 -31.80 -26.25 43.32
CA THR E 193 -30.91 -26.34 44.47
C THR E 193 -31.72 -26.16 45.75
N PRO E 194 -31.45 -26.95 46.79
CA PRO E 194 -32.17 -26.77 48.05
C PRO E 194 -31.87 -25.42 48.70
N ILE E 195 -32.85 -24.93 49.46
CA ILE E 195 -32.78 -23.62 50.09
C ILE E 195 -33.05 -23.75 51.58
N ASN E 196 -32.28 -23.00 52.38
CA ASN E 196 -32.50 -22.97 53.82
C ASN E 196 -32.62 -21.55 54.36
N LEU E 197 -32.91 -20.57 53.49
CA LEU E 197 -33.07 -19.17 53.91
C LEU E 197 -34.29 -18.60 53.23
N VAL E 198 -35.16 -17.95 54.01
CA VAL E 198 -36.41 -17.42 53.48
C VAL E 198 -36.37 -15.89 53.30
N ARG E 199 -35.49 -15.19 54.01
CA ARG E 199 -35.44 -13.73 53.96
C ARG E 199 -35.12 -13.22 52.56
N ASP E 200 -33.94 -13.55 52.05
CA ASP E 200 -33.48 -13.07 50.76
C ASP E 200 -32.93 -14.24 49.95
N LEU E 201 -32.51 -13.93 48.72
CA LEU E 201 -31.93 -14.96 47.85
C LEU E 201 -30.59 -15.41 48.43
N PRO E 202 -30.38 -16.71 48.61
CA PRO E 202 -29.17 -17.18 49.30
C PRO E 202 -27.91 -16.85 48.51
N GLN E 203 -26.83 -16.59 49.24
CA GLN E 203 -25.54 -16.34 48.63
C GLN E 203 -24.96 -17.63 48.07
N GLY E 204 -24.21 -17.50 46.99
CA GLY E 204 -23.57 -18.64 46.36
C GLY E 204 -23.40 -18.39 44.88
N PHE E 205 -22.77 -19.36 44.22
CA PHE E 205 -22.52 -19.30 42.80
C PHE E 205 -23.05 -20.58 42.15
N SER E 206 -23.74 -20.43 41.02
CA SER E 206 -24.31 -21.57 40.32
C SER E 206 -24.65 -21.14 38.90
N ALA E 207 -24.29 -21.96 37.91
CA ALA E 207 -24.50 -21.66 36.51
C ALA E 207 -25.74 -22.34 35.98
N LEU E 208 -26.39 -21.70 35.02
CA LEU E 208 -27.61 -22.21 34.39
C LEU E 208 -27.31 -22.52 32.93
N GLU E 209 -27.61 -23.79 32.51
CA GLU E 209 -27.33 -24.28 31.17
C GLU E 209 -28.58 -24.26 30.30
N PRO E 210 -28.43 -24.03 29.00
CA PRO E 210 -29.61 -24.00 28.12
C PRO E 210 -30.29 -25.36 28.03
N LEU E 211 -31.61 -25.32 27.89
CA LEU E 211 -32.41 -26.54 27.79
C LEU E 211 -33.19 -26.61 26.49
N VAL E 212 -33.89 -25.54 26.11
CA VAL E 212 -34.81 -25.55 24.98
C VAL E 212 -34.48 -24.38 24.06
N ASP E 213 -34.55 -24.63 22.76
CA ASP E 213 -34.43 -23.59 21.74
C ASP E 213 -35.59 -23.75 20.78
N LEU E 214 -36.37 -22.69 20.61
CA LEU E 214 -37.56 -22.70 19.76
C LEU E 214 -37.53 -21.50 18.83
N PRO E 215 -37.53 -21.69 17.52
CA PRO E 215 -37.47 -20.58 16.54
C PRO E 215 -38.83 -20.01 16.16
N ILE E 216 -39.33 -19.10 17.00
CA ILE E 216 -40.62 -18.46 16.72
C ILE E 216 -40.44 -17.16 15.95
N GLY E 217 -39.64 -16.25 16.49
CA GLY E 217 -39.45 -14.94 15.86
C GLY E 217 -40.64 -14.02 15.95
N ILE E 218 -41.27 -13.93 17.11
CA ILE E 218 -42.38 -13.01 17.33
C ILE E 218 -41.96 -11.92 18.30
N ASN E 219 -42.74 -10.83 18.30
CA ASN E 219 -42.53 -9.73 19.23
C ASN E 219 -43.14 -10.09 20.57
N ILE E 220 -42.32 -10.04 21.62
CA ILE E 220 -42.76 -10.32 22.98
C ILE E 220 -42.50 -9.10 23.85
N THR E 221 -43.45 -8.79 24.73
CA THR E 221 -43.33 -7.60 25.56
C THR E 221 -43.54 -7.88 27.05
N ARG E 222 -44.47 -8.77 27.40
CA ARG E 222 -44.82 -9.01 28.79
C ARG E 222 -45.05 -10.49 29.00
N PHE E 223 -45.24 -10.87 30.27
CA PHE E 223 -45.50 -12.25 30.65
C PHE E 223 -46.19 -12.25 32.01
N GLN E 224 -46.78 -13.39 32.35
CA GLN E 224 -47.49 -13.54 33.62
C GLN E 224 -47.24 -14.94 34.17
N THR E 225 -47.44 -15.08 35.48
CA THR E 225 -47.25 -16.33 36.18
C THR E 225 -48.60 -16.94 36.55
N LEU E 226 -48.57 -18.23 36.87
CA LEU E 226 -49.75 -18.99 37.25
C LEU E 226 -49.50 -19.74 38.55
N LEU E 227 -50.53 -19.81 39.39
CA LEU E 227 -50.44 -20.47 40.67
C LEU E 227 -51.57 -21.49 40.81
N ALA E 228 -51.35 -22.49 41.65
CA ALA E 228 -52.34 -23.54 41.85
C ALA E 228 -53.56 -23.00 42.56
N LEU E 229 -54.74 -23.43 42.12
CA LEU E 229 -55.99 -23.00 42.74
C LEU E 229 -56.37 -23.96 43.86
N HIS E 230 -56.87 -23.40 44.96
CA HIS E 230 -57.26 -24.19 46.11
C HIS E 230 -58.32 -23.47 46.94
N GLY E 246 -50.28 -15.53 52.10
CA GLY E 246 -50.51 -16.95 52.17
C GLY E 246 -50.29 -17.66 50.84
N ALA E 247 -49.15 -17.38 50.21
CA ALA E 247 -48.81 -17.97 48.92
C ALA E 247 -47.30 -18.11 48.85
N ALA E 248 -46.79 -18.37 47.64
CA ALA E 248 -45.36 -18.49 47.43
C ALA E 248 -44.77 -17.11 47.11
N ALA E 249 -43.49 -17.08 46.75
CA ALA E 249 -42.80 -15.83 46.44
C ALA E 249 -41.92 -16.03 45.23
N TYR E 250 -41.66 -14.92 44.52
CA TYR E 250 -40.81 -14.95 43.35
C TYR E 250 -40.25 -13.55 43.11
N TYR E 251 -39.20 -13.48 42.31
CA TYR E 251 -38.51 -12.23 42.02
C TYR E 251 -38.35 -12.07 40.51
N VAL E 252 -38.22 -10.82 40.08
CA VAL E 252 -38.04 -10.49 38.67
C VAL E 252 -36.91 -9.48 38.55
N GLY E 253 -35.93 -9.79 37.70
CA GLY E 253 -34.84 -8.88 37.41
C GLY E 253 -34.71 -8.66 35.91
N TYR E 254 -33.89 -7.67 35.56
CA TYR E 254 -33.69 -7.28 34.18
C TYR E 254 -32.23 -7.46 33.80
N LEU E 255 -31.99 -7.91 32.56
CA LEU E 255 -30.64 -8.13 32.07
C LEU E 255 -30.12 -6.89 31.35
N GLN E 256 -28.81 -6.67 31.46
CA GLN E 256 -28.15 -5.52 30.87
C GLN E 256 -26.96 -5.96 30.03
N PRO E 257 -26.64 -5.22 28.96
CA PRO E 257 -25.51 -5.59 28.10
C PRO E 257 -24.17 -5.19 28.69
N ARG E 258 -23.61 -6.01 29.57
CA ARG E 258 -22.39 -5.66 30.28
C ARG E 258 -21.47 -6.88 30.36
N THR E 259 -20.18 -6.64 30.12
CA THR E 259 -19.21 -7.72 29.93
C THR E 259 -18.84 -8.39 31.26
N PHE E 260 -18.50 -9.68 31.15
CA PHE E 260 -18.07 -10.49 32.29
C PHE E 260 -16.73 -11.12 31.97
N LEU E 261 -16.21 -11.90 32.92
CA LEU E 261 -14.98 -12.68 32.73
C LEU E 261 -15.19 -14.02 33.44
N LEU E 262 -15.63 -15.02 32.69
CA LEU E 262 -15.95 -16.32 33.25
C LEU E 262 -14.68 -17.12 33.52
N LYS E 263 -14.75 -18.01 34.51
CA LYS E 263 -13.62 -18.88 34.87
C LYS E 263 -14.09 -20.33 34.75
N TYR E 264 -13.78 -20.95 33.61
CA TYR E 264 -14.10 -22.36 33.40
C TYR E 264 -13.20 -23.24 34.26
N ASN E 265 -13.80 -24.22 34.91
CA ASN E 265 -13.02 -25.20 35.67
C ASN E 265 -12.42 -26.23 34.72
N GLU E 266 -11.61 -27.13 35.28
CA GLU E 266 -11.05 -28.22 34.48
C GLU E 266 -12.13 -29.10 33.87
N ASN E 267 -13.31 -29.17 34.49
CA ASN E 267 -14.42 -29.95 33.98
C ASN E 267 -15.29 -29.18 33.01
N GLY E 268 -15.08 -27.88 32.86
CA GLY E 268 -15.87 -27.07 31.96
C GLY E 268 -17.10 -26.43 32.56
N THR E 269 -17.19 -26.36 33.89
CA THR E 269 -18.33 -25.76 34.57
C THR E 269 -17.91 -24.43 35.17
N ILE E 270 -18.69 -23.38 34.90
CA ILE E 270 -18.36 -22.05 35.38
C ILE E 270 -18.59 -22.00 36.89
N THR E 271 -17.53 -21.72 37.64
CA THR E 271 -17.61 -21.67 39.09
C THR E 271 -17.43 -20.26 39.66
N ASP E 272 -16.91 -19.32 38.87
CA ASP E 272 -16.69 -17.96 39.35
C ASP E 272 -16.76 -16.99 38.18
N ALA E 273 -17.01 -15.72 38.52
CA ALA E 273 -17.08 -14.67 37.51
C ALA E 273 -16.85 -13.32 38.19
N VAL E 274 -16.21 -12.41 37.46
CA VAL E 274 -15.99 -11.05 37.92
C VAL E 274 -16.66 -10.10 36.94
N ASP E 275 -17.30 -9.06 37.48
CA ASP E 275 -17.97 -8.06 36.66
C ASP E 275 -16.99 -6.94 36.36
N CYS E 276 -16.75 -6.68 35.08
CA CYS E 276 -15.74 -5.72 34.65
C CYS E 276 -16.24 -4.28 34.68
N ALA E 277 -17.36 -3.99 35.35
CA ALA E 277 -17.81 -2.62 35.48
C ALA E 277 -18.35 -2.30 36.87
N LEU E 278 -18.05 -3.11 37.88
CA LEU E 278 -18.66 -2.91 39.20
C LEU E 278 -17.92 -1.85 40.00
N ASP E 279 -16.64 -2.09 40.30
CA ASP E 279 -15.85 -1.20 41.13
C ASP E 279 -14.47 -1.04 40.50
N PRO E 280 -13.67 -0.04 40.90
CA PRO E 280 -12.34 0.13 40.29
C PRO E 280 -11.34 -0.96 40.63
N LEU E 281 -11.73 -2.00 41.37
CA LEU E 281 -10.87 -3.15 41.63
C LEU E 281 -11.16 -4.31 40.69
N SER E 282 -12.43 -4.59 40.40
CA SER E 282 -12.77 -5.64 39.45
C SER E 282 -12.29 -5.29 38.04
N GLU E 283 -12.19 -4.00 37.74
CA GLU E 283 -11.62 -3.59 36.46
C GLU E 283 -10.17 -4.02 36.33
N THR E 284 -9.41 -3.93 37.42
CA THR E 284 -8.01 -4.36 37.40
C THR E 284 -7.91 -5.86 37.16
N LYS E 285 -8.75 -6.65 37.83
CA LYS E 285 -8.75 -8.09 37.60
C LYS E 285 -9.14 -8.41 36.16
N CYS E 286 -10.13 -7.69 35.62
CA CYS E 286 -10.57 -7.93 34.25
C CYS E 286 -9.47 -7.61 33.25
N THR E 287 -8.75 -6.50 33.44
CA THR E 287 -7.72 -6.11 32.48
C THR E 287 -6.44 -6.93 32.66
N LEU E 288 -6.21 -7.51 33.83
CA LEU E 288 -5.03 -8.31 34.07
C LEU E 288 -5.27 -9.80 33.81
N LYS E 289 -6.49 -10.19 33.47
CA LYS E 289 -6.83 -11.59 33.16
C LYS E 289 -6.46 -12.52 34.30
N SER E 290 -6.77 -12.11 35.54
CA SER E 290 -6.50 -12.92 36.70
C SER E 290 -7.51 -12.61 37.79
N PHE E 291 -7.70 -13.55 38.69
CA PHE E 291 -8.52 -13.34 39.88
C PHE E 291 -7.70 -12.87 41.07
N THR E 292 -6.37 -12.79 40.93
CA THR E 292 -5.49 -12.28 41.96
C THR E 292 -4.49 -11.33 41.33
N VAL E 293 -4.22 -10.22 42.02
CA VAL E 293 -3.32 -9.18 41.51
C VAL E 293 -2.30 -8.86 42.59
N GLU E 294 -1.06 -8.62 42.17
CA GLU E 294 0.01 -8.27 43.08
C GLU E 294 0.01 -6.76 43.34
N LYS E 295 0.76 -6.36 44.37
CA LYS E 295 0.82 -4.96 44.76
C LYS E 295 1.53 -4.12 43.70
N GLY E 296 0.99 -2.93 43.44
CA GLY E 296 1.58 -2.03 42.49
C GLY E 296 0.58 -1.01 42.01
N ILE E 297 0.93 -0.34 40.91
CA ILE E 297 0.08 0.63 40.25
C ILE E 297 -0.21 0.14 38.84
N TYR E 298 -1.49 0.14 38.46
CA TYR E 298 -1.93 -0.36 37.16
C TYR E 298 -2.82 0.68 36.50
N GLN E 299 -2.54 0.99 35.24
CA GLN E 299 -3.40 1.86 34.45
C GLN E 299 -4.47 1.00 33.78
N THR E 300 -5.74 1.29 34.08
CA THR E 300 -6.84 0.46 33.63
C THR E 300 -7.56 1.03 32.42
N SER E 301 -8.04 2.26 32.50
CA SER E 301 -8.88 2.81 31.44
C SER E 301 -8.64 4.32 31.38
N ASN E 302 -9.55 5.04 30.74
CA ASN E 302 -9.46 6.48 30.60
C ASN E 302 -10.73 7.12 31.13
N PHE E 303 -10.68 8.43 31.33
CA PHE E 303 -11.87 9.20 31.72
C PHE E 303 -12.00 10.42 30.82
N ARG E 304 -13.24 10.85 30.62
CA ARG E 304 -13.55 11.90 29.66
C ARG E 304 -14.93 12.45 29.98
N VAL E 305 -15.10 13.76 29.81
CA VAL E 305 -16.35 14.44 30.13
C VAL E 305 -17.11 14.71 28.83
N GLN E 306 -18.38 14.30 28.79
CA GLN E 306 -19.23 14.40 27.62
C GLN E 306 -19.91 15.75 27.55
N PRO E 307 -20.31 16.19 26.36
CA PRO E 307 -21.02 17.47 26.24
C PRO E 307 -22.45 17.37 26.75
N THR E 308 -23.01 18.53 27.09
CA THR E 308 -24.35 18.60 27.65
C THR E 308 -25.41 18.88 26.59
N GLU E 309 -25.29 20.00 25.88
CA GLU E 309 -26.28 20.39 24.89
C GLU E 309 -25.58 20.91 23.64
N SER E 310 -26.30 20.88 22.53
CA SER E 310 -25.76 21.26 21.22
C SER E 310 -26.38 22.58 20.78
N ILE E 311 -25.53 23.50 20.34
CA ILE E 311 -25.96 24.80 19.83
C ILE E 311 -25.92 24.70 18.31
N VAL E 312 -27.05 24.31 17.71
CA VAL E 312 -27.16 24.19 16.26
C VAL E 312 -27.43 25.56 15.66
N ARG E 313 -26.38 26.26 15.27
CA ARG E 313 -26.47 27.64 14.79
C ARG E 313 -26.13 27.68 13.31
N PHE E 314 -27.11 28.03 12.49
CA PHE E 314 -26.92 28.25 11.07
C PHE E 314 -27.21 29.70 10.70
N PRO E 315 -26.59 30.22 9.64
CA PRO E 315 -26.85 31.61 9.26
C PRO E 315 -28.32 31.86 8.98
N ASN E 316 -28.80 33.02 9.42
CA ASN E 316 -30.20 33.39 9.30
C ASN E 316 -30.35 34.39 8.16
N ILE E 317 -30.75 33.89 6.99
CA ILE E 317 -31.00 34.73 5.81
C ILE E 317 -32.36 34.30 5.26
N THR E 318 -33.30 35.23 5.20
CA THR E 318 -34.69 34.90 4.87
C THR E 318 -35.01 35.43 3.46
N ASN E 319 -34.69 34.59 2.49
CA ASN E 319 -34.92 34.88 1.09
C ASN E 319 -35.01 33.54 0.39
N LEU E 320 -36.20 32.95 0.38
CA LEU E 320 -36.45 31.65 -0.23
C LEU E 320 -35.88 31.61 -1.64
N CYS E 321 -34.83 30.80 -1.81
CA CYS E 321 -34.18 30.67 -3.10
C CYS E 321 -35.18 30.32 -4.19
N PRO E 322 -35.12 31.04 -5.30
CA PRO E 322 -36.06 30.86 -6.43
C PRO E 322 -35.69 29.74 -7.42
N PHE E 323 -36.04 28.50 -7.04
CA PHE E 323 -35.98 27.39 -7.98
C PHE E 323 -37.23 27.26 -8.83
N GLY E 324 -38.27 28.04 -8.53
CA GLY E 324 -39.55 27.88 -9.22
C GLY E 324 -39.44 28.12 -10.71
N GLU E 325 -38.81 29.23 -11.11
CA GLU E 325 -38.70 29.53 -12.53
C GLU E 325 -37.79 28.53 -13.24
N VAL E 326 -36.78 28.01 -12.54
CA VAL E 326 -35.92 27.00 -13.14
C VAL E 326 -36.72 25.73 -13.41
N PHE E 327 -37.55 25.31 -12.45
CA PHE E 327 -38.33 24.10 -12.62
C PHE E 327 -39.66 24.31 -13.33
N ASN E 328 -40.11 25.57 -13.48
CA ASN E 328 -41.38 25.87 -14.13
C ASN E 328 -41.19 26.93 -15.21
N ALA E 329 -40.14 26.77 -16.01
CA ALA E 329 -39.89 27.68 -17.11
C ALA E 329 -40.82 27.37 -18.27
N THR E 330 -40.67 28.11 -19.37
CA THR E 330 -41.52 27.94 -20.54
C THR E 330 -40.78 27.24 -21.68
N ARG E 331 -39.66 27.79 -22.13
CA ARG E 331 -38.91 27.26 -23.28
C ARG E 331 -37.55 26.77 -22.79
N PHE E 332 -37.41 25.45 -22.65
CA PHE E 332 -36.12 24.87 -22.29
C PHE E 332 -35.18 24.84 -23.49
N ALA E 333 -33.89 24.97 -23.19
CA ALA E 333 -32.88 25.04 -24.24
C ALA E 333 -32.66 23.68 -24.89
N SER E 334 -32.16 23.72 -26.12
CA SER E 334 -31.84 22.49 -26.85
C SER E 334 -30.63 21.80 -26.24
N VAL E 335 -30.52 20.50 -26.54
CA VAL E 335 -29.47 19.70 -25.92
C VAL E 335 -28.09 20.16 -26.36
N TYR E 336 -27.94 20.55 -27.63
CA TYR E 336 -26.63 20.97 -28.13
C TYR E 336 -26.22 22.32 -27.56
N ALA E 337 -27.17 23.13 -27.10
CA ALA E 337 -26.90 24.47 -26.58
C ALA E 337 -27.60 24.65 -25.24
N TRP E 338 -27.41 23.69 -24.33
CA TRP E 338 -28.06 23.74 -23.03
C TRP E 338 -27.70 25.02 -22.28
N ASN E 339 -28.69 25.60 -21.62
CA ASN E 339 -28.52 26.85 -20.90
C ASN E 339 -28.12 26.57 -19.45
N ARG E 340 -27.10 27.30 -18.98
CA ARG E 340 -26.59 27.17 -17.62
C ARG E 340 -26.99 28.41 -16.82
N LYS E 341 -27.54 28.19 -15.64
CA LYS E 341 -28.04 29.27 -14.79
C LYS E 341 -27.23 29.33 -13.51
N ARG E 342 -27.06 30.53 -12.98
CA ARG E 342 -26.29 30.76 -11.76
C ARG E 342 -27.22 31.00 -10.58
N ILE E 343 -26.98 30.27 -9.49
CA ILE E 343 -27.78 30.36 -8.28
C ILE E 343 -26.85 30.63 -7.10
N SER E 344 -27.18 31.63 -6.30
CA SER E 344 -26.37 32.00 -5.15
C SER E 344 -27.17 32.92 -4.24
N ASN E 345 -26.53 33.34 -3.14
CA ASN E 345 -27.08 34.29 -2.16
C ASN E 345 -28.56 34.03 -1.86
N CYS E 346 -28.89 32.77 -1.64
CA CYS E 346 -30.27 32.38 -1.39
C CYS E 346 -30.29 31.14 -0.52
N VAL E 347 -31.43 30.91 0.14
CA VAL E 347 -31.65 29.73 0.96
C VAL E 347 -32.72 28.88 0.28
N ALA E 348 -32.38 27.63 -0.01
CA ALA E 348 -33.27 26.72 -0.71
C ALA E 348 -33.64 25.55 0.17
N ASP E 349 -34.83 24.99 -0.05
CA ASP E 349 -35.32 23.85 0.70
C ASP E 349 -35.41 22.65 -0.23
N TYR E 350 -34.73 21.56 0.15
CA TYR E 350 -34.72 20.33 -0.63
C TYR E 350 -35.73 19.32 -0.16
N SER E 351 -36.49 19.63 0.91
CA SER E 351 -37.53 18.70 1.36
C SER E 351 -38.62 18.55 0.32
N VAL E 352 -39.04 19.66 -0.29
CA VAL E 352 -40.15 19.61 -1.24
C VAL E 352 -39.75 18.87 -2.51
N LEU E 353 -38.51 19.05 -2.97
CA LEU E 353 -38.09 18.45 -4.23
C LEU E 353 -38.10 16.93 -4.14
N TYR E 354 -37.57 16.38 -3.05
CA TYR E 354 -37.60 14.93 -2.87
C TYR E 354 -38.99 14.45 -2.49
N ASN E 355 -39.75 15.27 -1.76
CA ASN E 355 -41.13 14.95 -1.41
C ASN E 355 -42.07 15.08 -2.60
N SER E 356 -41.61 15.67 -3.71
CA SER E 356 -42.44 15.86 -4.88
C SER E 356 -42.48 14.57 -5.70
N ALA E 357 -43.68 14.00 -5.86
CA ALA E 357 -43.86 12.81 -6.66
C ALA E 357 -44.17 13.13 -8.13
N SER E 358 -44.34 14.41 -8.46
CA SER E 358 -44.62 14.79 -9.85
C SER E 358 -43.41 14.58 -10.75
N PHE E 359 -42.22 14.44 -10.18
CA PHE E 359 -41.01 14.22 -10.95
C PHE E 359 -40.75 12.72 -11.07
N SER E 360 -40.62 12.24 -12.31
CA SER E 360 -40.56 10.81 -12.55
C SER E 360 -39.29 10.20 -11.95
N THR E 361 -38.14 10.86 -12.15
CA THR E 361 -36.87 10.29 -11.73
C THR E 361 -36.10 11.31 -10.89
N PHE E 362 -35.65 10.86 -9.72
CA PHE E 362 -34.79 11.67 -8.85
C PHE E 362 -33.86 10.69 -8.13
N LYS E 363 -32.68 10.48 -8.73
CA LYS E 363 -31.66 9.62 -8.14
C LYS E 363 -30.31 10.25 -8.36
N CYS E 364 -29.51 10.33 -7.29
CA CYS E 364 -28.22 10.99 -7.38
C CYS E 364 -27.33 10.54 -6.23
N TYR E 365 -26.05 10.86 -6.35
CA TYR E 365 -25.04 10.44 -5.40
C TYR E 365 -23.99 11.52 -5.23
N GLY E 366 -22.97 11.20 -4.45
CA GLY E 366 -21.98 12.17 -4.03
C GLY E 366 -22.35 12.73 -2.68
N VAL E 367 -23.65 13.02 -2.52
CA VAL E 367 -24.27 13.40 -1.25
C VAL E 367 -25.65 12.76 -1.23
N SER E 368 -26.03 12.19 -0.11
CA SER E 368 -27.34 11.55 -0.02
C SER E 368 -28.43 12.61 0.04
N PRO E 369 -29.57 12.39 -0.63
CA PRO E 369 -30.62 13.43 -0.66
C PRO E 369 -31.15 13.81 0.71
N THR E 370 -31.27 12.84 1.63
CA THR E 370 -31.82 13.14 2.94
C THR E 370 -30.95 14.09 3.75
N LYS E 371 -29.65 14.13 3.47
CA LYS E 371 -28.72 14.97 4.22
C LYS E 371 -28.53 16.35 3.58
N LEU E 372 -29.29 16.68 2.54
CA LEU E 372 -29.13 17.95 1.85
C LEU E 372 -29.67 19.14 2.64
N ASN E 373 -30.36 18.92 3.75
CA ASN E 373 -30.95 20.00 4.52
C ASN E 373 -29.97 20.65 5.49
N ASP E 374 -28.70 20.22 5.49
CA ASP E 374 -27.74 20.71 6.46
C ASP E 374 -26.40 21.07 5.82
N LEU E 375 -26.43 21.61 4.60
CA LEU E 375 -25.22 21.91 3.85
C LEU E 375 -25.22 23.39 3.43
N CYS E 376 -24.02 23.93 3.27
CA CYS E 376 -23.82 25.34 2.91
C CYS E 376 -22.74 25.47 1.84
N PHE E 377 -22.86 24.68 0.76
CA PHE E 377 -21.83 24.67 -0.26
C PHE E 377 -21.78 26.00 -0.99
N THR E 378 -20.63 26.25 -1.63
CA THR E 378 -20.33 27.57 -2.20
C THR E 378 -21.30 27.93 -3.33
N ASN E 379 -21.27 27.17 -4.42
CA ASN E 379 -21.94 27.56 -5.65
C ASN E 379 -22.90 26.47 -6.12
N VAL E 380 -23.97 26.89 -6.78
CA VAL E 380 -24.99 26.00 -7.29
C VAL E 380 -25.19 26.29 -8.78
N TYR E 381 -25.12 25.25 -9.60
CA TYR E 381 -25.31 25.37 -11.04
C TYR E 381 -26.62 24.69 -11.43
N ALA E 382 -27.40 25.37 -12.25
CA ALA E 382 -28.69 24.86 -12.72
C ALA E 382 -28.62 24.70 -14.24
N ASP E 383 -28.38 23.47 -14.69
CA ASP E 383 -28.32 23.14 -16.10
C ASP E 383 -29.59 22.40 -16.50
N SER E 384 -30.26 22.88 -17.54
CA SER E 384 -31.49 22.29 -18.00
C SER E 384 -31.50 22.21 -19.52
N PHE E 385 -32.00 21.09 -20.03
CA PHE E 385 -32.10 20.86 -21.47
C PHE E 385 -33.15 19.77 -21.69
N VAL E 386 -33.36 19.40 -22.95
CA VAL E 386 -34.40 18.46 -23.34
C VAL E 386 -33.77 17.27 -24.04
N ILE E 387 -34.10 16.07 -23.58
CA ILE E 387 -33.62 14.83 -24.17
C ILE E 387 -34.83 13.90 -24.34
N ARG E 388 -34.73 13.00 -25.31
CA ARG E 388 -35.78 12.01 -25.52
C ARG E 388 -35.85 11.08 -24.31
N GLY E 389 -37.02 10.44 -24.15
CA GLY E 389 -37.21 9.56 -23.01
C GLY E 389 -36.21 8.41 -22.96
N ASP E 390 -35.63 8.07 -24.10
CA ASP E 390 -34.54 7.10 -24.14
C ASP E 390 -33.21 7.79 -23.88
N GLU E 391 -32.23 6.98 -23.46
CA GLU E 391 -30.87 7.44 -23.18
C GLU E 391 -30.82 8.44 -22.04
N VAL E 392 -31.86 8.50 -21.21
CA VAL E 392 -31.85 9.38 -20.05
C VAL E 392 -30.75 8.97 -19.07
N ARG E 393 -30.59 7.66 -18.87
CA ARG E 393 -29.54 7.18 -17.97
C ARG E 393 -28.15 7.51 -18.48
N GLN E 394 -28.01 7.85 -19.76
CA GLN E 394 -26.70 8.22 -20.30
C GLN E 394 -26.18 9.53 -19.73
N ILE E 395 -27.05 10.37 -19.15
CA ILE E 395 -26.63 11.62 -18.54
C ILE E 395 -25.68 11.41 -17.38
N ALA E 396 -25.78 10.28 -16.68
CA ALA E 396 -24.89 10.02 -15.56
C ALA E 396 -23.44 9.93 -16.03
N PRO E 397 -22.50 10.39 -15.22
CA PRO E 397 -21.09 10.36 -15.64
C PRO E 397 -20.55 8.93 -15.69
N GLY E 398 -19.44 8.78 -16.42
CA GLY E 398 -18.83 7.47 -16.57
C GLY E 398 -19.60 6.55 -17.50
N GLN E 399 -20.57 7.10 -18.23
CA GLN E 399 -21.38 6.32 -19.16
C GLN E 399 -20.75 6.39 -20.55
N THR E 400 -21.41 5.77 -21.52
CA THR E 400 -20.97 5.83 -22.91
C THR E 400 -22.19 5.67 -23.80
N GLY E 401 -22.35 6.59 -24.75
CA GLY E 401 -23.52 6.52 -25.61
C GLY E 401 -23.47 7.60 -26.67
N LYS E 402 -24.53 7.63 -27.48
CA LYS E 402 -24.62 8.57 -28.59
C LYS E 402 -24.64 10.01 -28.11
N ILE E 403 -25.41 10.31 -27.06
CA ILE E 403 -25.58 11.69 -26.61
C ILE E 403 -24.61 12.00 -25.48
N ALA E 404 -24.32 10.99 -24.64
CA ALA E 404 -23.50 11.23 -23.46
C ALA E 404 -22.08 11.60 -23.83
N ASP E 405 -21.47 10.84 -24.74
CA ASP E 405 -20.09 11.04 -25.12
C ASP E 405 -19.93 12.16 -26.13
N TYR E 406 -21.03 12.76 -26.59
CA TYR E 406 -20.98 13.67 -27.72
C TYR E 406 -21.52 15.07 -27.47
N ASN E 407 -22.59 15.23 -26.68
CA ASN E 407 -23.16 16.56 -26.46
C ASN E 407 -23.28 16.99 -25.01
N TYR E 408 -23.23 16.07 -24.05
CA TYR E 408 -23.24 16.48 -22.64
C TYR E 408 -22.56 15.36 -21.85
N LYS E 409 -21.32 15.62 -21.44
CA LYS E 409 -20.52 14.63 -20.71
C LYS E 409 -20.27 15.13 -19.30
N LEU E 410 -20.45 14.23 -18.33
CA LEU E 410 -20.16 14.64 -16.97
C LEU E 410 -18.88 14.00 -16.45
N PRO E 411 -18.09 14.72 -15.68
CA PRO E 411 -16.82 14.16 -15.19
C PRO E 411 -17.04 13.08 -14.14
N ASP E 412 -16.04 12.21 -13.99
CA ASP E 412 -16.12 11.17 -12.97
C ASP E 412 -15.99 11.75 -11.57
N ASP E 413 -15.39 12.92 -11.43
CA ASP E 413 -15.31 13.62 -10.16
C ASP E 413 -16.55 14.49 -9.91
N PHE E 414 -17.66 14.20 -10.59
CA PHE E 414 -18.86 14.98 -10.46
C PHE E 414 -19.48 14.84 -9.07
N THR E 415 -20.04 15.94 -8.58
CA THR E 415 -20.92 15.94 -7.42
C THR E 415 -22.15 16.79 -7.74
N GLY E 416 -23.32 16.28 -7.39
CA GLY E 416 -24.57 16.93 -7.70
C GLY E 416 -25.64 15.90 -7.99
N CYS E 417 -26.77 16.37 -8.49
CA CYS E 417 -27.93 15.50 -8.71
C CYS E 417 -28.52 15.72 -10.09
N VAL E 418 -29.22 14.69 -10.59
CA VAL E 418 -29.88 14.70 -11.87
C VAL E 418 -31.38 14.47 -11.65
N ILE E 419 -32.19 15.31 -12.28
CA ILE E 419 -33.65 15.28 -12.13
C ILE E 419 -34.29 15.28 -13.50
N ALA E 420 -35.25 14.37 -13.72
CA ALA E 420 -35.95 14.29 -14.99
C ALA E 420 -37.43 14.07 -14.74
N TRP E 421 -38.28 14.72 -15.54
CA TRP E 421 -39.71 14.57 -15.43
C TRP E 421 -40.33 14.61 -16.82
N ASN E 422 -41.47 13.92 -16.96
CA ASN E 422 -42.18 13.88 -18.24
C ASN E 422 -42.95 15.16 -18.46
N SER E 423 -42.90 15.67 -19.69
CA SER E 423 -43.58 16.90 -20.06
C SER E 423 -44.24 16.76 -21.43
N ASN E 424 -44.77 15.57 -21.72
CA ASN E 424 -45.38 15.29 -23.01
C ASN E 424 -46.77 15.89 -23.16
N ASN E 425 -47.19 16.72 -22.20
CA ASN E 425 -48.53 17.31 -22.25
C ASN E 425 -48.59 18.58 -23.08
N LEU E 426 -47.45 19.17 -23.45
CA LEU E 426 -47.47 20.44 -24.17
C LEU E 426 -46.43 20.46 -25.30
N ASP E 427 -45.98 19.30 -25.75
CA ASP E 427 -45.00 19.20 -26.82
C ASP E 427 -45.49 18.40 -28.02
N SER E 428 -46.31 17.38 -27.79
CA SER E 428 -46.69 16.45 -28.85
C SER E 428 -48.18 16.48 -29.14
N LYS E 429 -48.66 15.51 -29.92
CA LYS E 429 -50.07 15.40 -30.31
C LYS E 429 -50.47 16.57 -31.20
N VAL E 430 -49.53 17.06 -32.00
CA VAL E 430 -49.79 18.11 -32.98
C VAL E 430 -49.14 17.72 -34.29
N GLY E 431 -49.23 18.59 -35.29
CA GLY E 431 -48.60 18.33 -36.57
C GLY E 431 -47.09 18.48 -36.53
N GLY E 432 -46.43 17.62 -35.76
CA GLY E 432 -44.99 17.68 -35.59
C GLY E 432 -44.58 18.65 -34.50
N ASN E 433 -43.33 18.49 -34.06
CA ASN E 433 -42.81 19.35 -33.00
C ASN E 433 -41.71 20.25 -33.55
N TYR E 434 -40.64 19.63 -34.06
CA TYR E 434 -39.56 20.31 -34.76
C TYR E 434 -39.11 21.57 -34.00
N ASN E 435 -38.59 21.33 -32.80
CA ASN E 435 -38.10 22.41 -31.95
C ASN E 435 -36.72 22.18 -31.37
N TYR E 436 -36.31 20.93 -31.17
CA TYR E 436 -35.16 20.60 -30.31
C TYR E 436 -34.19 19.75 -31.13
N LEU E 437 -33.15 20.40 -31.66
CA LEU E 437 -32.25 19.76 -32.61
C LEU E 437 -31.12 19.04 -31.85
N TYR E 438 -30.29 18.32 -32.60
CA TYR E 438 -29.15 17.58 -32.05
C TYR E 438 -28.26 17.18 -33.21
N ARG E 439 -27.01 16.84 -32.90
CA ARG E 439 -26.09 16.32 -33.89
C ARG E 439 -25.90 14.82 -33.69
N LEU E 440 -25.55 14.13 -34.78
CA LEU E 440 -25.48 12.67 -34.78
C LEU E 440 -24.08 12.18 -34.42
N PHE E 441 -23.88 10.87 -34.66
CA PHE E 441 -22.63 10.19 -34.35
C PHE E 441 -21.54 10.64 -35.32
N ARG E 442 -20.80 11.67 -34.93
CA ARG E 442 -19.80 12.31 -35.80
C ARG E 442 -18.74 12.99 -34.94
N LYS E 443 -17.96 13.87 -35.56
CA LYS E 443 -17.01 14.74 -34.85
C LYS E 443 -15.92 13.86 -34.22
N SER E 444 -15.31 14.32 -33.12
CA SER E 444 -14.22 13.62 -32.46
C SER E 444 -14.38 13.61 -30.94
N ASN E 445 -15.54 13.18 -30.45
CA ASN E 445 -15.92 12.98 -29.06
C ASN E 445 -15.90 14.27 -28.24
N LEU E 446 -16.27 14.17 -26.97
CA LEU E 446 -16.46 15.33 -26.13
C LEU E 446 -15.63 15.21 -24.85
N LYS E 447 -15.47 16.37 -24.19
CA LYS E 447 -14.84 16.49 -22.88
C LYS E 447 -15.91 17.01 -21.90
N PRO E 448 -15.79 16.76 -20.59
CA PRO E 448 -16.85 17.22 -19.68
C PRO E 448 -16.92 18.73 -19.66
N PHE E 449 -18.13 19.26 -19.83
CA PHE E 449 -18.40 20.70 -19.79
C PHE E 449 -17.60 21.48 -20.84
N GLU E 450 -17.95 21.28 -22.11
CA GLU E 450 -17.41 22.20 -23.11
C GLU E 450 -18.43 23.22 -23.58
N ARG E 451 -19.60 22.76 -24.03
CA ARG E 451 -20.60 23.61 -24.66
C ARG E 451 -20.01 24.29 -25.91
N ASP E 452 -19.74 23.45 -26.91
CA ASP E 452 -19.15 23.89 -28.17
C ASP E 452 -20.20 23.79 -29.28
N ILE E 453 -20.35 24.88 -30.04
CA ILE E 453 -21.26 24.94 -31.18
C ILE E 453 -20.45 25.46 -32.36
N SER E 454 -20.12 24.56 -33.30
CA SER E 454 -19.30 24.90 -34.47
C SER E 454 -19.94 24.25 -35.71
N THR E 455 -21.25 24.44 -35.87
CA THR E 455 -22.01 23.77 -36.93
C THR E 455 -21.35 23.96 -38.29
N GLU E 456 -20.92 22.85 -38.89
CA GLU E 456 -20.19 22.89 -40.14
C GLU E 456 -20.32 21.54 -40.82
N ILE E 457 -20.04 21.51 -42.12
CA ILE E 457 -20.15 20.31 -42.93
C ILE E 457 -18.79 19.67 -43.07
N TYR E 458 -18.67 18.40 -42.68
CA TYR E 458 -17.42 17.67 -42.78
C TYR E 458 -17.67 16.18 -42.83
N GLN E 459 -16.80 15.46 -43.55
CA GLN E 459 -16.87 14.01 -43.66
C GLN E 459 -15.57 13.51 -44.28
N ALA E 460 -15.19 12.29 -43.90
CA ALA E 460 -14.01 11.66 -44.47
C ALA E 460 -14.26 11.27 -45.93
N GLY E 461 -13.19 11.22 -46.71
CA GLY E 461 -13.29 10.82 -48.09
C GLY E 461 -12.70 11.81 -49.07
N SER E 462 -11.84 12.71 -48.58
CA SER E 462 -11.17 13.72 -49.41
C SER E 462 -12.19 14.58 -50.15
N THR E 463 -12.96 15.32 -49.35
CA THR E 463 -14.12 16.07 -49.82
C THR E 463 -13.89 17.57 -49.71
N PRO E 464 -14.53 18.36 -50.57
CA PRO E 464 -14.57 19.81 -50.35
C PRO E 464 -15.75 20.20 -49.47
N CYS E 465 -15.94 21.49 -49.25
CA CYS E 465 -17.04 22.00 -48.44
C CYS E 465 -17.88 22.93 -49.32
N ASN E 466 -18.93 22.39 -49.91
CA ASN E 466 -19.80 23.17 -50.78
C ASN E 466 -21.26 23.12 -50.39
N GLY E 467 -21.74 21.95 -49.93
CA GLY E 467 -23.13 21.81 -49.57
C GLY E 467 -23.42 20.51 -48.87
N VAL E 468 -24.61 19.95 -49.08
CA VAL E 468 -24.97 18.69 -48.44
C VAL E 468 -24.29 17.52 -49.13
N GLU E 469 -24.60 17.35 -50.40
CA GLU E 469 -24.00 16.32 -51.24
C GLU E 469 -23.98 14.96 -50.57
N GLY E 470 -25.17 14.42 -50.32
CA GLY E 470 -25.38 13.13 -49.67
C GLY E 470 -24.32 12.03 -49.71
N PHE E 471 -23.75 11.80 -50.89
CA PHE E 471 -22.72 10.78 -51.06
C PHE E 471 -21.38 10.98 -50.32
N ASN E 472 -20.84 12.20 -50.35
CA ASN E 472 -19.55 12.46 -49.68
C ASN E 472 -19.64 13.11 -48.30
N CYS E 473 -20.45 14.15 -48.19
CA CYS E 473 -20.66 14.85 -46.92
C CYS E 473 -22.12 14.74 -46.51
N TYR E 474 -22.42 15.18 -45.28
CA TYR E 474 -23.67 15.26 -44.52
C TYR E 474 -23.73 16.57 -43.76
N PHE E 475 -24.96 16.95 -43.40
CA PHE E 475 -25.21 18.06 -42.49
C PHE E 475 -25.37 17.50 -41.09
N PRO E 476 -24.50 17.87 -40.13
CA PRO E 476 -24.41 17.10 -38.88
C PRO E 476 -25.70 17.00 -38.07
N LEU E 477 -26.46 18.08 -37.97
CA LEU E 477 -27.58 18.14 -37.04
C LEU E 477 -28.91 17.78 -37.73
N GLN E 478 -29.77 17.09 -36.98
CA GLN E 478 -31.13 16.82 -37.41
C GLN E 478 -32.07 17.01 -36.23
N SER E 479 -33.32 16.60 -36.42
CA SER E 479 -34.38 16.90 -35.45
C SER E 479 -34.83 15.65 -34.70
N TYR E 480 -35.42 15.88 -33.54
CA TYR E 480 -36.16 14.85 -32.82
C TYR E 480 -37.56 14.71 -33.42
N GLY E 481 -38.18 13.55 -33.16
CA GLY E 481 -39.57 13.38 -33.49
C GLY E 481 -40.37 12.78 -32.35
N PHE E 482 -41.33 13.54 -31.81
CA PHE E 482 -42.23 13.03 -30.79
C PHE E 482 -43.69 13.07 -31.23
N GLN E 483 -43.96 13.21 -32.53
CA GLN E 483 -45.34 13.24 -33.00
C GLN E 483 -46.15 11.98 -32.64
N PRO E 484 -45.62 10.76 -32.73
CA PRO E 484 -46.44 9.60 -32.34
C PRO E 484 -46.68 9.61 -30.84
N THR E 485 -47.88 9.18 -30.45
CA THR E 485 -48.21 9.03 -29.04
C THR E 485 -47.49 7.82 -28.47
N ASN E 486 -46.95 6.98 -29.36
CA ASN E 486 -46.26 5.77 -28.97
C ASN E 486 -44.87 6.08 -28.44
N GLY E 487 -44.29 5.13 -27.70
CA GLY E 487 -42.94 5.26 -27.22
C GLY E 487 -42.83 5.66 -25.77
N VAL E 488 -42.56 4.68 -24.89
CA VAL E 488 -42.28 4.99 -23.50
C VAL E 488 -40.99 5.79 -23.40
N GLY E 489 -39.96 5.36 -24.12
CA GLY E 489 -38.71 6.10 -24.21
C GLY E 489 -38.64 7.12 -25.32
N TYR E 490 -39.74 7.37 -26.01
CA TYR E 490 -39.78 8.36 -27.07
C TYR E 490 -40.56 9.61 -26.69
N GLN E 491 -41.12 9.67 -25.49
CA GLN E 491 -41.88 10.84 -25.07
C GLN E 491 -40.93 11.99 -24.78
N PRO E 492 -41.34 13.24 -25.02
CA PRO E 492 -40.41 14.37 -24.84
C PRO E 492 -40.14 14.70 -23.39
N TYR E 493 -39.22 13.96 -22.77
CA TYR E 493 -38.87 14.21 -21.37
C TYR E 493 -37.99 15.44 -21.25
N ARG E 494 -37.99 16.02 -20.04
CA ARG E 494 -37.16 17.17 -19.71
C ARG E 494 -36.32 16.84 -18.49
N VAL E 495 -35.08 17.32 -18.48
CA VAL E 495 -34.09 16.93 -17.48
C VAL E 495 -33.31 18.15 -17.02
N VAL E 496 -32.95 18.16 -15.74
CA VAL E 496 -32.06 19.17 -15.18
C VAL E 496 -30.99 18.44 -14.36
N VAL E 497 -29.84 19.10 -14.22
CA VAL E 497 -28.69 18.53 -13.50
C VAL E 497 -28.13 19.62 -12.60
N LEU E 498 -28.19 19.43 -11.29
CA LEU E 498 -27.58 20.37 -10.33
C LEU E 498 -26.11 19.95 -10.04
N SER E 499 -25.37 20.71 -9.22
CA SER E 499 -23.96 20.39 -8.91
C SER E 499 -23.35 20.96 -7.60
N PHE E 500 -22.10 20.64 -7.24
CA PHE E 500 -21.57 21.19 -5.98
C PHE E 500 -20.04 21.32 -5.93
N GLU E 501 -19.50 22.17 -5.05
CA GLU E 501 -18.04 22.23 -4.99
C GLU E 501 -17.54 22.10 -3.56
N LEU E 502 -17.90 23.08 -2.72
CA LEU E 502 -17.56 23.17 -1.29
C LEU E 502 -16.08 23.39 -0.91
N LEU E 503 -15.87 23.80 0.34
CA LEU E 503 -14.55 24.06 0.91
C LEU E 503 -13.63 24.88 0.00
N HIS E 504 -14.16 25.99 -0.53
CA HIS E 504 -13.40 26.85 -1.41
C HIS E 504 -13.53 28.32 -1.02
N ALA E 505 -14.63 28.64 -0.35
CA ALA E 505 -14.87 30.02 0.07
C ALA E 505 -15.74 30.01 1.32
N PRO E 506 -15.87 31.13 2.05
CA PRO E 506 -16.84 31.18 3.14
C PRO E 506 -18.24 30.87 2.64
N ALA E 507 -18.98 30.10 3.45
CA ALA E 507 -20.27 29.57 3.01
C ALA E 507 -21.28 30.70 2.80
N THR E 508 -22.08 30.57 1.74
CA THR E 508 -23.14 31.52 1.44
C THR E 508 -24.47 30.87 1.10
N VAL E 509 -24.52 29.57 0.78
CA VAL E 509 -25.81 28.94 0.44
C VAL E 509 -26.26 27.82 1.39
N CYS E 510 -26.87 28.19 2.51
CA CYS E 510 -27.30 27.28 3.59
C CYS E 510 -28.70 26.65 3.59
N GLY E 511 -28.94 25.72 4.53
CA GLY E 511 -30.26 25.13 4.67
C GLY E 511 -31.18 26.00 5.51
N PRO E 512 -32.40 25.53 5.74
CA PRO E 512 -33.40 26.32 6.47
C PRO E 512 -33.43 26.11 7.98
N LYS E 513 -32.43 25.44 8.56
CA LYS E 513 -32.46 25.16 9.99
C LYS E 513 -32.21 26.43 10.80
N LYS E 514 -32.81 26.48 12.00
CA LYS E 514 -32.79 27.66 12.83
C LYS E 514 -31.54 27.67 13.73
N SER E 515 -31.30 28.83 14.34
CA SER E 515 -30.13 29.03 15.18
C SER E 515 -30.48 28.80 16.65
N THR E 516 -29.47 28.91 17.51
CA THR E 516 -29.63 28.69 18.95
C THR E 516 -28.77 29.69 19.70
N ASN E 517 -29.15 29.96 20.95
CA ASN E 517 -28.41 30.92 21.77
C ASN E 517 -27.02 30.39 22.09
N LEU E 518 -26.09 31.32 22.29
CA LEU E 518 -24.69 31.00 22.50
C LEU E 518 -24.39 30.88 24.00
N VAL E 519 -23.64 29.84 24.36
CA VAL E 519 -23.27 29.57 25.74
C VAL E 519 -21.75 29.57 25.85
N LYS E 520 -21.24 29.86 27.05
CA LYS E 520 -19.82 30.00 27.30
C LYS E 520 -19.40 29.12 28.46
N ASN E 521 -18.12 28.72 28.45
CA ASN E 521 -17.49 28.00 29.56
C ASN E 521 -18.22 26.69 29.87
N LYS E 522 -18.46 25.90 28.82
CA LYS E 522 -19.13 24.60 28.96
C LYS E 522 -18.74 23.73 27.78
N CYS E 523 -18.36 22.48 28.06
CA CYS E 523 -18.03 21.55 26.98
C CYS E 523 -19.30 21.22 26.22
N VAL E 524 -19.43 21.75 24.99
CA VAL E 524 -20.62 21.58 24.18
C VAL E 524 -20.20 21.22 22.76
N ASN E 525 -21.14 20.64 22.01
CA ASN E 525 -20.94 20.31 20.61
C ASN E 525 -21.62 21.38 19.76
N PHE E 526 -20.82 22.13 19.01
CA PHE E 526 -21.30 23.28 18.27
C PHE E 526 -21.46 22.96 16.79
N ASN E 527 -21.99 23.93 16.05
CA ASN E 527 -22.17 23.81 14.61
C ASN E 527 -22.12 25.21 14.03
N PHE E 528 -21.02 25.56 13.37
CA PHE E 528 -20.81 26.89 12.82
C PHE E 528 -20.71 26.78 11.30
N ASN E 529 -21.82 27.03 10.62
CA ASN E 529 -21.88 26.94 9.15
C ASN E 529 -21.44 25.57 8.67
N GLY E 530 -21.85 24.53 9.39
CA GLY E 530 -21.46 23.17 9.07
C GLY E 530 -20.19 22.68 9.71
N LEU E 531 -19.44 23.57 10.37
CA LEU E 531 -18.21 23.19 11.06
C LEU E 531 -18.60 22.51 12.38
N THR E 532 -18.36 21.22 12.49
CA THR E 532 -18.77 20.43 13.64
C THR E 532 -17.57 20.15 14.54
N GLY E 533 -17.82 20.20 15.85
CA GLY E 533 -16.77 19.94 16.82
C GLY E 533 -17.33 20.04 18.22
N THR E 534 -16.44 19.80 19.18
CA THR E 534 -16.78 19.88 20.60
C THR E 534 -15.70 20.67 21.34
N GLY E 535 -16.11 21.37 22.39
CA GLY E 535 -15.19 22.13 23.19
C GLY E 535 -15.91 23.18 24.00
N VAL E 536 -15.12 24.03 24.65
CA VAL E 536 -15.62 25.14 25.44
C VAL E 536 -15.31 26.43 24.70
N LEU E 537 -16.21 27.41 24.84
CA LEU E 537 -16.08 28.68 24.15
C LEU E 537 -15.82 29.78 25.18
N THR E 538 -14.72 30.49 25.02
CA THR E 538 -14.34 31.58 25.91
C THR E 538 -13.98 32.81 25.08
N GLU E 539 -14.00 33.96 25.73
CA GLU E 539 -13.56 35.19 25.09
C GLU E 539 -12.05 35.18 24.87
N SER E 540 -11.61 35.82 23.79
CA SER E 540 -10.21 35.76 23.38
C SER E 540 -9.69 37.16 23.07
N ASN E 541 -8.36 37.28 23.11
CA ASN E 541 -7.68 38.53 22.83
C ASN E 541 -6.96 38.52 21.48
N LYS E 542 -7.33 37.60 20.60
CA LYS E 542 -6.74 37.55 19.27
C LYS E 542 -7.37 38.62 18.38
N LYS E 543 -6.54 39.46 17.78
CA LYS E 543 -7.03 40.59 16.98
C LYS E 543 -7.14 40.16 15.53
N PHE E 544 -8.28 39.56 15.20
CA PHE E 544 -8.54 39.16 13.82
C PHE E 544 -8.64 40.39 12.92
N LEU E 545 -8.02 40.31 11.76
CA LEU E 545 -8.19 41.35 10.75
C LEU E 545 -9.56 41.21 10.11
N PRO E 546 -10.10 42.29 9.54
CA PRO E 546 -11.50 42.28 9.11
C PRO E 546 -11.84 41.25 8.04
N PHE E 547 -10.86 40.70 7.32
CA PHE E 547 -11.18 39.83 6.20
C PHE E 547 -11.12 38.34 6.54
N GLN E 548 -10.35 37.92 7.54
CA GLN E 548 -10.31 36.50 7.88
C GLN E 548 -11.59 36.08 8.60
N GLN E 549 -11.90 34.79 8.49
CA GLN E 549 -13.08 34.22 9.13
C GLN E 549 -12.75 33.43 10.39
N PHE E 550 -11.70 32.60 10.36
CA PHE E 550 -11.35 31.80 11.53
C PHE E 550 -9.84 31.60 11.55
N GLY E 551 -9.34 31.22 12.74
CA GLY E 551 -7.96 30.82 12.90
C GLY E 551 -7.79 29.33 12.67
N ARG E 552 -6.53 28.90 12.57
CA ARG E 552 -6.23 27.51 12.29
C ARG E 552 -4.98 27.09 13.05
N ASP E 553 -4.94 25.82 13.44
CA ASP E 553 -3.80 25.24 14.15
C ASP E 553 -3.28 24.05 13.37
N ILE E 554 -2.10 23.57 13.79
CA ILE E 554 -1.45 22.45 13.11
C ILE E 554 -2.34 21.21 13.17
N ALA E 555 -2.07 20.26 12.26
CA ALA E 555 -2.82 19.01 12.13
C ALA E 555 -4.28 19.26 11.79
N ASP E 556 -4.56 20.39 11.12
CA ASP E 556 -5.89 20.76 10.64
C ASP E 556 -6.91 20.77 11.79
N THR E 557 -6.65 21.63 12.77
CA THR E 557 -7.52 21.80 13.92
C THR E 557 -7.93 23.25 14.04
N THR E 558 -9.24 23.49 14.07
CA THR E 558 -9.75 24.85 14.25
C THR E 558 -9.46 25.33 15.66
N ASP E 559 -8.89 26.54 15.77
CA ASP E 559 -8.51 27.10 17.05
C ASP E 559 -9.40 28.24 17.50
N ALA E 560 -9.82 29.11 16.59
CA ALA E 560 -10.70 30.22 16.93
C ALA E 560 -11.63 30.49 15.76
N VAL E 561 -12.79 31.08 16.05
CA VAL E 561 -13.79 31.40 15.05
C VAL E 561 -14.47 32.71 15.41
N ARG E 562 -15.14 33.29 14.42
CA ARG E 562 -16.04 34.42 14.64
C ARG E 562 -17.45 34.00 14.23
N ASP E 563 -18.45 34.50 14.96
CA ASP E 563 -19.74 33.86 14.77
C ASP E 563 -20.66 34.71 13.92
N PRO E 564 -21.60 34.07 13.22
CA PRO E 564 -22.61 34.83 12.47
C PRO E 564 -23.55 35.58 13.41
N GLN E 565 -24.12 36.66 12.88
CA GLN E 565 -25.15 37.47 13.52
C GLN E 565 -24.59 38.29 14.68
N THR E 566 -23.32 38.08 15.02
CA THR E 566 -22.68 38.83 16.10
C THR E 566 -21.27 39.31 15.78
N LEU E 567 -20.55 38.64 14.87
CA LEU E 567 -19.21 39.04 14.46
C LEU E 567 -18.26 39.13 15.66
N GLU E 568 -18.36 38.17 16.58
CA GLU E 568 -17.54 38.14 17.78
C GLU E 568 -16.65 36.90 17.76
N ILE E 569 -15.38 37.10 18.14
CA ILE E 569 -14.42 36.01 18.16
C ILE E 569 -14.70 35.10 19.35
N LEU E 570 -14.55 33.80 19.15
CA LEU E 570 -14.76 32.80 20.18
C LEU E 570 -13.63 31.78 20.13
N ASP E 571 -13.01 31.53 21.29
CA ASP E 571 -11.99 30.49 21.38
C ASP E 571 -12.63 29.12 21.52
N ILE E 572 -11.85 28.09 21.20
CA ILE E 572 -12.28 26.71 21.33
C ILE E 572 -11.18 25.92 22.04
N THR E 573 -11.57 25.14 23.04
CA THR E 573 -10.64 24.32 23.81
C THR E 573 -11.36 23.02 24.16
N PRO E 574 -10.77 21.86 23.87
CA PRO E 574 -11.44 20.60 24.20
C PRO E 574 -11.62 20.44 25.69
N CYS E 575 -12.75 19.85 26.09
CA CYS E 575 -12.99 19.58 27.49
C CYS E 575 -12.10 18.44 27.97
N SER E 576 -11.94 18.35 29.28
CA SER E 576 -10.83 17.61 29.87
C SER E 576 -10.90 16.12 29.58
N PHE E 577 -9.73 15.49 29.53
CA PHE E 577 -9.59 14.05 29.37
C PHE E 577 -8.26 13.63 29.97
N GLY E 578 -8.11 12.33 30.18
CA GLY E 578 -6.87 11.80 30.72
C GLY E 578 -7.00 10.34 31.03
N GLY E 579 -5.90 9.78 31.55
CA GLY E 579 -5.87 8.40 31.97
C GLY E 579 -6.35 8.22 33.41
N VAL E 580 -6.31 6.98 33.86
CA VAL E 580 -6.67 6.64 35.23
C VAL E 580 -5.83 5.46 35.67
N SER E 581 -5.48 5.43 36.95
CA SER E 581 -4.67 4.36 37.52
C SER E 581 -5.20 3.99 38.89
N VAL E 582 -4.95 2.75 39.29
CA VAL E 582 -5.48 2.19 40.53
C VAL E 582 -4.33 1.74 41.41
N ILE E 583 -4.23 2.32 42.60
CA ILE E 583 -3.26 1.88 43.60
C ILE E 583 -3.86 0.74 44.40
N THR E 584 -3.13 -0.36 44.50
CA THR E 584 -3.58 -1.50 45.29
C THR E 584 -2.41 -2.12 46.04
N PRO E 585 -2.65 -2.67 47.23
CA PRO E 585 -1.61 -3.39 47.95
C PRO E 585 -1.62 -4.90 47.74
N GLY E 586 -2.58 -5.44 46.98
CA GLY E 586 -2.64 -6.85 46.72
C GLY E 586 -3.87 -7.52 47.30
N THR E 587 -4.51 -8.41 46.53
CA THR E 587 -5.68 -9.12 47.03
C THR E 587 -5.34 -10.07 48.17
N ASN E 588 -4.08 -10.49 48.29
CA ASN E 588 -3.69 -11.34 49.41
C ASN E 588 -3.67 -10.59 50.73
N THR E 589 -3.54 -9.27 50.70
CA THR E 589 -3.48 -8.46 51.91
C THR E 589 -4.79 -7.78 52.24
N SER E 590 -5.38 -7.07 51.29
CA SER E 590 -6.61 -6.33 51.54
C SER E 590 -7.42 -6.24 50.27
N ASN E 591 -8.53 -5.49 50.34
CA ASN E 591 -9.40 -5.26 49.19
C ASN E 591 -9.64 -3.76 48.97
N GLN E 592 -8.77 -2.91 49.49
CA GLN E 592 -8.90 -1.47 49.38
C GLN E 592 -8.04 -0.96 48.24
N VAL E 593 -8.48 0.14 47.62
CA VAL E 593 -7.80 0.72 46.47
C VAL E 593 -7.83 2.24 46.56
N ALA E 594 -6.95 2.86 45.77
CA ALA E 594 -6.95 4.30 45.57
C ALA E 594 -6.89 4.57 44.07
N VAL E 595 -7.45 5.71 43.66
CA VAL E 595 -7.61 6.04 42.26
C VAL E 595 -6.89 7.36 41.98
N LEU E 596 -6.18 7.41 40.85
CA LEU E 596 -5.43 8.60 40.45
C LEU E 596 -5.86 9.02 39.05
N TYR E 597 -6.30 10.27 38.92
CA TYR E 597 -6.69 10.84 37.63
C TYR E 597 -5.52 11.69 37.14
N GLN E 598 -4.88 11.25 36.07
CA GLN E 598 -3.61 11.85 35.66
C GLN E 598 -3.83 13.20 35.01
N ASP E 599 -3.06 14.20 35.48
CA ASP E 599 -2.98 15.53 34.87
C ASP E 599 -4.35 16.22 34.78
N VAL E 600 -5.12 16.12 35.87
CA VAL E 600 -6.37 16.85 36.01
C VAL E 600 -6.54 17.23 37.47
N ASN E 601 -6.86 18.50 37.73
CA ASN E 601 -6.98 18.98 39.10
C ASN E 601 -8.32 18.54 39.69
N CYS E 602 -8.38 18.57 41.03
CA CYS E 602 -9.51 18.01 41.76
C CYS E 602 -10.74 18.90 41.65
N THR E 603 -11.34 18.95 40.46
CA THR E 603 -12.61 19.63 40.26
C THR E 603 -13.61 18.80 39.46
N GLU E 604 -13.17 17.82 38.70
CA GLU E 604 -14.05 16.92 37.95
C GLU E 604 -14.03 15.55 38.61
N VAL E 605 -15.21 15.02 38.92
CA VAL E 605 -15.31 13.71 39.54
C VAL E 605 -15.17 12.62 38.49
N ASN E 626 -11.15 11.23 50.91
CA ASN E 626 -10.30 12.42 50.92
C ASN E 626 -9.80 12.74 49.52
N VAL E 627 -9.53 14.01 49.26
CA VAL E 627 -9.07 14.48 47.96
C VAL E 627 -7.73 15.19 48.16
N PHE E 628 -6.74 14.82 47.35
CA PHE E 628 -5.38 15.31 47.48
C PHE E 628 -4.89 15.69 46.09
N GLN E 629 -4.37 16.91 45.95
CA GLN E 629 -3.86 17.41 44.68
C GLN E 629 -2.35 17.35 44.68
N THR E 630 -1.79 16.51 43.82
CA THR E 630 -0.35 16.38 43.62
C THR E 630 0.03 16.94 42.26
N ARG E 631 1.30 16.78 41.90
CA ARG E 631 1.77 17.21 40.59
C ARG E 631 1.43 16.20 39.49
N ALA E 632 1.01 15.00 39.85
CA ALA E 632 0.66 13.97 38.88
C ALA E 632 -0.83 13.84 38.65
N GLY E 633 -1.65 14.64 39.33
CA GLY E 633 -3.09 14.63 39.14
C GLY E 633 -3.80 14.60 40.48
N CYS E 634 -5.08 14.23 40.44
CA CYS E 634 -5.93 14.19 41.62
C CYS E 634 -5.92 12.79 42.20
N LEU E 635 -5.64 12.68 43.49
CA LEU E 635 -5.54 11.39 44.19
C LEU E 635 -6.72 11.27 45.14
N ILE E 636 -7.52 10.23 44.96
CA ILE E 636 -8.76 10.04 45.73
C ILE E 636 -8.64 8.75 46.51
N GLY E 637 -8.82 8.83 47.82
CA GLY E 637 -8.79 7.67 48.68
C GLY E 637 -7.53 7.48 49.50
N ALA E 638 -6.63 8.45 49.52
CA ALA E 638 -5.38 8.36 50.26
C ALA E 638 -5.30 9.48 51.29
N GLU E 639 -4.59 9.20 52.38
CA GLU E 639 -4.43 10.15 53.47
C GLU E 639 -3.04 10.75 53.44
N HIS E 640 -2.97 12.08 53.46
CA HIS E 640 -1.69 12.78 53.42
C HIS E 640 -1.07 12.80 54.81
N VAL E 641 0.20 12.39 54.89
CA VAL E 641 0.93 12.29 56.15
C VAL E 641 2.22 13.10 56.04
N ASN E 642 2.59 13.75 57.15
CA ASN E 642 3.80 14.56 57.17
C ASN E 642 5.06 13.72 57.24
N ASN E 643 4.98 12.52 57.82
CA ASN E 643 6.15 11.68 57.97
C ASN E 643 6.68 11.21 56.62
N SER E 644 7.97 10.92 56.58
CA SER E 644 8.64 10.46 55.37
C SER E 644 9.28 9.11 55.62
N TYR E 645 9.00 8.14 54.74
CA TYR E 645 9.60 6.81 54.86
C TYR E 645 10.20 6.39 53.52
N GLU E 646 10.63 5.14 53.43
CA GLU E 646 11.11 4.61 52.16
C GLU E 646 9.96 4.42 51.18
N CYS E 647 10.26 4.58 49.89
CA CYS E 647 9.23 4.47 48.87
C CYS E 647 8.74 3.04 48.74
N ASP E 648 7.42 2.88 48.63
CA ASP E 648 6.81 1.57 48.46
C ASP E 648 6.13 1.42 47.11
N ILE E 649 5.18 2.30 46.79
CA ILE E 649 4.52 2.29 45.48
C ILE E 649 4.71 3.67 44.84
N PRO E 650 5.55 3.79 43.81
CA PRO E 650 5.81 5.12 43.25
C PRO E 650 4.57 5.72 42.60
N ILE E 651 4.48 7.04 42.67
CA ILE E 651 3.39 7.80 42.08
C ILE E 651 3.91 8.84 41.10
N GLY E 652 4.85 9.67 41.53
CA GLY E 652 5.45 10.66 40.66
C GLY E 652 5.83 11.91 41.44
N ALA E 653 6.87 12.60 40.95
CA ALA E 653 7.33 13.86 41.51
C ALA E 653 7.70 13.74 42.99
N GLY E 654 8.28 12.61 43.37
CA GLY E 654 8.77 12.45 44.72
C GLY E 654 7.71 12.14 45.76
N ILE E 655 6.62 11.49 45.36
CA ILE E 655 5.56 11.10 46.28
C ILE E 655 5.27 9.62 46.06
N CYS E 656 5.22 8.86 47.15
CA CYS E 656 4.94 7.43 47.11
C CYS E 656 3.69 7.13 47.92
N ALA E 657 3.37 5.85 48.01
CA ALA E 657 2.19 5.40 48.76
C ALA E 657 2.44 4.04 49.41
N VAL E 672 0.43 0.50 52.40
CA VAL E 672 -0.65 0.35 53.37
C VAL E 672 -0.10 0.37 54.79
N ALA E 673 -0.78 1.10 55.67
CA ALA E 673 -0.37 1.18 57.07
C ALA E 673 -1.57 1.60 57.90
N SER E 674 -1.69 1.00 59.09
CA SER E 674 -2.79 1.30 60.03
C SER E 674 -4.15 1.11 59.36
N GLN E 675 -4.28 0.05 58.56
CA GLN E 675 -5.53 -0.31 57.89
C GLN E 675 -6.04 0.81 57.00
N SER E 676 -5.14 1.52 56.32
CA SER E 676 -5.52 2.60 55.42
C SER E 676 -4.36 2.88 54.47
N ILE E 677 -4.68 3.59 53.39
CA ILE E 677 -3.68 4.00 52.40
C ILE E 677 -3.19 5.39 52.75
N ILE E 678 -1.88 5.58 52.74
CA ILE E 678 -1.27 6.86 53.06
C ILE E 678 -0.37 7.28 51.92
N ALA E 679 -0.27 8.59 51.70
CA ALA E 679 0.58 9.17 50.66
C ALA E 679 1.53 10.17 51.31
N TYR E 680 2.82 10.00 51.08
CA TYR E 680 3.82 10.83 51.74
C TYR E 680 4.91 11.26 50.74
N THR E 681 5.99 11.83 51.26
CA THR E 681 7.14 12.23 50.45
C THR E 681 8.30 11.30 50.77
N MET E 682 8.92 10.75 49.74
CA MET E 682 9.98 9.77 49.94
C MET E 682 11.18 10.38 50.65
N SER E 683 11.95 9.51 51.31
CA SER E 683 13.14 9.92 52.06
C SER E 683 14.38 9.28 51.44
N LEU E 684 15.42 10.08 51.22
CA LEU E 684 16.64 9.58 50.60
C LEU E 684 17.50 8.75 51.55
N GLY E 685 17.35 8.93 52.86
CA GLY E 685 18.13 8.17 53.81
C GLY E 685 18.43 8.93 55.09
N ALA E 686 19.11 8.27 56.02
CA ALA E 686 19.40 8.88 57.31
C ALA E 686 20.47 9.95 57.17
N GLU E 687 20.47 10.87 58.13
CA GLU E 687 21.47 11.94 58.18
C GLU E 687 22.64 11.50 59.05
N ASN E 688 23.84 11.83 58.60
CA ASN E 688 25.05 11.39 59.28
C ASN E 688 26.17 12.38 59.01
N SER E 689 26.92 12.74 60.04
CA SER E 689 28.01 13.68 59.94
C SER E 689 29.30 13.07 60.48
N VAL E 690 30.37 13.19 59.70
CA VAL E 690 31.69 12.71 60.10
C VAL E 690 32.37 13.81 60.91
N ALA E 691 33.05 13.41 61.98
CA ALA E 691 33.70 14.37 62.89
C ALA E 691 35.04 14.80 62.31
N TYR E 692 34.96 15.59 61.25
CA TYR E 692 36.17 16.04 60.57
C TYR E 692 36.97 17.00 61.45
N SER E 693 38.29 16.84 61.40
CA SER E 693 39.22 17.75 62.05
C SER E 693 40.58 17.54 61.39
N ASN E 694 41.48 18.49 61.61
CA ASN E 694 42.79 18.43 60.98
C ASN E 694 43.81 17.65 61.81
N ASN E 695 43.38 16.96 62.86
CA ASN E 695 44.29 16.18 63.69
C ASN E 695 43.67 14.86 64.14
N SER E 696 42.76 14.30 63.34
CA SER E 696 42.06 13.08 63.73
C SER E 696 42.11 12.05 62.62
N ILE E 697 42.06 10.78 63.02
CA ILE E 697 42.01 9.65 62.08
C ILE E 697 41.26 8.52 62.76
N ALA E 698 40.69 7.63 61.94
CA ALA E 698 40.00 6.45 62.43
C ALA E 698 40.57 5.22 61.74
N ILE E 699 41.03 4.25 62.52
CA ILE E 699 41.66 3.04 62.01
C ILE E 699 40.90 1.84 62.56
N PRO E 700 40.37 0.95 61.72
CA PRO E 700 39.59 -0.18 62.23
C PRO E 700 40.44 -1.17 62.99
N THR E 701 39.79 -1.90 63.89
CA THR E 701 40.46 -2.90 64.72
C THR E 701 39.87 -4.30 64.57
N ASN E 702 39.01 -4.51 63.58
CA ASN E 702 38.41 -5.83 63.35
C ASN E 702 37.87 -5.84 61.93
N PHE E 703 37.34 -6.99 61.52
CA PHE E 703 36.88 -7.16 60.14
C PHE E 703 35.82 -8.25 60.08
N THR E 704 35.09 -8.26 58.97
CA THR E 704 34.08 -9.29 58.71
C THR E 704 34.15 -9.70 57.25
N ILE E 705 34.01 -11.01 57.00
CA ILE E 705 33.98 -11.58 55.66
C ILE E 705 32.52 -11.76 55.26
N SER E 706 32.16 -11.25 54.09
CA SER E 706 30.77 -11.28 53.63
C SER E 706 30.70 -11.91 52.24
N VAL E 707 29.55 -12.53 51.96
CA VAL E 707 29.29 -13.19 50.69
C VAL E 707 27.99 -12.65 50.11
N THR E 708 28.03 -12.19 48.87
CA THR E 708 26.87 -11.65 48.18
C THR E 708 26.75 -12.31 46.81
N THR E 709 25.51 -12.33 46.29
CA THR E 709 25.21 -13.00 45.04
C THR E 709 24.99 -11.98 43.93
N GLU E 710 24.88 -12.49 42.70
CA GLU E 710 24.66 -11.67 41.53
C GLU E 710 24.13 -12.55 40.40
N ILE E 711 23.03 -12.12 39.78
CA ILE E 711 22.32 -12.92 38.78
C ILE E 711 22.39 -12.21 37.44
N LEU E 712 22.75 -12.96 36.39
CA LEU E 712 22.88 -12.41 35.04
C LEU E 712 22.27 -13.37 34.03
N PRO E 713 21.35 -12.92 33.18
CA PRO E 713 20.84 -13.78 32.10
C PRO E 713 21.90 -13.99 31.03
N VAL E 714 21.76 -15.10 30.30
CA VAL E 714 22.74 -15.46 29.28
C VAL E 714 22.07 -15.66 27.91
N SER E 715 20.99 -16.43 27.87
CA SER E 715 20.42 -16.83 26.59
C SER E 715 18.89 -16.89 26.68
N MET E 716 18.27 -17.06 25.52
CA MET E 716 16.82 -17.23 25.40
C MET E 716 16.54 -18.46 24.55
N THR E 717 15.26 -18.81 24.44
CA THR E 717 14.89 -20.01 23.71
C THR E 717 15.04 -19.82 22.20
N LYS E 718 15.48 -20.87 21.52
CA LYS E 718 15.68 -20.85 20.07
C LYS E 718 14.40 -21.33 19.40
N THR E 719 13.60 -20.38 18.94
CA THR E 719 12.34 -20.68 18.26
C THR E 719 12.47 -20.40 16.77
N SER E 720 11.53 -20.93 16.01
CA SER E 720 11.53 -20.74 14.56
C SER E 720 10.10 -20.87 14.04
N VAL E 721 9.76 -20.01 13.08
CA VAL E 721 8.41 -19.94 12.52
C VAL E 721 8.50 -20.05 11.01
N ASP E 722 7.63 -20.86 10.41
CA ASP E 722 7.59 -21.07 8.98
C ASP E 722 6.58 -20.11 8.35
N CYS E 723 7.04 -19.32 7.37
CA CYS E 723 6.21 -18.24 6.83
C CYS E 723 4.99 -18.78 6.08
N THR E 724 5.21 -19.71 5.15
CA THR E 724 4.12 -20.18 4.31
C THR E 724 3.09 -20.97 5.11
N MET E 725 3.55 -21.83 6.02
CA MET E 725 2.61 -22.60 6.83
C MET E 725 1.80 -21.69 7.75
N TYR E 726 2.43 -20.66 8.32
CA TYR E 726 1.72 -19.78 9.23
C TYR E 726 0.70 -18.92 8.48
N ILE E 727 1.12 -18.31 7.37
CA ILE E 727 0.24 -17.35 6.69
C ILE E 727 -0.98 -18.06 6.10
N CYS E 728 -0.76 -19.17 5.38
CA CYS E 728 -1.87 -19.98 4.91
C CYS E 728 -1.35 -21.39 4.65
N GLY E 729 -1.76 -22.33 5.50
CA GLY E 729 -1.32 -23.70 5.37
C GLY E 729 -2.28 -24.56 4.57
N ASP E 730 -1.81 -25.76 4.23
CA ASP E 730 -2.54 -26.78 3.46
C ASP E 730 -3.56 -26.15 2.50
N SER E 731 -3.08 -25.25 1.66
CA SER E 731 -3.93 -24.63 0.64
C SER E 731 -3.04 -24.07 -0.46
N THR E 732 -3.23 -24.57 -1.68
CA THR E 732 -2.47 -24.06 -2.82
C THR E 732 -3.10 -22.83 -3.45
N GLU E 733 -4.32 -22.48 -3.05
CA GLU E 733 -5.02 -21.33 -3.60
C GLU E 733 -4.70 -20.03 -2.87
N CYS E 734 -3.81 -20.07 -1.89
CA CYS E 734 -3.26 -18.87 -1.27
C CYS E 734 -1.75 -18.73 -1.46
N SER E 735 -1.05 -19.85 -1.58
CA SER E 735 0.40 -19.80 -1.78
C SER E 735 0.75 -19.14 -3.11
N ASN E 736 -0.07 -19.37 -4.13
CA ASN E 736 0.17 -18.72 -5.43
C ASN E 736 0.06 -17.21 -5.31
N LEU E 737 -0.94 -16.73 -4.57
CA LEU E 737 -1.07 -15.29 -4.35
C LEU E 737 0.06 -14.75 -3.48
N LEU E 738 0.52 -15.55 -2.51
CA LEU E 738 1.63 -15.13 -1.67
C LEU E 738 2.93 -15.05 -2.43
N LEU E 739 3.08 -15.86 -3.49
CA LEU E 739 4.31 -15.89 -4.27
C LEU E 739 4.52 -14.64 -5.12
N GLN E 740 3.64 -13.64 -5.00
CA GLN E 740 3.75 -12.40 -5.75
C GLN E 740 4.39 -11.27 -4.94
N TYR E 741 4.93 -11.58 -3.76
CA TYR E 741 5.46 -10.55 -2.87
C TYR E 741 6.97 -10.57 -2.74
N GLY E 742 7.64 -11.65 -3.13
CA GLY E 742 9.09 -11.66 -3.14
C GLY E 742 9.74 -12.47 -2.04
N SER E 743 10.77 -11.89 -1.41
CA SER E 743 11.57 -12.58 -0.40
C SER E 743 11.11 -12.27 1.03
N PHE E 744 9.86 -11.82 1.19
CA PHE E 744 9.35 -11.49 2.52
C PHE E 744 9.29 -12.72 3.40
N CYS E 745 9.10 -13.90 2.83
CA CYS E 745 9.08 -15.15 3.59
C CYS E 745 10.47 -15.79 3.70
N THR E 746 11.50 -15.14 3.18
CA THR E 746 12.87 -15.59 3.32
C THR E 746 13.68 -14.76 4.31
N GLN E 747 13.49 -13.45 4.32
CA GLN E 747 14.23 -12.60 5.24
C GLN E 747 13.91 -12.93 6.69
N LEU E 748 12.64 -13.22 6.99
CA LEU E 748 12.25 -13.56 8.36
C LEU E 748 12.92 -14.84 8.83
N ASN E 749 12.92 -15.87 7.97
CA ASN E 749 13.59 -17.11 8.32
C ASN E 749 15.08 -16.90 8.53
N ARG E 750 15.70 -16.07 7.68
CA ARG E 750 17.12 -15.78 7.85
C ARG E 750 17.40 -15.12 9.20
N ALA E 751 16.57 -14.14 9.59
CA ALA E 751 16.78 -13.45 10.85
C ALA E 751 16.60 -14.39 12.05
N LEU E 752 15.56 -15.23 12.00
CA LEU E 752 15.33 -16.17 13.10
C LEU E 752 16.48 -17.17 13.21
N THR E 753 16.99 -17.65 12.08
CA THR E 753 18.17 -18.53 12.10
C THR E 753 19.36 -17.81 12.70
N GLY E 754 19.53 -16.53 12.38
CA GLY E 754 20.65 -15.78 12.94
C GLY E 754 20.61 -15.70 14.45
N ILE E 755 19.45 -15.37 15.01
CA ILE E 755 19.37 -15.26 16.47
C ILE E 755 19.54 -16.63 17.12
N ALA E 756 18.98 -17.68 16.48
CA ALA E 756 19.11 -19.02 17.03
C ALA E 756 20.58 -19.45 17.09
N VAL E 757 21.35 -19.11 16.05
CA VAL E 757 22.77 -19.42 16.06
C VAL E 757 23.51 -18.59 17.10
N GLU E 758 23.11 -17.32 17.27
CA GLU E 758 23.81 -16.44 18.20
C GLU E 758 23.68 -16.90 19.65
N GLN E 759 22.54 -17.52 20.00
CA GLN E 759 22.36 -17.96 21.40
C GLN E 759 23.44 -18.94 21.84
N ASP E 760 23.77 -19.90 20.97
CA ASP E 760 24.80 -20.89 21.31
C ASP E 760 26.16 -20.23 21.48
N LYS E 761 26.47 -19.24 20.65
CA LYS E 761 27.72 -18.50 20.83
C LYS E 761 27.75 -17.80 22.18
N ASN E 762 26.62 -17.20 22.58
CA ASN E 762 26.55 -16.59 23.91
C ASN E 762 26.92 -17.58 24.99
N THR E 763 26.26 -18.74 24.98
CA THR E 763 26.50 -19.75 26.03
C THR E 763 27.94 -20.22 26.02
N GLN E 764 28.50 -20.50 24.83
CA GLN E 764 29.85 -21.03 24.74
C GLN E 764 30.88 -20.00 25.20
N GLU E 765 30.67 -18.72 24.83
CA GLU E 765 31.60 -17.68 25.28
C GLU E 765 31.56 -17.53 26.80
N VAL E 766 30.38 -17.59 27.40
CA VAL E 766 30.31 -17.44 28.85
C VAL E 766 30.98 -18.61 29.56
N PHE E 767 30.65 -19.84 29.17
CA PHE E 767 31.00 -20.98 30.00
C PHE E 767 32.27 -21.72 29.60
N ALA E 768 32.63 -21.74 28.31
CA ALA E 768 33.82 -22.46 27.86
C ALA E 768 35.04 -21.55 28.01
N GLN E 769 35.59 -21.52 29.21
CA GLN E 769 36.76 -20.71 29.53
C GLN E 769 37.97 -21.52 29.93
N VAL E 770 37.84 -22.83 30.10
CA VAL E 770 38.91 -23.66 30.63
C VAL E 770 39.40 -24.60 29.54
N LYS E 771 40.63 -25.07 29.70
CA LYS E 771 41.26 -25.96 28.75
C LYS E 771 41.03 -27.43 29.10
N GLN E 772 41.41 -27.83 30.31
CA GLN E 772 41.26 -29.18 30.79
C GLN E 772 40.13 -29.24 31.83
N ILE E 773 39.81 -30.45 32.26
CA ILE E 773 38.77 -30.68 33.25
C ILE E 773 39.48 -31.09 34.54
N TYR E 774 39.55 -30.18 35.50
CA TYR E 774 40.22 -30.44 36.76
C TYR E 774 39.28 -31.18 37.72
N LYS E 775 39.87 -31.85 38.70
CA LYS E 775 39.13 -32.61 39.68
C LYS E 775 39.71 -32.38 41.07
N THR E 776 38.83 -32.28 42.06
CA THR E 776 39.21 -32.07 43.45
C THR E 776 39.73 -33.36 44.07
N PRO E 777 40.61 -33.27 45.06
CA PRO E 777 41.12 -34.46 45.73
C PRO E 777 40.02 -35.17 46.51
N PRO E 778 40.15 -36.48 46.74
CA PRO E 778 39.11 -37.19 47.51
C PRO E 778 39.07 -36.81 48.97
N ILE E 779 40.11 -36.19 49.51
CA ILE E 779 40.17 -35.80 50.92
C ILE E 779 40.12 -34.29 51.01
N LYS E 780 39.19 -33.77 51.81
CA LYS E 780 38.95 -32.33 51.91
C LYS E 780 39.68 -31.76 53.12
N ASP E 781 41.01 -31.71 53.01
CA ASP E 781 41.86 -31.09 54.03
C ASP E 781 42.27 -29.70 53.54
N PHE E 782 41.33 -28.76 53.64
CA PHE E 782 41.53 -27.40 53.16
C PHE E 782 41.85 -26.42 54.28
N GLY E 783 42.47 -26.89 55.35
CA GLY E 783 42.88 -25.99 56.42
C GLY E 783 41.75 -25.46 57.28
N GLY E 784 40.57 -26.06 57.21
CA GLY E 784 39.43 -25.62 58.00
C GLY E 784 38.30 -25.04 57.17
N PHE E 785 38.57 -24.62 55.94
CA PHE E 785 37.53 -24.09 55.08
C PHE E 785 36.65 -25.23 54.57
N ASN E 786 35.38 -24.91 54.30
CA ASN E 786 34.38 -25.90 53.98
C ASN E 786 33.65 -25.46 52.72
N PHE E 787 33.83 -26.21 51.63
CA PHE E 787 33.23 -25.91 50.34
C PHE E 787 32.11 -26.87 49.97
N SER E 788 31.53 -27.54 50.96
CA SER E 788 30.60 -28.63 50.67
C SER E 788 29.35 -28.16 49.94
N GLN E 789 28.98 -26.90 50.11
CA GLN E 789 27.73 -26.40 49.53
C GLN E 789 27.85 -26.04 48.06
N ILE E 790 29.07 -25.89 47.54
CA ILE E 790 29.25 -25.54 46.14
C ILE E 790 29.84 -26.67 45.31
N LEU E 791 30.58 -27.60 45.91
CA LEU E 791 31.11 -28.72 45.17
C LEU E 791 29.98 -29.68 44.79
N PRO E 792 30.14 -30.42 43.68
CA PRO E 792 29.10 -31.37 43.29
C PRO E 792 28.93 -32.50 44.29
N ASP E 793 27.70 -32.99 44.40
CA ASP E 793 27.33 -34.07 45.29
C ASP E 793 27.33 -35.39 44.55
N PRO E 794 28.09 -36.39 44.99
CA PRO E 794 28.19 -37.64 44.23
C PRO E 794 27.05 -38.61 44.46
N SER E 795 26.14 -38.34 45.38
CA SER E 795 25.03 -39.23 45.68
C SER E 795 23.77 -38.90 44.89
N LYS E 796 23.78 -37.83 44.09
CA LYS E 796 22.64 -37.40 43.31
C LYS E 796 22.62 -38.10 41.95
N PRO E 797 21.43 -38.27 41.36
CA PRO E 797 21.38 -38.73 39.96
C PRO E 797 22.11 -37.80 39.01
N SER E 798 22.01 -36.48 39.23
CA SER E 798 22.74 -35.48 38.46
C SER E 798 23.68 -34.74 39.40
N LYS E 799 24.94 -34.63 39.00
CA LYS E 799 25.99 -34.14 39.89
C LYS E 799 25.91 -32.61 40.00
N ARG E 800 24.90 -32.16 40.73
CA ARG E 800 24.66 -30.74 40.94
C ARG E 800 24.76 -30.41 42.43
N SER E 801 25.43 -29.31 42.73
CA SER E 801 25.60 -28.88 44.11
C SER E 801 24.26 -28.49 44.72
N PRO E 802 24.15 -28.53 46.05
CA PRO E 802 22.86 -28.17 46.69
C PRO E 802 22.36 -26.80 46.33
N ILE E 803 23.24 -25.80 46.27
CA ILE E 803 22.80 -24.44 45.98
C ILE E 803 22.23 -24.34 44.58
N GLU E 804 22.93 -24.90 43.59
CA GLU E 804 22.42 -24.84 42.23
C GLU E 804 21.28 -25.83 42.00
N ASP E 805 21.16 -26.86 42.84
CA ASP E 805 19.95 -27.68 42.82
C ASP E 805 18.74 -26.86 43.24
N LEU E 806 18.88 -26.08 44.32
CA LEU E 806 17.80 -25.19 44.72
C LEU E 806 17.51 -24.14 43.66
N LEU E 807 18.56 -23.62 43.01
CA LEU E 807 18.38 -22.66 41.93
C LEU E 807 17.58 -23.26 40.78
N PHE E 808 17.90 -24.51 40.41
CA PHE E 808 17.17 -25.16 39.32
C PHE E 808 15.72 -25.42 39.70
N ASN E 809 15.47 -25.79 40.95
CA ASN E 809 14.10 -26.06 41.37
C ASN E 809 13.29 -24.80 41.63
N LYS E 810 13.93 -23.65 41.85
CA LYS E 810 13.20 -22.45 42.20
C LYS E 810 12.48 -21.83 41.00
N VAL E 811 13.11 -21.82 39.84
CA VAL E 811 12.56 -21.17 38.65
C VAL E 811 11.76 -22.19 37.86
N THR E 812 10.51 -21.84 37.54
CA THR E 812 9.60 -22.71 36.81
C THR E 812 9.42 -22.17 35.40
N LEU E 813 9.74 -23.00 34.41
CA LEU E 813 9.63 -22.61 33.01
C LEU E 813 8.27 -23.01 32.43
N GLN E 838 3.17 -28.36 24.62
CA GLN E 838 2.36 -27.51 23.75
C GLN E 838 2.76 -27.67 22.29
N LYS E 839 1.83 -27.34 21.38
CA LYS E 839 2.12 -27.41 19.96
C LYS E 839 1.19 -26.46 19.22
N PHE E 840 1.71 -25.81 18.19
CA PHE E 840 0.97 -24.89 17.34
C PHE E 840 1.23 -25.24 15.88
N ASN E 841 0.80 -24.36 14.98
CA ASN E 841 1.01 -24.55 13.55
C ASN E 841 2.17 -23.70 13.07
N GLY E 842 3.15 -24.35 12.45
CA GLY E 842 4.29 -23.65 11.90
C GLY E 842 5.35 -23.21 12.90
N LEU E 843 5.15 -23.47 14.18
CA LEU E 843 6.08 -23.03 15.23
C LEU E 843 6.80 -24.24 15.81
N THR E 844 8.12 -24.15 15.89
CA THR E 844 8.95 -25.20 16.48
C THR E 844 9.95 -24.56 17.44
N VAL E 845 10.46 -25.37 18.36
CA VAL E 845 11.48 -24.96 19.32
C VAL E 845 12.66 -25.91 19.19
N LEU E 846 13.86 -25.34 19.10
CA LEU E 846 15.09 -26.10 18.87
C LEU E 846 15.85 -26.31 20.17
N PRO E 847 16.54 -27.44 20.31
CA PRO E 847 17.24 -27.73 21.56
C PRO E 847 18.64 -27.13 21.55
N PRO E 848 19.15 -26.72 22.71
CA PRO E 848 20.50 -26.16 22.77
C PRO E 848 21.56 -27.23 22.55
N LEU E 849 22.71 -26.81 22.05
CA LEU E 849 23.78 -27.75 21.74
C LEU E 849 24.41 -28.32 23.01
N LEU E 850 24.52 -27.51 24.06
CA LEU E 850 25.12 -27.94 25.32
C LEU E 850 24.02 -28.27 26.31
N THR E 851 24.04 -29.49 26.84
CA THR E 851 23.06 -29.88 27.84
C THR E 851 23.39 -29.27 29.20
N ASP E 852 22.46 -29.42 30.15
CA ASP E 852 22.68 -28.88 31.48
C ASP E 852 23.80 -29.61 32.20
N GLU E 853 23.94 -30.91 31.95
CA GLU E 853 25.01 -31.69 32.59
C GLU E 853 26.38 -31.17 32.17
N MET E 854 26.54 -30.82 30.90
CA MET E 854 27.83 -30.30 30.43
C MET E 854 28.14 -28.95 31.06
N ILE E 855 27.13 -28.09 31.21
CA ILE E 855 27.35 -26.80 31.86
C ILE E 855 27.76 -26.98 33.32
N ALA E 856 27.10 -27.91 34.02
CA ALA E 856 27.47 -28.20 35.40
C ALA E 856 28.89 -28.74 35.48
N GLN E 857 29.27 -29.59 34.53
CA GLN E 857 30.64 -30.12 34.50
C GLN E 857 31.65 -29.01 34.26
N TYR E 858 31.33 -28.07 33.37
CA TYR E 858 32.22 -26.94 33.11
C TYR E 858 32.43 -26.10 34.37
N THR E 859 31.34 -25.77 35.06
CA THR E 859 31.47 -24.99 36.29
C THR E 859 32.22 -25.76 37.37
N SER E 860 32.01 -27.08 37.45
CA SER E 860 32.76 -27.88 38.41
C SER E 860 34.25 -27.85 38.12
N ALA E 861 34.63 -27.93 36.83
CA ALA E 861 36.04 -27.84 36.47
C ALA E 861 36.63 -26.50 36.86
N LEU E 862 35.90 -25.41 36.57
CA LEU E 862 36.39 -24.09 36.94
C LEU E 862 36.59 -23.98 38.45
N LEU E 863 35.61 -24.48 39.23
CA LEU E 863 35.66 -24.34 40.68
C LEU E 863 36.79 -25.19 41.27
N ALA E 864 36.98 -26.40 40.75
CA ALA E 864 38.09 -27.23 41.22
C ALA E 864 39.43 -26.58 40.92
N GLY E 865 39.58 -26.02 39.71
CA GLY E 865 40.83 -25.35 39.37
C GLY E 865 41.12 -24.17 40.27
N THR E 866 40.11 -23.34 40.54
CA THR E 866 40.36 -22.16 41.39
C THR E 866 40.57 -22.54 42.84
N ILE E 867 39.98 -23.65 43.31
CA ILE E 867 40.25 -24.09 44.67
C ILE E 867 41.69 -24.59 44.78
N THR E 868 42.15 -25.36 43.81
CA THR E 868 43.42 -26.06 44.01
C THR E 868 44.64 -25.24 43.59
N SER E 869 44.56 -24.43 42.53
CA SER E 869 45.75 -23.79 42.00
C SER E 869 45.72 -22.26 42.05
N GLY E 870 44.65 -21.64 42.55
CA GLY E 870 44.62 -20.19 42.59
C GLY E 870 44.33 -19.60 41.22
N TRP E 871 44.95 -18.47 40.93
CA TRP E 871 44.80 -17.81 39.64
C TRP E 871 45.83 -18.28 38.62
N THR E 872 46.66 -19.26 38.97
CA THR E 872 47.73 -19.68 38.07
C THR E 872 47.20 -20.39 36.83
N PHE E 873 46.09 -21.11 36.95
CA PHE E 873 45.58 -21.90 35.83
C PHE E 873 44.92 -21.04 34.75
N GLY E 874 44.84 -19.73 34.94
CA GLY E 874 44.25 -18.88 33.92
C GLY E 874 45.27 -18.22 33.01
N ALA E 875 46.55 -18.33 33.35
CA ALA E 875 47.63 -17.73 32.57
C ALA E 875 48.54 -18.74 31.90
N GLY E 876 48.89 -19.83 32.60
CA GLY E 876 49.71 -20.87 32.03
C GLY E 876 49.30 -22.24 32.52
N PRO E 877 50.28 -23.04 32.94
CA PRO E 877 49.96 -24.32 33.60
C PRO E 877 49.58 -24.11 35.06
N ALA E 878 48.84 -25.07 35.58
CA ALA E 878 48.35 -24.99 36.95
C ALA E 878 49.42 -25.45 37.92
N LEU E 879 49.72 -24.63 38.91
CA LEU E 879 50.73 -24.91 39.93
C LEU E 879 50.06 -24.96 41.29
N GLN E 880 50.24 -26.05 42.01
CA GLN E 880 49.54 -26.26 43.27
C GLN E 880 50.11 -25.39 44.38
N ILE E 881 49.25 -25.09 45.35
CA ILE E 881 49.61 -24.23 46.48
C ILE E 881 48.59 -24.46 47.60
N PRO E 882 49.02 -24.59 48.86
CA PRO E 882 48.06 -24.77 49.95
C PRO E 882 47.09 -23.61 50.06
N PHE E 883 45.85 -23.92 50.43
CA PHE E 883 44.81 -22.90 50.45
C PHE E 883 45.05 -21.79 51.46
N PRO E 884 45.46 -22.04 52.71
CA PRO E 884 45.76 -20.90 53.60
C PRO E 884 46.80 -19.96 53.04
N MET E 885 47.77 -20.48 52.31
CA MET E 885 48.80 -19.62 51.72
C MET E 885 48.24 -18.78 50.58
N GLN E 886 47.36 -19.37 49.78
CA GLN E 886 46.67 -18.61 48.74
C GLN E 886 45.83 -17.49 49.36
N MET E 887 45.13 -17.79 50.45
CA MET E 887 44.34 -16.75 51.09
C MET E 887 45.21 -15.68 51.74
N ALA E 888 46.38 -16.06 52.23
CA ALA E 888 47.33 -15.05 52.72
C ALA E 888 47.80 -14.14 51.61
N TYR E 889 48.07 -14.70 50.42
CA TYR E 889 48.41 -13.87 49.27
C TYR E 889 47.27 -12.91 48.93
N ARG E 890 46.03 -13.41 48.93
CA ARG E 890 44.90 -12.53 48.60
C ARG E 890 44.68 -11.47 49.67
N PHE E 891 44.97 -11.78 50.94
CA PHE E 891 44.95 -10.76 51.98
C PHE E 891 46.01 -9.70 51.76
N ASN E 892 47.22 -10.12 51.37
CA ASN E 892 48.28 -9.18 51.05
C ASN E 892 47.94 -8.32 49.84
N GLY E 893 47.09 -8.83 48.94
CA GLY E 893 46.74 -8.08 47.74
C GLY E 893 45.84 -6.88 47.97
N ILE E 894 45.24 -6.74 49.14
CA ILE E 894 44.36 -5.61 49.45
C ILE E 894 45.00 -4.62 50.40
N GLY E 895 46.23 -4.87 50.86
CA GLY E 895 46.91 -3.94 51.73
C GLY E 895 47.05 -4.35 53.17
N VAL E 896 46.75 -5.60 53.52
CA VAL E 896 46.86 -6.12 54.88
C VAL E 896 47.88 -7.25 54.88
N THR E 897 48.82 -7.21 55.81
CA THR E 897 49.89 -8.20 55.84
C THR E 897 49.33 -9.58 56.18
N GLN E 898 50.11 -10.61 55.84
CA GLN E 898 49.64 -11.99 55.92
C GLN E 898 49.62 -12.55 57.33
N ASN E 899 50.44 -12.02 58.24
CA ASN E 899 50.42 -12.54 59.61
C ASN E 899 49.08 -12.34 60.29
N VAL E 900 48.28 -11.37 59.81
CA VAL E 900 46.93 -11.22 60.32
C VAL E 900 46.12 -12.48 60.06
N LEU E 901 46.19 -13.01 58.85
CA LEU E 901 45.49 -14.27 58.56
C LEU E 901 46.14 -15.44 59.28
N TYR E 902 47.46 -15.50 59.30
CA TYR E 902 48.11 -16.62 59.99
C TYR E 902 47.81 -16.64 61.47
N GLU E 903 47.37 -15.52 62.05
CA GLU E 903 46.98 -15.48 63.45
C GLU E 903 45.47 -15.53 63.68
N ASN E 904 44.66 -15.25 62.65
CA ASN E 904 43.21 -15.31 62.80
C ASN E 904 42.58 -16.33 61.85
N GLN E 905 43.34 -17.38 61.51
CA GLN E 905 42.88 -18.39 60.56
C GLN E 905 41.57 -19.05 61.00
N LYS E 906 41.49 -19.48 62.26
CA LYS E 906 40.28 -20.18 62.72
C LYS E 906 39.06 -19.28 62.65
N LEU E 907 39.20 -18.03 63.11
CA LEU E 907 38.09 -17.09 63.05
C LEU E 907 37.66 -16.82 61.62
N ILE E 908 38.63 -16.66 60.70
CA ILE E 908 38.29 -16.40 59.31
C ILE E 908 37.57 -17.60 58.70
N ALA E 909 38.02 -18.82 59.01
CA ALA E 909 37.37 -20.01 58.49
C ALA E 909 35.93 -20.12 58.99
N ASN E 910 35.72 -19.85 60.28
CA ASN E 910 34.36 -19.90 60.83
C ASN E 910 33.46 -18.85 60.18
N GLN E 911 33.98 -17.64 59.98
CA GLN E 911 33.19 -16.60 59.34
C GLN E 911 32.85 -16.98 57.90
N PHE E 912 33.81 -17.53 57.16
CA PHE E 912 33.54 -18.00 55.80
C PHE E 912 32.43 -19.04 55.79
N ASN E 913 32.51 -20.01 56.69
CA ASN E 913 31.52 -21.08 56.72
C ASN E 913 30.14 -20.54 57.04
N SER E 914 30.03 -19.66 58.05
CA SER E 914 28.72 -19.12 58.41
C SER E 914 28.15 -18.26 57.27
N ALA E 915 28.98 -17.44 56.64
CA ALA E 915 28.52 -16.57 55.57
C ALA E 915 28.03 -17.36 54.38
N ILE E 916 28.74 -18.44 54.03
CA ILE E 916 28.28 -19.25 52.90
C ILE E 916 27.06 -20.08 53.30
N GLY E 917 26.90 -20.39 54.60
CA GLY E 917 25.72 -21.09 55.04
C GLY E 917 24.46 -20.24 54.94
N LYS E 918 24.57 -18.95 55.25
CA LYS E 918 23.39 -18.08 55.20
C LYS E 918 22.81 -17.98 53.79
N ILE E 919 23.64 -18.21 52.76
CA ILE E 919 23.24 -17.94 51.38
C ILE E 919 22.10 -18.84 50.95
N GLN E 920 22.15 -20.12 51.33
CA GLN E 920 21.11 -21.06 50.91
C GLN E 920 19.75 -20.65 51.45
N ASP E 921 19.69 -20.31 52.74
CA ASP E 921 18.43 -19.87 53.34
C ASP E 921 17.95 -18.57 52.71
N SER E 922 18.87 -17.63 52.48
CA SER E 922 18.49 -16.35 51.87
C SER E 922 17.89 -16.57 50.49
N LEU E 923 18.48 -17.47 49.70
CA LEU E 923 17.93 -17.76 48.37
C LEU E 923 16.59 -18.47 48.47
N SER E 924 16.47 -19.46 49.37
CA SER E 924 15.28 -20.30 49.40
C SER E 924 14.08 -19.61 50.05
N SER E 925 14.29 -18.58 50.87
CA SER E 925 13.18 -17.96 51.59
C SER E 925 12.74 -16.63 51.01
N THR E 926 13.59 -15.94 50.27
CA THR E 926 13.24 -14.62 49.74
C THR E 926 12.56 -14.77 48.39
N PRO E 927 11.31 -14.33 48.23
CA PRO E 927 10.66 -14.39 46.92
C PRO E 927 11.23 -13.34 45.96
N SER E 928 11.07 -13.62 44.68
CA SER E 928 11.49 -12.73 43.60
C SER E 928 12.98 -12.44 43.60
N ALA E 929 13.79 -13.39 44.11
CA ALA E 929 15.24 -13.23 44.04
C ALA E 929 15.77 -13.56 42.65
N LEU E 930 15.00 -14.31 41.86
CA LEU E 930 15.40 -14.73 40.51
C LEU E 930 14.45 -14.17 39.46
N GLY E 931 14.02 -12.92 39.62
CA GLY E 931 13.09 -12.34 38.66
C GLY E 931 13.74 -12.04 37.32
N LYS E 932 15.05 -11.80 37.31
CA LYS E 932 15.74 -11.48 36.07
C LYS E 932 15.69 -12.65 35.09
N LEU E 933 15.66 -13.88 35.60
CA LEU E 933 15.63 -15.05 34.74
C LEU E 933 14.22 -15.50 34.39
N GLN E 934 13.22 -15.10 35.17
CA GLN E 934 11.83 -15.41 34.84
C GLN E 934 11.23 -14.39 33.89
N ASP E 935 11.76 -13.17 33.89
CA ASP E 935 11.23 -12.12 33.03
C ASP E 935 11.37 -12.49 31.55
N VAL E 936 12.52 -13.04 31.16
CA VAL E 936 12.73 -13.38 29.75
C VAL E 936 11.78 -14.49 29.31
N VAL E 937 11.57 -15.49 30.16
CA VAL E 937 10.65 -16.58 29.85
C VAL E 937 9.24 -16.03 29.68
N ASN E 938 8.82 -15.16 30.60
CA ASN E 938 7.48 -14.59 30.52
C ASN E 938 7.31 -13.76 29.24
N GLN E 939 8.32 -12.96 28.89
CA GLN E 939 8.21 -12.12 27.70
C GLN E 939 8.13 -12.96 26.43
N ASN E 940 8.96 -14.00 26.33
CA ASN E 940 8.92 -14.85 25.14
C ASN E 940 7.58 -15.56 25.02
N ALA E 941 7.07 -16.09 26.14
CA ALA E 941 5.78 -16.77 26.11
C ALA E 941 4.66 -15.82 25.71
N GLN E 942 4.69 -14.59 26.23
CA GLN E 942 3.66 -13.62 25.89
C GLN E 942 3.70 -13.26 24.41
N ALA E 943 4.90 -13.06 23.86
CA ALA E 943 5.00 -12.74 22.43
C ALA E 943 4.47 -13.88 21.57
N LEU E 944 4.83 -15.12 21.91
CA LEU E 944 4.32 -16.26 21.14
C LEU E 944 2.80 -16.37 21.25
N ASN E 945 2.26 -16.14 22.45
CA ASN E 945 0.81 -16.23 22.63
C ASN E 945 0.09 -15.16 21.81
N THR E 946 0.62 -13.94 21.79
CA THR E 946 0.00 -12.89 20.98
C THR E 946 0.05 -13.25 19.50
N LEU E 947 1.18 -13.76 19.03
CA LEU E 947 1.29 -14.14 17.62
C LEU E 947 0.28 -15.22 17.26
N VAL E 948 0.12 -16.22 18.14
CA VAL E 948 -0.83 -17.29 17.85
C VAL E 948 -2.26 -16.76 17.88
N LYS E 949 -2.60 -15.93 18.88
CA LYS E 949 -3.96 -15.39 18.98
C LYS E 949 -4.30 -14.46 17.83
N GLN E 950 -3.31 -13.89 17.15
CA GLN E 950 -3.60 -12.99 16.03
C GLN E 950 -4.22 -13.71 14.83
N LEU E 951 -4.26 -15.03 14.81
CA LEU E 951 -4.74 -15.75 13.64
C LEU E 951 -6.26 -15.69 13.48
N SER E 952 -6.98 -15.28 14.52
CA SER E 952 -8.44 -15.30 14.49
C SER E 952 -9.06 -13.96 14.11
N SER E 953 -8.26 -12.96 13.75
CA SER E 953 -8.79 -11.66 13.38
C SER E 953 -9.29 -11.67 11.94
N ASN E 954 -10.16 -10.71 11.63
CA ASN E 954 -10.80 -10.65 10.32
C ASN E 954 -10.04 -9.79 9.33
N PHE E 955 -9.57 -8.62 9.75
CA PHE E 955 -8.86 -7.66 8.90
C PHE E 955 -9.71 -7.15 7.74
N GLY E 956 -11.03 -7.32 7.81
CA GLY E 956 -11.93 -6.81 6.79
C GLY E 956 -12.64 -7.87 5.96
N ALA E 957 -12.16 -9.11 5.97
CA ALA E 957 -12.79 -10.16 5.20
C ALA E 957 -14.14 -10.55 5.80
N ILE E 958 -14.84 -11.47 5.15
CA ILE E 958 -16.15 -11.88 5.65
C ILE E 958 -16.01 -12.97 6.70
N SER E 959 -14.91 -13.72 6.66
CA SER E 959 -14.61 -14.75 7.65
C SER E 959 -13.13 -14.74 7.96
N SER E 960 -12.80 -15.05 9.22
CA SER E 960 -11.42 -15.07 9.67
C SER E 960 -10.72 -16.39 9.36
N VAL E 961 -11.45 -17.42 8.99
CA VAL E 961 -10.86 -18.71 8.63
C VAL E 961 -10.82 -18.83 7.11
N LEU E 962 -9.81 -19.54 6.61
CA LEU E 962 -9.57 -19.55 5.17
C LEU E 962 -10.42 -20.60 4.46
N ASN E 963 -10.67 -21.74 5.09
CA ASN E 963 -11.34 -22.83 4.42
C ASN E 963 -12.81 -22.51 4.15
N ASP E 964 -13.44 -21.75 5.03
CA ASP E 964 -14.85 -21.43 4.83
C ASP E 964 -15.03 -20.54 3.60
N ILE E 965 -14.26 -19.46 3.51
CA ILE E 965 -14.36 -18.58 2.35
C ILE E 965 -13.87 -19.29 1.10
N LEU E 966 -12.84 -20.14 1.23
CA LEU E 966 -12.28 -20.80 0.05
C LEU E 966 -13.26 -21.79 -0.55
N SER E 967 -13.99 -22.52 0.27
CA SER E 967 -14.89 -23.58 -0.19
C SER E 967 -16.32 -23.08 -0.41
N ARG E 968 -16.56 -21.78 -0.28
CA ARG E 968 -17.90 -21.23 -0.42
C ARG E 968 -18.05 -20.26 -1.58
N LEU E 969 -16.96 -19.76 -2.16
CA LEU E 969 -17.03 -18.74 -3.18
C LEU E 969 -16.06 -19.06 -4.32
N ASP E 970 -16.35 -18.48 -5.48
CA ASP E 970 -15.47 -18.62 -6.63
C ASP E 970 -14.15 -17.89 -6.37
N PRO E 971 -13.02 -18.45 -6.79
CA PRO E 971 -11.73 -17.78 -6.59
C PRO E 971 -11.68 -16.37 -7.18
N PRO E 972 -12.34 -16.11 -8.33
CA PRO E 972 -12.37 -14.73 -8.82
C PRO E 972 -12.92 -13.72 -7.83
N GLU E 973 -13.81 -14.15 -6.92
CA GLU E 973 -14.25 -13.27 -5.85
C GLU E 973 -13.45 -13.48 -4.58
N ALA E 974 -13.02 -14.72 -4.31
CA ALA E 974 -12.27 -15.02 -3.09
C ALA E 974 -10.88 -14.40 -3.08
N GLU E 975 -10.41 -13.86 -4.22
CA GLU E 975 -9.09 -13.25 -4.26
C GLU E 975 -8.97 -12.10 -3.26
N VAL E 976 -9.98 -11.24 -3.18
CA VAL E 976 -9.91 -10.08 -2.28
C VAL E 976 -9.88 -10.54 -0.83
N GLN E 977 -10.75 -11.49 -0.48
CA GLN E 977 -10.82 -11.97 0.89
C GLN E 977 -9.51 -12.64 1.30
N ILE E 978 -8.87 -13.36 0.37
CA ILE E 978 -7.59 -13.97 0.67
C ILE E 978 -6.51 -12.90 0.83
N ASP E 979 -6.55 -11.86 -0.01
CA ASP E 979 -5.51 -10.84 0.01
C ASP E 979 -5.50 -10.07 1.34
N ARG E 980 -6.69 -9.76 1.86
CA ARG E 980 -6.76 -9.04 3.13
C ARG E 980 -6.10 -9.84 4.26
N LEU E 981 -6.42 -11.12 4.36
CA LEU E 981 -5.81 -11.97 5.37
C LEU E 981 -4.30 -12.07 5.17
N ILE E 982 -3.87 -12.17 3.91
CA ILE E 982 -2.44 -12.30 3.62
C ILE E 982 -1.69 -11.09 4.16
N THR E 983 -2.16 -9.88 3.83
CA THR E 983 -1.43 -8.69 4.25
C THR E 983 -1.46 -8.53 5.77
N GLY E 984 -2.61 -8.83 6.41
CA GLY E 984 -2.65 -8.72 7.86
C GLY E 984 -1.67 -9.65 8.56
N ARG E 985 -1.65 -10.92 8.13
CA ARG E 985 -0.79 -11.89 8.78
C ARG E 985 0.68 -11.59 8.52
N LEU E 986 1.01 -11.10 7.32
CA LEU E 986 2.38 -10.70 7.03
C LEU E 986 2.82 -9.57 7.96
N GLN E 987 1.95 -8.58 8.19
CA GLN E 987 2.31 -7.48 9.08
C GLN E 987 2.55 -7.99 10.50
N SER E 988 1.70 -8.90 10.98
CA SER E 988 1.89 -9.46 12.32
C SER E 988 3.25 -10.16 12.45
N LEU E 989 3.59 -10.97 11.44
CA LEU E 989 4.86 -11.68 11.49
C LEU E 989 6.05 -10.72 11.51
N GLN E 990 5.98 -9.65 10.70
CA GLN E 990 7.07 -8.67 10.68
C GLN E 990 7.25 -8.02 12.05
N THR E 991 6.15 -7.64 12.70
CA THR E 991 6.24 -7.04 14.02
C THR E 991 6.93 -7.98 15.01
N TYR E 992 6.51 -9.25 14.99
CA TYR E 992 7.10 -10.23 15.89
C TYR E 992 8.61 -10.35 15.67
N VAL E 993 9.04 -10.43 14.41
CA VAL E 993 10.46 -10.61 14.12
C VAL E 993 11.28 -9.40 14.59
N THR E 994 10.76 -8.19 14.38
CA THR E 994 11.51 -7.01 14.81
C THR E 994 11.68 -6.98 16.32
N GLN E 995 10.60 -7.28 17.06
CA GLN E 995 10.71 -7.31 18.51
C GLN E 995 11.74 -8.35 18.97
N GLN E 996 11.74 -9.52 18.34
CA GLN E 996 12.71 -10.54 18.70
C GLN E 996 14.14 -10.08 18.45
N LEU E 997 14.37 -9.37 17.35
CA LEU E 997 15.72 -8.87 17.06
C LEU E 997 16.21 -7.92 18.15
N ILE E 998 15.35 -6.99 18.56
CA ILE E 998 15.78 -6.04 19.60
C ILE E 998 16.09 -6.77 20.92
N ARG E 999 15.21 -7.70 21.31
CA ARG E 999 15.44 -8.43 22.55
C ARG E 999 16.72 -9.26 22.49
N ALA E 1000 17.02 -9.84 21.32
CA ALA E 1000 18.24 -10.61 21.17
C ALA E 1000 19.47 -9.74 21.36
N ALA E 1001 19.44 -8.53 20.82
CA ALA E 1001 20.58 -7.62 21.04
C ALA E 1001 20.78 -7.33 22.53
N GLU E 1002 19.68 -7.09 23.25
CA GLU E 1002 19.79 -6.84 24.69
C GLU E 1002 20.41 -8.03 25.41
N ILE E 1003 19.95 -9.25 25.10
CA ILE E 1003 20.46 -10.44 25.76
C ILE E 1003 21.94 -10.63 25.45
N ARG E 1004 22.35 -10.32 24.21
CA ARG E 1004 23.76 -10.43 23.85
C ARG E 1004 24.63 -9.50 24.67
N ALA E 1005 24.15 -8.27 24.89
CA ALA E 1005 24.92 -7.34 25.74
C ALA E 1005 25.08 -7.90 27.15
N SER E 1006 23.99 -8.46 27.71
CA SER E 1006 24.09 -9.04 29.05
C SER E 1006 25.07 -10.21 29.09
N ALA E 1007 25.06 -11.05 28.06
CA ALA E 1007 25.98 -12.19 28.02
C ALA E 1007 27.43 -11.74 27.95
N ASN E 1008 27.71 -10.68 27.18
CA ASN E 1008 29.06 -10.14 27.14
C ASN E 1008 29.51 -9.65 28.51
N LEU E 1009 28.62 -8.96 29.23
CA LEU E 1009 28.96 -8.53 30.57
C LEU E 1009 29.26 -9.72 31.49
N ALA E 1010 28.46 -10.78 31.40
CA ALA E 1010 28.68 -11.95 32.24
C ALA E 1010 30.01 -12.61 31.94
N ALA E 1011 30.38 -12.71 30.66
CA ALA E 1011 31.67 -13.28 30.29
C ALA E 1011 32.81 -12.47 30.87
N THR E 1012 32.72 -11.13 30.76
CA THR E 1012 33.77 -10.29 31.32
C THR E 1012 33.89 -10.46 32.83
N LYS E 1013 32.75 -10.53 33.53
CA LYS E 1013 32.80 -10.69 34.98
C LYS E 1013 33.40 -12.02 35.38
N MET E 1014 33.05 -13.09 34.67
CA MET E 1014 33.69 -14.38 34.93
C MET E 1014 35.19 -14.28 34.77
N SER E 1015 35.64 -13.73 33.63
CA SER E 1015 37.08 -13.67 33.34
C SER E 1015 37.83 -12.86 34.39
N GLU E 1016 37.24 -11.76 34.87
CA GLU E 1016 37.98 -10.85 35.72
C GLU E 1016 37.83 -11.11 37.22
N CYS E 1017 36.76 -11.77 37.65
CA CYS E 1017 36.59 -12.06 39.08
C CYS E 1017 36.84 -13.50 39.46
N VAL E 1018 36.63 -14.46 38.55
CA VAL E 1018 36.85 -15.86 38.92
C VAL E 1018 38.28 -16.29 38.66
N LEU E 1019 38.87 -15.86 37.54
CA LEU E 1019 40.23 -16.25 37.18
C LEU E 1019 41.30 -15.37 37.80
N GLY E 1020 40.93 -14.30 38.49
CA GLY E 1020 41.90 -13.43 39.10
C GLY E 1020 41.30 -12.63 40.24
N GLN E 1021 42.07 -11.66 40.72
CA GLN E 1021 41.64 -10.74 41.77
C GLN E 1021 41.50 -9.35 41.17
N SER E 1022 40.34 -8.72 41.39
CA SER E 1022 40.00 -7.47 40.72
C SER E 1022 40.16 -6.29 41.67
N LYS E 1023 40.75 -5.21 41.15
CA LYS E 1023 40.92 -3.97 41.90
C LYS E 1023 39.96 -2.87 41.46
N ARG E 1024 39.12 -3.12 40.47
CA ARG E 1024 38.08 -2.16 40.12
C ARG E 1024 37.05 -2.08 41.23
N VAL E 1025 36.56 -0.88 41.50
CA VAL E 1025 35.70 -0.64 42.66
C VAL E 1025 34.27 -1.05 42.35
N ASP E 1026 33.69 -1.88 43.21
CA ASP E 1026 32.30 -2.33 43.12
C ASP E 1026 32.02 -3.08 41.83
N PHE E 1027 33.01 -3.79 41.31
CA PHE E 1027 32.81 -4.62 40.12
C PHE E 1027 32.50 -6.07 40.49
N CYS E 1028 33.20 -6.63 41.47
CA CYS E 1028 32.94 -7.98 41.92
C CYS E 1028 32.52 -7.99 43.38
N GLY E 1029 31.62 -7.09 43.76
CA GLY E 1029 31.09 -7.02 45.11
C GLY E 1029 31.31 -5.66 45.74
N LYS E 1030 30.76 -5.52 46.95
CA LYS E 1030 30.85 -4.28 47.72
C LYS E 1030 31.84 -4.50 48.87
N GLY E 1031 33.05 -3.99 48.70
CA GLY E 1031 34.10 -4.13 49.70
C GLY E 1031 35.44 -4.25 49.01
N TYR E 1032 36.36 -4.95 49.66
CA TYR E 1032 37.65 -5.29 49.08
C TYR E 1032 37.59 -6.74 48.60
N HIS E 1033 37.77 -6.94 47.30
CA HIS E 1033 37.54 -8.23 46.68
C HIS E 1033 38.60 -9.25 47.09
N LEU E 1034 38.17 -10.48 47.31
CA LEU E 1034 39.07 -11.60 47.58
C LEU E 1034 38.98 -12.70 46.54
N MET E 1035 37.79 -13.21 46.25
CA MET E 1035 37.62 -14.28 45.26
C MET E 1035 36.14 -14.31 44.83
N SER E 1036 35.77 -15.35 44.08
CA SER E 1036 34.40 -15.54 43.63
C SER E 1036 34.21 -16.99 43.21
N PHE E 1037 32.98 -17.46 43.30
CA PHE E 1037 32.61 -18.84 42.95
C PHE E 1037 31.37 -18.85 42.08
N PRO E 1038 31.45 -19.35 40.86
CA PRO E 1038 30.27 -19.36 39.98
C PRO E 1038 29.35 -20.55 40.25
N GLN E 1039 28.09 -20.36 39.91
CA GLN E 1039 27.10 -21.43 39.90
C GLN E 1039 26.24 -21.29 38.66
N SER E 1040 25.64 -22.38 38.24
CA SER E 1040 24.82 -22.41 37.04
C SER E 1040 23.35 -22.27 37.38
N ALA E 1041 22.57 -21.86 36.39
CA ALA E 1041 21.13 -21.65 36.55
C ALA E 1041 20.49 -21.71 35.18
N PRO E 1042 19.18 -21.96 35.10
CA PRO E 1042 18.53 -22.00 33.79
C PRO E 1042 18.59 -20.68 33.05
N HIS E 1043 19.32 -20.65 31.93
CA HIS E 1043 19.46 -19.47 31.08
C HIS E 1043 20.14 -18.33 31.82
N GLY E 1044 21.15 -18.65 32.62
CA GLY E 1044 21.87 -17.63 33.34
C GLY E 1044 22.98 -18.22 34.19
N VAL E 1045 23.68 -17.32 34.88
CA VAL E 1045 24.77 -17.69 35.78
C VAL E 1045 24.60 -16.91 37.08
N VAL E 1046 25.17 -17.45 38.16
CA VAL E 1046 25.09 -16.85 39.48
C VAL E 1046 26.49 -16.81 40.08
N PHE E 1047 26.89 -15.64 40.59
CA PHE E 1047 28.20 -15.42 41.16
C PHE E 1047 28.09 -15.26 42.68
N LEU E 1048 29.12 -15.68 43.39
CA LEU E 1048 29.17 -15.62 44.86
C LEU E 1048 30.43 -14.86 45.25
N HIS E 1049 30.33 -13.54 45.35
CA HIS E 1049 31.47 -12.69 45.61
C HIS E 1049 31.83 -12.72 47.09
N VAL E 1050 33.12 -12.85 47.39
CA VAL E 1050 33.65 -12.84 48.76
C VAL E 1050 34.50 -11.59 48.92
N THR E 1051 34.16 -10.77 49.92
CA THR E 1051 34.78 -9.46 50.11
C THR E 1051 35.28 -9.35 51.55
N TYR E 1052 35.89 -8.20 51.85
CA TYR E 1052 36.48 -7.92 53.16
C TYR E 1052 36.00 -6.56 53.63
N VAL E 1053 35.45 -6.49 54.83
CA VAL E 1053 34.84 -5.27 55.35
C VAL E 1053 35.38 -4.95 56.74
N PRO E 1054 35.86 -3.72 56.99
CA PRO E 1054 36.28 -3.35 58.34
C PRO E 1054 35.09 -3.24 59.29
N ALA E 1055 35.34 -3.46 60.58
CA ALA E 1055 34.26 -3.59 61.55
C ALA E 1055 34.23 -2.50 62.60
N GLN E 1056 35.30 -2.32 63.38
CA GLN E 1056 35.26 -1.47 64.58
C GLN E 1056 36.45 -0.53 64.56
N GLU E 1057 36.17 0.77 64.63
CA GLU E 1057 37.18 1.83 64.51
C GLU E 1057 37.47 2.44 65.87
N LYS E 1058 38.37 3.43 65.86
CA LYS E 1058 38.76 4.15 67.07
C LYS E 1058 39.28 5.52 66.65
N ASN E 1059 39.51 6.38 67.65
CA ASN E 1059 39.96 7.75 67.43
C ASN E 1059 41.41 7.90 67.84
N PHE E 1060 42.20 8.54 66.99
CA PHE E 1060 43.62 8.75 67.25
C PHE E 1060 44.03 10.16 66.81
N THR E 1061 45.24 10.54 67.18
CA THR E 1061 45.84 11.81 66.78
C THR E 1061 47.06 11.52 65.89
N THR E 1062 47.18 12.25 64.79
CA THR E 1062 48.19 11.98 63.78
C THR E 1062 49.09 13.20 63.58
N ALA E 1063 50.05 13.04 62.66
CA ALA E 1063 50.98 14.10 62.28
C ALA E 1063 51.62 13.70 60.96
N PRO E 1064 51.89 14.64 60.05
CA PRO E 1064 52.48 14.27 58.76
C PRO E 1064 53.96 13.93 58.84
N ALA E 1065 54.67 14.35 59.88
CA ALA E 1065 56.11 14.10 59.97
C ALA E 1065 56.54 14.16 61.43
N ILE E 1066 57.73 13.65 61.69
CA ILE E 1066 58.36 13.66 63.01
C ILE E 1066 59.70 14.38 62.89
N CYS E 1067 59.90 15.41 63.71
CA CYS E 1067 61.11 16.21 63.67
C CYS E 1067 62.08 15.71 64.74
N HIS E 1068 63.17 15.09 64.30
CA HIS E 1068 64.20 14.59 65.20
C HIS E 1068 65.56 15.05 64.69
N ASP E 1069 66.33 15.70 65.56
CA ASP E 1069 67.68 16.18 65.25
C ASP E 1069 67.69 17.10 64.03
N GLY E 1070 66.64 17.90 63.86
CA GLY E 1070 66.60 18.88 62.80
C GLY E 1070 66.21 18.35 61.43
N LYS E 1071 65.90 17.07 61.30
CA LYS E 1071 65.52 16.46 60.04
C LYS E 1071 64.11 15.90 60.13
N ALA E 1072 63.36 16.02 59.04
CA ALA E 1072 61.99 15.55 58.99
C ALA E 1072 61.94 14.10 58.54
N HIS E 1073 61.25 13.26 59.31
CA HIS E 1073 61.11 11.84 59.02
C HIS E 1073 59.69 11.56 58.56
N PHE E 1074 59.58 10.76 57.49
CA PHE E 1074 58.30 10.33 56.95
C PHE E 1074 58.21 8.81 56.99
N PRO E 1075 57.00 8.24 57.10
CA PRO E 1075 56.87 6.79 57.16
C PRO E 1075 56.98 6.15 55.79
N ARG E 1076 57.48 4.92 55.76
CA ARG E 1076 57.54 4.17 54.51
C ARG E 1076 56.16 3.66 54.10
N GLU E 1077 55.58 2.80 54.93
CA GLU E 1077 54.24 2.26 54.70
C GLU E 1077 53.43 2.41 55.96
N GLY E 1078 52.47 3.33 55.94
CA GLY E 1078 51.59 3.54 57.07
C GLY E 1078 51.48 5.01 57.45
N VAL E 1079 50.90 5.24 58.62
CA VAL E 1079 50.62 6.58 59.12
C VAL E 1079 50.97 6.63 60.59
N PHE E 1080 51.59 7.74 61.01
CA PHE E 1080 51.89 7.95 62.43
C PHE E 1080 50.61 8.11 63.22
N VAL E 1081 50.54 7.48 64.39
CA VAL E 1081 49.40 7.59 65.30
C VAL E 1081 49.91 7.75 66.71
N SER E 1082 49.04 8.26 67.58
CA SER E 1082 49.36 8.45 68.98
C SER E 1082 48.13 8.15 69.82
N ASN E 1083 48.34 7.43 70.92
CA ASN E 1083 47.26 7.08 71.84
C ASN E 1083 47.07 8.11 72.94
N GLY E 1084 47.84 9.20 72.93
CA GLY E 1084 47.69 10.25 73.91
C GLY E 1084 49.01 10.72 74.49
N THR E 1085 49.95 9.81 74.63
CA THR E 1085 51.25 10.12 75.23
C THR E 1085 52.43 9.72 74.36
N HIS E 1086 52.33 8.61 73.64
CA HIS E 1086 53.44 8.08 72.84
C HIS E 1086 53.05 8.02 71.38
N TRP E 1087 54.06 7.82 70.52
CA TRP E 1087 53.89 7.83 69.07
C TRP E 1087 54.30 6.47 68.50
N PHE E 1088 53.48 5.96 67.58
CA PHE E 1088 53.70 4.66 66.94
C PHE E 1088 53.55 4.80 65.43
N VAL E 1089 53.73 3.68 64.74
CA VAL E 1089 53.50 3.56 63.30
C VAL E 1089 52.57 2.39 63.07
N THR E 1090 51.55 2.59 62.24
CA THR E 1090 50.57 1.55 61.96
C THR E 1090 50.29 1.51 60.46
N GLN E 1091 49.84 0.35 60.00
CA GLN E 1091 49.34 0.26 58.63
C GLN E 1091 47.93 0.85 58.57
N ARG E 1092 47.49 1.15 57.35
CA ARG E 1092 46.28 1.96 57.18
C ARG E 1092 45.01 1.18 57.50
N ASN E 1093 44.92 -0.07 57.07
CA ASN E 1093 43.66 -0.81 57.13
C ASN E 1093 43.52 -1.69 58.36
N PHE E 1094 44.48 -1.65 59.29
CA PHE E 1094 44.41 -2.48 60.48
C PHE E 1094 45.33 -1.89 61.53
N TYR E 1095 44.86 -1.83 62.78
CA TYR E 1095 45.61 -1.22 63.86
C TYR E 1095 46.65 -2.21 64.38
N GLU E 1096 47.92 -1.81 64.30
CA GLU E 1096 49.02 -2.65 64.76
C GLU E 1096 50.19 -1.74 65.13
N PRO E 1097 50.29 -1.34 66.39
CA PRO E 1097 51.28 -0.33 66.76
C PRO E 1097 52.69 -0.90 66.84
N GLN E 1098 53.63 -0.20 66.24
CA GLN E 1098 55.05 -0.53 66.31
C GLN E 1098 55.84 0.71 66.71
N ILE E 1099 56.90 0.50 67.47
CA ILE E 1099 57.77 1.60 67.87
C ILE E 1099 58.40 2.21 66.63
N ILE E 1100 58.78 3.48 66.72
CA ILE E 1100 59.29 4.22 65.58
C ILE E 1100 60.81 4.11 65.55
N THR E 1101 61.34 3.49 64.49
CA THR E 1101 62.77 3.34 64.33
C THR E 1101 63.22 3.87 62.97
N THR E 1102 64.47 3.62 62.60
CA THR E 1102 65.00 4.06 61.33
C THR E 1102 64.75 3.08 60.20
N ASP E 1103 64.21 1.90 60.49
CA ASP E 1103 63.93 0.90 59.47
C ASP E 1103 62.52 1.01 58.90
N ASN E 1104 61.67 1.86 59.47
CA ASN E 1104 60.34 2.09 58.94
C ASN E 1104 60.06 3.56 58.63
N THR E 1105 61.05 4.44 58.77
CA THR E 1105 60.92 5.84 58.42
C THR E 1105 62.11 6.27 57.57
N PHE E 1106 61.85 7.10 56.56
CA PHE E 1106 62.90 7.63 55.69
C PHE E 1106 63.00 9.14 55.87
N VAL E 1107 64.22 9.64 55.93
CA VAL E 1107 64.49 11.04 56.23
C VAL E 1107 64.57 11.83 54.93
N SER E 1108 64.08 13.08 54.98
CA SER E 1108 64.12 13.94 53.80
C SER E 1108 64.00 15.40 54.23
N GLY E 1109 65.08 16.17 54.06
CA GLY E 1109 65.01 17.61 54.25
C GLY E 1109 65.24 18.09 55.67
N ASN E 1110 64.50 19.14 56.06
CA ASN E 1110 64.61 19.76 57.38
C ASN E 1110 63.21 19.95 57.95
N CYS E 1111 63.14 20.59 59.12
CA CYS E 1111 61.90 20.73 59.86
C CYS E 1111 61.20 22.06 59.63
N ASP E 1112 61.68 22.89 58.71
CA ASP E 1112 61.11 24.21 58.49
C ASP E 1112 60.27 24.32 57.21
N VAL E 1113 60.04 23.21 56.51
CA VAL E 1113 59.31 23.25 55.25
C VAL E 1113 57.90 22.71 55.46
N VAL E 1114 57.80 21.48 55.97
CA VAL E 1114 56.50 20.83 56.15
C VAL E 1114 55.75 21.49 57.30
N ILE E 1115 54.45 21.70 57.10
CA ILE E 1115 53.61 22.46 58.02
C ILE E 1115 52.95 21.52 59.01
N GLY E 1116 53.09 21.81 60.30
CA GLY E 1116 52.39 21.08 61.33
C GLY E 1116 52.99 19.74 61.69
N ILE E 1117 54.22 19.74 62.21
CA ILE E 1117 54.89 18.52 62.63
C ILE E 1117 55.23 18.60 64.11
N VAL E 1118 55.50 17.45 64.69
CA VAL E 1118 55.74 17.34 66.14
C VAL E 1118 57.16 16.84 66.38
N ASN E 1119 57.52 16.71 67.66
CA ASN E 1119 58.82 16.21 68.06
C ASN E 1119 58.69 14.86 68.76
N ASN E 1120 59.69 14.02 68.56
CA ASN E 1120 59.78 12.73 69.24
C ASN E 1120 61.20 12.21 69.07
N THR E 1121 61.44 11.00 69.58
CA THR E 1121 62.75 10.37 69.51
C THR E 1121 62.65 9.14 68.62
N VAL E 1122 63.50 9.08 67.60
CA VAL E 1122 63.55 7.95 66.67
C VAL E 1122 64.77 7.11 67.00
N TYR E 1123 64.56 5.83 67.27
CA TYR E 1123 65.61 4.93 67.69
C TYR E 1123 66.22 4.23 66.48
N ASP E 1124 67.41 3.66 66.69
CA ASP E 1124 68.06 2.86 65.67
C ASP E 1124 68.52 1.53 66.27
N PRO E 1125 68.27 0.41 65.58
CA PRO E 1125 68.64 -0.90 66.14
C PRO E 1125 70.14 -1.08 66.32
N LEU E 1126 70.97 -0.29 65.64
CA LEU E 1126 72.42 -0.48 65.71
C LEU E 1126 72.95 -0.17 67.11
N GLN E 1127 72.43 0.87 67.75
CA GLN E 1127 72.99 1.31 69.03
C GLN E 1127 72.86 0.26 70.13
N PRO E 1128 71.68 -0.34 70.40
CA PRO E 1128 71.64 -1.37 71.45
C PRO E 1128 72.47 -2.60 71.12
N GLU E 1129 72.62 -2.94 69.84
CA GLU E 1129 73.40 -4.11 69.47
C GLU E 1129 74.90 -3.87 69.57
N LEU E 1130 75.36 -2.64 69.33
CA LEU E 1130 76.78 -2.35 69.36
C LEU E 1130 77.30 -1.96 70.74
N ASP E 1131 76.41 -1.80 71.72
CA ASP E 1131 76.83 -1.46 73.07
C ASP E 1131 76.58 -2.61 74.04
#